data_8GJL
#
_entry.id   8GJL
#
_cell.length_a   1.00
_cell.length_b   1.00
_cell.length_c   1.00
_cell.angle_alpha   90.00
_cell.angle_beta   90.00
_cell.angle_gamma   90.00
#
_symmetry.space_group_name_H-M   'P 1'
#
loop_
_entity.id
_entity.type
_entity.pdbx_description
1 polymer 'Efflux pump membrane transporter'
2 non-polymer '1-CYCLOPROPYL-6-FLUORO-4-OXO-7-PIPERAZIN-1-YL-1,4-DIHYDROQUINOLINE-3-CARBOXYLIC ACID'
#
_entity_poly.entity_id   1
_entity_poly.type   'polypeptide(L)'
_entity_poly.pdbx_seq_one_letter_code
;MFSKFFIERPIFASVVAIIISIAGIIGLANLPVEQYPSLTPPTVQVSATYTGADAQTIASTVATPIEDAINGVDNMIYMD
STSSPGQMKLTVYFNIGTDPDQAAIDVNNRISAATAKLPEAVKKLGVTVRKSSSTILEVVSVYSEDSSMNDIDIYNYVSL
NILDELKRIPGVGDASAIGNKNYSMRIWLEPDLLNKFGVTANDVINAVNDQNAQYATGKIGEEPVVNKSPQVISITMQGR
LQTPQEFENIILRVNEDKSFLRIKDVAKVEIGAEQYNSTGRLNTSAAVPIIINLQSGANAVNTAKLINEKMQELSKNFPQ
GLKYQIPYDTTIFVKASIKEVIKTFVEALALVLVVMYLFLKNFKSTIIPMIAVPVSLLGTFAVLYVLGFSINLLTLFALV
LAIGIVVDDAIIVVENIDRILHEDSNISVKDAAIKAMNEVSSPVISIVLVLCAVFIPVSFISGFVGEIQRQFALTLAISV
AISGFVALTLTPSLSALFLTRNESKPFYFIQKFNDFFDWSTSVFSSGVAYILKRTIRFVLVFCIMIGFIAYLFKIVPSSL
VPSEDQGVIMSIINLPSGSSIHRTIEEVDTINKNATQMKEISSSVSLIGFDLFTSSLKENAAAVFFILKDWSQREASSDQ
IIAQLFGQYAADRNALSYFLNLPPIPGLSLTGGFEMYAQNKSGKDYDAIQQDVNKMLELARTRKELANVRTTLDTSFPQY
KLIIDRDKMKYYNLNMQDVFNTISATIGTYYVNDFPMLGKNFQVNIRALGDFRNTQDALKNIYIRSSDNKMIPLNSFLTL
VRSAGPDDVKRFNLFPAALIQGDPAPGYTSGQAIDAIAEVAKQSLGDEYSIAWSGSAYQEVSSKGAGAYAFVLGMIFVFL
ILAAQYERWLMPLAVITAVPFAVFGSILLVALRGFDNDIYFQTGLLLLIGLSAKNAILIIEFAMEERLKKGKSIFEAAIN
AAKLRFRPIIMTSLAFTFGVLPMIFATGAGSASRHSLGTGLIGGMIAASTLAIFFVPLFFYLLENFNEWLDKKRGKVHE
;
_entity_poly.pdbx_strand_id   B,A,C
#
# COMPACT_ATOMS: atom_id res chain seq x y z
N MET A 1 -7.38 1.91 -47.12
CA MET A 1 -6.50 0.80 -47.60
C MET A 1 -6.30 -0.24 -46.52
N PHE A 2 -6.29 0.21 -45.26
CA PHE A 2 -6.14 -0.74 -44.15
C PHE A 2 -7.26 -1.76 -44.15
N SER A 3 -8.49 -1.33 -44.42
CA SER A 3 -9.58 -2.28 -44.59
C SER A 3 -9.34 -3.19 -45.78
N LYS A 4 -8.82 -2.62 -46.88
CA LYS A 4 -8.57 -3.43 -48.07
C LYS A 4 -7.58 -4.54 -47.78
N PHE A 5 -6.53 -4.25 -47.02
CA PHE A 5 -5.51 -5.27 -46.75
C PHE A 5 -6.11 -6.50 -46.08
N PHE A 6 -7.04 -6.30 -45.14
CA PHE A 6 -7.66 -7.43 -44.46
C PHE A 6 -8.53 -8.23 -45.43
N ILE A 7 -9.18 -7.55 -46.38
CA ILE A 7 -9.96 -8.26 -47.38
C ILE A 7 -9.06 -9.16 -48.22
N GLU A 8 -7.83 -8.69 -48.50
CA GLU A 8 -6.90 -9.51 -49.26
C GLU A 8 -6.41 -10.70 -48.42
N ARG A 9 -6.59 -10.64 -47.10
CA ARG A 9 -6.05 -11.64 -46.19
C ARG A 9 -7.16 -12.19 -45.31
N PRO A 10 -8.01 -13.09 -45.80
CA PRO A 10 -9.06 -13.64 -44.94
C PRO A 10 -8.53 -14.30 -43.69
N ILE A 11 -7.41 -15.01 -43.81
CA ILE A 11 -6.88 -15.74 -42.66
C ILE A 11 -6.37 -14.79 -41.59
N PHE A 12 -5.80 -13.66 -42.01
CA PHE A 12 -5.30 -12.70 -41.02
C PHE A 12 -6.45 -12.10 -40.21
N ALA A 13 -7.52 -11.71 -40.87
CA ALA A 13 -8.69 -11.20 -40.15
C ALA A 13 -9.28 -12.27 -39.25
N SER A 14 -9.35 -13.51 -39.75
CA SER A 14 -9.88 -14.60 -38.92
C SER A 14 -9.02 -14.79 -37.68
N VAL A 15 -7.70 -14.74 -37.83
CA VAL A 15 -6.80 -14.93 -36.70
C VAL A 15 -6.99 -13.80 -35.69
N VAL A 16 -7.13 -12.56 -36.17
CA VAL A 16 -7.44 -11.46 -35.27
C VAL A 16 -8.72 -11.75 -34.50
N ALA A 17 -9.73 -12.28 -35.20
CA ALA A 17 -11.00 -12.61 -34.55
C ALA A 17 -10.81 -13.64 -33.45
N ILE A 18 -10.09 -14.72 -33.74
CA ILE A 18 -9.94 -15.78 -32.74
C ILE A 18 -9.11 -15.28 -31.57
N ILE A 19 -8.10 -14.46 -31.84
CA ILE A 19 -7.30 -13.90 -30.75
C ILE A 19 -8.16 -13.06 -29.83
N ILE A 20 -9.01 -12.21 -30.42
CA ILE A 20 -9.89 -11.37 -29.62
C ILE A 20 -10.84 -12.24 -28.80
N SER A 21 -11.40 -13.28 -29.43
CA SER A 21 -12.33 -14.14 -28.71
C SER A 21 -11.65 -14.85 -27.54
N ILE A 22 -10.43 -15.35 -27.74
CA ILE A 22 -9.74 -16.04 -26.67
C ILE A 22 -9.41 -15.09 -25.53
N ALA A 23 -8.96 -13.88 -25.88
CA ALA A 23 -8.70 -12.87 -24.86
C ALA A 23 -9.96 -12.59 -24.07
N GLY A 24 -11.11 -12.53 -24.75
CA GLY A 24 -12.37 -12.33 -24.04
C GLY A 24 -12.68 -13.47 -23.09
N ILE A 25 -12.44 -14.70 -23.53
CA ILE A 25 -12.65 -15.85 -22.65
C ILE A 25 -11.80 -15.71 -21.39
N ILE A 26 -10.54 -15.35 -21.55
CA ILE A 26 -9.67 -15.20 -20.37
C ILE A 26 -10.18 -14.10 -19.47
N GLY A 27 -10.54 -12.95 -20.06
CA GLY A 27 -11.00 -11.83 -19.28
C GLY A 27 -12.23 -12.17 -18.48
N LEU A 28 -13.17 -12.88 -19.09
CA LEU A 28 -14.41 -13.23 -18.37
C LEU A 28 -14.16 -14.29 -17.32
N ALA A 29 -13.21 -15.20 -17.58
CA ALA A 29 -12.90 -16.22 -16.58
C ALA A 29 -12.24 -15.60 -15.36
N ASN A 30 -11.48 -14.53 -15.56
CA ASN A 30 -10.73 -13.94 -14.45
C ASN A 30 -11.54 -12.87 -13.73
N LEU A 31 -12.51 -12.27 -14.41
CA LEU A 31 -13.19 -11.10 -13.87
C LEU A 31 -14.17 -11.51 -12.76
N PRO A 32 -14.18 -10.83 -11.61
CA PRO A 32 -15.19 -11.15 -10.60
C PRO A 32 -16.55 -10.56 -10.95
N VAL A 33 -17.58 -11.08 -10.28
CA VAL A 33 -18.97 -10.70 -10.51
C VAL A 33 -19.47 -9.91 -9.31
N GLU A 34 -20.13 -8.79 -9.58
CA GLU A 34 -20.74 -7.96 -8.56
C GLU A 34 -22.21 -7.74 -8.87
N GLN A 35 -23.03 -7.58 -7.83
CA GLN A 35 -24.40 -7.13 -8.06
C GLN A 35 -24.42 -5.70 -8.59
N TYR A 36 -23.71 -4.81 -7.92
CA TYR A 36 -23.56 -3.43 -8.38
C TYR A 36 -22.18 -2.95 -7.95
N PRO A 37 -21.63 -1.94 -8.62
CA PRO A 37 -20.40 -1.33 -8.13
C PRO A 37 -20.57 -0.86 -6.69
N SER A 38 -19.59 -1.21 -5.86
CA SER A 38 -19.67 -0.95 -4.42
C SER A 38 -19.16 0.46 -4.16
N LEU A 39 -20.05 1.44 -4.29
CA LEU A 39 -19.75 2.82 -3.94
C LEU A 39 -19.94 3.09 -2.45
N THR A 40 -20.37 2.09 -1.69
CA THR A 40 -20.56 2.29 -0.26
C THR A 40 -19.21 2.58 0.40
N PRO A 41 -19.16 3.49 1.37
CA PRO A 41 -17.89 3.82 2.01
C PRO A 41 -17.28 2.60 2.68
N PRO A 42 -15.97 2.41 2.60
CA PRO A 42 -15.34 1.33 3.37
C PRO A 42 -15.54 1.56 4.87
N THR A 43 -15.66 0.47 5.61
CA THR A 43 -15.93 0.51 7.03
C THR A 43 -14.88 -0.29 7.79
N VAL A 44 -14.52 0.20 8.96
CA VAL A 44 -13.65 -0.50 9.90
C VAL A 44 -14.33 -0.48 11.26
N GLN A 45 -14.51 -1.66 11.85
CA GLN A 45 -15.29 -1.82 13.07
C GLN A 45 -14.38 -2.12 14.24
N VAL A 46 -14.59 -1.43 15.36
CA VAL A 46 -13.88 -1.65 16.60
C VAL A 46 -14.87 -2.19 17.61
N SER A 47 -14.56 -3.34 18.21
CA SER A 47 -15.45 -4.00 19.16
C SER A 47 -14.73 -4.21 20.48
N ALA A 48 -15.42 -3.91 21.58
CA ALA A 48 -14.89 -4.10 22.92
C ALA A 48 -15.95 -4.74 23.79
N THR A 49 -15.50 -5.49 24.80
CA THR A 49 -16.39 -6.22 25.69
C THR A 49 -16.07 -5.85 27.13
N TYR A 50 -17.11 -5.46 27.87
CA TYR A 50 -16.98 -5.13 29.29
C TYR A 50 -18.13 -5.85 30.01
N THR A 51 -17.85 -7.05 30.51
CA THR A 51 -18.89 -7.87 31.11
C THR A 51 -19.43 -7.24 32.37
N GLY A 52 -20.75 -7.26 32.52
CA GLY A 52 -21.38 -6.80 33.74
C GLY A 52 -21.34 -5.30 33.96
N ALA A 53 -21.20 -4.52 32.89
CA ALA A 53 -21.20 -3.07 32.98
C ALA A 53 -22.37 -2.50 32.19
N ASP A 54 -23.12 -1.59 32.80
CA ASP A 54 -24.29 -1.04 32.16
C ASP A 54 -23.90 -0.24 30.92
N ALA A 55 -24.91 0.17 30.15
CA ALA A 55 -24.65 0.86 28.90
C ALA A 55 -23.92 2.19 29.13
N GLN A 56 -24.34 2.95 30.14
CA GLN A 56 -23.69 4.22 30.42
C GLN A 56 -22.23 4.03 30.83
N THR A 57 -21.95 3.04 31.67
CA THR A 57 -20.58 2.82 32.11
C THR A 57 -19.66 2.53 30.93
N ILE A 58 -20.08 1.64 30.03
CA ILE A 58 -19.26 1.38 28.85
C ILE A 58 -19.15 2.63 27.99
N ALA A 59 -20.28 3.27 27.67
CA ALA A 59 -20.26 4.41 26.78
C ALA A 59 -19.36 5.51 27.30
N SER A 60 -19.19 5.59 28.62
CA SER A 60 -18.36 6.64 29.20
C SER A 60 -16.89 6.22 29.35
N THR A 61 -16.63 5.04 29.89
CA THR A 61 -15.27 4.67 30.26
C THR A 61 -14.55 3.85 29.19
N VAL A 62 -15.22 3.44 28.12
CA VAL A 62 -14.61 2.59 27.11
C VAL A 62 -14.76 3.25 25.74
N ALA A 63 -16.00 3.60 25.39
CA ALA A 63 -16.25 4.25 24.10
C ALA A 63 -15.59 5.62 24.02
N THR A 64 -15.68 6.43 25.07
CA THR A 64 -15.15 7.79 24.98
C THR A 64 -13.65 7.81 24.75
N PRO A 65 -12.82 7.06 25.49
CA PRO A 65 -11.39 7.04 25.12
C PRO A 65 -11.14 6.55 23.71
N ILE A 66 -11.82 5.47 23.30
CA ILE A 66 -11.62 4.95 21.95
C ILE A 66 -12.07 5.96 20.92
N GLU A 67 -13.25 6.56 21.11
CA GLU A 67 -13.74 7.54 20.14
C GLU A 67 -12.81 8.74 20.06
N ASP A 68 -12.32 9.21 21.21
CA ASP A 68 -11.39 10.33 21.23
C ASP A 68 -10.10 10.01 20.49
N ALA A 69 -9.50 8.86 20.75
CA ALA A 69 -8.25 8.51 20.07
C ALA A 69 -8.48 8.33 18.58
N ILE A 70 -9.58 7.67 18.20
CA ILE A 70 -9.85 7.39 16.79
C ILE A 70 -10.18 8.65 16.02
N ASN A 71 -10.81 9.64 16.66
CA ASN A 71 -11.19 10.85 15.96
C ASN A 71 -9.97 11.46 15.29
N GLY A 72 -10.05 11.63 13.97
CA GLY A 72 -8.98 12.20 13.20
C GLY A 72 -8.26 11.24 12.28
N VAL A 73 -8.79 10.03 12.07
CA VAL A 73 -8.17 9.13 11.10
C VAL A 73 -8.21 9.77 9.73
N ASP A 74 -7.20 9.47 8.92
CA ASP A 74 -7.18 9.99 7.56
C ASP A 74 -8.41 9.49 6.80
N ASN A 75 -9.10 10.41 6.14
CA ASN A 75 -10.28 10.07 5.35
C ASN A 75 -11.36 9.45 6.20
N MET A 76 -11.61 10.02 7.39
CA MET A 76 -12.65 9.53 8.28
C MET A 76 -13.93 10.28 7.95
N ILE A 77 -14.83 9.64 7.21
CA ILE A 77 -16.04 10.30 6.74
C ILE A 77 -17.00 10.55 7.90
N TYR A 78 -17.16 9.56 8.77
CA TYR A 78 -17.94 9.71 10.00
C TYR A 78 -17.86 8.41 10.78
N MET A 79 -18.17 8.50 12.07
CA MET A 79 -18.11 7.35 12.96
C MET A 79 -19.36 7.30 13.82
N ASP A 80 -19.87 6.10 14.04
CA ASP A 80 -21.05 5.87 14.88
C ASP A 80 -20.77 4.71 15.83
N SER A 81 -21.06 4.92 17.11
CA SER A 81 -20.73 3.96 18.16
C SER A 81 -22.00 3.56 18.90
N THR A 82 -22.20 2.25 19.07
CA THR A 82 -23.33 1.72 19.79
C THR A 82 -22.81 1.03 21.05
N SER A 83 -23.28 1.47 22.21
CA SER A 83 -22.89 0.90 23.49
C SER A 83 -24.08 0.19 24.10
N SER A 84 -23.91 -1.08 24.44
CA SER A 84 -24.95 -1.90 25.03
C SER A 84 -24.39 -2.59 26.26
N PRO A 85 -25.24 -3.03 27.17
CA PRO A 85 -24.74 -3.71 28.38
C PRO A 85 -23.91 -4.93 28.03
N GLY A 86 -22.62 -4.88 28.32
CA GLY A 86 -21.73 -5.99 28.09
C GLY A 86 -20.94 -5.94 26.79
N GLN A 87 -21.10 -4.90 25.98
CA GLN A 87 -20.36 -4.81 24.73
C GLN A 87 -20.31 -3.37 24.27
N MET A 88 -19.40 -3.11 23.33
CA MET A 88 -19.31 -1.83 22.65
C MET A 88 -18.89 -2.08 21.22
N LYS A 89 -19.64 -1.51 20.28
CA LYS A 89 -19.37 -1.65 18.85
C LYS A 89 -19.25 -0.26 18.24
N LEU A 90 -18.10 0.04 17.66
CA LEU A 90 -17.82 1.33 17.06
C LEU A 90 -17.44 1.10 15.59
N THR A 91 -18.20 1.70 14.69
CA THR A 91 -17.98 1.55 13.26
C THR A 91 -17.42 2.86 12.71
N VAL A 92 -16.22 2.80 12.14
CA VAL A 92 -15.59 3.95 11.51
C VAL A 92 -15.74 3.81 10.01
N TYR A 93 -16.55 4.67 9.41
CA TYR A 93 -16.69 4.73 7.97
C TYR A 93 -15.57 5.60 7.41
N PHE A 94 -15.27 5.40 6.13
CA PHE A 94 -14.21 6.16 5.46
C PHE A 94 -14.70 6.63 4.11
N ASN A 95 -14.06 7.68 3.60
CA ASN A 95 -14.40 8.20 2.29
C ASN A 95 -14.25 7.12 1.24
N ILE A 96 -15.26 7.01 0.37
CA ILE A 96 -15.22 6.01 -0.70
C ILE A 96 -13.96 6.23 -1.52
N GLY A 97 -13.25 5.14 -1.79
CA GLY A 97 -12.01 5.19 -2.54
C GLY A 97 -10.75 5.03 -1.72
N THR A 98 -10.86 4.86 -0.40
CA THR A 98 -9.71 4.60 0.45
C THR A 98 -9.40 3.11 0.45
N ASP A 99 -8.15 2.77 0.72
CA ASP A 99 -7.76 1.37 0.79
C ASP A 99 -8.22 0.79 2.13
N PRO A 100 -9.08 -0.25 2.13
CA PRO A 100 -9.54 -0.79 3.41
C PRO A 100 -8.41 -1.22 4.32
N ASP A 101 -7.38 -1.86 3.76
CA ASP A 101 -6.25 -2.28 4.58
C ASP A 101 -5.59 -1.08 5.26
N GLN A 102 -5.38 0.00 4.50
CA GLN A 102 -4.80 1.19 5.09
C GLN A 102 -5.64 1.70 6.23
N ALA A 103 -6.94 1.87 6.00
CA ALA A 103 -7.83 2.36 7.04
C ALA A 103 -7.72 1.50 8.29
N ALA A 104 -7.65 0.18 8.12
CA ALA A 104 -7.44 -0.69 9.26
C ALA A 104 -6.14 -0.36 9.98
N ILE A 105 -5.08 -0.08 9.22
CA ILE A 105 -3.79 0.21 9.85
C ILE A 105 -3.87 1.49 10.68
N ASP A 106 -4.47 2.56 10.12
CA ASP A 106 -4.57 3.79 10.90
C ASP A 106 -5.43 3.59 12.13
N VAL A 107 -6.55 2.88 11.98
CA VAL A 107 -7.42 2.63 13.14
C VAL A 107 -6.66 1.90 14.21
N ASN A 108 -5.87 0.88 13.83
CA ASN A 108 -5.09 0.12 14.79
C ASN A 108 -4.05 1.01 15.48
N ASN A 109 -3.35 1.82 14.70
CA ASN A 109 -2.32 2.67 15.27
C ASN A 109 -2.92 3.63 16.29
N ARG A 110 -4.10 4.17 16.01
CA ARG A 110 -4.69 5.14 16.91
C ARG A 110 -5.30 4.47 18.14
N ILE A 111 -5.88 3.28 17.99
CA ILE A 111 -6.45 2.60 19.15
C ILE A 111 -5.32 2.09 20.05
N SER A 112 -4.11 1.94 19.51
CA SER A 112 -3.00 1.45 20.32
C SER A 112 -2.85 2.24 21.61
N ALA A 113 -2.98 3.56 21.54
CA ALA A 113 -2.82 4.38 22.74
C ALA A 113 -3.98 4.18 23.70
N ALA A 114 -5.22 4.21 23.21
CA ALA A 114 -6.37 4.14 24.09
C ALA A 114 -6.45 2.80 24.80
N THR A 115 -5.90 1.74 24.19
CA THR A 115 -6.03 0.41 24.77
C THR A 115 -5.47 0.36 26.18
N ALA A 116 -4.36 1.06 26.43
CA ALA A 116 -3.83 1.14 27.78
C ALA A 116 -4.80 1.89 28.71
N LYS A 117 -5.44 2.93 28.20
CA LYS A 117 -6.34 3.74 29.02
C LYS A 117 -7.59 2.96 29.44
N LEU A 118 -7.95 1.92 28.71
CA LEU A 118 -9.21 1.23 28.98
C LEU A 118 -9.14 0.52 30.34
N PRO A 119 -10.30 0.23 30.94
CA PRO A 119 -10.28 -0.53 32.19
C PRO A 119 -9.73 -1.93 31.97
N GLU A 120 -9.26 -2.54 33.06
CA GLU A 120 -8.56 -3.81 32.97
C GLU A 120 -9.41 -4.91 32.37
N ALA A 121 -10.70 -4.96 32.75
CA ALA A 121 -11.57 -6.00 32.22
C ALA A 121 -11.71 -5.90 30.71
N VAL A 122 -11.84 -4.68 30.19
CA VAL A 122 -12.05 -4.52 28.76
C VAL A 122 -10.84 -5.02 27.98
N LYS A 123 -9.64 -4.65 28.42
CA LYS A 123 -8.44 -5.09 27.72
C LYS A 123 -8.20 -6.58 27.91
N LYS A 124 -8.56 -7.12 29.07
CA LYS A 124 -8.44 -8.56 29.28
C LYS A 124 -9.31 -9.32 28.28
N LEU A 125 -10.56 -8.86 28.08
CA LEU A 125 -11.41 -9.49 27.08
C LEU A 125 -10.96 -9.17 25.65
N GLY A 126 -10.13 -8.17 25.47
CA GLY A 126 -9.57 -7.87 24.16
C GLY A 126 -10.39 -6.86 23.38
N VAL A 127 -9.69 -6.02 22.63
CA VAL A 127 -10.30 -5.04 21.73
C VAL A 127 -9.91 -5.40 20.31
N THR A 128 -10.91 -5.60 19.45
CA THR A 128 -10.71 -6.12 18.12
C THR A 128 -11.09 -5.06 17.08
N VAL A 129 -10.15 -4.79 16.17
CA VAL A 129 -10.39 -3.92 15.02
C VAL A 129 -10.44 -4.80 13.78
N ARG A 130 -11.57 -4.80 13.09
CA ARG A 130 -11.77 -5.63 11.92
C ARG A 130 -12.31 -4.80 10.76
N LYS A 131 -11.64 -4.91 9.61
CA LYS A 131 -12.07 -4.22 8.39
C LYS A 131 -13.23 -5.00 7.78
N SER A 132 -14.41 -4.82 8.39
CA SER A 132 -15.59 -5.59 8.05
C SER A 132 -16.77 -4.65 7.82
N SER A 133 -17.69 -5.09 6.95
CA SER A 133 -18.85 -4.28 6.61
C SER A 133 -19.80 -4.12 7.80
N SER A 134 -19.94 -5.17 8.60
CA SER A 134 -20.94 -5.30 9.67
C SER A 134 -22.32 -5.62 9.10
N THR A 135 -22.41 -5.88 7.81
CA THR A 135 -23.67 -6.27 7.16
C THR A 135 -23.61 -7.75 6.83
N ILE A 136 -24.73 -8.45 7.03
CA ILE A 136 -24.74 -9.90 6.87
C ILE A 136 -24.74 -10.26 5.39
N LEU A 137 -23.83 -11.15 5.01
CA LEU A 137 -23.76 -11.69 3.66
C LEU A 137 -24.52 -13.00 3.53
N GLU A 138 -24.36 -13.91 4.49
CA GLU A 138 -25.03 -15.20 4.45
C GLU A 138 -25.35 -15.66 5.86
N VAL A 139 -26.17 -16.70 5.94
CA VAL A 139 -26.48 -17.39 7.18
C VAL A 139 -26.33 -18.88 6.95
N VAL A 140 -25.61 -19.55 7.84
CA VAL A 140 -25.41 -20.99 7.79
C VAL A 140 -25.82 -21.57 9.13
N SER A 141 -26.84 -22.41 9.13
CA SER A 141 -27.41 -22.98 10.35
C SER A 141 -27.12 -24.48 10.37
N VAL A 142 -26.24 -24.90 11.25
CA VAL A 142 -25.90 -26.31 11.43
C VAL A 142 -26.84 -26.87 12.47
N TYR A 143 -27.94 -27.48 12.02
CA TYR A 143 -28.96 -27.99 12.91
C TYR A 143 -28.81 -29.50 13.08
N SER A 144 -29.19 -29.98 14.26
CA SER A 144 -29.06 -31.39 14.61
C SER A 144 -30.30 -32.14 14.18
N GLU A 145 -30.20 -32.88 13.07
CA GLU A 145 -31.31 -33.74 12.66
C GLU A 145 -31.56 -34.82 13.71
N ASP A 146 -30.50 -35.31 14.36
CA ASP A 146 -30.68 -36.33 15.39
C ASP A 146 -31.52 -35.81 16.54
N SER A 147 -31.41 -34.52 16.84
CA SER A 147 -32.06 -33.87 17.97
C SER A 147 -31.49 -34.34 19.30
N SER A 148 -30.39 -35.08 19.29
CA SER A 148 -29.75 -35.54 20.52
C SER A 148 -28.79 -34.52 21.09
N MET A 149 -28.07 -33.80 20.23
CA MET A 149 -27.11 -32.82 20.70
C MET A 149 -27.82 -31.57 21.18
N ASN A 150 -27.49 -31.13 22.40
CA ASN A 150 -28.06 -29.90 22.91
C ASN A 150 -27.42 -28.71 22.19
N ASP A 151 -28.04 -27.54 22.35
CA ASP A 151 -27.58 -26.35 21.63
C ASP A 151 -26.13 -26.03 21.97
N ILE A 152 -25.74 -26.21 23.23
CA ILE A 152 -24.37 -25.88 23.62
C ILE A 152 -23.37 -26.75 22.85
N ASP A 153 -23.63 -28.06 22.77
CA ASP A 153 -22.70 -28.94 22.10
C ASP A 153 -22.59 -28.60 20.62
N ILE A 154 -23.71 -28.33 19.96
CA ILE A 154 -23.67 -27.97 18.55
C ILE A 154 -22.88 -26.69 18.36
N TYR A 155 -23.18 -25.67 19.15
CA TYR A 155 -22.45 -24.40 19.03
C TYR A 155 -20.97 -24.61 19.23
N ASN A 156 -20.60 -25.48 20.18
CA ASN A 156 -19.20 -25.61 20.53
C ASN A 156 -18.45 -26.38 19.46
N TYR A 157 -19.05 -27.44 18.92
CA TYR A 157 -18.44 -28.13 17.79
C TYR A 157 -18.28 -27.18 16.61
N VAL A 158 -19.31 -26.38 16.33
CA VAL A 158 -19.22 -25.42 15.24
C VAL A 158 -18.08 -24.45 15.47
N SER A 159 -18.01 -23.88 16.67
CA SER A 159 -16.96 -22.90 16.95
C SER A 159 -15.57 -23.51 16.82
N LEU A 160 -15.42 -24.75 17.27
CA LEU A 160 -14.12 -25.39 17.17
C LEU A 160 -13.72 -25.61 15.72
N ASN A 161 -14.61 -26.18 14.90
CA ASN A 161 -14.21 -26.58 13.56
C ASN A 161 -14.70 -25.64 12.46
N ILE A 162 -16.02 -25.48 12.33
CA ILE A 162 -16.57 -24.85 11.14
C ILE A 162 -16.22 -23.37 11.12
N LEU A 163 -16.31 -22.71 12.28
CA LEU A 163 -16.00 -21.28 12.33
C LEU A 163 -14.53 -21.02 12.01
N ASP A 164 -13.62 -21.82 12.57
CA ASP A 164 -12.21 -21.59 12.32
C ASP A 164 -11.86 -21.81 10.84
N GLU A 165 -12.33 -22.91 10.25
CA GLU A 165 -12.14 -23.09 8.81
C GLU A 165 -12.79 -21.99 7.98
N LEU A 166 -13.97 -21.50 8.36
CA LEU A 166 -14.58 -20.42 7.59
C LEU A 166 -13.74 -19.15 7.65
N LYS A 167 -13.23 -18.80 8.83
CA LYS A 167 -12.50 -17.54 8.96
C LYS A 167 -11.29 -17.49 8.05
N ARG A 168 -10.72 -18.64 7.69
CA ARG A 168 -9.54 -18.64 6.84
C ARG A 168 -9.88 -18.27 5.41
N ILE A 169 -11.12 -18.55 4.98
CA ILE A 169 -11.48 -18.33 3.58
C ILE A 169 -11.31 -16.86 3.24
N PRO A 170 -10.62 -16.50 2.15
CA PRO A 170 -10.41 -15.08 1.85
C PRO A 170 -11.73 -14.36 1.61
N GLY A 171 -11.78 -13.10 2.07
CA GLY A 171 -12.95 -12.27 1.93
C GLY A 171 -13.91 -12.32 3.11
N VAL A 172 -13.76 -13.30 4.00
CA VAL A 172 -14.65 -13.45 5.15
C VAL A 172 -14.11 -12.57 6.27
N GLY A 173 -14.68 -11.38 6.43
CA GLY A 173 -14.21 -10.49 7.48
C GLY A 173 -14.43 -11.06 8.86
N ASP A 174 -15.65 -11.52 9.15
CA ASP A 174 -15.95 -12.14 10.44
C ASP A 174 -17.00 -13.22 10.20
N ALA A 175 -16.69 -14.45 10.59
CA ALA A 175 -17.64 -15.54 10.62
C ALA A 175 -17.94 -15.86 12.07
N SER A 176 -19.14 -15.49 12.53
CA SER A 176 -19.50 -15.62 13.93
C SER A 176 -20.81 -16.36 14.06
N ALA A 177 -20.96 -17.08 15.16
CA ALA A 177 -22.18 -17.82 15.48
C ALA A 177 -22.93 -17.10 16.59
N ILE A 178 -24.23 -16.92 16.39
CA ILE A 178 -25.01 -16.07 17.28
C ILE A 178 -25.18 -16.65 18.68
N GLY A 179 -24.96 -17.96 18.84
CA GLY A 179 -25.29 -18.60 20.11
C GLY A 179 -24.54 -18.00 21.28
N ASN A 180 -23.23 -17.78 21.12
CA ASN A 180 -22.37 -17.35 22.22
C ASN A 180 -22.48 -18.30 23.41
N LYS A 181 -22.41 -19.60 23.15
CA LYS A 181 -22.56 -20.63 24.16
C LYS A 181 -21.28 -21.47 24.28
N ASN A 182 -20.13 -20.81 24.29
CA ASN A 182 -18.87 -21.52 24.45
C ASN A 182 -18.81 -22.19 25.81
N TYR A 183 -18.09 -23.31 25.89
CA TYR A 183 -17.97 -24.03 27.15
C TYR A 183 -17.35 -23.13 28.21
N SER A 184 -17.79 -23.32 29.45
CA SER A 184 -17.16 -22.64 30.58
C SER A 184 -17.56 -23.36 31.85
N MET A 185 -16.70 -23.24 32.87
CA MET A 185 -16.98 -23.81 34.18
C MET A 185 -17.84 -22.84 34.96
N ARG A 186 -19.13 -23.16 35.08
CA ARG A 186 -20.08 -22.29 35.76
C ARG A 186 -20.12 -22.72 37.23
N ILE A 187 -19.49 -21.91 38.09
CA ILE A 187 -19.52 -22.14 39.52
C ILE A 187 -20.75 -21.41 40.06
N TRP A 188 -21.84 -22.13 40.26
CA TRP A 188 -23.09 -21.55 40.70
C TRP A 188 -23.04 -21.38 42.21
N LEU A 189 -22.62 -20.19 42.65
CA LEU A 189 -22.58 -19.90 44.07
C LEU A 189 -23.99 -19.95 44.66
N GLU A 190 -24.08 -20.42 45.90
CA GLU A 190 -25.34 -20.40 46.64
C GLU A 190 -25.22 -19.42 47.78
N PRO A 191 -25.79 -18.21 47.68
CA PRO A 191 -25.65 -17.24 48.79
C PRO A 191 -26.20 -17.72 50.11
N ASP A 192 -27.10 -18.70 50.11
CA ASP A 192 -27.58 -19.27 51.36
C ASP A 192 -26.53 -20.12 52.06
N LEU A 193 -25.70 -20.84 51.31
CA LEU A 193 -24.68 -21.67 51.91
C LEU A 193 -23.42 -20.86 52.23
N LEU A 194 -23.12 -19.85 51.41
CA LEU A 194 -21.95 -19.02 51.66
C LEU A 194 -22.04 -18.36 53.03
N ASN A 195 -23.22 -17.82 53.36
CA ASN A 195 -23.41 -17.21 54.67
C ASN A 195 -23.30 -18.24 55.78
N LYS A 196 -23.87 -19.43 55.58
CA LYS A 196 -23.83 -20.46 56.61
C LYS A 196 -22.40 -20.87 56.92
N PHE A 197 -21.58 -21.06 55.90
CA PHE A 197 -20.19 -21.47 56.09
C PHE A 197 -19.25 -20.28 56.30
N GLY A 198 -19.77 -19.06 56.31
CA GLY A 198 -18.94 -17.90 56.63
C GLY A 198 -17.85 -17.63 55.62
N VAL A 199 -18.17 -17.71 54.33
CA VAL A 199 -17.23 -17.42 53.26
C VAL A 199 -17.90 -16.48 52.27
N THR A 200 -17.16 -15.49 51.78
CA THR A 200 -17.68 -14.55 50.81
C THR A 200 -17.35 -15.00 49.39
N ALA A 201 -17.99 -14.34 48.43
CA ALA A 201 -17.72 -14.66 47.02
C ALA A 201 -16.28 -14.31 46.66
N ASN A 202 -15.76 -13.23 47.23
CA ASN A 202 -14.39 -12.83 46.93
C ASN A 202 -13.41 -13.94 47.31
N ASP A 203 -13.70 -14.66 48.38
CA ASP A 203 -12.86 -15.79 48.76
C ASP A 203 -12.84 -16.84 47.66
N VAL A 204 -14.01 -17.15 47.09
CA VAL A 204 -14.05 -18.12 46.01
C VAL A 204 -13.29 -17.62 44.79
N ILE A 205 -13.42 -16.34 44.48
CA ILE A 205 -12.68 -15.78 43.35
C ILE A 205 -11.19 -15.96 43.56
N ASN A 206 -10.70 -15.58 44.74
CA ASN A 206 -9.27 -15.70 45.01
C ASN A 206 -8.80 -17.15 44.99
N ALA A 207 -9.59 -18.05 45.57
CA ALA A 207 -9.20 -19.45 45.60
C ALA A 207 -9.12 -20.01 44.18
N VAL A 208 -10.10 -19.71 43.34
CA VAL A 208 -10.06 -20.20 41.97
C VAL A 208 -8.87 -19.61 41.23
N ASN A 209 -8.60 -18.32 41.43
CA ASN A 209 -7.47 -17.70 40.75
C ASN A 209 -6.16 -18.36 41.18
N ASP A 210 -6.03 -18.70 42.45
CA ASP A 210 -4.78 -19.27 42.95
C ASP A 210 -4.60 -20.71 42.49
N GLN A 211 -5.66 -21.51 42.57
CA GLN A 211 -5.53 -22.96 42.45
C GLN A 211 -5.91 -23.50 41.07
N ASN A 212 -6.12 -22.65 40.08
CA ASN A 212 -6.46 -23.09 38.73
C ASN A 212 -5.43 -22.63 37.71
N ALA A 213 -4.51 -21.75 38.09
CA ALA A 213 -3.55 -21.17 37.18
C ALA A 213 -2.34 -22.10 37.06
N GLN A 214 -1.74 -22.11 35.86
CA GLN A 214 -0.52 -22.86 35.60
C GLN A 214 0.66 -21.91 35.70
N TYR A 215 1.61 -22.23 36.56
CA TYR A 215 2.74 -21.36 36.84
C TYR A 215 4.00 -21.90 36.18
N ALA A 216 5.11 -21.19 36.39
CA ALA A 216 6.37 -21.52 35.76
C ALA A 216 7.24 -22.34 36.70
N THR A 217 7.83 -23.41 36.17
CA THR A 217 8.73 -24.27 36.91
C THR A 217 10.03 -24.41 36.12
N GLY A 218 11.15 -24.27 36.81
CA GLY A 218 12.44 -24.23 36.15
C GLY A 218 12.93 -25.61 35.73
N LYS A 219 14.11 -25.60 35.10
CA LYS A 219 14.74 -26.82 34.63
C LYS A 219 15.78 -27.31 35.64
N ILE A 220 15.92 -28.62 35.75
CA ILE A 220 16.84 -29.25 36.68
C ILE A 220 18.06 -29.73 35.89
N GLY A 221 19.24 -29.55 36.49
CA GLY A 221 20.47 -29.98 35.87
C GLY A 221 21.07 -29.01 34.87
N GLU A 222 20.57 -27.78 34.82
CA GLU A 222 21.03 -26.80 33.86
C GLU A 222 22.33 -26.14 34.33
N GLU A 223 23.10 -25.64 33.36
CA GLU A 223 24.34 -24.96 33.65
C GLU A 223 24.06 -23.62 34.33
N PRO A 224 25.03 -23.07 35.08
CA PRO A 224 26.38 -23.58 35.36
C PRO A 224 26.44 -24.39 36.64
N VAL A 225 27.15 -25.51 36.63
CA VAL A 225 27.25 -26.39 37.79
C VAL A 225 28.70 -26.85 37.93
N VAL A 226 29.20 -26.92 39.16
CA VAL A 226 30.55 -27.45 39.39
C VAL A 226 30.56 -28.96 39.21
N ASN A 227 29.54 -29.65 39.72
CA ASN A 227 29.39 -31.10 39.55
C ASN A 227 28.40 -31.31 38.42
N LYS A 228 28.92 -31.61 37.23
CA LYS A 228 28.08 -31.62 36.05
C LYS A 228 27.12 -32.81 36.10
N SER A 229 25.85 -32.53 35.81
CA SER A 229 24.84 -33.57 35.79
C SER A 229 24.95 -34.37 34.48
N PRO A 230 24.51 -35.64 34.49
CA PRO A 230 24.51 -36.40 33.23
C PRO A 230 23.55 -35.85 32.20
N GLN A 231 22.35 -35.50 32.63
CA GLN A 231 21.30 -35.08 31.71
C GLN A 231 20.48 -33.96 32.31
N VAL A 232 19.95 -33.11 31.44
CA VAL A 232 19.09 -31.99 31.86
C VAL A 232 17.64 -32.46 31.79
N ILE A 233 16.94 -32.35 32.90
CA ILE A 233 15.57 -32.83 33.02
C ILE A 233 14.69 -31.63 33.33
N SER A 234 13.67 -31.42 32.50
CA SER A 234 12.71 -30.35 32.74
C SER A 234 11.68 -30.79 33.77
N ILE A 235 11.00 -29.81 34.35
CA ILE A 235 9.95 -30.03 35.33
C ILE A 235 8.62 -29.70 34.68
N THR A 236 7.69 -30.64 34.69
CA THR A 236 6.36 -30.47 34.12
C THR A 236 5.33 -30.52 35.23
N MET A 237 4.43 -29.54 35.25
CA MET A 237 3.38 -29.47 36.24
C MET A 237 2.06 -29.16 35.56
N GLN A 238 0.98 -29.74 36.07
CA GLN A 238 -0.38 -29.47 35.60
C GLN A 238 -1.15 -28.85 36.75
N GLY A 239 -1.42 -27.55 36.65
CA GLY A 239 -2.08 -26.83 37.71
C GLY A 239 -3.51 -26.45 37.39
N ARG A 240 -3.90 -26.55 36.12
CA ARG A 240 -5.24 -26.15 35.69
C ARG A 240 -6.16 -27.37 35.75
N LEU A 241 -7.20 -27.27 36.56
CA LEU A 241 -8.14 -28.37 36.71
C LEU A 241 -9.04 -28.45 35.48
N GLN A 242 -9.41 -29.68 35.11
CA GLN A 242 -10.11 -29.93 33.87
C GLN A 242 -11.54 -30.43 34.03
N THR A 243 -11.89 -30.98 35.19
CA THR A 243 -13.18 -31.62 35.36
C THR A 243 -13.94 -31.00 36.54
N PRO A 244 -15.28 -31.08 36.53
CA PRO A 244 -16.04 -30.54 37.67
C PRO A 244 -15.64 -31.15 39.00
N GLN A 245 -15.33 -32.45 39.02
CA GLN A 245 -14.94 -33.11 40.26
C GLN A 245 -13.63 -32.59 40.81
N GLU A 246 -12.85 -31.85 40.01
CA GLU A 246 -11.63 -31.24 40.48
C GLU A 246 -11.87 -29.81 40.96
N PHE A 247 -12.70 -29.04 40.25
CA PHE A 247 -13.05 -27.72 40.72
C PHE A 247 -13.81 -27.78 42.04
N GLU A 248 -14.66 -28.78 42.21
CA GLU A 248 -15.40 -28.92 43.46
C GLU A 248 -14.44 -29.12 44.63
N ASN A 249 -13.24 -29.63 44.37
CA ASN A 249 -12.30 -29.91 45.45
C ASN A 249 -11.44 -28.73 45.83
N ILE A 250 -11.59 -27.58 45.16
CA ILE A 250 -10.80 -26.41 45.53
C ILE A 250 -11.09 -26.04 46.97
N ILE A 251 -10.03 -25.77 47.73
CA ILE A 251 -10.14 -25.53 49.16
C ILE A 251 -10.19 -24.02 49.38
N LEU A 252 -11.23 -23.54 50.06
CA LEU A 252 -11.34 -22.12 50.36
C LEU A 252 -10.70 -21.81 51.71
N ARG A 253 -10.91 -22.66 52.69
CA ARG A 253 -10.49 -22.40 54.06
C ARG A 253 -10.21 -23.72 54.76
N VAL A 254 -9.19 -23.73 55.60
CA VAL A 254 -8.86 -24.89 56.43
C VAL A 254 -9.38 -24.61 57.83
N ASN A 255 -10.33 -25.42 58.29
CA ASN A 255 -10.93 -25.21 59.59
C ASN A 255 -9.91 -25.51 60.69
N GLU A 256 -10.21 -25.02 61.90
CA GLU A 256 -9.35 -25.31 63.04
C GLU A 256 -9.31 -26.80 63.33
N ASP A 257 -10.33 -27.55 62.92
CA ASP A 257 -10.35 -28.99 63.09
C ASP A 257 -9.53 -29.73 62.05
N LYS A 258 -8.88 -29.01 61.12
CA LYS A 258 -8.12 -29.51 60.00
C LYS A 258 -9.03 -30.11 58.93
N SER A 259 -10.35 -29.98 59.05
CA SER A 259 -11.24 -30.35 57.96
C SER A 259 -11.32 -29.20 56.97
N PHE A 260 -11.29 -29.54 55.68
CA PHE A 260 -11.18 -28.57 54.61
C PHE A 260 -12.55 -28.14 54.13
N LEU A 261 -12.76 -26.84 54.00
CA LEU A 261 -13.94 -26.32 53.32
C LEU A 261 -13.65 -26.17 51.83
N ARG A 262 -14.54 -26.68 51.00
CA ARG A 262 -14.31 -26.75 49.57
C ARG A 262 -15.46 -26.12 48.81
N ILE A 263 -15.21 -25.81 47.53
CA ILE A 263 -16.25 -25.24 46.69
C ILE A 263 -17.42 -26.19 46.57
N LYS A 264 -17.20 -27.48 46.81
CA LYS A 264 -18.29 -28.44 46.76
C LYS A 264 -19.38 -28.10 47.76
N ASP A 265 -19.00 -27.67 48.96
CA ASP A 265 -19.99 -27.41 50.00
C ASP A 265 -20.76 -26.12 49.72
N VAL A 266 -20.06 -25.08 49.26
CA VAL A 266 -20.68 -23.76 49.17
C VAL A 266 -21.15 -23.40 47.77
N ALA A 267 -21.04 -24.31 46.81
CA ALA A 267 -21.43 -23.99 45.44
C ALA A 267 -21.58 -25.28 44.64
N LYS A 268 -22.17 -25.15 43.47
CA LYS A 268 -22.34 -26.26 42.55
C LYS A 268 -21.63 -25.93 41.24
N VAL A 269 -20.77 -26.84 40.80
CA VAL A 269 -19.94 -26.62 39.61
C VAL A 269 -20.45 -27.51 38.49
N GLU A 270 -20.57 -26.93 37.29
CA GLU A 270 -20.98 -27.67 36.12
C GLU A 270 -20.39 -26.99 34.89
N ILE A 271 -20.29 -27.76 33.80
CA ILE A 271 -19.84 -27.23 32.52
C ILE A 271 -21.05 -26.70 31.77
N GLY A 272 -20.98 -25.44 31.36
CA GLY A 272 -22.11 -24.81 30.69
C GLY A 272 -21.65 -23.67 29.81
N ALA A 273 -22.63 -23.03 29.18
CA ALA A 273 -22.36 -21.92 28.28
C ALA A 273 -21.91 -20.68 29.05
N GLU A 274 -21.19 -19.80 28.36
CA GLU A 274 -20.83 -18.53 28.97
C GLU A 274 -22.03 -17.61 29.10
N GLN A 275 -22.87 -17.55 28.06
CA GLN A 275 -24.03 -16.69 28.04
C GLN A 275 -25.25 -17.49 27.62
N TYR A 276 -26.30 -17.45 28.42
CA TYR A 276 -27.59 -18.01 28.06
C TYR A 276 -28.54 -16.97 27.49
N ASN A 277 -28.01 -15.82 27.07
CA ASN A 277 -28.86 -14.71 26.63
C ASN A 277 -29.47 -14.98 25.27
N SER A 278 -28.68 -15.49 24.33
CA SER A 278 -29.08 -15.62 22.94
C SER A 278 -29.55 -17.04 22.65
N THR A 279 -30.18 -17.19 21.49
CA THR A 279 -30.66 -18.49 21.04
C THR A 279 -30.79 -18.45 19.51
N GLY A 280 -30.70 -19.63 18.91
CA GLY A 280 -30.86 -19.76 17.48
C GLY A 280 -31.89 -20.81 17.15
N ARG A 281 -32.76 -20.54 16.17
CA ARG A 281 -33.81 -21.45 15.78
C ARG A 281 -33.93 -21.50 14.28
N LEU A 282 -34.00 -22.71 13.73
CA LEU A 282 -34.27 -22.95 12.32
C LEU A 282 -35.55 -23.78 12.24
N ASN A 283 -36.58 -23.20 11.63
CA ASN A 283 -37.92 -23.82 11.63
C ASN A 283 -38.27 -24.07 13.10
N THR A 284 -38.52 -25.30 13.52
CA THR A 284 -38.86 -25.61 14.90
C THR A 284 -37.69 -26.28 15.63
N SER A 285 -36.63 -26.63 14.90
CA SER A 285 -35.48 -27.32 15.47
C SER A 285 -34.39 -26.32 15.81
N ALA A 286 -33.77 -26.51 16.97
CA ALA A 286 -32.71 -25.60 17.39
C ALA A 286 -31.53 -25.70 16.44
N ALA A 287 -30.84 -24.57 16.25
CA ALA A 287 -29.72 -24.51 15.34
C ALA A 287 -28.78 -23.39 15.77
N VAL A 288 -27.56 -23.43 15.25
CA VAL A 288 -26.55 -22.41 15.51
C VAL A 288 -26.38 -21.59 14.24
N PRO A 289 -26.85 -20.34 14.19
CA PRO A 289 -26.71 -19.56 12.95
C PRO A 289 -25.35 -18.91 12.80
N ILE A 290 -24.62 -19.27 11.75
CA ILE A 290 -23.33 -18.66 11.45
C ILE A 290 -23.57 -17.52 10.46
N ILE A 291 -23.27 -16.29 10.90
CA ILE A 291 -23.45 -15.10 10.07
C ILE A 291 -22.08 -14.69 9.56
N ILE A 292 -21.98 -14.45 8.26
CA ILE A 292 -20.74 -14.05 7.61
C ILE A 292 -20.86 -12.60 7.16
N ASN A 293 -19.90 -11.77 7.55
CA ASN A 293 -19.87 -10.37 7.17
C ASN A 293 -18.77 -10.13 6.16
N LEU A 294 -19.12 -9.48 5.06
CA LEU A 294 -18.17 -9.27 3.97
C LEU A 294 -17.01 -8.41 4.45
N GLN A 295 -15.79 -8.83 4.12
CA GLN A 295 -14.63 -7.96 4.30
C GLN A 295 -14.71 -6.82 3.29
N SER A 296 -14.44 -5.60 3.76
CA SER A 296 -14.49 -4.45 2.88
C SER A 296 -13.47 -4.62 1.75
N GLY A 297 -13.91 -4.31 0.53
CA GLY A 297 -13.06 -4.45 -0.64
C GLY A 297 -12.95 -5.86 -1.19
N ALA A 298 -13.84 -6.76 -0.81
CA ALA A 298 -13.84 -8.13 -1.30
C ALA A 298 -15.15 -8.40 -2.01
N ASN A 299 -15.08 -9.08 -3.15
CA ASN A 299 -16.28 -9.39 -3.91
C ASN A 299 -17.15 -10.37 -3.15
N ALA A 300 -18.47 -10.17 -3.22
CA ALA A 300 -19.39 -11.02 -2.48
C ALA A 300 -19.54 -12.39 -3.13
N VAL A 301 -19.59 -12.43 -4.46
CA VAL A 301 -19.86 -13.69 -5.16
C VAL A 301 -18.74 -14.69 -4.92
N ASN A 302 -17.50 -14.24 -5.04
CA ASN A 302 -16.36 -15.14 -4.82
C ASN A 302 -16.35 -15.66 -3.38
N THR A 303 -16.62 -14.77 -2.42
CA THR A 303 -16.67 -15.20 -1.02
C THR A 303 -17.76 -16.23 -0.81
N ALA A 304 -18.94 -16.01 -1.41
CA ALA A 304 -20.03 -16.95 -1.24
C ALA A 304 -19.68 -18.31 -1.83
N LYS A 305 -19.11 -18.34 -3.03
CA LYS A 305 -18.73 -19.62 -3.63
C LYS A 305 -17.65 -20.33 -2.82
N LEU A 306 -16.66 -19.57 -2.31
CA LEU A 306 -15.65 -20.16 -1.47
C LEU A 306 -16.25 -20.75 -0.20
N ILE A 307 -17.19 -20.04 0.41
CA ILE A 307 -17.85 -20.55 1.61
C ILE A 307 -18.61 -21.83 1.29
N ASN A 308 -19.30 -21.85 0.15
CA ASN A 308 -20.05 -23.04 -0.21
C ASN A 308 -19.14 -24.25 -0.37
N GLU A 309 -18.03 -24.09 -1.10
CA GLU A 309 -17.14 -25.24 -1.28
C GLU A 309 -16.47 -25.65 0.03
N LYS A 310 -16.04 -24.70 0.84
CA LYS A 310 -15.44 -25.05 2.12
C LYS A 310 -16.44 -25.75 3.04
N MET A 311 -17.70 -25.33 2.98
CA MET A 311 -18.73 -25.99 3.78
C MET A 311 -19.01 -27.38 3.26
N GLN A 312 -18.89 -27.59 1.95
CA GLN A 312 -18.93 -28.96 1.43
C GLN A 312 -17.81 -29.80 2.02
N GLU A 313 -16.59 -29.25 2.03
CA GLU A 313 -15.47 -29.98 2.62
C GLU A 313 -15.76 -30.33 4.07
N LEU A 314 -16.24 -29.37 4.85
CA LEU A 314 -16.59 -29.65 6.24
C LEU A 314 -17.72 -30.67 6.33
N SER A 315 -18.60 -30.69 5.32
CA SER A 315 -19.70 -31.64 5.32
C SER A 315 -19.20 -33.05 5.09
N LYS A 316 -18.06 -33.19 4.42
CA LYS A 316 -17.53 -34.53 4.15
C LYS A 316 -17.31 -35.31 5.44
N ASN A 317 -17.09 -34.61 6.56
CA ASN A 317 -16.99 -35.25 7.87
C ASN A 317 -17.82 -34.44 8.86
N PHE A 318 -18.72 -35.11 9.56
CA PHE A 318 -19.55 -34.50 10.60
C PHE A 318 -19.90 -35.57 11.62
N PRO A 319 -20.04 -35.20 12.90
CA PRO A 319 -20.75 -36.08 13.82
C PRO A 319 -22.12 -36.39 13.24
N GLN A 320 -22.51 -37.66 13.32
CA GLN A 320 -23.75 -38.09 12.69
C GLN A 320 -24.92 -37.28 13.24
N GLY A 321 -25.76 -36.78 12.35
CA GLY A 321 -26.93 -36.03 12.72
C GLY A 321 -26.81 -34.52 12.57
N LEU A 322 -25.67 -34.02 12.11
CA LEU A 322 -25.47 -32.59 11.90
C LEU A 322 -25.52 -32.29 10.41
N LYS A 323 -26.55 -31.57 9.99
CA LYS A 323 -26.73 -31.17 8.60
C LYS A 323 -26.66 -29.65 8.51
N TYR A 324 -25.94 -29.16 7.50
CA TYR A 324 -25.75 -27.73 7.29
C TYR A 324 -26.63 -27.27 6.14
N GLN A 325 -27.31 -26.15 6.33
CA GLN A 325 -28.10 -25.51 5.29
C GLN A 325 -27.76 -24.04 5.23
N ILE A 326 -27.88 -23.45 4.04
CA ILE A 326 -27.65 -22.02 3.85
C ILE A 326 -28.99 -21.39 3.49
N PRO A 327 -29.81 -20.97 4.46
CA PRO A 327 -31.12 -20.44 4.11
C PRO A 327 -31.05 -19.13 3.36
N TYR A 328 -30.23 -18.18 3.81
CA TYR A 328 -30.20 -16.83 3.26
C TYR A 328 -28.83 -16.58 2.64
N ASP A 329 -28.81 -16.27 1.36
CA ASP A 329 -27.59 -15.95 0.63
C ASP A 329 -27.82 -14.67 -0.16
N THR A 330 -26.95 -13.68 0.05
CA THR A 330 -27.11 -12.40 -0.63
C THR A 330 -26.79 -12.52 -2.12
N THR A 331 -26.05 -13.56 -2.50
CA THR A 331 -25.57 -13.67 -3.88
C THR A 331 -26.43 -14.58 -4.74
N ILE A 332 -27.34 -15.36 -4.16
CA ILE A 332 -28.17 -16.24 -4.98
C ILE A 332 -29.07 -15.43 -5.90
N PHE A 333 -29.67 -14.35 -5.38
CA PHE A 333 -30.51 -13.50 -6.21
C PHE A 333 -29.70 -12.89 -7.34
N VAL A 334 -28.46 -12.47 -7.05
CA VAL A 334 -27.62 -11.87 -8.07
C VAL A 334 -27.27 -12.90 -9.14
N LYS A 335 -26.94 -14.13 -8.73
CA LYS A 335 -26.63 -15.17 -9.70
C LYS A 335 -27.82 -15.45 -10.60
N ALA A 336 -29.02 -15.54 -10.03
CA ALA A 336 -30.20 -15.75 -10.85
C ALA A 336 -30.42 -14.57 -11.80
N SER A 337 -30.19 -13.35 -11.32
CA SER A 337 -30.36 -12.18 -12.17
C SER A 337 -29.42 -12.21 -13.35
N ILE A 338 -28.14 -12.54 -13.13
CA ILE A 338 -27.20 -12.58 -14.23
C ILE A 338 -27.55 -13.69 -15.20
N LYS A 339 -27.98 -14.84 -14.69
CA LYS A 339 -28.38 -15.93 -15.57
C LYS A 339 -29.55 -15.50 -16.46
N GLU A 340 -30.54 -14.82 -15.88
CA GLU A 340 -31.68 -14.39 -16.67
C GLU A 340 -31.29 -13.33 -17.69
N VAL A 341 -30.38 -12.43 -17.32
CA VAL A 341 -29.91 -11.44 -18.28
C VAL A 341 -29.18 -12.11 -19.44
N ILE A 342 -28.38 -13.15 -19.15
CA ILE A 342 -27.72 -13.89 -20.22
C ILE A 342 -28.75 -14.54 -21.13
N LYS A 343 -29.81 -15.12 -20.54
CA LYS A 343 -30.87 -15.70 -21.36
C LYS A 343 -31.51 -14.64 -22.24
N THR A 344 -31.73 -13.45 -21.70
CA THR A 344 -32.24 -12.34 -22.51
C THR A 344 -31.31 -12.05 -23.68
N PHE A 345 -30.00 -12.08 -23.43
CA PHE A 345 -29.04 -11.86 -24.51
C PHE A 345 -29.17 -12.94 -25.58
N VAL A 346 -29.32 -14.20 -25.18
CA VAL A 346 -29.46 -15.27 -26.16
C VAL A 346 -30.71 -15.04 -27.01
N GLU A 347 -31.83 -14.72 -26.37
CA GLU A 347 -33.05 -14.48 -27.13
C GLU A 347 -32.88 -13.29 -28.07
N ALA A 348 -32.19 -12.25 -27.62
CA ALA A 348 -31.95 -11.09 -28.46
C ALA A 348 -31.14 -11.46 -29.69
N LEU A 349 -30.09 -12.27 -29.50
CA LEU A 349 -29.29 -12.70 -30.64
C LEU A 349 -30.13 -13.49 -31.63
N ALA A 350 -30.95 -14.41 -31.13
CA ALA A 350 -31.78 -15.20 -32.03
C ALA A 350 -32.75 -14.32 -32.81
N LEU A 351 -33.38 -13.35 -32.12
CA LEU A 351 -34.36 -12.52 -32.79
C LEU A 351 -33.70 -11.59 -33.80
N VAL A 352 -32.49 -11.10 -33.50
CA VAL A 352 -31.76 -10.31 -34.47
C VAL A 352 -31.43 -11.14 -35.70
N LEU A 353 -31.08 -12.41 -35.50
CA LEU A 353 -30.88 -13.31 -36.63
C LEU A 353 -32.14 -13.41 -37.46
N VAL A 354 -33.30 -13.53 -36.81
CA VAL A 354 -34.55 -13.65 -37.54
C VAL A 354 -34.83 -12.38 -38.35
N VAL A 355 -34.63 -11.21 -37.74
CA VAL A 355 -34.87 -9.95 -38.44
C VAL A 355 -33.94 -9.83 -39.65
N MET A 356 -32.67 -10.16 -39.46
CA MET A 356 -31.70 -10.11 -40.54
C MET A 356 -32.07 -11.08 -41.66
N TYR A 357 -32.57 -12.26 -41.33
CA TYR A 357 -33.04 -13.18 -42.38
C TYR A 357 -34.24 -12.62 -43.11
N LEU A 358 -35.17 -11.98 -42.39
CA LEU A 358 -36.33 -11.40 -43.05
C LEU A 358 -35.90 -10.33 -44.05
N PHE A 359 -34.94 -9.49 -43.66
CA PHE A 359 -34.52 -8.40 -44.54
C PHE A 359 -33.64 -8.90 -45.70
N LEU A 360 -32.73 -9.84 -45.41
CA LEU A 360 -31.78 -10.33 -46.41
C LEU A 360 -32.21 -11.72 -46.84
N LYS A 361 -32.24 -11.94 -48.16
CA LYS A 361 -32.86 -13.15 -48.68
C LYS A 361 -32.01 -14.38 -48.42
N ASN A 362 -30.68 -14.24 -48.35
CA ASN A 362 -29.77 -15.36 -48.27
C ASN A 362 -29.38 -15.66 -46.83
N PHE A 363 -29.20 -16.94 -46.54
CA PHE A 363 -28.71 -17.35 -45.23
C PHE A 363 -27.32 -16.78 -44.97
N LYS A 364 -26.42 -16.91 -45.95
CA LYS A 364 -25.02 -16.51 -45.74
C LYS A 364 -24.94 -15.03 -45.37
N SER A 365 -25.73 -14.19 -46.03
CA SER A 365 -25.79 -12.78 -45.67
C SER A 365 -26.20 -12.60 -44.21
N THR A 366 -27.08 -13.46 -43.71
CA THR A 366 -27.44 -13.42 -42.31
C THR A 366 -26.31 -13.91 -41.42
N ILE A 367 -25.45 -14.79 -41.92
CA ILE A 367 -24.38 -15.32 -41.07
C ILE A 367 -23.25 -14.31 -40.90
N ILE A 368 -22.93 -13.53 -41.94
CA ILE A 368 -21.73 -12.68 -41.87
C ILE A 368 -21.70 -11.81 -40.61
N PRO A 369 -22.78 -11.14 -40.21
CA PRO A 369 -22.71 -10.36 -38.95
C PRO A 369 -22.94 -11.22 -37.71
N MET A 370 -23.59 -12.38 -37.85
CA MET A 370 -23.78 -13.25 -36.72
C MET A 370 -22.45 -13.75 -36.18
N ILE A 371 -21.48 -13.96 -37.06
CA ILE A 371 -20.14 -14.32 -36.60
C ILE A 371 -19.41 -13.11 -36.05
N ALA A 372 -19.81 -11.91 -36.48
CA ALA A 372 -19.15 -10.70 -35.99
C ALA A 372 -19.53 -10.37 -34.56
N VAL A 373 -20.77 -10.62 -34.18
CA VAL A 373 -21.24 -10.19 -32.85
C VAL A 373 -20.44 -10.86 -31.74
N PRO A 374 -20.26 -12.20 -31.74
CA PRO A 374 -19.57 -12.83 -30.60
C PRO A 374 -18.17 -12.29 -30.36
N VAL A 375 -17.38 -12.09 -31.41
CA VAL A 375 -16.03 -11.57 -31.21
C VAL A 375 -16.09 -10.14 -30.72
N SER A 376 -17.04 -9.36 -31.23
CA SER A 376 -17.18 -7.99 -30.79
C SER A 376 -17.52 -7.89 -29.31
N LEU A 377 -18.23 -8.87 -28.76
CA LEU A 377 -18.51 -8.89 -27.32
C LEU A 377 -17.38 -9.48 -26.50
N LEU A 378 -16.73 -10.54 -27.00
CA LEU A 378 -15.62 -11.15 -26.27
C LEU A 378 -14.45 -10.17 -26.14
N GLY A 379 -14.16 -9.42 -27.20
CA GLY A 379 -13.14 -8.39 -27.08
C GLY A 379 -13.50 -7.36 -26.02
N THR A 380 -14.77 -6.99 -25.94
CA THR A 380 -15.22 -6.07 -24.90
C THR A 380 -14.95 -6.65 -23.51
N PHE A 381 -15.25 -7.94 -23.34
CA PHE A 381 -14.94 -8.61 -22.08
C PHE A 381 -13.46 -8.59 -21.75
N ALA A 382 -12.60 -8.86 -22.75
CA ALA A 382 -11.16 -8.80 -22.51
C ALA A 382 -10.76 -7.42 -22.04
N VAL A 383 -11.18 -6.37 -22.75
CA VAL A 383 -10.74 -5.04 -22.35
C VAL A 383 -11.31 -4.69 -20.99
N LEU A 384 -12.54 -5.14 -20.68
CA LEU A 384 -13.06 -4.99 -19.33
C LEU A 384 -12.08 -5.53 -18.30
N TYR A 385 -11.60 -6.76 -18.51
CA TYR A 385 -10.65 -7.30 -17.54
C TYR A 385 -9.41 -6.43 -17.46
N VAL A 386 -8.92 -5.94 -18.60
CA VAL A 386 -7.70 -5.12 -18.58
C VAL A 386 -7.91 -3.86 -17.74
N LEU A 387 -9.04 -3.17 -17.91
CA LEU A 387 -9.32 -1.99 -17.10
C LEU A 387 -9.42 -2.34 -15.62
N GLY A 388 -10.13 -3.43 -15.31
CA GLY A 388 -10.37 -3.84 -13.94
C GLY A 388 -11.82 -3.72 -13.52
N PHE A 389 -12.64 -3.01 -14.30
CA PHE A 389 -14.06 -2.89 -13.98
C PHE A 389 -14.69 -4.29 -13.88
N SER A 390 -15.16 -4.63 -12.69
CA SER A 390 -15.79 -5.92 -12.48
C SER A 390 -17.13 -5.98 -13.21
N ILE A 391 -17.46 -7.18 -13.70
CA ILE A 391 -18.76 -7.35 -14.35
C ILE A 391 -19.85 -7.21 -13.31
N ASN A 392 -20.81 -6.34 -13.59
CA ASN A 392 -21.91 -6.09 -12.68
C ASN A 392 -23.20 -5.95 -13.50
N LEU A 393 -24.32 -5.84 -12.79
CA LEU A 393 -25.61 -5.80 -13.47
C LEU A 393 -25.64 -4.72 -14.54
N LEU A 394 -25.11 -3.53 -14.24
CA LEU A 394 -25.14 -2.46 -15.22
C LEU A 394 -24.25 -2.77 -16.42
N THR A 395 -23.08 -3.37 -16.19
CA THR A 395 -22.23 -3.74 -17.31
C THR A 395 -22.90 -4.79 -18.20
N LEU A 396 -23.51 -5.80 -17.57
CA LEU A 396 -24.21 -6.82 -18.34
C LEU A 396 -25.36 -6.21 -19.13
N PHE A 397 -26.10 -5.29 -18.51
CA PHE A 397 -27.17 -4.60 -19.23
C PHE A 397 -26.60 -3.79 -20.38
N ALA A 398 -25.50 -3.08 -20.15
CA ALA A 398 -24.87 -2.32 -21.21
C ALA A 398 -24.47 -3.19 -22.38
N LEU A 399 -24.01 -4.42 -22.12
CA LEU A 399 -23.64 -5.33 -23.19
C LEU A 399 -24.84 -5.93 -23.92
N VAL A 400 -25.88 -6.34 -23.19
CA VAL A 400 -27.06 -6.90 -23.82
C VAL A 400 -27.85 -5.81 -24.53
N LEU A 401 -27.47 -4.53 -24.32
CA LEU A 401 -27.98 -3.46 -25.16
C LEU A 401 -27.00 -3.14 -26.29
N ALA A 402 -25.69 -3.31 -26.04
CA ALA A 402 -24.68 -3.07 -27.06
C ALA A 402 -24.79 -4.04 -28.21
N ILE A 403 -25.39 -5.21 -27.98
CA ILE A 403 -25.70 -6.12 -29.08
C ILE A 403 -26.37 -5.36 -30.21
N GLY A 404 -27.18 -4.35 -29.88
CA GLY A 404 -27.77 -3.51 -30.91
C GLY A 404 -26.72 -2.73 -31.68
N ILE A 405 -25.72 -2.19 -30.97
CA ILE A 405 -24.71 -1.37 -31.63
C ILE A 405 -23.85 -2.23 -32.55
N VAL A 406 -23.43 -3.40 -32.08
CA VAL A 406 -22.47 -4.19 -32.81
C VAL A 406 -23.06 -4.66 -34.14
N VAL A 407 -24.34 -5.05 -34.14
CA VAL A 407 -24.96 -5.53 -35.37
C VAL A 407 -25.15 -4.39 -36.36
N ASP A 408 -25.26 -3.15 -35.87
CA ASP A 408 -25.59 -2.04 -36.76
C ASP A 408 -24.52 -1.84 -37.82
N ASP A 409 -23.25 -1.72 -37.40
CA ASP A 409 -22.18 -1.41 -38.34
C ASP A 409 -22.05 -2.50 -39.40
N ALA A 410 -22.06 -3.77 -38.98
CA ALA A 410 -21.97 -4.86 -39.94
C ALA A 410 -23.18 -4.84 -40.86
N ILE A 411 -24.34 -4.45 -40.34
CA ILE A 411 -25.54 -4.40 -41.16
C ILE A 411 -25.38 -3.36 -42.27
N ILE A 412 -24.92 -2.16 -41.92
CA ILE A 412 -24.77 -1.13 -42.96
C ILE A 412 -23.71 -1.56 -43.96
N VAL A 413 -22.59 -2.09 -43.46
CA VAL A 413 -21.53 -2.57 -44.35
C VAL A 413 -22.10 -3.56 -45.37
N VAL A 414 -22.64 -4.67 -44.87
CA VAL A 414 -23.11 -5.74 -45.74
C VAL A 414 -24.23 -5.26 -46.65
N GLU A 415 -25.09 -4.35 -46.18
CA GLU A 415 -26.13 -3.83 -47.05
C GLU A 415 -25.53 -3.06 -48.22
N ASN A 416 -24.52 -2.24 -47.94
CA ASN A 416 -23.87 -1.52 -49.04
C ASN A 416 -23.16 -2.46 -50.00
N ILE A 417 -22.50 -3.50 -49.49
CA ILE A 417 -21.88 -4.47 -50.40
C ILE A 417 -22.95 -5.13 -51.26
N ASP A 418 -24.07 -5.50 -50.63
CA ASP A 418 -25.16 -6.14 -51.37
C ASP A 418 -25.68 -5.22 -52.47
N ARG A 419 -25.84 -3.94 -52.16
CA ARG A 419 -26.28 -2.97 -53.16
C ARG A 419 -25.28 -2.85 -54.29
N ILE A 420 -23.99 -2.79 -53.98
CA ILE A 420 -22.98 -2.68 -55.03
C ILE A 420 -23.04 -3.89 -55.95
N LEU A 421 -23.12 -5.09 -55.38
CA LEU A 421 -23.16 -6.29 -56.20
C LEU A 421 -24.41 -6.34 -57.06
N HIS A 422 -25.57 -6.15 -56.44
CA HIS A 422 -26.83 -6.35 -57.18
C HIS A 422 -27.04 -5.26 -58.23
N GLU A 423 -26.69 -4.01 -57.90
CA GLU A 423 -26.93 -2.92 -58.84
C GLU A 423 -25.97 -2.97 -60.02
N ASP A 424 -24.70 -3.26 -59.77
CA ASP A 424 -23.66 -3.20 -60.78
C ASP A 424 -23.34 -4.59 -61.32
N SER A 425 -23.26 -4.70 -62.64
CA SER A 425 -22.92 -5.98 -63.26
C SER A 425 -21.41 -6.14 -63.36
N ASN A 426 -20.98 -7.40 -63.48
CA ASN A 426 -19.57 -7.74 -63.69
C ASN A 426 -18.68 -7.15 -62.59
N ILE A 427 -19.10 -7.32 -61.35
CA ILE A 427 -18.32 -6.90 -60.19
C ILE A 427 -18.05 -8.12 -59.32
N SER A 428 -16.76 -8.41 -59.12
CA SER A 428 -16.39 -9.47 -58.19
C SER A 428 -16.65 -9.04 -56.75
N VAL A 429 -16.93 -10.01 -55.89
CA VAL A 429 -17.35 -9.70 -54.53
C VAL A 429 -16.26 -8.93 -53.78
N LYS A 430 -15.00 -9.28 -54.01
CA LYS A 430 -13.91 -8.61 -53.32
C LYS A 430 -13.87 -7.14 -53.68
N ASP A 431 -13.97 -6.83 -54.97
CA ASP A 431 -13.94 -5.44 -55.40
C ASP A 431 -15.20 -4.69 -54.93
N ALA A 432 -16.34 -5.37 -54.92
CA ALA A 432 -17.54 -4.73 -54.37
C ALA A 432 -17.35 -4.37 -52.90
N ALA A 433 -16.75 -5.28 -52.13
CA ALA A 433 -16.50 -4.99 -50.73
C ALA A 433 -15.56 -3.81 -50.56
N ILE A 434 -14.47 -3.79 -51.33
CA ILE A 434 -13.54 -2.67 -51.22
C ILE A 434 -14.23 -1.36 -51.64
N LYS A 435 -15.07 -1.41 -52.68
CA LYS A 435 -15.76 -0.21 -53.12
C LYS A 435 -16.68 0.33 -52.04
N ALA A 436 -17.54 -0.54 -51.50
CA ALA A 436 -18.45 -0.12 -50.45
C ALA A 436 -17.68 0.39 -49.24
N MET A 437 -16.55 -0.24 -48.92
CA MET A 437 -15.80 0.19 -47.75
C MET A 437 -15.16 1.55 -47.96
N ASN A 438 -14.60 1.82 -49.14
CA ASN A 438 -14.02 3.14 -49.35
C ASN A 438 -15.12 4.21 -49.38
N GLU A 439 -16.32 3.83 -49.85
CA GLU A 439 -17.42 4.79 -49.81
C GLU A 439 -17.88 5.07 -48.38
N VAL A 440 -17.93 4.04 -47.53
CA VAL A 440 -18.56 4.15 -46.22
C VAL A 440 -17.55 4.27 -45.08
N SER A 441 -16.25 4.36 -45.38
CA SER A 441 -15.25 4.37 -44.32
C SER A 441 -15.43 5.55 -43.38
N SER A 442 -15.39 6.77 -43.92
CA SER A 442 -15.54 7.95 -43.07
C SER A 442 -16.79 7.88 -42.20
N PRO A 443 -17.96 7.50 -42.72
CA PRO A 443 -19.14 7.39 -41.84
C PRO A 443 -18.89 6.57 -40.58
N VAL A 444 -18.37 5.34 -40.71
CA VAL A 444 -18.29 4.45 -39.57
C VAL A 444 -17.30 4.97 -38.52
N ILE A 445 -16.14 5.48 -38.97
CA ILE A 445 -15.19 6.02 -38.01
C ILE A 445 -15.79 7.24 -37.33
N SER A 446 -16.57 8.03 -38.09
CA SER A 446 -17.26 9.15 -37.46
C SER A 446 -18.22 8.65 -36.40
N ILE A 447 -18.92 7.55 -36.67
CA ILE A 447 -19.85 7.01 -35.67
C ILE A 447 -19.10 6.64 -34.41
N VAL A 448 -18.03 5.86 -34.53
CA VAL A 448 -17.33 5.44 -33.32
C VAL A 448 -16.80 6.66 -32.57
N LEU A 449 -16.24 7.63 -33.28
CA LEU A 449 -15.71 8.82 -32.62
C LEU A 449 -16.82 9.58 -31.88
N VAL A 450 -17.96 9.78 -32.52
CA VAL A 450 -19.00 10.61 -31.90
C VAL A 450 -19.64 9.91 -30.71
N LEU A 451 -19.95 8.61 -30.81
CA LEU A 451 -20.49 7.97 -29.61
C LEU A 451 -19.45 7.92 -28.49
N CYS A 452 -18.19 7.61 -28.81
CA CYS A 452 -17.16 7.66 -27.78
C CYS A 452 -17.10 9.05 -27.15
N ALA A 453 -17.35 10.09 -27.94
CA ALA A 453 -17.38 11.44 -27.40
C ALA A 453 -18.55 11.64 -26.44
N VAL A 454 -19.70 11.04 -26.77
CA VAL A 454 -20.85 11.15 -25.86
C VAL A 454 -20.57 10.45 -24.54
N PHE A 455 -19.95 9.26 -24.60
CA PHE A 455 -19.83 8.46 -23.38
C PHE A 455 -18.88 9.09 -22.36
N ILE A 456 -17.70 9.54 -22.81
CA ILE A 456 -16.62 9.83 -21.86
C ILE A 456 -16.99 10.90 -20.84
N PRO A 457 -17.59 12.04 -21.20
CA PRO A 457 -17.69 13.12 -20.20
C PRO A 457 -18.56 12.77 -19.00
N VAL A 458 -19.70 12.12 -19.22
CA VAL A 458 -20.63 11.87 -18.13
C VAL A 458 -20.09 10.84 -17.17
N SER A 459 -19.04 10.12 -17.54
CA SER A 459 -18.57 8.99 -16.75
C SER A 459 -17.70 9.39 -15.57
N PHE A 460 -17.11 10.59 -15.57
CA PHE A 460 -16.16 10.98 -14.54
C PHE A 460 -16.67 12.05 -13.60
N ILE A 461 -17.92 12.52 -13.77
CA ILE A 461 -18.36 13.69 -13.02
C ILE A 461 -18.58 13.38 -11.54
N SER A 462 -19.20 12.24 -11.22
CA SER A 462 -19.62 11.95 -9.87
C SER A 462 -18.96 10.69 -9.36
N GLY A 463 -19.12 10.44 -8.05
CA GLY A 463 -18.49 9.28 -7.44
C GLY A 463 -19.47 8.15 -7.17
N PHE A 464 -20.70 8.50 -6.79
CA PHE A 464 -21.69 7.48 -6.41
C PHE A 464 -22.52 7.05 -7.62
N VAL A 465 -23.25 7.99 -8.22
CA VAL A 465 -23.96 7.70 -9.46
C VAL A 465 -23.00 7.79 -10.64
N GLY A 466 -21.97 8.62 -10.50
CA GLY A 466 -20.97 8.72 -11.54
C GLY A 466 -20.27 7.41 -11.80
N GLU A 467 -20.02 6.64 -10.74
CA GLU A 467 -19.30 5.38 -10.91
C GLU A 467 -20.16 4.36 -11.66
N ILE A 468 -21.45 4.27 -11.32
CA ILE A 468 -22.31 3.31 -11.99
C ILE A 468 -22.47 3.69 -13.46
N GLN A 469 -22.76 4.96 -13.75
CA GLN A 469 -22.86 5.34 -15.15
C GLN A 469 -21.50 5.28 -15.83
N ARG A 470 -20.41 5.35 -15.07
CA ARG A 470 -19.08 5.16 -15.64
C ARG A 470 -18.91 3.73 -16.14
N GLN A 471 -19.25 2.76 -15.29
CA GLN A 471 -19.20 1.37 -15.72
C GLN A 471 -20.00 1.20 -17.00
N PHE A 472 -21.25 1.67 -17.00
CA PHE A 472 -22.10 1.45 -18.16
C PHE A 472 -21.54 2.13 -19.40
N ALA A 473 -21.15 3.41 -19.27
CA ALA A 473 -20.72 4.19 -20.43
C ALA A 473 -19.39 3.66 -20.98
N LEU A 474 -18.44 3.33 -20.11
CA LEU A 474 -17.19 2.75 -20.57
C LEU A 474 -17.45 1.44 -21.31
N THR A 475 -18.26 0.55 -20.73
CA THR A 475 -18.58 -0.69 -21.43
C THR A 475 -19.13 -0.40 -22.82
N LEU A 476 -20.11 0.51 -22.91
CA LEU A 476 -20.69 0.81 -24.22
C LEU A 476 -19.63 1.36 -25.17
N ALA A 477 -18.78 2.26 -24.68
CA ALA A 477 -17.82 2.92 -25.55
C ALA A 477 -16.82 1.92 -26.14
N ILE A 478 -16.25 1.06 -25.30
CA ILE A 478 -15.30 0.09 -25.84
C ILE A 478 -16.00 -0.90 -26.74
N SER A 479 -17.26 -1.25 -26.43
CA SER A 479 -17.99 -2.13 -27.32
C SER A 479 -18.15 -1.49 -28.70
N VAL A 480 -18.42 -0.18 -28.74
CA VAL A 480 -18.49 0.52 -30.02
C VAL A 480 -17.13 0.48 -30.70
N ALA A 481 -16.06 0.65 -29.94
CA ALA A 481 -14.72 0.63 -30.53
C ALA A 481 -14.44 -0.70 -31.22
N ILE A 482 -14.73 -1.80 -30.51
CA ILE A 482 -14.50 -3.13 -31.08
C ILE A 482 -15.43 -3.35 -32.27
N SER A 483 -16.68 -2.91 -32.17
CA SER A 483 -17.61 -3.06 -33.28
C SER A 483 -17.10 -2.32 -34.51
N GLY A 484 -16.56 -1.11 -34.32
CA GLY A 484 -16.00 -0.39 -35.44
C GLY A 484 -14.80 -1.10 -36.04
N PHE A 485 -13.91 -1.62 -35.18
CA PHE A 485 -12.74 -2.31 -35.70
C PHE A 485 -13.18 -3.50 -36.54
N VAL A 486 -14.08 -4.33 -36.00
CA VAL A 486 -14.50 -5.53 -36.73
C VAL A 486 -15.23 -5.14 -38.01
N ALA A 487 -16.13 -4.15 -37.96
CA ALA A 487 -16.83 -3.74 -39.15
C ALA A 487 -15.86 -3.25 -40.22
N LEU A 488 -14.82 -2.53 -39.81
CA LEU A 488 -13.83 -2.05 -40.77
C LEU A 488 -13.08 -3.20 -41.43
N THR A 489 -12.57 -4.13 -40.62
CA THR A 489 -11.61 -5.11 -41.09
C THR A 489 -12.20 -6.50 -41.33
N LEU A 490 -12.82 -7.09 -40.30
CA LEU A 490 -13.24 -8.48 -40.37
C LEU A 490 -14.47 -8.66 -41.25
N THR A 491 -15.51 -7.88 -40.99
CA THR A 491 -16.77 -8.09 -41.70
C THR A 491 -16.63 -8.10 -43.22
N PRO A 492 -15.89 -7.17 -43.86
CA PRO A 492 -15.78 -7.29 -45.32
C PRO A 492 -15.10 -8.56 -45.77
N SER A 493 -14.07 -9.03 -45.04
CA SER A 493 -13.36 -10.23 -45.46
C SER A 493 -14.26 -11.46 -45.39
N LEU A 494 -14.92 -11.65 -44.25
CA LEU A 494 -15.81 -12.79 -44.11
C LEU A 494 -17.05 -12.66 -45.00
N SER A 495 -17.44 -11.44 -45.35
CA SER A 495 -18.51 -11.28 -46.34
C SER A 495 -18.06 -11.75 -47.71
N ALA A 496 -16.88 -11.30 -48.15
CA ALA A 496 -16.34 -11.74 -49.42
C ALA A 496 -16.19 -13.26 -49.45
N LEU A 497 -15.83 -13.84 -48.31
CA LEU A 497 -15.70 -15.30 -48.25
C LEU A 497 -17.07 -15.98 -48.27
N PHE A 498 -18.05 -15.41 -47.59
CA PHE A 498 -19.34 -16.04 -47.34
C PHE A 498 -20.50 -15.22 -47.90
N LEU A 499 -20.39 -14.75 -49.14
CA LEU A 499 -21.50 -14.12 -49.82
C LEU A 499 -21.57 -14.67 -51.24
N THR A 500 -22.78 -14.82 -51.74
CA THR A 500 -23.02 -15.29 -53.10
C THR A 500 -23.54 -14.14 -53.93
N ARG A 501 -22.85 -13.83 -55.02
CA ARG A 501 -23.25 -12.71 -55.86
C ARG A 501 -24.61 -12.97 -56.50
N ASN A 502 -25.43 -11.94 -56.56
CA ASN A 502 -26.73 -11.98 -57.23
C ASN A 502 -27.60 -13.08 -56.63
N GLU A 503 -27.94 -12.89 -55.35
CA GLU A 503 -28.83 -13.82 -54.67
C GLU A 503 -30.17 -13.88 -55.38
N SER A 504 -30.70 -15.09 -55.52
CA SER A 504 -31.93 -15.31 -56.27
C SER A 504 -32.74 -16.42 -55.59
N LYS A 505 -33.89 -16.74 -56.20
CA LYS A 505 -34.83 -17.72 -55.67
C LYS A 505 -35.19 -17.43 -54.22
N PRO A 506 -35.77 -16.27 -53.92
CA PRO A 506 -36.18 -16.00 -52.53
C PRO A 506 -37.46 -16.73 -52.16
N PHE A 507 -37.63 -16.96 -50.86
CA PHE A 507 -38.84 -17.58 -50.36
C PHE A 507 -39.99 -16.57 -50.40
N TYR A 508 -41.22 -17.10 -50.43
CA TYR A 508 -42.39 -16.24 -50.59
C TYR A 508 -42.56 -15.28 -49.43
N PHE A 509 -42.38 -15.78 -48.19
CA PHE A 509 -42.63 -14.94 -47.02
C PHE A 509 -41.66 -13.76 -46.97
N ILE A 510 -40.38 -14.01 -47.23
CA ILE A 510 -39.42 -12.91 -47.23
C ILE A 510 -39.71 -11.95 -48.37
N GLN A 511 -40.18 -12.48 -49.51
CA GLN A 511 -40.63 -11.61 -50.59
C GLN A 511 -41.79 -10.73 -50.13
N LYS A 512 -42.74 -11.32 -49.40
CA LYS A 512 -43.85 -10.55 -48.86
C LYS A 512 -43.34 -9.43 -47.96
N PHE A 513 -42.40 -9.75 -47.07
CA PHE A 513 -41.82 -8.71 -46.22
C PHE A 513 -41.07 -7.69 -47.06
N ASN A 514 -40.35 -8.14 -48.09
CA ASN A 514 -39.65 -7.22 -48.97
C ASN A 514 -40.63 -6.33 -49.73
N ASP A 515 -41.78 -6.87 -50.14
CA ASP A 515 -42.80 -6.03 -50.76
C ASP A 515 -43.41 -5.07 -49.74
N PHE A 516 -43.67 -5.56 -48.53
CA PHE A 516 -44.08 -4.65 -47.45
C PHE A 516 -43.02 -3.59 -47.23
N PHE A 517 -41.74 -3.98 -47.28
CA PHE A 517 -40.67 -3.00 -47.08
C PHE A 517 -40.66 -1.97 -48.19
N ASP A 518 -40.90 -2.39 -49.43
CA ASP A 518 -40.94 -1.44 -50.54
C ASP A 518 -42.11 -0.48 -50.42
N TRP A 519 -43.28 -0.99 -50.03
CA TRP A 519 -44.43 -0.11 -49.80
C TRP A 519 -44.11 0.87 -48.67
N SER A 520 -43.43 0.40 -47.63
CA SER A 520 -43.02 1.27 -46.54
C SER A 520 -42.05 2.34 -47.05
N THR A 521 -41.13 1.96 -47.93
CA THR A 521 -40.19 2.93 -48.49
C THR A 521 -40.93 3.99 -49.29
N SER A 522 -41.90 3.59 -50.11
CA SER A 522 -42.66 4.56 -50.88
C SER A 522 -43.44 5.50 -49.97
N VAL A 523 -44.08 4.96 -48.94
CA VAL A 523 -44.82 5.79 -48.00
C VAL A 523 -43.88 6.73 -47.26
N PHE A 524 -42.69 6.23 -46.90
CA PHE A 524 -41.71 7.05 -46.22
C PHE A 524 -41.21 8.17 -47.13
N SER A 525 -41.05 7.86 -48.42
CA SER A 525 -40.64 8.89 -49.37
C SER A 525 -41.70 9.98 -49.48
N SER A 526 -42.98 9.58 -49.57
CA SER A 526 -44.05 10.58 -49.60
C SER A 526 -44.08 11.39 -48.30
N GLY A 527 -43.88 10.72 -47.16
CA GLY A 527 -43.86 11.42 -45.90
C GLY A 527 -42.73 12.43 -45.82
N VAL A 528 -41.53 12.01 -46.19
CA VAL A 528 -40.39 12.92 -46.20
C VAL A 528 -40.64 14.04 -47.20
N ALA A 529 -41.37 13.74 -48.27
CA ALA A 529 -41.71 14.79 -49.23
C ALA A 529 -42.57 15.88 -48.58
N TYR A 530 -43.60 15.48 -47.84
CA TYR A 530 -44.43 16.52 -47.22
C TYR A 530 -43.74 17.15 -46.03
N ILE A 531 -42.77 16.45 -45.44
CA ILE A 531 -41.95 17.04 -44.37
C ILE A 531 -41.02 18.10 -44.95
N LEU A 532 -40.47 17.85 -46.14
CA LEU A 532 -39.58 18.83 -46.77
C LEU A 532 -40.36 20.01 -47.33
N LYS A 533 -41.51 19.75 -47.96
CA LYS A 533 -42.29 20.82 -48.57
C LYS A 533 -42.69 21.86 -47.53
N ARG A 534 -43.23 21.41 -46.40
CA ARG A 534 -43.61 22.28 -45.30
C ARG A 534 -42.59 22.11 -44.19
N THR A 535 -42.01 23.23 -43.75
CA THR A 535 -40.98 23.21 -42.70
C THR A 535 -41.42 23.89 -41.42
N ILE A 536 -42.18 24.99 -41.53
CA ILE A 536 -42.55 25.77 -40.36
C ILE A 536 -43.39 24.93 -39.40
N ARG A 537 -44.37 24.21 -39.94
CA ARG A 537 -45.29 23.46 -39.10
C ARG A 537 -44.56 22.39 -38.29
N PHE A 538 -43.68 21.64 -38.94
CA PHE A 538 -43.02 20.54 -38.24
C PHE A 538 -41.89 21.04 -37.35
N VAL A 539 -41.28 22.19 -37.69
CA VAL A 539 -40.35 22.81 -36.75
C VAL A 539 -41.08 23.23 -35.48
N LEU A 540 -42.27 23.81 -35.64
CA LEU A 540 -43.08 24.16 -34.48
C LEU A 540 -43.47 22.91 -33.69
N VAL A 541 -43.79 21.82 -34.40
CA VAL A 541 -44.08 20.56 -33.74
C VAL A 541 -42.88 20.10 -32.92
N PHE A 542 -41.68 20.27 -33.47
CA PHE A 542 -40.47 19.86 -32.77
C PHE A 542 -40.25 20.70 -31.50
N CYS A 543 -40.53 22.00 -31.59
CA CYS A 543 -40.45 22.84 -30.39
C CYS A 543 -41.49 22.45 -29.33
N ILE A 544 -42.72 22.20 -29.77
CA ILE A 544 -43.76 21.68 -28.88
C ILE A 544 -43.28 20.38 -28.25
N MET A 545 -42.56 19.58 -29.03
CA MET A 545 -41.97 18.34 -28.54
C MET A 545 -40.94 18.59 -27.45
N ILE A 546 -40.13 19.63 -27.59
CA ILE A 546 -39.18 19.96 -26.51
C ILE A 546 -39.94 20.33 -25.24
N GLY A 547 -40.97 21.15 -25.38
CA GLY A 547 -41.80 21.47 -24.22
C GLY A 547 -42.40 20.21 -23.61
N PHE A 548 -42.82 19.27 -24.45
CA PHE A 548 -43.35 18.00 -23.95
C PHE A 548 -42.30 17.21 -23.20
N ILE A 549 -41.06 17.21 -23.70
CA ILE A 549 -39.98 16.57 -22.95
C ILE A 549 -39.91 17.16 -21.55
N ALA A 550 -39.92 18.49 -21.47
CA ALA A 550 -39.89 19.13 -20.16
C ALA A 550 -41.03 18.65 -19.28
N TYR A 551 -42.25 18.66 -19.81
CA TYR A 551 -43.42 18.32 -19.00
C TYR A 551 -43.36 16.87 -18.51
N LEU A 552 -43.09 15.93 -19.43
CA LEU A 552 -43.06 14.52 -19.04
C LEU A 552 -41.92 14.24 -18.07
N PHE A 553 -40.78 14.91 -18.22
CA PHE A 553 -39.72 14.76 -17.22
C PHE A 553 -40.19 15.27 -15.86
N LYS A 554 -40.95 16.37 -15.84
CA LYS A 554 -41.42 16.89 -14.57
C LYS A 554 -42.40 15.93 -13.89
N ILE A 555 -43.35 15.36 -14.64
CA ILE A 555 -44.41 14.60 -14.00
C ILE A 555 -43.89 13.30 -13.40
N VAL A 556 -43.00 12.61 -14.10
CA VAL A 556 -42.59 11.27 -13.66
C VAL A 556 -41.83 11.38 -12.34
N PRO A 557 -41.99 10.43 -11.41
CA PRO A 557 -41.18 10.46 -10.19
C PRO A 557 -39.72 10.16 -10.50
N SER A 558 -38.84 10.72 -9.67
CA SER A 558 -37.42 10.47 -9.75
C SER A 558 -37.03 9.41 -8.73
N SER A 559 -36.23 8.44 -9.15
CA SER A 559 -35.81 7.34 -8.29
C SER A 559 -34.34 7.02 -8.55
N LEU A 560 -33.76 6.28 -7.61
CA LEU A 560 -32.37 5.84 -7.71
C LEU A 560 -32.28 4.35 -8.02
N VAL A 561 -33.13 3.54 -7.41
CA VAL A 561 -33.13 2.09 -7.61
C VAL A 561 -34.57 1.60 -7.48
N PRO A 562 -35.16 1.01 -8.51
CA PRO A 562 -36.45 0.36 -8.33
C PRO A 562 -36.36 -0.85 -7.42
N SER A 563 -37.47 -1.13 -6.73
CA SER A 563 -37.50 -2.25 -5.80
C SER A 563 -37.75 -3.56 -6.55
N GLU A 564 -37.09 -4.61 -6.09
CA GLU A 564 -37.19 -5.94 -6.69
C GLU A 564 -37.65 -6.94 -5.64
N ASP A 565 -37.87 -8.17 -6.10
CA ASP A 565 -38.18 -9.29 -5.21
C ASP A 565 -36.91 -10.11 -5.04
N GLN A 566 -36.26 -9.97 -3.88
CA GLN A 566 -35.05 -10.72 -3.58
C GLN A 566 -35.34 -12.11 -3.04
N GLY A 567 -36.62 -12.44 -2.83
CA GLY A 567 -36.98 -13.78 -2.39
C GLY A 567 -36.82 -13.99 -0.90
N VAL A 568 -36.41 -12.95 -0.17
CA VAL A 568 -36.19 -13.03 1.26
C VAL A 568 -36.91 -11.86 1.92
N ILE A 569 -37.72 -12.16 2.92
CA ILE A 569 -38.37 -11.14 3.76
C ILE A 569 -38.03 -11.45 5.21
N MET A 570 -37.46 -10.46 5.89
CA MET A 570 -37.02 -10.62 7.28
C MET A 570 -38.00 -9.87 8.17
N SER A 571 -38.47 -10.54 9.22
CA SER A 571 -39.39 -9.96 10.18
C SER A 571 -38.66 -9.73 11.50
N ILE A 572 -38.41 -8.47 11.82
CA ILE A 572 -37.74 -8.10 13.07
C ILE A 572 -38.83 -7.93 14.12
N ILE A 573 -38.84 -8.83 15.10
CA ILE A 573 -39.86 -8.85 16.15
C ILE A 573 -39.25 -8.23 17.40
N ASN A 574 -39.61 -6.98 17.68
CA ASN A 574 -39.18 -6.30 18.89
C ASN A 574 -40.31 -6.35 19.91
N LEU A 575 -40.08 -7.04 21.01
CA LEU A 575 -41.06 -7.15 22.08
C LEU A 575 -41.01 -5.90 22.95
N PRO A 576 -41.94 -5.78 23.90
CA PRO A 576 -41.87 -4.65 24.84
C PRO A 576 -40.51 -4.58 25.51
N SER A 577 -39.98 -3.37 25.65
CA SER A 577 -38.62 -3.20 26.14
C SER A 577 -38.46 -3.82 27.52
N GLY A 578 -37.34 -4.51 27.72
CA GLY A 578 -37.01 -5.12 28.99
C GLY A 578 -37.57 -6.49 29.22
N SER A 579 -38.24 -7.09 28.24
CA SER A 579 -38.83 -8.40 28.43
C SER A 579 -37.77 -9.49 28.39
N SER A 580 -37.99 -10.55 29.16
CA SER A 580 -37.02 -11.62 29.30
C SER A 580 -37.00 -12.51 28.06
N ILE A 581 -35.96 -13.34 27.97
CA ILE A 581 -35.71 -14.08 26.73
C ILE A 581 -36.81 -15.09 26.47
N HIS A 582 -37.34 -15.72 27.53
CA HIS A 582 -38.30 -16.80 27.32
C HIS A 582 -39.57 -16.31 26.64
N ARG A 583 -40.01 -15.10 26.98
CA ARG A 583 -41.14 -14.51 26.27
C ARG A 583 -40.84 -14.34 24.79
N THR A 584 -39.62 -13.88 24.48
CA THR A 584 -39.22 -13.78 23.09
C THR A 584 -39.22 -15.14 22.40
N ILE A 585 -38.74 -16.18 23.09
CA ILE A 585 -38.74 -17.52 22.51
C ILE A 585 -40.16 -17.95 22.17
N GLU A 586 -41.09 -17.78 23.11
CA GLU A 586 -42.46 -18.20 22.85
C GLU A 586 -43.08 -17.43 21.70
N GLU A 587 -42.88 -16.11 21.68
CA GLU A 587 -43.47 -15.29 20.63
C GLU A 587 -42.91 -15.67 19.27
N VAL A 588 -41.59 -15.84 19.19
CA VAL A 588 -40.97 -16.18 17.91
C VAL A 588 -41.39 -17.58 17.47
N ASP A 589 -41.56 -18.52 18.41
CA ASP A 589 -42.05 -19.83 18.02
C ASP A 589 -43.47 -19.76 17.48
N THR A 590 -44.33 -18.92 18.06
CA THR A 590 -45.67 -18.76 17.51
C THR A 590 -45.60 -18.20 16.09
N ILE A 591 -44.75 -17.18 15.87
CA ILE A 591 -44.60 -16.62 14.53
C ILE A 591 -44.13 -17.68 13.56
N ASN A 592 -43.13 -18.47 13.96
CA ASN A 592 -42.61 -19.51 13.08
C ASN A 592 -43.67 -20.58 12.80
N LYS A 593 -44.47 -20.93 13.80
CA LYS A 593 -45.55 -21.89 13.60
C LYS A 593 -46.50 -21.40 12.52
N ASN A 594 -46.97 -20.16 12.65
CA ASN A 594 -47.92 -19.66 11.66
C ASN A 594 -47.27 -19.51 10.28
N ALA A 595 -45.99 -19.12 10.25
CA ALA A 595 -45.34 -18.84 8.97
C ALA A 595 -45.17 -20.11 8.14
N THR A 596 -44.76 -21.21 8.79
CA THR A 596 -44.42 -22.41 8.02
C THR A 596 -45.64 -22.98 7.31
N GLN A 597 -46.84 -22.74 7.85
CA GLN A 597 -48.04 -23.26 7.21
C GLN A 597 -48.24 -22.64 5.83
N MET A 598 -47.97 -21.35 5.69
CA MET A 598 -48.15 -20.69 4.40
C MET A 598 -47.26 -21.32 3.34
N LYS A 599 -47.82 -21.53 2.16
CA LYS A 599 -47.12 -22.28 1.12
C LYS A 599 -45.99 -21.45 0.52
N GLU A 600 -46.21 -20.15 0.36
CA GLU A 600 -45.22 -19.32 -0.34
C GLU A 600 -43.89 -19.32 0.41
N ILE A 601 -43.94 -19.29 1.75
CA ILE A 601 -42.72 -19.36 2.54
C ILE A 601 -42.19 -20.78 2.51
N SER A 602 -40.89 -20.92 2.24
CA SER A 602 -40.24 -22.23 2.18
C SER A 602 -39.54 -22.59 3.47
N SER A 603 -38.58 -21.77 3.90
CA SER A 603 -37.81 -22.01 5.10
C SER A 603 -37.83 -20.76 5.98
N SER A 604 -37.63 -20.97 7.28
CA SER A 604 -37.64 -19.90 8.25
C SER A 604 -36.52 -20.11 9.26
N VAL A 605 -35.60 -19.16 9.32
CA VAL A 605 -34.48 -19.19 10.27
C VAL A 605 -34.60 -17.96 11.15
N SER A 606 -34.49 -18.17 12.46
CA SER A 606 -34.67 -17.11 13.44
C SER A 606 -33.42 -16.96 14.29
N LEU A 607 -33.01 -15.72 14.52
CA LEU A 607 -31.93 -15.39 15.42
C LEU A 607 -32.53 -14.68 16.63
N ILE A 608 -32.91 -15.45 17.63
CA ILE A 608 -33.61 -14.92 18.79
C ILE A 608 -32.61 -14.27 19.72
N GLY A 609 -33.01 -13.15 20.32
CA GLY A 609 -32.13 -12.39 21.19
C GLY A 609 -31.08 -11.57 20.48
N PHE A 610 -31.12 -11.49 19.16
CA PHE A 610 -30.12 -10.78 18.37
C PHE A 610 -30.81 -9.69 17.57
N ASP A 611 -30.41 -8.45 17.79
CA ASP A 611 -31.01 -7.32 17.08
C ASP A 611 -30.28 -7.12 15.75
N LEU A 612 -30.98 -7.39 14.65
CA LEU A 612 -30.35 -7.27 13.34
C LEU A 612 -29.92 -5.84 13.05
N PHE A 613 -30.73 -4.86 13.45
CA PHE A 613 -30.45 -3.48 13.08
C PHE A 613 -29.10 -3.01 13.64
N THR A 614 -28.80 -3.36 14.89
CA THR A 614 -27.60 -2.89 15.55
C THR A 614 -26.53 -3.96 15.65
N SER A 615 -26.82 -5.20 15.24
CA SER A 615 -25.85 -6.29 15.30
C SER A 615 -25.36 -6.53 16.74
N SER A 616 -26.29 -6.47 17.68
CA SER A 616 -26.00 -6.68 19.10
C SER A 616 -27.04 -7.62 19.69
N LEU A 617 -26.83 -8.00 20.94
CA LEU A 617 -27.73 -8.92 21.64
C LEU A 617 -28.71 -8.12 22.49
N LYS A 618 -30.00 -8.27 22.18
CA LYS A 618 -31.08 -7.75 23.01
C LYS A 618 -32.09 -8.86 23.21
N GLU A 619 -32.44 -9.14 24.47
CA GLU A 619 -33.31 -10.27 24.77
C GLU A 619 -34.67 -10.09 24.13
N ASN A 620 -35.25 -8.89 24.19
CA ASN A 620 -36.55 -8.67 23.58
C ASN A 620 -36.48 -8.77 22.06
N ALA A 621 -35.43 -8.22 21.46
CA ALA A 621 -35.32 -8.22 20.01
C ALA A 621 -35.11 -9.63 19.48
N ALA A 622 -35.68 -9.90 18.31
CA ALA A 622 -35.51 -11.18 17.64
C ALA A 622 -35.77 -10.98 16.15
N ALA A 623 -34.85 -11.48 15.33
CA ALA A 623 -34.94 -11.33 13.88
C ALA A 623 -35.25 -12.69 13.26
N VAL A 624 -36.23 -12.71 12.36
CA VAL A 624 -36.68 -13.92 11.69
C VAL A 624 -36.59 -13.69 10.19
N PHE A 625 -35.85 -14.55 9.50
CA PHE A 625 -35.78 -14.53 8.04
C PHE A 625 -36.75 -15.57 7.49
N PHE A 626 -37.53 -15.18 6.50
CA PHE A 626 -38.41 -16.09 5.77
C PHE A 626 -37.87 -16.23 4.35
N ILE A 627 -37.52 -17.46 3.98
CA ILE A 627 -36.98 -17.75 2.66
C ILE A 627 -38.16 -18.08 1.76
N LEU A 628 -38.48 -17.19 0.84
CA LEU A 628 -39.57 -17.44 -0.09
C LEU A 628 -39.11 -18.39 -1.19
N LYS A 629 -40.08 -19.14 -1.73
CA LYS A 629 -39.77 -20.10 -2.77
C LYS A 629 -39.27 -19.38 -4.03
N ASP A 630 -38.89 -20.17 -5.02
CA ASP A 630 -38.38 -19.60 -6.27
C ASP A 630 -39.46 -18.73 -6.93
N TRP A 631 -39.00 -17.68 -7.61
CA TRP A 631 -39.93 -16.75 -8.23
C TRP A 631 -40.87 -17.46 -9.19
N SER A 632 -40.35 -18.37 -10.01
CA SER A 632 -41.19 -19.12 -10.92
C SER A 632 -42.19 -20.00 -10.17
N GLN A 633 -41.74 -20.63 -9.08
CA GLN A 633 -42.59 -21.57 -8.36
C GLN A 633 -43.84 -20.87 -7.82
N ARG A 634 -43.65 -19.76 -7.12
CA ARG A 634 -44.73 -19.07 -6.43
C ARG A 634 -45.20 -17.90 -7.26
N GLU A 635 -46.51 -17.83 -7.52
CA GLU A 635 -47.06 -16.72 -8.27
C GLU A 635 -47.05 -15.43 -7.46
N ALA A 636 -47.37 -15.52 -6.18
CA ALA A 636 -47.45 -14.33 -5.33
C ALA A 636 -46.07 -13.70 -5.19
N SER A 637 -46.02 -12.38 -5.25
CA SER A 637 -44.77 -11.64 -5.11
C SER A 637 -44.45 -11.43 -3.64
N SER A 638 -43.28 -10.84 -3.40
CA SER A 638 -42.85 -10.56 -2.02
C SER A 638 -43.80 -9.58 -1.35
N ASP A 639 -44.26 -8.57 -2.09
CA ASP A 639 -45.18 -7.60 -1.50
C ASP A 639 -46.49 -8.26 -1.08
N GLN A 640 -47.03 -9.15 -1.91
CA GLN A 640 -48.27 -9.82 -1.58
C GLN A 640 -48.12 -10.68 -0.32
N ILE A 641 -47.01 -11.41 -0.23
CA ILE A 641 -46.79 -12.26 0.94
C ILE A 641 -46.56 -11.41 2.18
N ILE A 642 -45.87 -10.28 2.04
CA ILE A 642 -45.69 -9.37 3.16
C ILE A 642 -47.04 -8.87 3.64
N ALA A 643 -47.93 -8.50 2.70
CA ALA A 643 -49.26 -8.06 3.05
C ALA A 643 -50.05 -9.16 3.74
N GLN A 644 -49.94 -10.40 3.27
CA GLN A 644 -50.61 -11.51 3.93
C GLN A 644 -50.11 -11.68 5.36
N LEU A 645 -48.80 -11.61 5.55
CA LEU A 645 -48.23 -11.74 6.90
C LEU A 645 -48.71 -10.61 7.80
N PHE A 646 -48.74 -9.38 7.27
CA PHE A 646 -49.17 -8.25 8.07
C PHE A 646 -50.64 -8.37 8.44
N GLY A 647 -51.48 -8.83 7.51
CA GLY A 647 -52.86 -9.11 7.86
C GLY A 647 -52.97 -10.21 8.91
N GLN A 648 -52.07 -11.19 8.84
CA GLN A 648 -52.06 -12.26 9.83
C GLN A 648 -51.75 -11.75 11.22
N TYR A 649 -50.79 -10.82 11.33
CA TYR A 649 -50.29 -10.38 12.63
C TYR A 649 -50.40 -8.88 12.87
N ALA A 650 -51.45 -8.25 12.36
CA ALA A 650 -51.72 -6.85 12.63
C ALA A 650 -52.25 -6.58 14.04
N ALA A 651 -52.37 -7.61 14.88
CA ALA A 651 -52.86 -7.38 16.24
C ALA A 651 -51.99 -6.38 16.99
N ASP A 652 -50.67 -6.44 16.79
CA ASP A 652 -49.75 -5.50 17.40
C ASP A 652 -49.89 -5.49 18.93
N ARG A 653 -50.06 -6.67 19.51
CA ARG A 653 -50.16 -6.84 20.95
C ARG A 653 -49.15 -7.88 21.39
N ASN A 654 -48.29 -7.51 22.35
CA ASN A 654 -47.24 -8.34 22.92
C ASN A 654 -46.08 -8.51 21.95
N ALA A 655 -46.13 -7.91 20.76
CA ALA A 655 -45.04 -8.04 19.80
C ALA A 655 -45.18 -7.03 18.68
N LEU A 656 -44.10 -6.29 18.40
CA LEU A 656 -44.06 -5.32 17.32
C LEU A 656 -43.24 -5.90 16.18
N SER A 657 -43.90 -6.30 15.11
CA SER A 657 -43.28 -6.99 13.99
C SER A 657 -43.20 -6.05 12.80
N TYR A 658 -41.99 -5.83 12.30
CA TYR A 658 -41.76 -5.10 11.06
C TYR A 658 -41.36 -6.12 9.99
N PHE A 659 -42.20 -6.28 8.97
CA PHE A 659 -41.88 -7.17 7.85
C PHE A 659 -41.25 -6.34 6.74
N LEU A 660 -39.93 -6.46 6.60
CA LEU A 660 -39.17 -5.72 5.60
C LEU A 660 -38.66 -6.68 4.53
N ASN A 661 -38.53 -6.17 3.31
CA ASN A 661 -37.89 -6.93 2.25
C ASN A 661 -36.40 -6.60 2.20
N LEU A 662 -35.63 -7.51 1.60
CA LEU A 662 -34.20 -7.29 1.48
C LEU A 662 -33.96 -5.99 0.73
N PRO A 663 -33.01 -5.16 1.17
CA PRO A 663 -32.72 -3.92 0.44
C PRO A 663 -32.20 -4.21 -0.95
N PRO A 664 -32.75 -3.56 -1.99
CA PRO A 664 -32.19 -3.77 -3.34
C PRO A 664 -30.70 -3.49 -3.43
N ILE A 665 -30.23 -2.44 -2.78
CA ILE A 665 -28.81 -2.08 -2.91
C ILE A 665 -27.97 -3.13 -2.20
N PRO A 666 -26.81 -3.54 -2.72
CA PRO A 666 -26.02 -4.57 -2.03
C PRO A 666 -25.10 -4.01 -0.96
N GLY A 667 -25.31 -4.41 0.28
CA GLY A 667 -24.40 -4.06 1.35
C GLY A 667 -24.28 -2.58 1.62
N LEU A 668 -25.36 -1.83 1.47
CA LEU A 668 -25.36 -0.42 1.84
C LEU A 668 -26.03 -0.22 3.19
N SER A 669 -27.28 -0.66 3.32
CA SER A 669 -28.00 -0.51 4.57
C SER A 669 -29.19 -1.48 4.57
N LEU A 670 -29.48 -2.01 5.76
CA LEU A 670 -30.63 -2.90 5.90
C LEU A 670 -31.93 -2.15 5.63
N THR A 671 -32.05 -0.92 6.14
CA THR A 671 -33.27 -0.15 5.95
C THR A 671 -33.34 0.40 4.54
N GLY A 672 -34.57 0.63 4.07
CA GLY A 672 -34.83 1.17 2.75
C GLY A 672 -34.90 2.67 2.69
N GLY A 673 -34.63 3.38 3.79
CA GLY A 673 -34.69 4.82 3.80
C GLY A 673 -33.39 5.40 4.33
N PHE A 674 -33.28 6.72 4.22
CA PHE A 674 -32.09 7.42 4.68
C PHE A 674 -32.06 7.48 6.20
N GLU A 675 -30.90 7.84 6.73
CA GLU A 675 -30.67 7.94 8.17
C GLU A 675 -30.21 9.33 8.53
N MET A 676 -30.83 9.91 9.56
CA MET A 676 -30.45 11.21 10.08
C MET A 676 -30.11 11.08 11.56
N TYR A 677 -29.13 11.85 12.01
CA TYR A 677 -28.66 11.81 13.38
C TYR A 677 -28.80 13.20 13.97
N ALA A 678 -29.50 13.30 15.10
CA ALA A 678 -29.63 14.54 15.86
C ALA A 678 -28.74 14.43 17.08
N GLN A 679 -27.54 15.00 16.99
CA GLN A 679 -26.55 14.91 18.05
C GLN A 679 -26.61 16.15 18.92
N ASN A 680 -26.80 15.94 20.23
CA ASN A 680 -26.93 17.05 21.17
C ASN A 680 -25.54 17.59 21.47
N LYS A 681 -25.16 18.66 20.77
CA LYS A 681 -23.88 19.30 21.03
C LYS A 681 -23.78 19.76 22.47
N SER A 682 -24.84 20.40 22.98
CA SER A 682 -24.83 20.87 24.36
C SER A 682 -24.73 19.70 25.34
N GLY A 683 -25.49 18.63 25.09
CA GLY A 683 -25.50 17.50 26.00
C GLY A 683 -26.56 17.62 27.07
N LYS A 684 -27.31 16.55 27.30
CA LYS A 684 -28.41 16.57 28.25
C LYS A 684 -28.73 15.15 28.67
N ASP A 685 -29.62 15.02 29.64
CA ASP A 685 -30.10 13.70 30.05
C ASP A 685 -30.80 13.03 28.87
N TYR A 686 -30.65 11.71 28.78
CA TYR A 686 -31.21 11.00 27.63
C TYR A 686 -32.72 11.07 27.62
N ASP A 687 -33.35 11.31 28.77
CA ASP A 687 -34.80 11.47 28.80
C ASP A 687 -35.23 12.77 28.13
N ALA A 688 -34.52 13.87 28.41
CA ALA A 688 -34.84 15.12 27.73
C ALA A 688 -34.60 15.02 26.24
N ILE A 689 -33.52 14.34 25.85
CA ILE A 689 -33.28 14.10 24.44
C ILE A 689 -34.44 13.30 23.85
N GLN A 690 -34.95 12.32 24.60
CA GLN A 690 -36.08 11.54 24.09
C GLN A 690 -37.30 12.42 23.88
N GLN A 691 -37.57 13.33 24.82
CA GLN A 691 -38.74 14.21 24.67
C GLN A 691 -38.58 15.13 23.48
N ASP A 692 -37.41 15.74 23.30
CA ASP A 692 -37.21 16.63 22.17
C ASP A 692 -37.29 15.88 20.85
N VAL A 693 -36.68 14.69 20.79
CA VAL A 693 -36.79 13.87 19.59
C VAL A 693 -38.23 13.45 19.37
N ASN A 694 -39.01 13.30 20.43
CA ASN A 694 -40.43 12.99 20.26
C ASN A 694 -41.19 14.16 19.67
N LYS A 695 -40.84 15.38 20.08
CA LYS A 695 -41.45 16.55 19.45
C LYS A 695 -41.15 16.59 17.96
N MET A 696 -39.88 16.41 17.59
CA MET A 696 -39.53 16.27 16.18
C MET A 696 -40.31 15.14 15.53
N LEU A 697 -40.43 14.01 16.23
CA LEU A 697 -41.03 12.83 15.65
C LEU A 697 -42.50 13.06 15.36
N GLU A 698 -43.17 13.84 16.20
CA GLU A 698 -44.55 14.22 15.93
C GLU A 698 -44.63 15.18 14.73
N LEU A 699 -43.77 16.20 14.70
CA LEU A 699 -43.78 17.10 13.55
C LEU A 699 -43.60 16.34 12.25
N ALA A 700 -42.75 15.29 12.28
CA ALA A 700 -42.60 14.44 11.11
C ALA A 700 -43.79 13.50 10.94
N ARG A 701 -44.40 13.08 12.04
CA ARG A 701 -45.58 12.22 11.96
C ARG A 701 -46.70 12.92 11.22
N THR A 702 -46.67 14.25 11.19
CA THR A 702 -47.56 14.95 10.28
C THR A 702 -47.37 14.51 8.83
N ARG A 703 -46.19 13.99 8.48
CA ARG A 703 -45.96 13.35 7.18
C ARG A 703 -46.05 14.35 6.04
N LYS A 704 -45.32 15.45 6.17
CA LYS A 704 -45.27 16.47 5.13
C LYS A 704 -44.65 15.91 3.86
N GLU A 705 -43.46 15.31 3.99
CA GLU A 705 -42.75 14.72 2.87
C GLU A 705 -42.06 13.42 3.23
N LEU A 706 -42.40 12.80 4.37
CA LEU A 706 -41.76 11.58 4.83
C LEU A 706 -42.85 10.59 5.23
N ALA A 707 -42.95 9.47 4.50
CA ALA A 707 -44.02 8.52 4.75
C ALA A 707 -43.84 7.81 6.09
N ASN A 708 -42.64 7.29 6.34
CA ASN A 708 -42.34 6.52 7.55
C ASN A 708 -41.24 7.24 8.32
N VAL A 709 -41.46 7.41 9.62
CA VAL A 709 -40.50 8.09 10.50
C VAL A 709 -40.43 7.29 11.79
N ARG A 710 -39.27 6.69 12.04
CA ARG A 710 -39.03 5.91 13.26
C ARG A 710 -37.75 6.42 13.93
N THR A 711 -37.75 6.42 15.26
CA THR A 711 -36.59 6.79 16.05
C THR A 711 -36.17 5.57 16.85
N THR A 712 -34.88 5.22 16.79
CA THR A 712 -34.41 4.01 17.46
C THR A 712 -34.29 4.24 18.97
N LEU A 713 -34.07 5.48 19.38
CA LEU A 713 -33.83 5.76 20.80
C LEU A 713 -35.05 5.35 21.62
N ASP A 714 -34.81 4.56 22.66
CA ASP A 714 -35.85 4.11 23.57
C ASP A 714 -35.30 4.14 24.99
N THR A 715 -35.86 5.02 25.82
CA THR A 715 -35.46 5.15 27.21
C THR A 715 -36.41 4.42 28.15
N SER A 716 -37.19 3.46 27.64
CA SER A 716 -38.18 2.79 28.45
C SER A 716 -37.66 1.49 29.07
N PHE A 717 -36.45 1.06 28.72
CA PHE A 717 -35.92 -0.16 29.29
C PHE A 717 -35.77 0.00 30.80
N PRO A 718 -36.31 -0.92 31.60
CA PRO A 718 -36.21 -0.76 33.06
C PRO A 718 -34.79 -1.07 33.55
N GLN A 719 -34.24 -0.17 34.34
CA GLN A 719 -32.92 -0.34 34.92
C GLN A 719 -32.97 -0.02 36.40
N TYR A 720 -32.40 -0.90 37.21
CA TYR A 720 -32.21 -0.63 38.62
C TYR A 720 -31.03 0.32 38.80
N LYS A 721 -31.15 1.21 39.79
CA LYS A 721 -30.15 2.22 40.08
C LYS A 721 -29.56 1.93 41.45
N LEU A 722 -28.29 1.54 41.47
CA LEU A 722 -27.63 1.19 42.73
C LEU A 722 -27.22 2.45 43.47
N ILE A 723 -27.80 2.67 44.64
CA ILE A 723 -27.48 3.81 45.48
C ILE A 723 -26.46 3.37 46.51
N ILE A 724 -25.29 4.02 46.51
CA ILE A 724 -24.19 3.65 47.39
C ILE A 724 -24.17 4.64 48.55
N ASP A 725 -24.27 4.12 49.77
CA ASP A 725 -24.12 4.92 50.97
C ASP A 725 -22.67 4.83 51.43
N ARG A 726 -21.81 5.68 50.88
CA ARG A 726 -20.39 5.62 51.17
C ARG A 726 -20.09 5.80 52.64
N ASP A 727 -20.83 6.66 53.34
CA ASP A 727 -20.62 6.79 54.78
C ASP A 727 -20.80 5.46 55.48
N LYS A 728 -21.89 4.75 55.18
CA LYS A 728 -22.10 3.43 55.78
C LYS A 728 -21.04 2.44 55.33
N MET A 729 -20.65 2.50 54.06
CA MET A 729 -19.67 1.55 53.55
C MET A 729 -18.36 1.66 54.31
N LYS A 730 -17.88 2.88 54.53
CA LYS A 730 -16.64 3.05 55.28
C LYS A 730 -16.86 2.89 56.78
N TYR A 731 -18.09 3.06 57.25
CA TYR A 731 -18.37 2.79 58.66
C TYR A 731 -18.13 1.34 59.01
N TYR A 732 -18.34 0.45 58.04
CA TYR A 732 -18.08 -0.98 58.22
C TYR A 732 -16.69 -1.38 57.76
N ASN A 733 -15.82 -0.42 57.50
CA ASN A 733 -14.43 -0.69 57.13
C ASN A 733 -14.35 -1.55 55.87
N LEU A 734 -15.12 -1.18 54.85
CA LEU A 734 -15.20 -1.92 53.60
C LEU A 734 -14.62 -1.11 52.46
N ASN A 735 -13.82 -1.76 51.62
CA ASN A 735 -13.35 -1.15 50.39
C ASN A 735 -14.45 -1.22 49.33
N MET A 736 -14.47 -0.22 48.46
CA MET A 736 -15.50 -0.17 47.43
C MET A 736 -15.28 -1.23 46.35
N GLN A 737 -14.03 -1.41 45.92
CA GLN A 737 -13.75 -2.38 44.88
C GLN A 737 -14.12 -3.78 45.34
N ASP A 738 -13.88 -4.10 46.61
CA ASP A 738 -14.25 -5.40 47.12
C ASP A 738 -15.77 -5.58 47.08
N VAL A 739 -16.51 -4.54 47.48
CA VAL A 739 -17.96 -4.62 47.46
C VAL A 739 -18.47 -4.89 46.04
N PHE A 740 -17.94 -4.15 45.07
CA PHE A 740 -18.46 -4.32 43.71
C PHE A 740 -17.94 -5.59 43.07
N ASN A 741 -16.79 -6.12 43.51
CA ASN A 741 -16.40 -7.45 43.07
C ASN A 741 -17.37 -8.50 43.59
N THR A 742 -17.80 -8.37 44.85
CA THR A 742 -18.79 -9.29 45.38
C THR A 742 -20.10 -9.19 44.60
N ILE A 743 -20.53 -7.97 44.29
CA ILE A 743 -21.76 -7.81 43.51
C ILE A 743 -21.60 -8.42 42.12
N SER A 744 -20.46 -8.17 41.47
CA SER A 744 -20.25 -8.71 40.13
C SER A 744 -20.25 -10.24 40.14
N ALA A 745 -19.60 -10.84 41.14
CA ALA A 745 -19.52 -12.28 41.20
C ALA A 745 -20.88 -12.91 41.50
N THR A 746 -21.61 -12.34 42.47
CA THR A 746 -22.89 -12.95 42.85
C THR A 746 -23.98 -12.66 41.84
N ILE A 747 -24.18 -11.38 41.50
CA ILE A 747 -25.30 -10.99 40.65
C ILE A 747 -24.90 -11.15 39.19
N GLY A 748 -23.70 -10.71 38.83
CA GLY A 748 -23.22 -10.75 37.48
C GLY A 748 -22.48 -12.04 37.17
N THR A 749 -21.62 -11.96 36.17
CA THR A 749 -20.74 -13.07 35.78
C THR A 749 -19.30 -12.59 35.91
N TYR A 750 -18.50 -13.32 36.70
CA TYR A 750 -17.10 -12.98 36.94
C TYR A 750 -16.23 -14.03 36.27
N TYR A 751 -15.42 -13.60 35.32
CA TYR A 751 -14.54 -14.49 34.55
C TYR A 751 -13.18 -14.50 35.23
N VAL A 752 -12.93 -15.54 36.03
CA VAL A 752 -11.73 -15.58 36.86
C VAL A 752 -10.50 -15.88 36.00
N ASN A 753 -10.52 -17.00 35.28
CA ASN A 753 -9.40 -17.41 34.45
C ASN A 753 -9.91 -18.50 33.50
N ASP A 754 -8.98 -19.13 32.79
CA ASP A 754 -9.31 -20.13 31.78
C ASP A 754 -8.95 -21.52 32.28
N PHE A 755 -9.64 -22.52 31.75
CA PHE A 755 -9.36 -23.91 32.04
C PHE A 755 -9.31 -24.72 30.75
N PRO A 756 -8.54 -25.82 30.71
CA PRO A 756 -8.35 -26.51 29.43
C PRO A 756 -9.40 -27.58 29.17
N MET A 757 -9.98 -27.56 27.98
CA MET A 757 -10.94 -28.57 27.56
C MET A 757 -10.87 -28.70 26.04
N LEU A 758 -10.72 -29.94 25.57
CA LEU A 758 -10.62 -30.22 24.13
C LEU A 758 -9.49 -29.43 23.50
N GLY A 759 -8.39 -29.24 24.22
CA GLY A 759 -7.23 -28.54 23.69
C GLY A 759 -7.30 -27.04 23.87
N LYS A 760 -8.42 -26.43 23.49
CA LYS A 760 -8.57 -24.99 23.58
C LYS A 760 -8.86 -24.58 25.02
N ASN A 761 -8.51 -23.34 25.35
CA ASN A 761 -8.79 -22.78 26.67
C ASN A 761 -10.20 -22.22 26.70
N PHE A 762 -10.91 -22.49 27.79
CA PHE A 762 -12.28 -22.02 27.97
C PHE A 762 -12.40 -21.32 29.32
N GLN A 763 -13.38 -20.42 29.40
CA GLN A 763 -13.50 -19.55 30.55
C GLN A 763 -14.00 -20.29 31.78
N VAL A 764 -13.72 -19.72 32.95
CA VAL A 764 -14.28 -20.16 34.22
C VAL A 764 -15.04 -18.98 34.79
N ASN A 765 -16.35 -19.15 34.99
CA ASN A 765 -17.24 -18.07 35.36
C ASN A 765 -17.90 -18.37 36.69
N ILE A 766 -17.99 -17.35 37.54
CA ILE A 766 -18.63 -17.45 38.85
C ILE A 766 -19.90 -16.62 38.81
N ARG A 767 -21.02 -17.22 39.24
CA ARG A 767 -22.30 -16.54 39.28
C ARG A 767 -23.16 -17.18 40.34
N ALA A 768 -24.10 -16.42 40.89
CA ALA A 768 -25.00 -16.98 41.87
C ALA A 768 -26.09 -17.78 41.18
N LEU A 769 -26.72 -18.68 41.95
CA LEU A 769 -27.81 -19.46 41.40
C LEU A 769 -28.94 -18.52 40.98
N GLY A 770 -29.52 -18.79 39.81
CA GLY A 770 -30.44 -17.84 39.21
C GLY A 770 -31.62 -17.48 40.10
N ASP A 771 -32.00 -18.38 41.00
CA ASP A 771 -33.15 -18.10 41.86
C ASP A 771 -32.88 -16.92 42.78
N PHE A 772 -31.63 -16.76 43.24
CA PHE A 772 -31.33 -15.69 44.18
C PHE A 772 -31.26 -14.34 43.49
N ARG A 773 -30.71 -14.29 42.28
CA ARG A 773 -30.58 -13.03 41.55
C ARG A 773 -31.92 -12.53 41.00
N ASN A 774 -32.96 -13.37 41.05
CA ASN A 774 -34.22 -13.00 40.40
C ASN A 774 -34.85 -11.78 41.06
N THR A 775 -34.99 -11.80 42.38
CA THR A 775 -35.73 -10.76 43.07
C THR A 775 -34.96 -9.44 43.08
N GLN A 776 -35.70 -8.36 43.28
CA GLN A 776 -35.06 -7.05 43.44
C GLN A 776 -34.18 -7.01 44.67
N ASP A 777 -34.68 -7.54 45.79
CA ASP A 777 -33.93 -7.51 47.04
C ASP A 777 -32.93 -8.65 47.11
N ALA A 778 -32.11 -8.78 46.07
CA ALA A 778 -31.07 -9.81 46.09
C ALA A 778 -29.92 -9.42 47.02
N LEU A 779 -29.77 -8.13 47.30
CA LEU A 779 -28.65 -7.68 48.12
C LEU A 779 -28.73 -8.26 49.52
N LYS A 780 -29.94 -8.45 50.04
CA LYS A 780 -30.08 -8.92 51.41
C LYS A 780 -29.43 -10.28 51.60
N ASN A 781 -29.59 -11.19 50.63
CA ASN A 781 -28.99 -12.51 50.75
C ASN A 781 -27.47 -12.43 50.66
N ILE A 782 -26.95 -11.55 49.80
CA ILE A 782 -25.51 -11.45 49.62
C ILE A 782 -24.86 -10.91 50.88
N TYR A 783 -23.63 -11.33 51.14
CA TYR A 783 -22.90 -10.91 52.33
C TYR A 783 -21.46 -10.58 51.94
N ILE A 784 -20.85 -9.67 52.69
CA ILE A 784 -19.47 -9.28 52.50
C ILE A 784 -18.80 -9.20 53.87
N ARG A 785 -17.50 -9.45 53.90
CA ARG A 785 -16.72 -9.49 55.13
C ARG A 785 -15.93 -8.21 55.28
N SER A 786 -16.16 -7.50 56.38
CA SER A 786 -15.41 -6.29 56.67
C SER A 786 -13.96 -6.61 57.01
N SER A 787 -13.17 -5.56 57.20
CA SER A 787 -11.79 -5.75 57.62
C SER A 787 -11.70 -6.36 59.00
N ASP A 788 -12.73 -6.22 59.82
CA ASP A 788 -12.78 -6.82 61.15
C ASP A 788 -13.28 -8.25 61.13
N ASN A 789 -13.33 -8.88 59.96
CA ASN A 789 -13.80 -10.26 59.83
C ASN A 789 -15.21 -10.43 60.38
N LYS A 790 -16.07 -9.45 60.11
CA LYS A 790 -17.49 -9.51 60.43
C LYS A 790 -18.29 -9.45 59.14
N MET A 791 -19.24 -10.37 58.99
CA MET A 791 -20.07 -10.39 57.79
C MET A 791 -21.10 -9.27 57.83
N ILE A 792 -21.18 -8.50 56.75
CA ILE A 792 -22.08 -7.36 56.64
C ILE A 792 -22.99 -7.59 55.45
N PRO A 793 -24.31 -7.61 55.61
CA PRO A 793 -25.17 -7.76 54.43
C PRO A 793 -25.06 -6.55 53.52
N LEU A 794 -25.15 -6.81 52.21
CA LEU A 794 -25.04 -5.72 51.24
C LEU A 794 -26.23 -4.77 51.32
N ASN A 795 -27.30 -5.18 52.00
CA ASN A 795 -28.47 -4.31 52.09
C ASN A 795 -28.20 -3.09 52.96
N SER A 796 -27.24 -3.19 53.87
CA SER A 796 -27.02 -2.10 54.82
C SER A 796 -26.57 -0.83 54.13
N PHE A 797 -25.64 -0.93 53.17
CA PHE A 797 -25.02 0.24 52.56
C PHE A 797 -25.32 0.39 51.08
N LEU A 798 -26.14 -0.48 50.49
CA LEU A 798 -26.56 -0.34 49.10
C LEU A 798 -28.08 -0.45 49.03
N THR A 799 -28.66 0.31 48.10
CA THR A 799 -30.10 0.32 47.90
C THR A 799 -30.39 0.34 46.42
N LEU A 800 -31.34 -0.49 45.99
CA LEU A 800 -31.75 -0.58 44.60
C LEU A 800 -33.04 0.19 44.41
N VAL A 801 -33.05 1.10 43.45
CA VAL A 801 -34.20 1.95 43.17
C VAL A 801 -34.58 1.76 41.70
N ARG A 802 -35.89 1.57 41.46
CA ARG A 802 -36.35 1.37 40.10
C ARG A 802 -36.11 2.59 39.25
N SER A 803 -35.72 2.36 38.00
CA SER A 803 -35.49 3.44 37.06
C SER A 803 -35.62 2.89 35.65
N ALA A 804 -35.75 3.81 34.68
CA ALA A 804 -35.84 3.45 33.28
C ALA A 804 -34.79 4.24 32.51
N GLY A 805 -33.99 3.53 31.72
CA GLY A 805 -32.93 4.16 30.97
C GLY A 805 -32.79 3.54 29.59
N PRO A 806 -31.91 4.10 28.77
CA PRO A 806 -31.73 3.57 27.42
C PRO A 806 -30.83 2.35 27.38
N ASP A 807 -31.34 1.25 26.81
CA ASP A 807 -30.52 0.06 26.68
C ASP A 807 -29.32 0.30 25.78
N ASP A 808 -29.55 0.96 24.64
CA ASP A 808 -28.50 1.20 23.65
C ASP A 808 -28.18 2.69 23.65
N VAL A 809 -26.93 3.02 23.96
CA VAL A 809 -26.43 4.39 23.93
C VAL A 809 -25.73 4.61 22.61
N LYS A 810 -26.28 5.51 21.80
CA LYS A 810 -25.79 5.77 20.45
C LYS A 810 -24.98 7.06 20.46
N ARG A 811 -23.80 7.02 19.85
CA ARG A 811 -22.93 8.17 19.75
C ARG A 811 -22.52 8.36 18.30
N PHE A 812 -22.65 9.58 17.80
CA PHE A 812 -22.25 9.96 16.44
C PHE A 812 -21.28 11.12 16.53
N ASN A 813 -20.08 10.93 15.98
CA ASN A 813 -19.07 11.98 15.93
C ASN A 813 -18.84 12.59 17.32
N LEU A 814 -18.57 11.73 18.30
CA LEU A 814 -18.17 12.10 19.65
C LEU A 814 -19.28 12.74 20.46
N PHE A 815 -20.51 12.75 19.96
CA PHE A 815 -21.62 13.34 20.69
C PHE A 815 -22.74 12.32 20.85
N PRO A 816 -23.47 12.35 21.97
CA PRO A 816 -24.68 11.54 22.05
C PRO A 816 -25.64 11.92 20.94
N ALA A 817 -26.27 10.92 20.34
CA ALA A 817 -27.10 11.16 19.17
C ALA A 817 -28.27 10.18 19.16
N ALA A 818 -29.33 10.57 18.47
CA ALA A 818 -30.49 9.74 18.23
C ALA A 818 -30.65 9.49 16.74
N LEU A 819 -30.84 8.22 16.39
CA LEU A 819 -30.95 7.80 15.00
C LEU A 819 -32.41 7.94 14.56
N ILE A 820 -32.66 8.90 13.67
CA ILE A 820 -34.00 9.16 13.14
C ILE A 820 -34.06 8.54 11.75
N GLN A 821 -34.88 7.51 11.60
CA GLN A 821 -35.05 6.82 10.32
C GLN A 821 -36.11 7.56 9.51
N GLY A 822 -35.68 8.17 8.41
CA GLY A 822 -36.60 8.90 7.56
C GLY A 822 -36.71 8.30 6.17
N ASP A 823 -37.94 7.95 5.77
CA ASP A 823 -38.22 7.43 4.45
C ASP A 823 -39.05 8.44 3.65
N PRO A 824 -38.93 8.46 2.33
CA PRO A 824 -39.61 9.50 1.54
C PRO A 824 -41.10 9.23 1.41
N ALA A 825 -41.82 10.28 1.00
CA ALA A 825 -43.23 10.17 0.69
C ALA A 825 -43.44 9.48 -0.65
N PRO A 826 -44.67 9.04 -0.96
CA PRO A 826 -44.91 8.35 -2.23
C PRO A 826 -44.42 9.13 -3.44
N GLY A 827 -44.66 10.45 -3.45
CA GLY A 827 -44.14 11.32 -4.49
C GLY A 827 -42.95 12.09 -3.95
N TYR A 828 -41.76 11.71 -4.41
CA TYR A 828 -40.54 12.16 -3.77
C TYR A 828 -39.39 12.24 -4.76
N THR A 829 -38.42 13.10 -4.43
CA THR A 829 -37.08 13.07 -5.01
C THR A 829 -36.04 12.60 -4.00
N SER A 830 -36.42 12.51 -2.72
CA SER A 830 -35.57 12.18 -1.58
C SER A 830 -34.68 13.35 -1.18
N GLY A 831 -34.52 14.34 -2.06
CA GLY A 831 -33.76 15.52 -1.70
C GLY A 831 -34.65 16.57 -1.06
N GLN A 832 -35.82 16.80 -1.65
CA GLN A 832 -36.83 17.60 -0.98
C GLN A 832 -37.23 16.95 0.35
N ALA A 833 -37.29 15.62 0.40
CA ALA A 833 -37.60 14.95 1.66
C ALA A 833 -36.49 15.18 2.68
N ILE A 834 -35.23 15.01 2.28
CA ILE A 834 -34.12 15.27 3.19
C ILE A 834 -34.19 16.71 3.71
N ASP A 835 -34.42 17.68 2.82
CA ASP A 835 -34.47 19.07 3.23
C ASP A 835 -35.64 19.33 4.16
N ALA A 836 -36.79 18.73 3.88
CA ALA A 836 -37.96 18.95 4.73
C ALA A 836 -37.72 18.42 6.13
N ILE A 837 -37.18 17.20 6.26
CA ILE A 837 -36.89 16.70 7.58
C ILE A 837 -35.80 17.53 8.26
N ALA A 838 -34.83 18.02 7.49
CA ALA A 838 -33.78 18.86 8.08
C ALA A 838 -34.37 20.13 8.67
N GLU A 839 -35.25 20.80 7.93
CA GLU A 839 -35.87 22.03 8.42
C GLU A 839 -36.74 21.75 9.64
N VAL A 840 -37.55 20.69 9.58
CA VAL A 840 -38.38 20.35 10.73
C VAL A 840 -37.53 20.09 11.94
N ALA A 841 -36.43 19.35 11.76
CA ALA A 841 -35.54 19.05 12.89
C ALA A 841 -34.95 20.32 13.48
N LYS A 842 -34.36 21.17 12.63
CA LYS A 842 -33.66 22.34 13.16
C LYS A 842 -34.64 23.29 13.85
N GLN A 843 -35.85 23.45 13.30
CA GLN A 843 -36.81 24.33 13.94
C GLN A 843 -37.35 23.73 15.23
N SER A 844 -37.48 22.40 15.28
CA SER A 844 -37.96 21.76 16.50
C SER A 844 -36.90 21.81 17.61
N LEU A 845 -35.66 21.47 17.28
CA LEU A 845 -34.63 21.34 18.30
C LEU A 845 -34.31 22.68 18.95
N GLY A 846 -34.20 23.74 18.15
CA GLY A 846 -33.73 25.02 18.64
C GLY A 846 -32.24 25.23 18.54
N ASP A 847 -31.54 24.40 17.77
CA ASP A 847 -30.11 24.46 17.49
C ASP A 847 -29.28 23.93 18.65
N GLU A 848 -29.88 23.55 19.77
CA GLU A 848 -29.10 22.93 20.85
C GLU A 848 -28.59 21.56 20.41
N TYR A 849 -29.30 20.92 19.49
CA TYR A 849 -28.87 19.69 18.86
C TYR A 849 -28.47 20.00 17.42
N SER A 850 -27.28 19.56 17.03
CA SER A 850 -26.85 19.68 15.64
C SER A 850 -27.36 18.49 14.84
N ILE A 851 -27.40 18.67 13.51
CA ILE A 851 -27.94 17.68 12.60
C ILE A 851 -26.78 17.10 11.80
N ALA A 852 -26.69 15.78 11.76
CA ALA A 852 -25.70 15.06 10.97
C ALA A 852 -26.39 13.98 10.15
N TRP A 853 -25.81 13.67 9.01
CA TRP A 853 -26.38 12.73 8.05
C TRP A 853 -25.43 11.56 7.84
N SER A 854 -26.01 10.40 7.56
CA SER A 854 -25.23 9.17 7.40
C SER A 854 -25.77 8.39 6.21
N GLY A 855 -24.89 7.59 5.62
CA GLY A 855 -25.30 6.69 4.55
C GLY A 855 -25.86 7.44 3.34
N SER A 856 -27.04 7.01 2.91
CA SER A 856 -27.60 7.53 1.66
C SER A 856 -27.82 9.04 1.74
N ALA A 857 -28.20 9.55 2.91
CA ALA A 857 -28.39 10.99 3.05
C ALA A 857 -27.08 11.73 2.79
N TYR A 858 -25.99 11.28 3.41
CA TYR A 858 -24.71 11.92 3.20
C TYR A 858 -24.30 11.81 1.73
N GLN A 859 -24.53 10.65 1.12
CA GLN A 859 -24.17 10.48 -0.28
C GLN A 859 -24.93 11.45 -1.17
N GLU A 860 -26.24 11.60 -0.93
CA GLU A 860 -27.05 12.51 -1.74
C GLU A 860 -26.59 13.95 -1.56
N VAL A 861 -26.28 14.34 -0.32
CA VAL A 861 -25.80 15.70 -0.08
C VAL A 861 -24.47 15.92 -0.79
N SER A 862 -23.56 14.95 -0.69
CA SER A 862 -22.21 15.14 -1.21
C SER A 862 -22.19 15.15 -2.73
N SER A 863 -22.82 14.16 -3.36
CA SER A 863 -22.72 13.96 -4.80
C SER A 863 -24.00 14.42 -5.48
N LYS A 864 -23.85 15.29 -6.48
CA LYS A 864 -25.01 15.74 -7.25
C LYS A 864 -25.65 14.58 -8.00
N GLY A 865 -24.83 13.68 -8.54
CA GLY A 865 -25.34 12.54 -9.29
C GLY A 865 -25.49 12.85 -10.76
N ALA A 866 -26.24 13.91 -11.08
CA ALA A 866 -26.49 14.32 -12.45
C ALA A 866 -25.95 15.73 -12.67
N GLY A 867 -25.17 15.91 -13.73
CA GLY A 867 -24.64 17.21 -14.09
C GLY A 867 -24.95 17.57 -15.53
N ALA A 868 -25.76 18.60 -15.74
CA ALA A 868 -26.12 19.00 -17.10
C ALA A 868 -24.90 19.41 -17.90
N TYR A 869 -23.89 19.95 -17.24
CA TYR A 869 -22.69 20.36 -17.94
C TYR A 869 -22.04 19.17 -18.64
N ALA A 870 -22.10 17.99 -18.03
CA ALA A 870 -21.52 16.79 -18.63
C ALA A 870 -22.21 16.44 -19.93
N PHE A 871 -23.54 16.47 -19.94
CA PHE A 871 -24.27 16.23 -21.18
C PHE A 871 -23.91 17.28 -22.21
N VAL A 872 -23.69 18.51 -21.75
CA VAL A 872 -23.30 19.57 -22.68
C VAL A 872 -21.93 19.27 -23.28
N LEU A 873 -20.99 18.75 -22.48
CA LEU A 873 -19.68 18.42 -23.03
C LEU A 873 -19.80 17.30 -24.05
N GLY A 874 -20.61 16.29 -23.76
CA GLY A 874 -20.83 15.25 -24.75
C GLY A 874 -21.37 15.81 -26.05
N MET A 875 -22.38 16.67 -25.94
CA MET A 875 -22.98 17.27 -27.13
C MET A 875 -21.98 18.11 -27.90
N ILE A 876 -21.18 18.92 -27.21
CA ILE A 876 -20.25 19.82 -27.90
C ILE A 876 -19.13 19.02 -28.55
N PHE A 877 -18.67 17.96 -27.90
CA PHE A 877 -17.68 17.09 -28.53
C PHE A 877 -18.24 16.47 -29.80
N VAL A 878 -19.48 15.99 -29.74
CA VAL A 878 -20.10 15.44 -30.95
C VAL A 878 -20.19 16.50 -32.02
N PHE A 879 -20.57 17.73 -31.64
CA PHE A 879 -20.67 18.82 -32.60
C PHE A 879 -19.32 19.05 -33.28
N LEU A 880 -18.25 19.12 -32.49
CA LEU A 880 -16.93 19.37 -33.07
C LEU A 880 -16.50 18.23 -34.00
N ILE A 881 -16.70 16.98 -33.58
CA ILE A 881 -16.30 15.86 -34.41
C ILE A 881 -17.08 15.87 -35.73
N LEU A 882 -18.38 16.13 -35.66
CA LEU A 882 -19.19 16.12 -36.87
C LEU A 882 -18.82 17.28 -37.79
N ALA A 883 -18.52 18.45 -37.21
CA ALA A 883 -18.04 19.55 -38.03
C ALA A 883 -16.74 19.18 -38.72
N ALA A 884 -15.85 18.49 -38.02
CA ALA A 884 -14.62 18.00 -38.63
C ALA A 884 -14.93 17.09 -39.80
N GLN A 885 -15.81 16.12 -39.59
CA GLN A 885 -16.09 15.13 -40.63
C GLN A 885 -16.71 15.77 -41.86
N TYR A 886 -17.76 16.58 -41.67
CA TYR A 886 -18.39 17.23 -42.81
C TYR A 886 -17.56 18.40 -43.33
N GLU A 887 -16.62 18.90 -42.52
CA GLU A 887 -15.89 20.13 -42.84
C GLU A 887 -16.82 21.32 -42.89
N ARG A 888 -17.96 21.24 -42.21
CA ARG A 888 -18.96 22.30 -42.20
C ARG A 888 -19.39 22.53 -40.76
N TRP A 889 -19.32 23.79 -40.31
CA TRP A 889 -19.78 24.10 -38.96
C TRP A 889 -21.28 23.88 -38.82
N LEU A 890 -22.02 24.11 -39.91
CA LEU A 890 -23.48 24.13 -39.82
C LEU A 890 -24.07 22.72 -39.72
N MET A 891 -23.47 21.76 -40.42
CA MET A 891 -24.10 20.44 -40.53
C MET A 891 -24.38 19.75 -39.20
N PRO A 892 -23.47 19.73 -38.22
CA PRO A 892 -23.76 18.99 -36.98
C PRO A 892 -25.05 19.41 -36.29
N LEU A 893 -25.56 20.61 -36.58
CA LEU A 893 -26.82 21.04 -36.00
C LEU A 893 -27.93 20.05 -36.29
N ALA A 894 -27.93 19.47 -37.50
CA ALA A 894 -29.02 18.58 -37.89
C ALA A 894 -29.09 17.35 -36.99
N VAL A 895 -27.94 16.78 -36.66
CA VAL A 895 -27.93 15.60 -35.80
C VAL A 895 -28.22 15.98 -34.35
N ILE A 896 -27.57 17.03 -33.86
CA ILE A 896 -27.73 17.36 -32.45
C ILE A 896 -29.15 17.79 -32.15
N THR A 897 -29.83 18.39 -33.13
CA THR A 897 -31.23 18.78 -32.95
C THR A 897 -32.18 17.62 -33.21
N ALA A 898 -31.72 16.57 -33.89
CA ALA A 898 -32.52 15.36 -34.02
C ALA A 898 -32.41 14.45 -32.80
N VAL A 899 -31.39 14.66 -31.96
CA VAL A 899 -31.26 13.85 -30.75
C VAL A 899 -32.52 13.84 -29.88
N PRO A 900 -33.17 14.97 -29.60
CA PRO A 900 -34.25 14.99 -28.59
C PRO A 900 -35.42 14.03 -28.81
N PHE A 901 -35.65 13.60 -30.06
CA PHE A 901 -36.83 12.80 -30.36
C PHE A 901 -36.84 11.50 -29.56
N ALA A 902 -35.70 10.81 -29.51
CA ALA A 902 -35.60 9.58 -28.74
C ALA A 902 -35.83 9.83 -27.25
N VAL A 903 -35.29 10.93 -26.72
CA VAL A 903 -35.53 11.28 -25.32
C VAL A 903 -37.02 11.41 -25.07
N PHE A 904 -37.71 12.12 -25.96
CA PHE A 904 -39.15 12.31 -25.79
C PHE A 904 -39.89 10.98 -25.80
N GLY A 905 -39.56 10.13 -26.77
CA GLY A 905 -40.21 8.82 -26.82
C GLY A 905 -40.00 8.01 -25.58
N SER A 906 -38.75 7.92 -25.12
CA SER A 906 -38.44 7.12 -23.94
C SER A 906 -39.19 7.63 -22.72
N ILE A 907 -39.11 8.94 -22.46
CA ILE A 907 -39.78 9.48 -21.29
C ILE A 907 -41.30 9.34 -21.39
N LEU A 908 -41.87 9.55 -22.58
CA LEU A 908 -43.31 9.38 -22.77
C LEU A 908 -43.72 7.94 -22.47
N LEU A 909 -42.96 6.97 -22.97
CA LEU A 909 -43.37 5.58 -22.78
C LEU A 909 -43.24 5.16 -21.32
N VAL A 910 -42.19 5.60 -20.62
CA VAL A 910 -42.14 5.28 -19.20
C VAL A 910 -43.25 5.98 -18.43
N ALA A 911 -43.60 7.22 -18.80
CA ALA A 911 -44.72 7.88 -18.13
C ALA A 911 -46.01 7.10 -18.34
N LEU A 912 -46.21 6.57 -19.54
CA LEU A 912 -47.36 5.72 -19.79
C LEU A 912 -47.31 4.46 -18.91
N ARG A 913 -46.14 3.84 -18.79
CA ARG A 913 -46.04 2.66 -17.95
C ARG A 913 -46.03 3.01 -16.47
N GLY A 914 -45.63 4.24 -16.13
CA GLY A 914 -45.58 4.68 -14.75
C GLY A 914 -44.26 4.43 -14.05
N PHE A 915 -43.32 3.77 -14.70
CA PHE A 915 -42.02 3.52 -14.08
C PHE A 915 -41.28 4.83 -13.84
N ASP A 916 -40.70 4.95 -12.65
CA ASP A 916 -40.05 6.18 -12.24
C ASP A 916 -38.74 6.40 -12.99
N ASN A 917 -38.38 7.66 -13.17
CA ASN A 917 -37.08 7.99 -13.73
C ASN A 917 -35.99 7.43 -12.83
N ASP A 918 -34.99 6.79 -13.44
CA ASP A 918 -33.99 6.04 -12.72
C ASP A 918 -32.64 6.15 -13.42
N ILE A 919 -31.58 5.82 -12.69
CA ILE A 919 -30.25 5.75 -13.30
C ILE A 919 -30.27 4.78 -14.47
N TYR A 920 -31.04 3.70 -14.35
CA TYR A 920 -31.23 2.78 -15.48
C TYR A 920 -31.76 3.55 -16.68
N PHE A 921 -32.82 4.34 -16.44
CA PHE A 921 -33.35 5.19 -17.50
C PHE A 921 -32.26 6.07 -18.08
N GLN A 922 -31.50 6.77 -17.24
CA GLN A 922 -30.56 7.76 -17.74
C GLN A 922 -29.48 7.10 -18.60
N THR A 923 -28.95 5.96 -18.16
CA THR A 923 -27.97 5.25 -18.97
C THR A 923 -28.57 4.77 -20.29
N GLY A 924 -29.77 4.20 -20.24
CA GLY A 924 -30.41 3.78 -21.47
C GLY A 924 -30.66 4.96 -22.39
N LEU A 925 -30.97 6.12 -21.81
CA LEU A 925 -31.24 7.31 -22.60
C LEU A 925 -29.97 7.79 -23.28
N LEU A 926 -28.83 7.67 -22.59
CA LEU A 926 -27.56 7.95 -23.24
C LEU A 926 -27.37 7.03 -24.45
N LEU A 927 -27.70 5.75 -24.29
CA LEU A 927 -27.57 4.83 -25.42
C LEU A 927 -28.51 5.18 -26.58
N LEU A 928 -29.77 5.50 -26.29
CA LEU A 928 -30.68 5.94 -27.35
C LEU A 928 -30.17 7.22 -28.02
N ILE A 929 -29.61 8.15 -27.26
CA ILE A 929 -29.01 9.32 -27.88
C ILE A 929 -27.92 8.89 -28.86
N GLY A 930 -27.06 7.97 -28.42
CA GLY A 930 -26.00 7.51 -29.29
C GLY A 930 -26.52 6.92 -30.58
N LEU A 931 -27.54 6.07 -30.50
CA LEU A 931 -28.02 5.37 -31.70
C LEU A 931 -28.80 6.31 -32.61
N SER A 932 -29.64 7.17 -32.04
CA SER A 932 -30.31 8.19 -32.84
C SER A 932 -29.29 9.04 -33.57
N ALA A 933 -28.23 9.45 -32.87
CA ALA A 933 -27.17 10.21 -33.52
C ALA A 933 -26.50 9.41 -34.62
N LYS A 934 -26.34 8.11 -34.40
CA LYS A 934 -25.73 7.26 -35.41
C LYS A 934 -26.51 7.31 -36.70
N ASN A 935 -27.82 7.03 -36.62
CA ASN A 935 -28.63 7.00 -37.83
C ASN A 935 -28.75 8.39 -38.46
N ALA A 936 -28.90 9.42 -37.63
CA ALA A 936 -28.99 10.77 -38.18
C ALA A 936 -27.70 11.17 -38.89
N ILE A 937 -26.55 10.81 -38.32
CA ILE A 937 -25.28 11.12 -38.93
C ILE A 937 -25.16 10.40 -40.26
N LEU A 938 -25.58 9.15 -40.32
CA LEU A 938 -25.47 8.41 -41.57
C LEU A 938 -26.36 9.06 -42.64
N ILE A 939 -27.56 9.48 -42.26
CA ILE A 939 -28.42 10.17 -43.22
C ILE A 939 -27.79 11.46 -43.70
N ILE A 940 -27.28 12.28 -42.77
CA ILE A 940 -26.69 13.56 -43.16
C ILE A 940 -25.48 13.35 -44.06
N GLU A 941 -24.64 12.38 -43.74
CA GLU A 941 -23.46 12.13 -44.53
C GLU A 941 -23.83 11.63 -45.92
N PHE A 942 -24.81 10.74 -46.02
CA PHE A 942 -25.22 10.27 -47.34
C PHE A 942 -25.79 11.42 -48.16
N ALA A 943 -26.55 12.31 -47.52
CA ALA A 943 -27.08 13.47 -48.24
C ALA A 943 -25.95 14.39 -48.71
N MET A 944 -24.94 14.58 -47.86
CA MET A 944 -23.81 15.42 -48.24
C MET A 944 -23.04 14.81 -49.41
N GLU A 945 -22.85 13.49 -49.39
CA GLU A 945 -22.21 12.81 -50.52
C GLU A 945 -23.05 12.94 -51.78
N GLU A 946 -24.38 12.84 -51.65
CA GLU A 946 -25.26 13.02 -52.79
C GLU A 946 -25.11 14.41 -53.38
N ARG A 947 -25.08 15.44 -52.53
CA ARG A 947 -24.89 16.80 -52.99
C ARG A 947 -23.51 16.99 -53.64
N LEU A 948 -22.50 16.28 -53.14
CA LEU A 948 -21.17 16.38 -53.72
C LEU A 948 -21.10 15.68 -55.08
N LYS A 949 -21.67 14.48 -55.17
CA LYS A 949 -21.51 13.69 -56.39
C LYS A 949 -22.30 14.28 -57.55
N LYS A 950 -23.50 14.82 -57.28
CA LYS A 950 -24.38 15.33 -58.30
C LYS A 950 -24.89 16.70 -57.89
N GLY A 951 -25.39 17.44 -58.88
CA GLY A 951 -25.96 18.76 -58.63
C GLY A 951 -27.41 18.70 -58.23
N LYS A 952 -27.76 17.73 -57.38
CA LYS A 952 -29.13 17.65 -56.90
C LYS A 952 -29.41 18.84 -56.00
N SER A 953 -30.57 19.47 -56.21
CA SER A 953 -30.99 20.50 -55.28
C SER A 953 -31.31 19.89 -53.93
N ILE A 954 -31.59 20.76 -52.97
CA ILE A 954 -31.63 20.36 -51.56
C ILE A 954 -32.71 19.32 -51.32
N PHE A 955 -33.91 19.55 -51.87
CA PHE A 955 -35.01 18.61 -51.69
C PHE A 955 -34.62 17.22 -52.17
N GLU A 956 -34.13 17.12 -53.39
CA GLU A 956 -33.83 15.80 -53.95
C GLU A 956 -32.67 15.14 -53.21
N ALA A 957 -31.62 15.89 -52.87
CA ALA A 957 -30.53 15.29 -52.11
C ALA A 957 -31.06 14.70 -50.82
N ALA A 958 -31.82 15.48 -50.05
CA ALA A 958 -32.31 15.01 -48.77
C ALA A 958 -33.19 13.78 -48.92
N ILE A 959 -34.14 13.82 -49.86
CA ILE A 959 -35.11 12.74 -49.96
C ILE A 959 -34.46 11.46 -50.49
N ASN A 960 -33.55 11.59 -51.46
CA ASN A 960 -32.86 10.40 -51.96
C ASN A 960 -31.96 9.80 -50.90
N ALA A 961 -31.27 10.65 -50.12
CA ALA A 961 -30.48 10.10 -49.02
C ALA A 961 -31.37 9.37 -48.03
N ALA A 962 -32.53 9.94 -47.71
CA ALA A 962 -33.44 9.32 -46.76
C ALA A 962 -33.92 7.96 -47.28
N LYS A 963 -34.30 7.89 -48.56
CA LYS A 963 -34.78 6.62 -49.09
C LYS A 963 -33.66 5.59 -49.14
N LEU A 964 -32.43 6.03 -49.45
CA LEU A 964 -31.30 5.11 -49.40
C LEU A 964 -31.09 4.58 -48.00
N ARG A 965 -31.23 5.46 -47.00
CA ARG A 965 -30.94 5.09 -45.61
C ARG A 965 -32.07 4.30 -44.95
N PHE A 966 -33.29 4.37 -45.51
CA PHE A 966 -34.43 3.75 -44.84
C PHE A 966 -34.14 2.29 -44.48
N ARG A 967 -33.65 1.51 -45.44
CA ARG A 967 -33.48 0.08 -45.22
C ARG A 967 -32.53 -0.22 -44.06
N PRO A 968 -31.29 0.27 -44.04
CA PRO A 968 -30.40 -0.05 -42.90
C PRO A 968 -30.97 0.35 -41.56
N ILE A 969 -31.53 1.57 -41.47
CA ILE A 969 -32.01 2.06 -40.18
C ILE A 969 -33.13 1.17 -39.67
N ILE A 970 -34.04 0.76 -40.56
CA ILE A 970 -35.12 -0.11 -40.14
C ILE A 970 -34.58 -1.47 -39.71
N MET A 971 -33.56 -1.98 -40.42
CA MET A 971 -32.94 -3.22 -39.96
C MET A 971 -32.47 -3.10 -38.52
N THR A 972 -31.68 -2.06 -38.23
CA THR A 972 -31.16 -1.92 -36.87
C THR A 972 -32.29 -1.74 -35.86
N SER A 973 -33.26 -0.88 -36.21
CA SER A 973 -34.36 -0.58 -35.31
C SER A 973 -35.13 -1.84 -34.94
N LEU A 974 -35.55 -2.61 -35.95
CA LEU A 974 -36.27 -3.85 -35.68
C LEU A 974 -35.39 -4.85 -34.94
N ALA A 975 -34.11 -4.95 -35.34
CA ALA A 975 -33.23 -5.95 -34.77
C ALA A 975 -33.14 -5.79 -33.26
N PHE A 976 -32.77 -4.59 -32.79
CA PHE A 976 -32.64 -4.49 -31.35
C PHE A 976 -33.92 -4.02 -30.66
N THR A 977 -34.98 -3.71 -31.44
CA THR A 977 -36.33 -3.79 -30.89
C THR A 977 -36.58 -5.17 -30.33
N PHE A 978 -36.53 -6.18 -31.18
CA PHE A 978 -36.70 -7.54 -30.71
C PHE A 978 -35.61 -7.95 -29.73
N GLY A 979 -34.43 -7.33 -29.81
CA GLY A 979 -33.39 -7.60 -28.84
C GLY A 979 -33.78 -7.20 -27.43
N VAL A 980 -34.37 -6.01 -27.28
CA VAL A 980 -34.81 -5.54 -25.97
C VAL A 980 -36.22 -6.00 -25.62
N LEU A 981 -36.94 -6.63 -26.54
CA LEU A 981 -38.28 -7.10 -26.23
C LEU A 981 -38.31 -8.05 -25.04
N PRO A 982 -37.42 -9.05 -24.92
CA PRO A 982 -37.43 -9.86 -23.70
C PRO A 982 -37.18 -9.03 -22.45
N MET A 983 -36.39 -7.96 -22.57
CA MET A 983 -36.03 -7.16 -21.41
C MET A 983 -37.26 -6.50 -20.80
N ILE A 984 -38.11 -5.89 -21.64
CA ILE A 984 -39.31 -5.25 -21.13
C ILE A 984 -40.32 -6.27 -20.63
N PHE A 985 -40.32 -7.47 -21.22
CA PHE A 985 -41.21 -8.55 -20.81
C PHE A 985 -40.53 -9.53 -19.86
N ALA A 986 -39.36 -9.19 -19.33
CA ALA A 986 -38.61 -10.11 -18.49
C ALA A 986 -39.37 -10.38 -17.19
N THR A 987 -39.26 -11.60 -16.70
CA THR A 987 -39.88 -12.02 -15.45
C THR A 987 -38.89 -12.82 -14.62
N GLY A 988 -39.06 -12.78 -13.31
CA GLY A 988 -38.24 -13.52 -12.38
C GLY A 988 -37.42 -12.60 -11.49
N ALA A 989 -36.22 -13.06 -11.17
CA ALA A 989 -35.33 -12.31 -10.28
C ALA A 989 -35.03 -10.94 -10.87
N GLY A 990 -35.16 -9.91 -10.03
CA GLY A 990 -34.89 -8.56 -10.48
C GLY A 990 -35.75 -8.14 -11.65
N SER A 991 -37.01 -8.57 -11.67
CA SER A 991 -37.87 -8.29 -12.81
C SER A 991 -38.12 -6.80 -12.95
N ALA A 992 -38.34 -6.11 -11.83
CA ALA A 992 -38.70 -4.69 -11.89
C ALA A 992 -37.60 -3.86 -12.54
N SER A 993 -36.34 -4.14 -12.21
CA SER A 993 -35.23 -3.42 -12.82
C SER A 993 -35.22 -3.58 -14.33
N ARG A 994 -35.36 -4.83 -14.79
CA ARG A 994 -35.34 -5.09 -16.23
C ARG A 994 -36.52 -4.43 -16.92
N HIS A 995 -37.70 -4.47 -16.31
CA HIS A 995 -38.86 -3.78 -16.87
C HIS A 995 -38.58 -2.29 -16.99
N SER A 996 -38.03 -1.69 -15.93
CA SER A 996 -37.79 -0.25 -15.93
C SER A 996 -36.82 0.13 -17.05
N LEU A 997 -35.76 -0.65 -17.23
CA LEU A 997 -34.81 -0.33 -18.29
C LEU A 997 -35.42 -0.52 -19.67
N GLY A 998 -36.07 -1.66 -19.89
CA GLY A 998 -36.58 -1.97 -21.22
C GLY A 998 -37.68 -1.02 -21.66
N THR A 999 -38.50 -0.56 -20.72
CA THR A 999 -39.57 0.38 -21.08
C THR A 999 -38.99 1.62 -21.74
N GLY A 1000 -38.03 2.26 -21.08
CA GLY A 1000 -37.40 3.45 -21.67
C GLY A 1000 -36.68 3.13 -22.95
N LEU A 1001 -35.94 2.01 -22.99
CA LEU A 1001 -35.23 1.64 -24.21
C LEU A 1001 -36.18 1.59 -25.40
N ILE A 1002 -37.25 0.81 -25.26
CA ILE A 1002 -38.17 0.60 -26.38
C ILE A 1002 -38.86 1.89 -26.75
N GLY A 1003 -39.31 2.67 -25.76
CA GLY A 1003 -40.01 3.90 -26.09
C GLY A 1003 -39.13 4.89 -26.84
N GLY A 1004 -37.92 5.11 -26.35
CA GLY A 1004 -37.03 6.03 -27.02
C GLY A 1004 -36.71 5.56 -28.43
N MET A 1005 -36.42 4.28 -28.60
CA MET A 1005 -36.12 3.79 -29.95
C MET A 1005 -37.32 3.96 -30.88
N ILE A 1006 -38.52 3.64 -30.39
CA ILE A 1006 -39.70 3.71 -31.24
C ILE A 1006 -39.91 5.13 -31.73
N ALA A 1007 -39.81 6.10 -30.81
CA ALA A 1007 -39.98 7.49 -31.22
C ALA A 1007 -38.87 7.93 -32.16
N ALA A 1008 -37.64 7.47 -31.91
CA ALA A 1008 -36.57 7.78 -32.85
C ALA A 1008 -36.93 7.30 -34.25
N SER A 1009 -37.27 6.02 -34.38
CA SER A 1009 -37.56 5.45 -35.69
C SER A 1009 -38.77 6.12 -36.33
N THR A 1010 -39.72 6.60 -35.52
CA THR A 1010 -40.93 7.20 -36.07
C THR A 1010 -40.70 8.64 -36.52
N LEU A 1011 -40.08 9.46 -35.67
CA LEU A 1011 -40.01 10.90 -35.95
C LEU A 1011 -38.67 11.29 -36.54
N ALA A 1012 -37.56 10.84 -35.93
CA ALA A 1012 -36.26 11.40 -36.28
C ALA A 1012 -35.87 11.08 -37.72
N ILE A 1013 -36.22 9.89 -38.20
CA ILE A 1013 -35.88 9.54 -39.58
C ILE A 1013 -36.54 10.50 -40.55
N PHE A 1014 -37.82 10.82 -40.30
CA PHE A 1014 -38.51 11.80 -41.14
C PHE A 1014 -37.90 13.18 -40.98
N PHE A 1015 -37.53 13.55 -39.74
CA PHE A 1015 -37.18 14.93 -39.44
C PHE A 1015 -35.80 15.29 -39.94
N VAL A 1016 -34.84 14.37 -39.84
CA VAL A 1016 -33.45 14.72 -40.15
C VAL A 1016 -33.29 15.26 -41.55
N PRO A 1017 -33.90 14.68 -42.60
CA PRO A 1017 -33.80 15.31 -43.92
C PRO A 1017 -34.29 16.75 -43.95
N LEU A 1018 -35.36 17.05 -43.20
CA LEU A 1018 -35.84 18.42 -43.13
C LEU A 1018 -34.79 19.33 -42.51
N PHE A 1019 -34.09 18.85 -41.48
CA PHE A 1019 -33.09 19.69 -40.85
C PHE A 1019 -31.89 19.90 -41.77
N PHE A 1020 -31.50 18.86 -42.52
CA PHE A 1020 -30.46 19.05 -43.53
C PHE A 1020 -30.89 20.10 -44.55
N TYR A 1021 -32.14 20.02 -44.99
CA TYR A 1021 -32.66 20.99 -45.94
C TYR A 1021 -32.60 22.41 -45.37
N LEU A 1022 -33.04 22.57 -44.13
CA LEU A 1022 -33.02 23.88 -43.49
C LEU A 1022 -31.61 24.42 -43.35
N LEU A 1023 -30.67 23.57 -42.95
CA LEU A 1023 -29.29 24.01 -42.78
C LEU A 1023 -28.67 24.43 -44.12
N GLU A 1024 -28.93 23.66 -45.17
CA GLU A 1024 -28.38 24.04 -46.47
C GLU A 1024 -29.01 25.33 -46.96
N ASN A 1025 -30.31 25.52 -46.75
CA ASN A 1025 -30.95 26.78 -47.13
C ASN A 1025 -30.33 27.95 -46.37
N PHE A 1026 -30.09 27.77 -45.06
CA PHE A 1026 -29.44 28.83 -44.30
C PHE A 1026 -28.04 29.12 -44.84
N ASN A 1027 -27.30 28.07 -45.20
CA ASN A 1027 -26.00 28.27 -45.82
C ASN A 1027 -26.12 29.10 -47.09
N GLU A 1028 -27.13 28.82 -47.90
CA GLU A 1028 -27.36 29.64 -49.08
C GLU A 1028 -27.64 31.10 -48.71
N TRP A 1029 -28.39 31.31 -47.63
CA TRP A 1029 -28.65 32.68 -47.17
C TRP A 1029 -27.36 33.39 -46.82
N LEU A 1030 -26.43 32.68 -46.16
CA LEU A 1030 -25.15 33.29 -45.82
C LEU A 1030 -24.38 33.69 -47.07
N ASP A 1031 -24.41 32.86 -48.11
CA ASP A 1031 -23.68 33.17 -49.33
C ASP A 1031 -24.16 34.48 -49.95
N LYS A 1032 -25.48 34.69 -49.97
CA LYS A 1032 -26.05 35.91 -50.52
C LYS A 1032 -25.58 37.14 -49.74
N MET B 1 2.29 14.72 -47.05
CA MET B 1 2.50 15.97 -46.29
C MET B 1 1.44 16.12 -45.21
N PHE B 2 1.85 15.94 -43.96
CA PHE B 2 0.92 16.01 -42.84
C PHE B 2 0.31 17.40 -42.72
N SER B 3 1.12 18.44 -42.91
CA SER B 3 0.62 19.81 -42.78
C SER B 3 -0.30 20.17 -43.95
N LYS B 4 -0.03 19.62 -45.13
CA LYS B 4 -0.87 19.94 -46.29
C LYS B 4 -2.30 19.48 -46.06
N PHE B 5 -2.49 18.37 -45.36
CA PHE B 5 -3.85 17.91 -45.08
C PHE B 5 -4.62 18.93 -44.26
N PHE B 6 -3.98 19.49 -43.22
CA PHE B 6 -4.67 20.47 -42.40
C PHE B 6 -4.85 21.79 -43.13
N ILE B 7 -3.90 22.14 -44.00
CA ILE B 7 -4.06 23.35 -44.81
C ILE B 7 -5.30 23.24 -45.68
N GLU B 8 -5.58 22.05 -46.20
CA GLU B 8 -6.73 21.87 -47.08
C GLU B 8 -8.04 21.92 -46.31
N ARG B 9 -8.00 21.64 -45.00
CA ARG B 9 -9.20 21.57 -44.16
C ARG B 9 -9.02 22.48 -42.96
N PRO B 10 -9.25 23.80 -43.10
CA PRO B 10 -9.14 24.68 -41.94
C PRO B 10 -10.06 24.27 -40.81
N ILE B 11 -11.25 23.77 -41.14
CA ILE B 11 -12.20 23.36 -40.13
C ILE B 11 -11.59 22.31 -39.21
N PHE B 12 -10.84 21.38 -39.79
CA PHE B 12 -10.27 20.30 -38.99
C PHE B 12 -9.31 20.84 -37.95
N ALA B 13 -8.37 21.70 -38.37
CA ALA B 13 -7.46 22.32 -37.42
C ALA B 13 -8.23 23.10 -36.36
N SER B 14 -9.31 23.77 -36.77
CA SER B 14 -10.09 24.53 -35.81
C SER B 14 -10.68 23.64 -34.74
N VAL B 15 -11.24 22.48 -35.14
CA VAL B 15 -11.83 21.60 -34.13
C VAL B 15 -10.74 21.01 -33.24
N VAL B 16 -9.58 20.69 -33.80
CA VAL B 16 -8.51 20.16 -32.95
C VAL B 16 -8.13 21.20 -31.90
N ALA B 17 -8.00 22.47 -32.32
CA ALA B 17 -7.67 23.52 -31.37
C ALA B 17 -8.75 23.67 -30.32
N ILE B 18 -10.02 23.62 -30.74
CA ILE B 18 -11.12 23.83 -29.80
C ILE B 18 -11.16 22.70 -28.78
N ILE B 19 -10.97 21.46 -29.23
CA ILE B 19 -10.95 20.34 -28.31
C ILE B 19 -9.79 20.47 -27.33
N ILE B 20 -8.63 20.89 -27.83
CA ILE B 20 -7.48 21.09 -26.95
C ILE B 20 -7.82 22.10 -25.87
N SER B 21 -8.43 23.22 -26.27
CA SER B 21 -8.74 24.27 -25.30
C SER B 21 -9.76 23.81 -24.27
N ILE B 22 -10.80 23.08 -24.70
CA ILE B 22 -11.80 22.62 -23.74
C ILE B 22 -11.18 21.64 -22.75
N ALA B 23 -10.39 20.70 -23.26
CA ALA B 23 -9.71 19.77 -22.37
C ALA B 23 -8.82 20.52 -21.39
N GLY B 24 -8.15 21.57 -21.87
CA GLY B 24 -7.27 22.32 -21.00
C GLY B 24 -8.00 23.06 -19.90
N ILE B 25 -9.14 23.67 -20.24
CA ILE B 25 -9.87 24.41 -19.21
C ILE B 25 -10.45 23.46 -18.18
N ILE B 26 -10.97 22.32 -18.63
CA ILE B 26 -11.44 21.33 -17.66
C ILE B 26 -10.30 20.90 -16.75
N GLY B 27 -9.14 20.56 -17.34
CA GLY B 27 -7.97 20.23 -16.55
C GLY B 27 -7.67 21.30 -15.52
N LEU B 28 -7.45 22.53 -15.97
CA LEU B 28 -7.12 23.63 -15.07
C LEU B 28 -8.13 23.74 -13.96
N ALA B 29 -9.39 23.41 -14.24
CA ALA B 29 -10.39 23.34 -13.18
C ALA B 29 -10.02 22.26 -12.16
N ASN B 30 -9.55 21.10 -12.63
CA ASN B 30 -9.36 19.99 -11.68
C ASN B 30 -8.08 20.11 -10.85
N LEU B 31 -6.99 20.64 -11.41
CA LEU B 31 -5.72 20.55 -10.69
C LEU B 31 -5.81 21.18 -9.29
N PRO B 32 -5.11 20.63 -8.30
CA PRO B 32 -4.90 21.38 -7.07
C PRO B 32 -3.85 22.45 -7.26
N VAL B 33 -3.85 23.44 -6.35
CA VAL B 33 -2.86 24.52 -6.35
C VAL B 33 -2.06 24.39 -5.07
N GLU B 34 -0.73 24.44 -5.19
CA GLU B 34 0.17 24.21 -4.08
C GLU B 34 1.32 25.20 -4.11
N GLN B 35 1.81 25.52 -2.91
CA GLN B 35 2.94 26.44 -2.79
C GLN B 35 4.20 25.85 -3.43
N TYR B 36 4.30 24.53 -3.49
CA TYR B 36 5.46 23.86 -4.06
C TYR B 36 5.12 22.40 -4.30
N PRO B 37 5.88 21.71 -5.14
CA PRO B 37 5.54 20.32 -5.50
C PRO B 37 5.99 19.30 -4.45
N SER B 38 5.48 19.46 -3.24
CA SER B 38 5.69 18.50 -2.16
C SER B 38 7.18 18.21 -1.95
N LEU B 39 7.97 19.28 -1.88
CA LEU B 39 9.40 19.12 -1.66
C LEU B 39 9.71 18.65 -0.24
N THR B 40 8.73 18.66 0.66
CA THR B 40 8.99 18.32 2.05
C THR B 40 9.37 16.85 2.17
N PRO B 41 10.38 16.50 2.97
CA PRO B 41 10.66 15.09 3.22
C PRO B 41 9.61 14.48 4.14
N PRO B 42 9.13 13.28 3.84
CA PRO B 42 8.19 12.62 4.76
C PRO B 42 8.87 12.26 6.06
N THR B 43 8.09 12.23 7.14
CA THR B 43 8.63 11.91 8.45
C THR B 43 7.58 11.19 9.27
N VAL B 44 8.06 10.43 10.27
CA VAL B 44 7.20 9.71 11.21
C VAL B 44 7.66 10.06 12.61
N GLN B 45 6.71 10.40 13.48
CA GLN B 45 6.98 10.86 14.83
C GLN B 45 6.62 9.74 15.81
N VAL B 46 7.59 9.36 16.64
CA VAL B 46 7.39 8.37 17.69
C VAL B 46 7.58 9.08 19.01
N SER B 47 6.58 9.02 19.89
CA SER B 47 6.60 9.74 21.16
C SER B 47 6.19 8.81 22.29
N ALA B 48 6.97 8.82 23.37
CA ALA B 48 6.64 8.14 24.61
C ALA B 48 6.52 9.17 25.72
N THR B 49 5.70 8.86 26.72
CA THR B 49 5.38 9.80 27.79
C THR B 49 5.72 9.21 29.14
N TYR B 50 6.13 10.09 30.07
CA TYR B 50 6.47 9.72 31.43
C TYR B 50 6.05 10.86 32.35
N THR B 51 5.83 10.53 33.63
CA THR B 51 5.46 11.54 34.61
C THR B 51 6.64 12.43 34.96
N GLY B 52 7.71 11.83 35.47
CA GLY B 52 8.92 12.58 35.80
C GLY B 52 10.15 11.73 35.69
N ALA B 53 11.23 12.32 35.18
CA ALA B 53 12.50 11.65 35.03
C ALA B 53 13.50 12.66 34.48
N ASP B 54 14.75 12.22 34.37
CA ASP B 54 15.81 13.05 33.81
C ASP B 54 16.03 12.71 32.34
N ALA B 55 16.41 13.71 31.56
CA ALA B 55 16.51 13.53 30.12
C ALA B 55 17.67 12.63 29.73
N GLN B 56 18.76 12.66 30.49
CA GLN B 56 19.92 11.85 30.16
C GLN B 56 19.57 10.36 30.16
N THR B 57 18.94 9.90 31.24
CA THR B 57 18.59 8.48 31.33
C THR B 57 17.58 8.10 30.26
N ILE B 58 16.57 8.95 30.03
CA ILE B 58 15.59 8.64 29.00
C ILE B 58 16.27 8.49 27.66
N ALA B 59 17.11 9.45 27.29
CA ALA B 59 17.84 9.34 26.04
C ALA B 59 18.59 8.02 25.96
N SER B 60 19.54 7.80 26.88
CA SER B 60 20.44 6.66 26.77
C SER B 60 19.67 5.34 26.75
N THR B 61 18.66 5.20 27.60
CA THR B 61 17.98 3.91 27.70
C THR B 61 16.88 3.70 26.68
N VAL B 62 16.10 4.73 26.40
CA VAL B 62 15.00 4.58 25.47
C VAL B 62 15.33 4.88 24.01
N ALA B 63 15.95 6.02 23.71
CA ALA B 63 16.17 6.45 22.33
C ALA B 63 17.12 5.50 21.61
N THR B 64 18.22 5.12 22.26
CA THR B 64 19.21 4.28 21.58
C THR B 64 18.65 2.93 21.17
N PRO B 65 18.01 2.16 22.08
CA PRO B 65 17.43 0.89 21.59
C PRO B 65 16.38 1.06 20.51
N ILE B 66 15.59 2.11 20.58
CA ILE B 66 14.62 2.39 19.52
C ILE B 66 15.33 2.89 18.27
N GLU B 67 16.36 3.73 18.45
CA GLU B 67 17.05 4.30 17.29
C GLU B 67 17.67 3.21 16.43
N ASP B 68 18.35 2.24 17.05
CA ASP B 68 18.93 1.15 16.28
C ASP B 68 17.84 0.33 15.61
N ALA B 69 16.74 0.08 16.31
CA ALA B 69 15.61 -0.64 15.71
C ALA B 69 15.13 0.07 14.46
N ILE B 70 14.92 1.39 14.54
CA ILE B 70 14.51 2.15 13.37
C ILE B 70 15.60 2.13 12.32
N ASN B 71 16.87 2.16 12.74
CA ASN B 71 17.97 2.22 11.80
C ASN B 71 17.89 1.08 10.79
N GLY B 72 18.09 1.42 9.53
CA GLY B 72 17.90 0.48 8.44
C GLY B 72 16.54 0.54 7.78
N VAL B 73 15.62 1.37 8.29
CA VAL B 73 14.32 1.53 7.65
C VAL B 73 14.54 1.99 6.22
N ASP B 74 13.60 1.65 5.33
CA ASP B 74 13.74 2.03 3.94
C ASP B 74 13.74 3.54 3.74
N ASN B 75 14.75 4.04 3.04
CA ASN B 75 14.79 5.42 2.56
C ASN B 75 14.61 6.41 3.71
N MET B 76 15.54 6.39 4.67
CA MET B 76 15.56 7.36 5.76
C MET B 76 16.73 8.30 5.54
N ILE B 77 16.45 9.56 5.22
CA ILE B 77 17.52 10.52 5.01
C ILE B 77 18.30 10.75 6.30
N TYR B 78 17.59 10.95 7.41
CA TYR B 78 18.24 11.08 8.71
C TYR B 78 17.22 10.88 9.81
N MET B 79 17.73 10.62 11.02
CA MET B 79 16.90 10.36 12.19
C MET B 79 17.44 11.18 13.35
N ASP B 80 16.52 11.70 14.17
CA ASP B 80 16.88 12.45 15.36
C ASP B 80 15.92 12.08 16.49
N SER B 81 16.43 12.19 17.72
CA SER B 81 15.67 11.91 18.93
C SER B 81 15.93 13.01 19.95
N THR B 82 14.89 13.36 20.70
CA THR B 82 15.01 14.37 21.75
C THR B 82 14.24 13.90 22.97
N SER B 83 14.87 13.92 24.13
CA SER B 83 14.25 13.51 25.38
C SER B 83 14.14 14.70 26.31
N SER B 84 12.99 14.84 26.94
CA SER B 84 12.68 15.91 27.88
C SER B 84 12.09 15.31 29.13
N PRO B 85 12.15 16.02 30.26
CA PRO B 85 11.55 15.49 31.49
C PRO B 85 10.11 15.09 31.28
N GLY B 86 9.84 13.79 31.36
CA GLY B 86 8.50 13.27 31.24
C GLY B 86 8.08 12.86 29.84
N GLN B 87 8.88 13.12 28.82
CA GLN B 87 8.49 12.75 27.47
C GLN B 87 9.73 12.46 26.63
N MET B 88 9.54 11.63 25.61
CA MET B 88 10.57 11.34 24.62
C MET B 88 9.95 11.54 23.25
N LYS B 89 10.65 12.25 22.37
CA LYS B 89 10.21 12.45 20.99
C LYS B 89 11.29 11.93 20.05
N LEU B 90 10.91 11.07 19.12
CA LEU B 90 11.82 10.51 18.14
C LEU B 90 11.26 10.81 16.75
N THR B 91 11.98 11.62 15.99
CA THR B 91 11.56 12.02 14.65
C THR B 91 12.41 11.27 13.63
N VAL B 92 11.74 10.63 12.66
CA VAL B 92 12.39 9.92 11.58
C VAL B 92 12.01 10.62 10.28
N TYR B 93 12.99 10.87 9.42
CA TYR B 93 12.77 11.51 8.14
C TYR B 93 13.03 10.51 7.01
N PHE B 94 12.49 10.82 5.84
CA PHE B 94 12.51 9.89 4.71
C PHE B 94 12.76 10.67 3.42
N ASN B 95 13.10 9.93 2.37
CA ASN B 95 13.34 10.54 1.07
C ASN B 95 12.05 11.14 0.52
N ILE B 96 12.21 12.13 -0.36
CA ILE B 96 11.05 12.88 -0.85
C ILE B 96 10.05 11.95 -1.50
N GLY B 97 10.53 10.98 -2.28
CA GLY B 97 9.62 10.07 -2.98
C GLY B 97 8.96 9.05 -2.08
N THR B 98 9.53 8.76 -0.92
CA THR B 98 8.96 7.76 -0.03
C THR B 98 7.57 8.18 0.42
N ASP B 99 6.64 7.25 0.38
CA ASP B 99 5.28 7.51 0.84
C ASP B 99 5.27 7.50 2.37
N PRO B 100 4.84 8.57 3.04
CA PRO B 100 4.84 8.56 4.50
C PRO B 100 4.00 7.45 5.10
N ASP B 101 2.96 6.99 4.40
CA ASP B 101 2.12 5.93 4.93
C ASP B 101 2.89 4.62 5.03
N GLN B 102 3.54 4.20 3.94
CA GLN B 102 4.38 3.01 4.00
C GLN B 102 5.55 3.20 4.93
N ALA B 103 6.06 4.44 5.05
CA ALA B 103 7.12 4.70 6.03
C ALA B 103 6.64 4.41 7.45
N ALA B 104 5.44 4.86 7.78
CA ALA B 104 4.89 4.58 9.10
C ALA B 104 4.68 3.09 9.29
N ILE B 105 4.21 2.40 8.25
CA ILE B 105 4.03 0.96 8.35
C ILE B 105 5.35 0.27 8.65
N ASP B 106 6.42 0.65 7.95
CA ASP B 106 7.71 0.02 8.14
C ASP B 106 8.28 0.37 9.51
N VAL B 107 8.07 1.60 9.99
CA VAL B 107 8.51 1.96 11.33
C VAL B 107 7.81 1.10 12.37
N ASN B 108 6.50 0.92 12.21
CA ASN B 108 5.77 0.04 13.12
C ASN B 108 6.31 -1.37 13.09
N ASN B 109 6.60 -1.88 11.89
CA ASN B 109 7.15 -3.23 11.77
C ASN B 109 8.48 -3.34 12.50
N ARG B 110 9.36 -2.35 12.31
CA ARG B 110 10.69 -2.42 12.93
C ARG B 110 10.59 -2.33 14.45
N ILE B 111 9.77 -1.41 14.96
CA ILE B 111 9.65 -1.28 16.42
C ILE B 111 9.02 -2.55 17.00
N SER B 112 8.08 -3.15 16.28
CA SER B 112 7.51 -4.41 16.74
C SER B 112 8.57 -5.51 16.78
N ALA B 113 9.41 -5.58 15.75
CA ALA B 113 10.44 -6.61 15.72
C ALA B 113 11.45 -6.42 16.85
N ALA B 114 11.79 -5.18 17.16
CA ALA B 114 12.82 -4.88 18.15
C ALA B 114 12.26 -4.63 19.54
N THR B 115 10.94 -4.79 19.74
CA THR B 115 10.35 -4.58 21.06
C THR B 115 11.06 -5.35 22.17
N ALA B 116 11.81 -6.40 21.83
CA ALA B 116 12.54 -7.13 22.86
C ALA B 116 13.55 -6.22 23.55
N LYS B 117 14.26 -5.40 22.79
CA LYS B 117 15.28 -4.56 23.40
C LYS B 117 14.72 -3.21 23.83
N LEU B 118 13.48 -3.19 24.31
CA LEU B 118 12.86 -1.91 24.66
C LEU B 118 12.64 -1.71 26.15
N PRO B 119 13.09 -0.58 26.69
CA PRO B 119 12.93 -0.27 28.11
C PRO B 119 11.82 0.73 28.41
N GLU B 120 10.91 0.95 27.47
CA GLU B 120 9.82 1.92 27.65
C GLU B 120 8.71 1.29 28.46
N ALA B 121 8.93 0.07 28.92
CA ALA B 121 7.92 -0.66 29.67
C ALA B 121 7.48 -0.01 30.97
N VAL B 122 8.31 0.84 31.57
CA VAL B 122 7.94 1.38 32.88
C VAL B 122 6.61 2.09 32.72
N LYS B 123 6.43 2.84 31.64
CA LYS B 123 5.20 3.63 31.52
C LYS B 123 4.58 3.35 30.16
N LYS B 124 3.47 2.61 30.15
CA LYS B 124 2.79 2.20 28.93
C LYS B 124 1.49 2.95 28.70
N LEU B 125 1.20 3.97 29.51
CA LEU B 125 -0.04 4.72 29.33
C LEU B 125 -0.09 5.42 27.98
N GLY B 126 1.03 6.00 27.56
CA GLY B 126 1.09 6.68 26.28
C GLY B 126 2.28 6.27 25.43
N VAL B 127 2.01 5.65 24.28
CA VAL B 127 3.00 5.40 23.24
C VAL B 127 2.34 5.69 21.91
N THR B 128 2.95 6.56 21.11
CA THR B 128 2.34 7.04 19.88
C THR B 128 3.33 6.96 18.73
N VAL B 129 2.85 6.50 17.59
CA VAL B 129 3.58 6.60 16.32
C VAL B 129 2.65 7.28 15.34
N ARG B 130 3.02 8.49 14.91
CA ARG B 130 2.12 9.34 14.15
C ARG B 130 2.83 9.90 12.94
N LYS B 131 2.17 9.86 11.79
CA LYS B 131 2.67 10.58 10.61
C LYS B 131 2.63 12.07 10.90
N SER B 132 3.81 12.69 10.91
CA SER B 132 3.94 14.09 11.30
C SER B 132 4.22 14.94 10.07
N SER B 133 3.78 16.19 10.14
CA SER B 133 4.01 17.18 9.09
C SER B 133 4.68 18.40 9.71
N SER B 134 5.84 18.78 9.17
CA SER B 134 6.54 19.95 9.68
C SER B 134 5.75 21.22 9.40
N THR B 135 5.15 21.31 8.22
CA THR B 135 4.40 22.51 7.84
C THR B 135 3.18 22.69 8.72
N ILE B 136 2.92 23.93 9.13
CA ILE B 136 1.70 24.31 9.82
C ILE B 136 0.94 25.25 8.92
N LEU B 137 -0.30 24.87 8.58
CA LEU B 137 -1.07 25.65 7.63
C LEU B 137 -1.36 27.05 8.16
N GLU B 138 -1.73 27.14 9.43
CA GLU B 138 -2.08 28.42 10.03
C GLU B 138 -2.20 28.25 11.53
N VAL B 139 -2.31 29.39 12.23
CA VAL B 139 -2.49 29.42 13.67
C VAL B 139 -3.70 30.28 13.96
N VAL B 140 -4.67 29.73 14.68
CA VAL B 140 -5.91 30.43 15.02
C VAL B 140 -5.88 30.72 16.52
N SER B 141 -6.00 31.99 16.88
CA SER B 141 -6.01 32.42 18.26
C SER B 141 -7.45 32.69 18.68
N VAL B 142 -7.94 31.91 19.65
CA VAL B 142 -9.28 32.09 20.19
C VAL B 142 -9.14 32.96 21.42
N TYR B 143 -9.60 34.21 21.32
CA TYR B 143 -9.42 35.21 22.36
C TYR B 143 -10.77 35.77 22.75
N SER B 144 -10.99 35.94 24.05
CA SER B 144 -12.26 36.42 24.59
C SER B 144 -12.19 37.93 24.78
N GLU B 145 -13.21 38.63 24.28
CA GLU B 145 -13.24 40.08 24.38
C GLU B 145 -13.45 40.53 25.83
N ASP B 146 -14.45 39.96 26.50
CA ASP B 146 -14.84 40.45 27.82
C ASP B 146 -13.82 40.11 28.90
N SER B 147 -12.91 39.17 28.64
CA SER B 147 -11.92 38.69 29.60
C SER B 147 -12.56 37.94 30.76
N SER B 148 -13.85 37.64 30.69
CA SER B 148 -14.52 36.93 31.77
C SER B 148 -13.93 35.53 31.94
N MET B 149 -13.67 34.84 30.84
CA MET B 149 -13.13 33.49 30.87
C MET B 149 -11.60 33.55 30.84
N ASN B 150 -10.97 32.82 31.76
CA ASN B 150 -9.52 32.79 31.82
C ASN B 150 -8.97 31.79 30.81
N ASP B 151 -7.64 31.65 30.79
CA ASP B 151 -7.01 30.80 29.79
C ASP B 151 -7.48 29.36 29.89
N ILE B 152 -7.66 28.86 31.11
CA ILE B 152 -8.04 27.46 31.28
C ILE B 152 -9.41 27.20 30.68
N ASP B 153 -10.37 28.08 30.96
CA ASP B 153 -11.72 27.89 30.45
C ASP B 153 -11.74 27.97 28.93
N ILE B 154 -11.03 28.95 28.35
CA ILE B 154 -10.98 29.06 26.90
C ILE B 154 -10.36 27.82 26.29
N TYR B 155 -9.25 27.34 26.88
CA TYR B 155 -8.62 26.15 26.33
C TYR B 155 -9.54 24.95 26.38
N ASN B 156 -10.23 24.76 27.51
CA ASN B 156 -11.13 23.61 27.64
C ASN B 156 -12.27 23.70 26.64
N TYR B 157 -12.86 24.89 26.49
CA TYR B 157 -13.94 25.04 25.52
C TYR B 157 -13.45 24.76 24.11
N VAL B 158 -12.29 25.30 23.74
CA VAL B 158 -11.74 25.06 22.42
C VAL B 158 -11.55 23.58 22.19
N SER B 159 -10.89 22.90 23.14
CA SER B 159 -10.61 21.48 22.98
C SER B 159 -11.91 20.68 22.86
N LEU B 160 -12.91 21.03 23.64
CA LEU B 160 -14.17 20.28 23.61
C LEU B 160 -14.89 20.46 22.28
N ASN B 161 -14.98 21.70 21.79
CA ASN B 161 -15.86 22.01 20.67
C ASN B 161 -15.14 22.09 19.33
N ILE B 162 -14.13 22.96 19.23
CA ILE B 162 -13.60 23.33 17.92
C ILE B 162 -12.51 22.36 17.45
N LEU B 163 -11.68 21.89 18.37
CA LEU B 163 -10.53 21.09 17.97
C LEU B 163 -10.95 19.80 17.30
N ASP B 164 -11.96 19.12 17.85
CA ASP B 164 -12.41 17.86 17.26
C ASP B 164 -12.95 18.08 15.85
N GLU B 165 -13.81 19.08 15.67
CA GLU B 165 -14.37 19.36 14.35
C GLU B 165 -13.27 19.68 13.35
N LEU B 166 -12.27 20.46 13.77
CA LEU B 166 -11.15 20.74 12.89
C LEU B 166 -10.39 19.46 12.54
N LYS B 167 -10.19 18.56 13.50
CA LYS B 167 -9.53 17.30 13.16
C LYS B 167 -10.28 16.59 12.04
N ARG B 168 -11.60 16.60 12.11
CA ARG B 168 -12.42 15.97 11.07
C ARG B 168 -12.28 16.59 9.70
N ILE B 169 -12.11 17.91 9.64
CA ILE B 169 -12.06 18.59 8.35
C ILE B 169 -10.98 17.99 7.46
N PRO B 170 -11.33 17.72 6.18
CA PRO B 170 -10.38 17.06 5.29
C PRO B 170 -9.16 17.92 5.00
N GLY B 171 -8.00 17.27 4.89
CA GLY B 171 -6.77 17.99 4.63
C GLY B 171 -6.11 18.51 5.88
N VAL B 172 -6.72 18.26 7.04
CA VAL B 172 -6.09 18.66 8.27
C VAL B 172 -5.46 17.40 8.81
N GLY B 173 -4.15 17.45 9.01
CA GLY B 173 -3.45 16.29 9.51
C GLY B 173 -3.57 16.28 11.00
N ASP B 174 -3.41 17.44 11.62
CA ASP B 174 -3.57 17.53 13.07
C ASP B 174 -3.91 18.96 13.45
N ALA B 175 -4.71 19.10 14.50
CA ALA B 175 -5.03 20.40 15.08
C ALA B 175 -4.85 20.30 16.59
N SER B 176 -3.91 21.08 17.13
CA SER B 176 -3.57 21.02 18.54
C SER B 176 -3.47 22.42 19.10
N ALA B 177 -3.62 22.52 20.41
CA ALA B 177 -3.55 23.79 21.13
C ALA B 177 -2.38 23.77 22.09
N ILE B 178 -1.58 24.85 22.07
CA ILE B 178 -0.46 24.96 22.99
C ILE B 178 -0.96 24.90 24.42
N GLY B 179 -0.16 24.29 25.29
CA GLY B 179 -0.56 24.04 26.65
C GLY B 179 -1.33 22.76 26.78
N ASN B 180 -1.39 22.26 28.01
CA ASN B 180 -2.20 21.09 28.35
C ASN B 180 -3.20 21.47 29.43
N LYS B 181 -3.75 22.67 29.33
CA LYS B 181 -4.58 23.21 30.40
C LYS B 181 -6.00 22.66 30.34
N ASN B 182 -6.14 21.34 30.28
CA ASN B 182 -7.45 20.73 30.36
C ASN B 182 -7.93 20.74 31.81
N TYR B 183 -9.24 20.71 31.98
CA TYR B 183 -9.80 20.61 33.32
C TYR B 183 -9.26 19.38 34.01
N SER B 184 -8.96 19.51 35.30
CA SER B 184 -8.47 18.40 36.10
C SER B 184 -8.79 18.69 37.56
N MET B 185 -9.15 17.64 38.29
CA MET B 185 -9.60 17.78 39.68
C MET B 185 -8.38 17.86 40.59
N ARG B 186 -7.70 19.01 40.52
CA ARG B 186 -6.52 19.22 41.35
C ARG B 186 -6.88 19.11 42.82
N ILE B 187 -6.11 18.32 43.56
CA ILE B 187 -6.26 18.16 45.00
C ILE B 187 -4.98 18.69 45.63
N TRP B 188 -5.10 19.78 46.38
CA TRP B 188 -3.94 20.44 46.98
C TRP B 188 -3.83 19.97 48.44
N LEU B 189 -2.92 19.04 48.68
CA LEU B 189 -2.67 18.59 50.04
C LEU B 189 -2.02 19.68 50.85
N GLU B 190 -2.43 19.80 52.12
CA GLU B 190 -1.80 20.72 53.04
C GLU B 190 -0.92 19.92 53.99
N PRO B 191 0.41 19.97 53.87
CA PRO B 191 1.24 19.13 54.75
C PRO B 191 1.04 19.41 56.22
N ASP B 192 0.74 20.66 56.61
CA ASP B 192 0.53 20.94 58.02
C ASP B 192 -0.69 20.20 58.55
N LEU B 193 -1.84 20.36 57.89
CA LEU B 193 -3.03 19.63 58.31
C LEU B 193 -2.86 18.14 58.10
N LEU B 194 -2.20 17.75 57.01
CA LEU B 194 -1.98 16.34 56.72
C LEU B 194 -1.22 15.68 57.85
N ASN B 195 -0.20 16.37 58.39
CA ASN B 195 0.52 15.85 59.55
C ASN B 195 -0.34 15.91 60.81
N LYS B 196 -1.13 16.98 60.96
CA LYS B 196 -1.93 17.14 62.16
C LYS B 196 -2.92 15.99 62.34
N PHE B 197 -3.56 15.58 61.25
CA PHE B 197 -4.58 14.54 61.32
C PHE B 197 -4.01 13.13 61.20
N GLY B 198 -2.69 12.98 61.02
CA GLY B 198 -2.09 11.67 60.95
C GLY B 198 -2.22 10.97 59.62
N VAL B 199 -2.79 11.64 58.61
CA VAL B 199 -2.91 11.04 57.29
C VAL B 199 -1.65 11.30 56.48
N THR B 200 -1.43 10.49 55.45
CA THR B 200 -0.29 10.62 54.56
C THR B 200 -0.76 10.57 53.12
N ALA B 201 0.11 10.99 52.21
CA ALA B 201 -0.27 11.07 50.80
C ALA B 201 -0.68 9.73 50.24
N ASN B 202 -0.06 8.63 50.71
CA ASN B 202 -0.44 7.32 50.20
C ASN B 202 -1.89 6.99 50.54
N ASP B 203 -2.32 7.33 51.76
CA ASP B 203 -3.71 7.09 52.13
C ASP B 203 -4.66 7.88 51.25
N VAL B 204 -4.34 9.14 50.98
CA VAL B 204 -5.20 9.95 50.13
C VAL B 204 -5.27 9.37 48.72
N ILE B 205 -4.13 8.94 48.19
CA ILE B 205 -4.12 8.36 46.85
C ILE B 205 -4.96 7.09 46.82
N ASN B 206 -4.81 6.24 47.83
CA ASN B 206 -5.61 5.02 47.88
C ASN B 206 -7.10 5.32 47.97
N ALA B 207 -7.47 6.28 48.81
CA ALA B 207 -8.89 6.62 48.94
C ALA B 207 -9.45 7.14 47.62
N VAL B 208 -8.72 8.03 46.94
CA VAL B 208 -9.22 8.56 45.69
C VAL B 208 -9.29 7.46 44.63
N ASN B 209 -8.33 6.55 44.62
CA ASN B 209 -8.35 5.46 43.65
C ASN B 209 -9.53 4.53 43.90
N ASP B 210 -9.80 4.24 45.17
CA ASP B 210 -10.85 3.28 45.50
C ASP B 210 -12.25 3.87 45.28
N GLN B 211 -12.47 5.10 45.75
CA GLN B 211 -13.82 5.65 45.81
C GLN B 211 -14.19 6.50 44.60
N ASN B 212 -13.32 6.61 43.61
CA ASN B 212 -13.60 7.38 42.40
C ASN B 212 -13.35 6.55 41.15
N ALA B 213 -13.87 5.32 41.14
CA ALA B 213 -13.71 4.42 40.01
C ALA B 213 -15.06 3.81 39.67
N GLN B 214 -15.28 3.57 38.39
CA GLN B 214 -16.49 2.92 37.93
C GLN B 214 -16.29 1.40 37.93
N TYR B 215 -17.27 0.68 38.48
CA TYR B 215 -17.18 -0.76 38.62
C TYR B 215 -18.32 -1.43 37.88
N ALA B 216 -18.26 -2.76 37.84
CA ALA B 216 -19.19 -3.56 37.05
C ALA B 216 -20.24 -4.18 37.97
N THR B 217 -21.51 -4.05 37.58
CA THR B 217 -22.62 -4.69 38.27
C THR B 217 -23.47 -5.41 37.23
N GLY B 218 -23.83 -6.66 37.54
CA GLY B 218 -24.53 -7.50 36.58
C GLY B 218 -26.01 -7.21 36.52
N LYS B 219 -26.71 -8.01 35.70
CA LYS B 219 -28.13 -7.85 35.50
C LYS B 219 -28.92 -8.72 36.48
N ILE B 220 -30.20 -8.42 36.59
CA ILE B 220 -31.13 -9.14 37.46
C ILE B 220 -32.19 -9.81 36.60
N GLY B 221 -32.53 -11.04 36.96
CA GLY B 221 -33.50 -11.80 36.19
C GLY B 221 -32.94 -12.52 34.99
N GLU B 222 -31.64 -12.42 34.74
CA GLU B 222 -31.04 -13.07 33.59
C GLU B 222 -31.04 -14.58 33.77
N GLU B 223 -31.21 -15.29 32.66
CA GLU B 223 -31.17 -16.74 32.69
C GLU B 223 -29.76 -17.23 33.00
N PRO B 224 -29.61 -18.48 33.49
CA PRO B 224 -30.63 -19.51 33.70
C PRO B 224 -31.31 -19.38 35.05
N VAL B 225 -32.63 -19.27 35.06
CA VAL B 225 -33.40 -19.14 36.29
C VAL B 225 -34.43 -20.26 36.32
N VAL B 226 -34.48 -21.00 37.43
CA VAL B 226 -35.50 -22.04 37.58
C VAL B 226 -36.88 -21.40 37.63
N ASN B 227 -37.02 -20.31 38.37
CA ASN B 227 -38.25 -19.55 38.44
C ASN B 227 -38.19 -18.44 37.40
N LYS B 228 -39.08 -18.51 36.41
CA LYS B 228 -39.01 -17.59 35.28
C LYS B 228 -39.39 -16.18 35.72
N SER B 229 -38.68 -15.20 35.16
CA SER B 229 -38.87 -13.79 35.46
C SER B 229 -39.58 -13.09 34.31
N PRO B 230 -40.61 -12.27 34.58
CA PRO B 230 -41.28 -11.59 33.47
C PRO B 230 -40.36 -10.68 32.67
N GLN B 231 -39.40 -10.03 33.33
CA GLN B 231 -38.54 -9.06 32.67
C GLN B 231 -37.13 -9.14 33.24
N VAL B 232 -36.17 -8.68 32.45
CA VAL B 232 -34.76 -8.64 32.84
C VAL B 232 -34.39 -7.19 33.06
N ILE B 233 -33.82 -6.90 34.23
CA ILE B 233 -33.50 -5.53 34.64
C ILE B 233 -32.02 -5.48 34.97
N SER B 234 -31.31 -4.56 34.32
CA SER B 234 -29.90 -4.37 34.62
C SER B 234 -29.74 -3.50 35.85
N ILE B 235 -28.50 -3.38 36.32
CA ILE B 235 -28.16 -2.57 37.49
C ILE B 235 -27.16 -1.51 37.05
N THR B 236 -27.47 -0.26 37.36
CA THR B 236 -26.63 0.88 37.00
C THR B 236 -26.10 1.53 38.27
N MET B 237 -24.81 1.87 38.25
CA MET B 237 -24.15 2.53 39.36
C MET B 237 -23.47 3.81 38.85
N GLN B 238 -23.32 4.77 39.76
CA GLN B 238 -22.63 6.01 39.49
C GLN B 238 -21.44 6.08 40.47
N GLY B 239 -20.33 5.45 40.06
CA GLY B 239 -19.20 5.32 40.96
C GLY B 239 -18.31 6.55 40.96
N ARG B 240 -18.09 7.13 39.79
CA ARG B 240 -17.14 8.23 39.66
C ARG B 240 -17.80 9.54 40.08
N LEU B 241 -17.18 10.23 41.03
CA LEU B 241 -17.69 11.51 41.47
C LEU B 241 -17.39 12.58 40.44
N GLN B 242 -18.23 13.62 40.39
CA GLN B 242 -18.17 14.60 39.32
C GLN B 242 -18.03 16.05 39.80
N THR B 243 -18.16 16.31 41.10
CA THR B 243 -18.19 17.68 41.59
C THR B 243 -17.12 17.88 42.65
N PRO B 244 -16.60 19.11 42.81
CA PRO B 244 -15.64 19.35 43.89
C PRO B 244 -16.20 19.02 45.26
N GLN B 245 -17.48 19.30 45.51
CA GLN B 245 -18.05 18.96 46.80
C GLN B 245 -18.03 17.46 47.05
N GLU B 246 -18.38 16.68 46.03
CA GLU B 246 -18.39 15.23 46.17
C GLU B 246 -16.98 14.69 46.39
N PHE B 247 -16.01 15.21 45.65
CA PHE B 247 -14.62 14.80 45.87
C PHE B 247 -14.14 15.18 47.26
N GLU B 248 -14.57 16.34 47.76
CA GLU B 248 -14.20 16.77 49.10
C GLU B 248 -14.71 15.83 50.17
N ASN B 249 -15.74 15.03 49.88
CA ASN B 249 -16.36 14.18 50.88
C ASN B 249 -15.79 12.77 50.90
N ILE B 250 -14.76 12.48 50.11
CA ILE B 250 -14.16 11.15 50.17
C ILE B 250 -13.63 10.91 51.58
N ILE B 251 -13.84 9.70 52.08
CA ILE B 251 -13.55 9.34 53.46
C ILE B 251 -12.17 8.68 53.50
N LEU B 252 -11.35 9.12 54.45
CA LEU B 252 -10.01 8.57 54.62
C LEU B 252 -9.91 7.62 55.80
N ARG B 253 -10.59 7.93 56.90
CA ARG B 253 -10.44 7.14 58.12
C ARG B 253 -11.70 7.29 58.95
N VAL B 254 -12.06 6.22 59.67
CA VAL B 254 -13.28 6.23 60.47
C VAL B 254 -13.09 7.09 61.71
N ASN B 255 -11.88 7.11 62.27
CA ASN B 255 -11.46 7.94 63.39
C ASN B 255 -11.90 7.35 64.73
N GLU B 256 -12.56 6.19 64.74
CA GLU B 256 -12.99 5.46 65.92
C GLU B 256 -13.79 6.31 66.90
N ASP B 257 -14.26 7.49 66.48
CA ASP B 257 -15.29 8.24 67.20
C ASP B 257 -16.55 8.34 66.36
N LYS B 258 -16.63 7.59 65.27
CA LYS B 258 -17.73 7.69 64.31
C LYS B 258 -17.85 9.10 63.77
N SER B 259 -16.69 9.72 63.54
CA SER B 259 -16.60 11.02 62.87
C SER B 259 -15.60 10.85 61.74
N PHE B 260 -16.11 10.72 60.52
CA PHE B 260 -15.26 10.42 59.38
C PHE B 260 -14.27 11.55 59.13
N LEU B 261 -13.07 11.18 58.68
CA LEU B 261 -12.06 12.14 58.26
C LEU B 261 -12.07 12.21 56.74
N ARG B 262 -12.39 13.39 56.21
CA ARG B 262 -12.61 13.58 54.79
C ARG B 262 -11.54 14.49 54.19
N ILE B 263 -11.35 14.36 52.88
CA ILE B 263 -10.27 15.08 52.21
C ILE B 263 -10.42 16.58 52.38
N LYS B 264 -11.65 17.07 52.60
CA LYS B 264 -11.84 18.49 52.83
C LYS B 264 -11.04 18.97 54.04
N ASP B 265 -10.91 18.11 55.06
CA ASP B 265 -10.18 18.51 56.26
C ASP B 265 -8.69 18.68 55.98
N VAL B 266 -8.11 17.80 55.15
CA VAL B 266 -6.67 17.78 54.96
C VAL B 266 -6.23 18.41 53.64
N ALA B 267 -7.15 18.81 52.78
CA ALA B 267 -6.77 19.37 51.49
C ALA B 267 -7.91 20.22 50.97
N LYS B 268 -7.58 21.07 50.01
CA LYS B 268 -8.55 21.90 49.30
C LYS B 268 -8.65 21.41 47.86
N VAL B 269 -9.88 21.20 47.40
CA VAL B 269 -10.15 20.63 46.09
C VAL B 269 -10.72 21.72 45.19
N GLU B 270 -10.17 21.84 43.99
CA GLU B 270 -10.62 22.84 43.03
C GLU B 270 -10.29 22.37 41.63
N ILE B 271 -11.14 22.73 40.68
CA ILE B 271 -10.94 22.35 39.29
C ILE B 271 -9.96 23.33 38.65
N GLY B 272 -8.89 22.81 38.08
CA GLY B 272 -7.85 23.63 37.50
C GLY B 272 -7.19 22.91 36.34
N ALA B 273 -6.20 23.58 35.76
CA ALA B 273 -5.51 23.04 34.61
C ALA B 273 -4.57 21.91 35.02
N GLU B 274 -4.33 21.00 34.08
CA GLU B 274 -3.35 19.95 34.29
C GLU B 274 -1.95 20.53 34.42
N GLN B 275 -1.61 21.50 33.57
CA GLN B 275 -0.33 22.21 33.64
C GLN B 275 -0.56 23.69 33.42
N TYR B 276 0.04 24.51 34.28
CA TYR B 276 -0.05 25.96 34.17
C TYR B 276 1.21 26.59 33.58
N ASN B 277 2.11 25.77 33.00
CA ASN B 277 3.41 26.28 32.58
C ASN B 277 3.29 27.29 31.44
N SER B 278 2.57 26.92 30.38
CA SER B 278 2.59 27.68 29.14
C SER B 278 1.31 28.48 28.97
N THR B 279 1.44 29.70 28.45
CA THR B 279 0.32 30.55 28.11
C THR B 279 0.57 31.18 26.75
N GLY B 280 -0.52 31.47 26.04
CA GLY B 280 -0.46 32.10 24.74
C GLY B 280 -1.08 33.47 24.76
N ARG B 281 -0.56 34.38 23.94
CA ARG B 281 -1.06 35.75 23.89
C ARG B 281 -1.16 36.19 22.44
N LEU B 282 -2.22 36.93 22.13
CA LEU B 282 -2.39 37.59 20.83
C LEU B 282 -2.38 39.09 21.10
N ASN B 283 -1.31 39.76 20.67
CA ASN B 283 -1.11 41.17 21.04
C ASN B 283 -1.11 41.22 22.57
N THR B 284 -1.73 42.23 23.18
CA THR B 284 -1.80 42.27 24.64
C THR B 284 -2.81 41.26 25.18
N SER B 285 -3.87 40.99 24.42
CA SER B 285 -4.91 40.10 24.91
C SER B 285 -4.39 38.67 25.03
N ALA B 286 -4.99 37.93 25.96
CA ALA B 286 -4.64 36.52 26.16
C ALA B 286 -5.52 35.63 25.30
N ALA B 287 -4.94 34.53 24.82
CA ALA B 287 -5.67 33.65 23.92
C ALA B 287 -5.01 32.28 23.94
N VAL B 288 -5.73 31.29 23.42
CA VAL B 288 -5.22 29.94 23.22
C VAL B 288 -4.96 29.76 21.73
N PRO B 289 -3.70 29.67 21.28
CA PRO B 289 -3.44 29.51 19.86
C PRO B 289 -3.41 28.04 19.46
N ILE B 290 -4.20 27.68 18.46
CA ILE B 290 -4.26 26.31 17.96
C ILE B 290 -3.57 26.26 16.62
N ILE B 291 -2.66 25.31 16.46
CA ILE B 291 -1.84 25.18 15.25
C ILE B 291 -2.37 24.02 14.43
N ILE B 292 -2.51 24.24 13.13
CA ILE B 292 -3.16 23.29 12.23
C ILE B 292 -2.09 22.77 11.28
N ASN B 293 -1.68 21.52 11.46
CA ASN B 293 -0.65 20.92 10.63
C ASN B 293 -1.29 20.34 9.38
N LEU B 294 -0.86 20.80 8.21
CA LEU B 294 -1.38 20.29 6.96
C LEU B 294 -1.02 18.82 6.80
N GLN B 295 -2.00 18.01 6.43
CA GLN B 295 -1.77 16.60 6.19
C GLN B 295 -0.79 16.43 5.03
N SER B 296 0.08 15.44 5.15
CA SER B 296 1.06 15.17 4.10
C SER B 296 0.33 14.90 2.79
N GLY B 297 0.78 15.55 1.72
CA GLY B 297 0.16 15.38 0.42
C GLY B 297 -1.26 15.91 0.34
N ALA B 298 -1.50 17.10 0.90
CA ALA B 298 -2.80 17.73 0.87
C ALA B 298 -2.67 19.16 0.38
N ASN B 299 -3.75 19.68 -0.18
CA ASN B 299 -3.75 21.04 -0.73
C ASN B 299 -3.93 22.06 0.39
N ALA B 300 -3.04 23.05 0.43
CA ALA B 300 -3.09 24.04 1.50
C ALA B 300 -4.28 24.98 1.35
N VAL B 301 -4.51 25.49 0.14
CA VAL B 301 -5.55 26.50 -0.05
C VAL B 301 -6.94 25.94 0.21
N ASN B 302 -7.20 24.74 -0.30
CA ASN B 302 -8.54 24.17 -0.14
C ASN B 302 -8.82 23.89 1.32
N THR B 303 -7.82 23.43 2.05
CA THR B 303 -7.99 23.16 3.45
C THR B 303 -8.29 24.43 4.20
N ALA B 304 -7.58 25.50 3.87
CA ALA B 304 -7.77 26.76 4.56
C ALA B 304 -9.17 27.29 4.36
N LYS B 305 -9.68 27.16 3.14
CA LYS B 305 -11.04 27.60 2.87
C LYS B 305 -12.01 26.77 3.70
N LEU B 306 -11.77 25.46 3.77
CA LEU B 306 -12.63 24.60 4.58
C LEU B 306 -12.56 24.99 6.04
N ILE B 307 -11.37 25.30 6.53
CA ILE B 307 -11.22 25.67 7.92
C ILE B 307 -11.93 26.99 8.19
N ASN B 308 -11.64 28.00 7.38
CA ASN B 308 -12.28 29.29 7.61
C ASN B 308 -13.80 29.16 7.63
N GLU B 309 -14.36 28.38 6.70
CA GLU B 309 -15.81 28.20 6.70
C GLU B 309 -16.29 27.51 7.97
N LYS B 310 -15.61 26.43 8.36
CA LYS B 310 -16.00 25.72 9.58
C LYS B 310 -15.88 26.62 10.80
N MET B 311 -14.84 27.44 10.84
CA MET B 311 -14.64 28.32 11.99
C MET B 311 -15.68 29.42 12.03
N GLN B 312 -16.16 29.87 10.86
CA GLN B 312 -17.29 30.78 10.86
C GLN B 312 -18.54 30.11 11.41
N GLU B 313 -18.80 28.88 10.98
CA GLU B 313 -19.94 28.14 11.50
C GLU B 313 -19.86 28.04 13.02
N LEU B 314 -18.68 27.71 13.54
CA LEU B 314 -18.53 27.61 15.00
C LEU B 314 -18.64 28.99 15.66
N SER B 315 -18.12 30.03 15.01
CA SER B 315 -18.22 31.37 15.54
C SER B 315 -19.67 31.77 15.76
N LYS B 316 -20.56 31.28 14.90
CA LYS B 316 -21.98 31.54 15.12
C LYS B 316 -22.43 30.99 16.47
N ASN B 317 -21.77 29.94 16.96
CA ASN B 317 -22.13 29.31 18.23
C ASN B 317 -21.19 29.68 19.38
N PHE B 318 -20.31 30.64 19.20
CA PHE B 318 -19.35 30.96 20.25
C PHE B 318 -20.09 31.47 21.49
N PRO B 319 -19.54 31.30 22.68
CA PRO B 319 -20.15 31.92 23.86
C PRO B 319 -19.93 33.43 23.83
N GLN B 320 -20.75 34.15 24.59
CA GLN B 320 -20.67 35.59 24.62
C GLN B 320 -19.27 36.05 24.99
N GLY B 321 -18.75 36.99 24.20
CA GLY B 321 -17.43 37.54 24.45
C GLY B 321 -16.30 36.64 23.97
N LEU B 322 -16.44 36.04 22.79
CA LEU B 322 -15.38 35.22 22.23
C LEU B 322 -15.23 35.55 20.75
N LYS B 323 -13.97 35.70 20.32
CA LYS B 323 -13.65 36.00 18.94
C LYS B 323 -12.45 35.16 18.53
N TYR B 324 -12.34 34.91 17.23
CA TYR B 324 -11.25 34.14 16.66
C TYR B 324 -10.51 34.98 15.63
N GLN B 325 -9.19 34.92 15.67
CA GLN B 325 -8.34 35.62 14.71
C GLN B 325 -7.28 34.65 14.22
N ILE B 326 -7.00 34.70 12.92
CA ILE B 326 -5.98 33.85 12.32
C ILE B 326 -4.78 34.74 11.99
N PRO B 327 -3.92 35.05 12.96
CA PRO B 327 -2.83 35.99 12.67
C PRO B 327 -1.90 35.50 11.58
N TYR B 328 -1.52 34.22 11.61
CA TYR B 328 -0.54 33.68 10.69
C TYR B 328 -1.16 32.53 9.91
N ASP B 329 -1.05 32.60 8.58
CA ASP B 329 -1.52 31.54 7.71
C ASP B 329 -0.68 31.54 6.45
N THR B 330 -0.38 30.35 5.93
CA THR B 330 0.43 30.22 4.74
C THR B 330 -0.37 30.38 3.46
N THR B 331 -1.70 30.36 3.53
CA THR B 331 -2.51 30.46 2.32
C THR B 331 -2.50 31.86 1.74
N ILE B 332 -2.36 32.88 2.60
CA ILE B 332 -2.36 34.25 2.11
C ILE B 332 -1.15 34.49 1.21
N PHE B 333 0.02 33.99 1.61
CA PHE B 333 1.20 34.14 0.78
C PHE B 333 1.02 33.44 -0.56
N VAL B 334 0.44 32.24 -0.54
CA VAL B 334 0.23 31.50 -1.79
C VAL B 334 -0.71 32.27 -2.70
N LYS B 335 -1.81 32.79 -2.15
CA LYS B 335 -2.75 33.53 -2.98
C LYS B 335 -2.10 34.78 -3.56
N ALA B 336 -1.35 35.52 -2.75
CA ALA B 336 -0.70 36.72 -3.25
C ALA B 336 0.30 36.38 -4.35
N SER B 337 1.08 35.33 -4.15
CA SER B 337 2.07 34.95 -5.17
C SER B 337 1.39 34.51 -6.46
N ILE B 338 0.30 33.75 -6.35
CA ILE B 338 -0.40 33.31 -7.55
C ILE B 338 -0.97 34.50 -8.31
N LYS B 339 -1.55 35.46 -7.58
CA LYS B 339 -2.10 36.64 -8.25
C LYS B 339 -0.97 37.44 -8.92
N GLU B 340 0.16 37.58 -8.25
CA GLU B 340 1.29 38.28 -8.86
C GLU B 340 1.77 37.56 -10.12
N VAL B 341 1.82 36.24 -10.08
CA VAL B 341 2.25 35.49 -11.26
C VAL B 341 1.24 35.66 -12.39
N ILE B 342 -0.04 35.74 -12.05
CA ILE B 342 -1.05 35.97 -13.09
C ILE B 342 -0.84 37.35 -13.71
N LYS B 343 -0.55 38.35 -12.88
CA LYS B 343 -0.27 39.68 -13.43
C LYS B 343 0.96 39.64 -14.33
N THR B 344 1.99 38.90 -13.92
CA THR B 344 3.18 38.77 -14.76
C THR B 344 2.85 38.08 -16.08
N PHE B 345 1.99 37.07 -16.04
CA PHE B 345 1.55 36.40 -17.25
C PHE B 345 0.87 37.40 -18.19
N VAL B 346 -0.03 38.21 -17.65
CA VAL B 346 -0.74 39.17 -18.49
C VAL B 346 0.23 40.19 -19.08
N GLU B 347 1.18 40.67 -18.26
CA GLU B 347 2.15 41.62 -18.76
C GLU B 347 3.01 41.01 -19.87
N ALA B 348 3.45 39.77 -19.69
CA ALA B 348 4.25 39.11 -20.72
C ALA B 348 3.45 38.93 -22.00
N LEU B 349 2.17 38.55 -21.88
CA LEU B 349 1.34 38.38 -23.06
C LEU B 349 1.16 39.70 -23.79
N ALA B 350 0.95 40.78 -23.06
CA ALA B 350 0.82 42.09 -23.70
C ALA B 350 2.10 42.49 -24.40
N LEU B 351 3.25 42.24 -23.76
CA LEU B 351 4.53 42.58 -24.39
C LEU B 351 4.74 41.77 -25.66
N VAL B 352 4.39 40.47 -25.63
CA VAL B 352 4.52 39.64 -26.80
C VAL B 352 3.61 40.15 -27.92
N LEU B 353 2.39 40.56 -27.56
CA LEU B 353 1.50 41.16 -28.55
C LEU B 353 2.15 42.38 -29.19
N VAL B 354 2.74 43.24 -28.38
CA VAL B 354 3.33 44.47 -28.91
C VAL B 354 4.46 44.14 -29.87
N VAL B 355 5.34 43.22 -29.47
CA VAL B 355 6.47 42.84 -30.31
C VAL B 355 5.98 42.24 -31.62
N MET B 356 4.99 41.35 -31.53
CA MET B 356 4.48 40.69 -32.72
C MET B 356 3.85 41.68 -33.68
N TYR B 357 3.06 42.62 -33.17
CA TYR B 357 2.49 43.62 -34.05
C TYR B 357 3.56 44.51 -34.65
N LEU B 358 4.59 44.85 -33.88
CA LEU B 358 5.65 45.69 -34.41
C LEU B 358 6.36 45.00 -35.56
N PHE B 359 6.63 43.70 -35.41
CA PHE B 359 7.41 42.98 -36.42
C PHE B 359 6.55 42.65 -37.64
N LEU B 360 5.37 42.08 -37.41
CA LEU B 360 4.41 41.79 -38.47
C LEU B 360 3.40 42.92 -38.50
N LYS B 361 3.39 43.68 -39.59
CA LYS B 361 2.54 44.87 -39.66
C LYS B 361 1.06 44.50 -39.56
N ASN B 362 0.64 43.46 -40.28
CA ASN B 362 -0.77 43.14 -40.35
C ASN B 362 -1.30 42.63 -39.01
N PHE B 363 -2.54 42.99 -38.70
CA PHE B 363 -3.16 42.54 -37.46
C PHE B 363 -3.39 41.03 -37.48
N LYS B 364 -3.82 40.50 -38.62
CA LYS B 364 -4.09 39.07 -38.71
C LYS B 364 -2.82 38.26 -38.43
N SER B 365 -1.71 38.69 -39.01
CA SER B 365 -0.43 38.02 -38.79
C SER B 365 -0.08 38.00 -37.31
N THR B 366 -0.48 39.05 -36.57
CA THR B 366 -0.21 39.08 -35.14
C THR B 366 -1.13 38.14 -34.37
N ILE B 367 -2.41 38.13 -34.71
CA ILE B 367 -3.35 37.33 -33.90
C ILE B 367 -3.09 35.85 -34.09
N ILE B 368 -2.69 35.44 -35.30
CA ILE B 368 -2.65 34.00 -35.60
C ILE B 368 -1.73 33.26 -34.61
N PRO B 369 -0.47 33.65 -34.46
CA PRO B 369 0.34 33.05 -33.37
C PRO B 369 -0.22 33.32 -31.99
N MET B 370 -0.80 34.50 -31.77
CA MET B 370 -1.36 34.80 -30.46
C MET B 370 -2.54 33.89 -30.14
N ILE B 371 -3.30 33.48 -31.15
CA ILE B 371 -4.36 32.50 -30.91
C ILE B 371 -3.80 31.09 -30.88
N ALA B 372 -2.58 30.90 -31.39
CA ALA B 372 -1.91 29.61 -31.17
C ALA B 372 -1.43 29.45 -29.74
N VAL B 373 -1.16 30.56 -29.05
CA VAL B 373 -0.67 30.48 -27.66
C VAL B 373 -1.68 29.80 -26.73
N PRO B 374 -2.93 30.24 -26.64
CA PRO B 374 -3.84 29.62 -25.66
C PRO B 374 -4.02 28.13 -25.82
N VAL B 375 -4.07 27.62 -27.05
CA VAL B 375 -4.28 26.19 -27.22
C VAL B 375 -3.11 25.42 -26.61
N SER B 376 -1.88 25.90 -26.83
CA SER B 376 -0.73 25.24 -26.23
C SER B 376 -0.78 25.28 -24.71
N LEU B 377 -1.08 26.46 -24.14
CA LEU B 377 -1.13 26.55 -22.67
C LEU B 377 -2.20 25.63 -22.10
N LEU B 378 -3.39 25.65 -22.71
CA LEU B 378 -4.49 24.85 -22.22
C LEU B 378 -4.18 23.36 -22.34
N GLY B 379 -3.56 22.94 -23.44
CA GLY B 379 -3.12 21.56 -23.55
C GLY B 379 -2.13 21.20 -22.47
N THR B 380 -1.24 22.12 -22.13
CA THR B 380 -0.30 21.87 -21.04
C THR B 380 -1.05 21.60 -19.75
N PHE B 381 -2.08 22.41 -19.45
CA PHE B 381 -2.88 22.14 -18.26
C PHE B 381 -3.55 20.78 -18.34
N ALA B 382 -4.06 20.41 -19.52
CA ALA B 382 -4.74 19.13 -19.66
C ALA B 382 -3.81 17.97 -19.35
N VAL B 383 -2.61 17.97 -19.94
CA VAL B 383 -1.67 16.89 -19.67
C VAL B 383 -1.24 16.91 -18.20
N LEU B 384 -1.14 18.10 -17.61
CA LEU B 384 -0.88 18.17 -16.17
C LEU B 384 -1.96 17.44 -15.39
N TYR B 385 -3.22 17.58 -15.81
CA TYR B 385 -4.30 16.84 -15.15
C TYR B 385 -4.14 15.33 -15.37
N VAL B 386 -3.80 14.92 -16.59
CA VAL B 386 -3.66 13.49 -16.87
C VAL B 386 -2.56 12.89 -16.00
N LEU B 387 -1.43 13.60 -15.86
CA LEU B 387 -0.28 13.08 -15.13
C LEU B 387 -0.37 13.32 -13.63
N GLY B 388 -1.40 14.02 -13.15
CA GLY B 388 -1.54 14.23 -11.72
C GLY B 388 -0.43 15.06 -11.12
N PHE B 389 -0.01 16.11 -11.81
CA PHE B 389 1.00 17.03 -11.30
C PHE B 389 0.32 18.29 -10.78
N SER B 390 0.48 18.55 -9.48
CA SER B 390 -0.18 19.68 -8.85
C SER B 390 0.35 21.00 -9.42
N ILE B 391 -0.54 21.99 -9.50
CA ILE B 391 -0.15 23.30 -9.97
C ILE B 391 0.66 23.99 -8.88
N ASN B 392 1.85 24.48 -9.24
CA ASN B 392 2.73 25.20 -8.33
C ASN B 392 3.11 26.52 -8.96
N LEU B 393 3.70 27.40 -8.16
CA LEU B 393 4.31 28.58 -8.75
C LEU B 393 5.38 28.18 -9.75
N LEU B 394 6.02 27.01 -9.55
CA LEU B 394 6.99 26.54 -10.54
C LEU B 394 6.32 26.30 -11.88
N THR B 395 5.15 25.67 -11.88
CA THR B 395 4.44 25.41 -13.13
C THR B 395 4.01 26.72 -13.79
N LEU B 396 3.52 27.67 -13.01
CA LEU B 396 3.12 28.95 -13.58
C LEU B 396 4.31 29.71 -14.13
N PHE B 397 5.45 29.67 -13.42
CA PHE B 397 6.67 30.23 -13.97
C PHE B 397 7.01 29.58 -15.29
N ALA B 398 6.91 28.25 -15.35
CA ALA B 398 7.23 27.55 -16.59
C ALA B 398 6.33 28.00 -17.72
N LEU B 399 5.05 28.20 -17.43
CA LEU B 399 4.12 28.69 -18.47
C LEU B 399 4.48 30.11 -18.89
N VAL B 400 4.88 30.96 -17.93
CA VAL B 400 5.27 32.31 -18.28
C VAL B 400 6.48 32.30 -19.20
N LEU B 401 7.48 31.47 -18.87
CA LEU B 401 8.62 31.31 -19.76
C LEU B 401 8.18 30.76 -21.11
N ALA B 402 7.21 29.87 -21.11
CA ALA B 402 6.76 29.22 -22.32
C ALA B 402 6.02 30.15 -23.25
N ILE B 403 5.42 31.22 -22.72
CA ILE B 403 4.75 32.21 -23.55
C ILE B 403 5.65 32.57 -24.73
N GLY B 404 6.93 32.81 -24.44
CA GLY B 404 7.87 33.12 -25.49
C GLY B 404 8.16 31.94 -26.40
N ILE B 405 8.31 30.74 -25.84
CA ILE B 405 8.84 29.65 -26.65
C ILE B 405 7.79 29.18 -27.65
N VAL B 406 6.52 29.19 -27.26
CA VAL B 406 5.49 28.60 -28.11
C VAL B 406 5.34 29.40 -29.40
N VAL B 407 5.52 30.72 -29.31
CA VAL B 407 5.31 31.57 -30.48
C VAL B 407 6.50 31.52 -31.37
N ASP B 408 7.57 30.84 -31.00
CA ASP B 408 8.73 30.70 -31.88
C ASP B 408 8.43 29.92 -33.15
N ASP B 409 7.60 28.88 -33.08
CA ASP B 409 7.23 28.07 -34.25
C ASP B 409 6.17 28.78 -35.10
N ALA B 410 5.19 29.42 -34.48
CA ALA B 410 4.15 30.18 -35.17
C ALA B 410 4.72 31.41 -35.84
N ILE B 411 5.62 32.14 -35.16
CA ILE B 411 6.16 33.36 -35.74
C ILE B 411 7.01 33.03 -36.96
N ILE B 412 7.84 31.97 -36.88
CA ILE B 412 8.70 31.67 -38.02
C ILE B 412 7.85 31.28 -39.22
N VAL B 413 6.83 30.45 -39.00
CA VAL B 413 6.01 30.01 -40.13
C VAL B 413 5.29 31.19 -40.76
N VAL B 414 4.69 32.06 -39.93
CA VAL B 414 3.94 33.18 -40.52
C VAL B 414 4.89 34.09 -41.27
N GLU B 415 6.08 34.34 -40.72
CA GLU B 415 6.96 35.32 -41.36
C GLU B 415 7.54 34.75 -42.64
N ASN B 416 7.83 33.45 -42.66
CA ASN B 416 8.27 32.81 -43.90
C ASN B 416 7.18 32.87 -44.95
N ILE B 417 5.93 32.62 -44.55
CA ILE B 417 4.82 32.77 -45.49
C ILE B 417 4.78 34.20 -46.01
N ASP B 418 5.01 35.18 -45.14
CA ASP B 418 5.01 36.58 -45.54
C ASP B 418 6.09 36.83 -46.59
N ARG B 419 7.29 36.31 -46.35
CA ARG B 419 8.39 36.54 -47.29
C ARG B 419 8.09 35.92 -48.65
N ILE B 420 7.64 34.65 -48.66
CA ILE B 420 7.31 34.00 -49.92
C ILE B 420 6.19 34.73 -50.62
N LEU B 421 5.24 35.26 -49.86
CA LEU B 421 4.22 36.13 -50.43
C LEU B 421 4.87 37.34 -51.08
N HIS B 422 5.89 37.90 -50.43
CA HIS B 422 6.50 39.15 -50.90
C HIS B 422 7.22 38.96 -52.22
N GLU B 423 8.16 38.00 -52.31
CA GLU B 423 9.06 38.03 -53.46
C GLU B 423 8.33 37.71 -54.76
N ASP B 424 7.31 36.87 -54.71
CA ASP B 424 6.58 36.44 -55.90
C ASP B 424 5.16 36.98 -55.86
N SER B 425 4.78 37.69 -56.92
CA SER B 425 3.42 38.22 -57.03
C SER B 425 2.42 37.13 -57.39
N ASN B 426 2.81 36.22 -58.29
CA ASN B 426 1.84 35.28 -58.84
C ASN B 426 1.41 34.23 -57.82
N ILE B 427 2.30 33.90 -56.87
CA ILE B 427 2.03 32.78 -55.97
C ILE B 427 0.78 33.07 -55.16
N SER B 428 -0.10 32.07 -55.08
CA SER B 428 -1.34 32.21 -54.33
C SER B 428 -1.08 32.05 -52.83
N VAL B 429 -2.02 32.54 -52.03
CA VAL B 429 -1.84 32.53 -50.58
C VAL B 429 -1.70 31.10 -50.06
N LYS B 430 -2.59 30.21 -50.50
CA LYS B 430 -2.52 28.83 -50.05
C LYS B 430 -1.29 28.13 -50.61
N ASP B 431 -0.96 28.39 -51.88
CA ASP B 431 0.24 27.80 -52.45
C ASP B 431 1.48 28.24 -51.69
N ALA B 432 1.57 29.53 -51.36
CA ALA B 432 2.71 30.03 -50.61
C ALA B 432 2.74 29.45 -49.20
N ALA B 433 1.58 29.27 -48.58
CA ALA B 433 1.55 28.64 -47.26
C ALA B 433 2.09 27.23 -47.33
N ILE B 434 1.69 26.47 -48.35
CA ILE B 434 2.19 25.11 -48.51
C ILE B 434 3.70 25.12 -48.73
N LYS B 435 4.17 26.05 -49.58
CA LYS B 435 5.61 26.13 -49.85
C LYS B 435 6.38 26.46 -48.57
N ALA B 436 5.88 27.42 -47.80
CA ALA B 436 6.53 27.81 -46.55
C ALA B 436 6.60 26.64 -45.59
N MET B 437 5.49 25.91 -45.45
CA MET B 437 5.47 24.81 -44.50
C MET B 437 6.41 23.71 -44.97
N ASN B 438 6.45 23.45 -46.27
CA ASN B 438 7.39 22.45 -46.79
C ASN B 438 8.82 22.84 -46.51
N GLU B 439 9.14 24.13 -46.63
CA GLU B 439 10.52 24.57 -46.35
C GLU B 439 10.83 24.48 -44.86
N VAL B 440 9.88 24.87 -44.00
CA VAL B 440 10.16 25.14 -42.59
C VAL B 440 9.80 23.95 -41.70
N SER B 441 9.24 22.88 -42.27
CA SER B 441 8.86 21.75 -41.44
C SER B 441 10.05 21.20 -40.67
N SER B 442 11.17 20.96 -41.35
CA SER B 442 12.34 20.39 -40.67
C SER B 442 12.82 21.28 -39.53
N PRO B 443 12.96 22.60 -39.68
CA PRO B 443 13.31 23.43 -38.52
C PRO B 443 12.37 23.28 -37.32
N VAL B 444 11.06 23.29 -37.52
CA VAL B 444 10.15 23.28 -36.37
C VAL B 444 10.17 21.91 -35.68
N ILE B 445 10.19 20.83 -36.47
CA ILE B 445 10.28 19.51 -35.87
C ILE B 445 11.59 19.36 -35.12
N SER B 446 12.67 19.91 -35.67
CA SER B 446 13.95 19.87 -34.98
C SER B 446 13.88 20.67 -33.68
N ILE B 447 13.20 21.81 -33.72
CA ILE B 447 13.11 22.67 -32.53
C ILE B 447 12.36 22.01 -31.38
N VAL B 448 11.22 21.40 -31.68
CA VAL B 448 10.47 20.73 -30.64
C VAL B 448 11.26 19.55 -30.15
N LEU B 449 11.90 18.83 -31.06
CA LEU B 449 12.70 17.67 -30.67
C LEU B 449 13.84 18.09 -29.79
N VAL B 450 14.53 19.17 -30.15
CA VAL B 450 15.70 19.58 -29.36
C VAL B 450 15.23 20.00 -27.98
N LEU B 451 14.11 20.72 -27.90
CA LEU B 451 13.58 21.14 -26.60
C LEU B 451 13.10 20.00 -25.70
N CYS B 452 12.50 18.95 -26.27
CA CYS B 452 11.98 17.87 -25.45
C CYS B 452 13.12 16.94 -25.07
N ALA B 453 14.06 16.67 -25.96
CA ALA B 453 15.24 15.87 -25.69
C ALA B 453 16.05 16.42 -24.53
N VAL B 454 16.24 17.73 -24.49
CA VAL B 454 16.98 18.32 -23.37
C VAL B 454 16.15 18.21 -22.09
N PHE B 455 14.82 18.19 -22.20
CA PHE B 455 13.99 18.12 -21.01
C PHE B 455 13.78 16.69 -20.52
N ILE B 456 13.88 15.69 -21.40
CA ILE B 456 13.64 14.31 -20.97
C ILE B 456 14.58 13.87 -19.86
N PRO B 457 15.89 14.05 -19.96
CA PRO B 457 16.79 13.53 -18.91
C PRO B 457 16.47 14.10 -17.55
N VAL B 458 15.81 15.26 -17.48
CA VAL B 458 15.41 15.82 -16.20
C VAL B 458 14.43 14.91 -15.50
N SER B 459 13.58 14.23 -16.27
CA SER B 459 12.54 13.39 -15.67
C SER B 459 13.17 12.26 -14.83
N PHE B 460 14.26 11.68 -15.31
CA PHE B 460 14.83 10.52 -14.63
C PHE B 460 15.45 10.91 -13.29
N ILE B 461 16.22 12.00 -13.27
CA ILE B 461 16.87 12.41 -12.03
C ILE B 461 15.80 12.72 -10.98
N SER B 462 15.97 12.15 -9.79
CA SER B 462 15.04 12.32 -8.68
C SER B 462 15.75 12.93 -7.49
N GLY B 463 15.05 13.79 -6.78
CA GLY B 463 15.61 14.47 -5.61
C GLY B 463 14.90 15.78 -5.38
N PHE B 464 15.41 16.51 -4.38
CA PHE B 464 14.85 17.83 -4.09
C PHE B 464 15.01 18.74 -5.30
N VAL B 465 16.21 18.80 -5.88
CA VAL B 465 16.39 19.51 -7.13
C VAL B 465 15.65 18.81 -8.25
N GLY B 466 15.57 17.48 -8.20
CA GLY B 466 14.98 16.73 -9.30
C GLY B 466 13.53 17.12 -9.54
N GLU B 467 12.74 17.19 -8.48
CA GLU B 467 11.34 17.56 -8.64
C GLU B 467 11.21 18.98 -9.19
N ILE B 468 11.99 19.91 -8.66
CA ILE B 468 11.91 21.29 -9.09
C ILE B 468 12.21 21.40 -10.58
N GLN B 469 13.31 20.80 -11.01
CA GLN B 469 13.67 20.87 -12.43
C GLN B 469 12.66 20.12 -13.29
N ARG B 470 12.11 19.02 -12.77
CA ARG B 470 11.20 18.21 -13.57
C ARG B 470 9.89 18.94 -13.83
N GLN B 471 9.43 19.73 -12.89
CA GLN B 471 8.21 20.52 -13.13
C GLN B 471 8.38 21.39 -14.37
N PHE B 472 9.47 22.16 -14.43
CA PHE B 472 9.74 22.97 -15.61
C PHE B 472 9.91 22.09 -16.85
N ALA B 473 10.67 21.01 -16.71
CA ALA B 473 10.92 20.17 -17.88
C ALA B 473 9.60 19.72 -18.51
N LEU B 474 8.72 19.15 -17.70
CA LEU B 474 7.43 18.69 -18.19
C LEU B 474 6.62 19.84 -18.79
N THR B 475 6.49 20.94 -18.06
CA THR B 475 5.62 22.01 -18.53
C THR B 475 6.10 22.58 -19.86
N LEU B 476 7.37 22.98 -19.93
CA LEU B 476 7.90 23.51 -21.17
C LEU B 476 7.83 22.48 -22.29
N ALA B 477 8.11 21.21 -21.99
CA ALA B 477 8.12 20.20 -23.04
C ALA B 477 6.73 20.03 -23.67
N ILE B 478 5.70 19.90 -22.83
CA ILE B 478 4.36 19.73 -23.40
C ILE B 478 3.94 21.00 -24.12
N SER B 479 4.25 22.17 -23.57
CA SER B 479 3.85 23.40 -24.24
C SER B 479 4.49 23.50 -25.61
N VAL B 480 5.79 23.20 -25.71
CA VAL B 480 6.46 23.30 -27.01
C VAL B 480 5.92 22.25 -27.96
N ALA B 481 5.60 21.06 -27.46
CA ALA B 481 5.05 20.04 -28.34
C ALA B 481 3.74 20.50 -28.96
N ILE B 482 2.83 21.01 -28.14
CA ILE B 482 1.55 21.47 -28.67
C ILE B 482 1.75 22.65 -29.61
N SER B 483 2.64 23.59 -29.23
CA SER B 483 2.88 24.73 -30.09
C SER B 483 3.47 24.31 -31.44
N GLY B 484 4.35 23.31 -31.44
CA GLY B 484 4.91 22.84 -32.69
C GLY B 484 3.86 22.17 -33.56
N PHE B 485 2.99 21.36 -32.95
CA PHE B 485 1.89 20.79 -33.70
C PHE B 485 1.03 21.90 -34.31
N VAL B 486 0.76 22.95 -33.52
CA VAL B 486 -0.06 24.04 -34.02
C VAL B 486 0.62 24.72 -35.20
N ALA B 487 1.91 25.03 -35.06
CA ALA B 487 2.64 25.67 -36.14
C ALA B 487 2.68 24.81 -37.38
N LEU B 488 2.80 23.49 -37.21
CA LEU B 488 2.84 22.59 -38.35
C LEU B 488 1.51 22.56 -39.09
N THR B 489 0.40 22.47 -38.35
CA THR B 489 -0.90 22.18 -38.94
C THR B 489 -1.82 23.39 -39.00
N LEU B 490 -2.14 23.98 -37.85
CA LEU B 490 -3.19 25.00 -37.80
C LEU B 490 -2.71 26.32 -38.38
N THR B 491 -1.51 26.74 -38.01
CA THR B 491 -1.03 28.05 -38.42
C THR B 491 -1.00 28.25 -39.93
N PRO B 492 -0.44 27.35 -40.74
CA PRO B 492 -0.50 27.58 -42.19
C PRO B 492 -1.90 27.64 -42.74
N SER B 493 -2.81 26.81 -42.22
CA SER B 493 -4.19 26.86 -42.69
C SER B 493 -4.83 28.19 -42.38
N LEU B 494 -4.68 28.67 -41.14
CA LEU B 494 -5.24 29.97 -40.77
C LEU B 494 -4.63 31.07 -41.61
N SER B 495 -3.31 31.02 -41.84
CA SER B 495 -2.66 32.05 -42.64
C SER B 495 -3.19 32.06 -44.06
N ALA B 496 -3.32 30.88 -44.67
CA ALA B 496 -3.85 30.81 -46.02
C ALA B 496 -5.28 31.34 -46.07
N LEU B 497 -6.09 31.00 -45.07
CA LEU B 497 -7.48 31.45 -45.06
C LEU B 497 -7.59 32.95 -44.80
N PHE B 498 -6.82 33.46 -43.85
CA PHE B 498 -7.00 34.82 -43.36
C PHE B 498 -6.22 35.88 -44.14
N LEU B 499 -5.10 35.52 -44.77
CA LEU B 499 -4.25 36.50 -45.43
C LEU B 499 -4.77 36.75 -46.84
N THR B 500 -5.01 38.01 -47.18
CA THR B 500 -5.53 38.39 -48.48
C THR B 500 -4.47 38.95 -49.42
N ARG B 501 -3.20 38.93 -49.02
CA ARG B 501 -2.05 39.36 -49.81
C ARG B 501 -1.97 40.87 -49.97
N ASN B 502 -2.91 41.62 -49.41
CA ASN B 502 -2.99 43.07 -49.58
C ASN B 502 -2.71 43.71 -48.22
N GLU B 503 -1.43 43.97 -47.96
CA GLU B 503 -1.04 44.64 -46.73
C GLU B 503 -1.33 46.12 -46.85
N SER B 504 -2.14 46.63 -45.92
CA SER B 504 -2.43 48.06 -45.91
C SER B 504 -1.17 48.84 -45.56
N LYS B 505 -1.25 50.15 -45.74
CA LYS B 505 -0.11 51.01 -45.44
C LYS B 505 0.15 50.99 -43.94
N PRO B 506 1.31 50.55 -43.48
CA PRO B 506 1.56 50.51 -42.03
C PRO B 506 1.72 51.91 -41.46
N PHE B 507 1.56 51.98 -40.14
CA PHE B 507 1.78 53.23 -39.43
C PHE B 507 3.24 53.62 -39.49
N TYR B 508 3.50 54.93 -39.39
CA TYR B 508 4.86 55.43 -39.55
C TYR B 508 5.80 54.85 -38.49
N PHE B 509 5.35 54.82 -37.24
CA PHE B 509 6.24 54.37 -36.17
C PHE B 509 6.64 52.91 -36.35
N ILE B 510 5.75 52.09 -36.93
CA ILE B 510 6.13 50.74 -37.30
C ILE B 510 7.06 50.76 -38.51
N GLN B 511 6.74 51.58 -39.51
CA GLN B 511 7.54 51.59 -40.74
C GLN B 511 8.98 51.99 -40.44
N LYS B 512 9.19 52.93 -39.53
CA LYS B 512 10.55 53.34 -39.19
C LYS B 512 11.34 52.17 -38.64
N PHE B 513 10.73 51.38 -37.77
CA PHE B 513 11.43 50.23 -37.19
C PHE B 513 11.81 49.23 -38.27
N ASN B 514 10.92 49.00 -39.23
CA ASN B 514 11.19 48.00 -40.26
C ASN B 514 12.44 48.35 -41.06
N ASP B 515 12.58 49.61 -41.46
CA ASP B 515 13.78 50.04 -42.18
C ASP B 515 15.01 49.88 -41.28
N PHE B 516 14.89 50.25 -40.01
CA PHE B 516 15.99 50.04 -39.08
C PHE B 516 16.32 48.56 -38.97
N PHE B 517 15.30 47.70 -38.98
CA PHE B 517 15.55 46.27 -38.91
C PHE B 517 16.31 45.79 -40.15
N ASP B 518 15.94 46.27 -41.33
CA ASP B 518 16.65 45.88 -42.54
C ASP B 518 18.10 46.35 -42.48
N TRP B 519 18.32 47.58 -42.02
CA TRP B 519 19.69 48.08 -41.91
C TRP B 519 20.49 47.25 -40.92
N SER B 520 19.88 46.88 -39.80
CA SER B 520 20.57 46.02 -38.84
C SER B 520 20.88 44.66 -39.43
N THR B 521 19.97 44.13 -40.26
CA THR B 521 20.24 42.86 -40.92
C THR B 521 21.43 42.97 -41.85
N SER B 522 21.52 44.07 -42.60
CA SER B 522 22.68 44.28 -43.46
C SER B 522 23.96 44.38 -42.64
N VAL B 523 23.90 45.09 -41.51
CA VAL B 523 25.06 45.18 -40.62
C VAL B 523 25.45 43.79 -40.14
N PHE B 524 24.46 42.96 -39.81
CA PHE B 524 24.73 41.60 -39.37
C PHE B 524 25.40 40.79 -40.47
N SER B 525 24.94 40.95 -41.72
CA SER B 525 25.57 40.23 -42.83
C SER B 525 27.02 40.65 -42.99
N SER B 526 27.29 41.95 -42.92
CA SER B 526 28.67 42.41 -43.00
C SER B 526 29.51 41.84 -41.85
N GLY B 527 28.96 41.85 -40.64
CA GLY B 527 29.69 41.35 -39.50
C GLY B 527 30.00 39.87 -39.59
N VAL B 528 29.03 39.08 -40.05
CA VAL B 528 29.25 37.64 -40.14
C VAL B 528 30.24 37.34 -41.26
N ALA B 529 30.20 38.11 -42.35
CA ALA B 529 31.23 37.94 -43.38
C ALA B 529 32.62 38.23 -42.81
N TYR B 530 32.74 39.31 -42.05
CA TYR B 530 34.02 39.64 -41.43
C TYR B 530 34.46 38.52 -40.50
N ILE B 531 33.55 37.99 -39.69
CA ILE B 531 33.90 36.90 -38.78
C ILE B 531 34.37 35.69 -39.56
N LEU B 532 33.63 35.32 -40.62
CA LEU B 532 34.01 34.16 -41.42
C LEU B 532 35.39 34.32 -42.01
N LYS B 533 35.73 35.52 -42.47
CA LYS B 533 37.09 35.73 -42.98
C LYS B 533 38.12 35.65 -41.85
N ARG B 534 37.80 36.17 -40.67
CA ARG B 534 38.74 36.21 -39.55
C ARG B 534 38.46 35.05 -38.59
N THR B 535 38.80 33.84 -39.03
CA THR B 535 38.39 32.65 -38.28
C THR B 535 39.20 32.48 -36.99
N ILE B 536 40.52 32.64 -37.06
CA ILE B 536 41.36 32.25 -35.93
C ILE B 536 41.17 33.21 -34.76
N ARG B 537 41.10 34.51 -35.04
CA ARG B 537 40.94 35.48 -33.97
C ARG B 537 39.67 35.21 -33.19
N PHE B 538 38.57 34.96 -33.89
CA PHE B 538 37.30 34.75 -33.21
C PHE B 538 37.22 33.38 -32.55
N VAL B 539 37.93 32.37 -33.07
CA VAL B 539 38.02 31.12 -32.34
C VAL B 539 38.74 31.32 -31.02
N LEU B 540 39.83 32.10 -31.02
CA LEU B 540 40.52 32.41 -29.78
C LEU B 540 39.61 33.19 -28.83
N VAL B 541 38.80 34.09 -29.39
CA VAL B 541 37.84 34.82 -28.56
C VAL B 541 36.86 33.86 -27.90
N PHE B 542 36.39 32.86 -28.65
CA PHE B 542 35.52 31.86 -28.06
C PHE B 542 36.22 31.12 -26.92
N CYS B 543 37.50 30.79 -27.12
CA CYS B 543 38.25 30.11 -26.06
C CYS B 543 38.34 30.97 -24.80
N ILE B 544 38.68 32.24 -24.95
CA ILE B 544 38.77 33.11 -23.78
C ILE B 544 37.40 33.26 -23.14
N MET B 545 36.34 33.23 -23.95
CA MET B 545 34.99 33.30 -23.38
C MET B 545 34.70 32.07 -22.52
N ILE B 546 35.13 30.89 -22.97
CA ILE B 546 34.92 29.70 -22.15
C ILE B 546 35.70 29.82 -20.84
N GLY B 547 36.94 30.30 -20.91
CA GLY B 547 37.70 30.52 -19.69
C GLY B 547 37.01 31.50 -18.76
N PHE B 548 36.45 32.58 -19.33
CA PHE B 548 35.74 33.56 -18.53
C PHE B 548 34.50 32.94 -17.90
N ILE B 549 33.83 32.04 -18.61
CA ILE B 549 32.70 31.32 -18.03
C ILE B 549 33.14 30.54 -16.82
N ALA B 550 34.26 29.82 -16.93
CA ALA B 550 34.75 29.04 -15.80
C ALA B 550 35.05 29.95 -14.61
N TYR B 551 35.73 31.07 -14.86
CA TYR B 551 36.07 31.97 -13.77
C TYR B 551 34.83 32.54 -13.11
N LEU B 552 33.84 32.95 -13.92
CA LEU B 552 32.62 33.52 -13.37
C LEU B 552 31.87 32.48 -12.54
N PHE B 553 31.79 31.24 -13.03
CA PHE B 553 31.17 30.19 -12.24
C PHE B 553 31.89 30.02 -10.92
N LYS B 554 33.22 30.14 -10.92
CA LYS B 554 33.96 30.04 -9.66
C LYS B 554 33.59 31.17 -8.72
N ILE B 555 33.46 32.39 -9.24
CA ILE B 555 33.28 33.56 -8.37
C ILE B 555 31.83 33.78 -7.94
N VAL B 556 30.88 33.07 -8.51
CA VAL B 556 29.46 33.31 -8.18
C VAL B 556 29.11 32.56 -6.90
N PRO B 557 28.54 33.22 -5.89
CA PRO B 557 28.11 32.50 -4.69
C PRO B 557 26.98 31.53 -4.99
N SER B 558 26.83 30.55 -4.08
CA SER B 558 25.85 29.48 -4.24
C SER B 558 24.87 29.48 -3.07
N SER B 559 23.64 29.02 -3.35
CA SER B 559 22.61 28.87 -2.34
C SER B 559 21.42 28.16 -2.98
N LEU B 560 20.80 27.26 -2.20
CA LEU B 560 19.72 26.43 -2.76
C LEU B 560 18.52 27.28 -3.17
N VAL B 561 18.15 28.24 -2.34
CA VAL B 561 16.94 29.04 -2.56
C VAL B 561 17.16 30.42 -1.95
N PRO B 562 16.84 31.51 -2.64
CA PRO B 562 17.05 32.83 -2.06
C PRO B 562 16.07 33.13 -0.93
N SER B 563 16.50 34.03 -0.05
CA SER B 563 15.67 34.44 1.06
C SER B 563 14.46 35.21 0.55
N GLU B 564 13.27 34.80 0.96
CA GLU B 564 12.03 35.43 0.54
C GLU B 564 11.41 36.18 1.71
N ASP B 565 10.75 37.29 1.40
CA ASP B 565 10.05 38.10 2.40
C ASP B 565 8.62 37.62 2.46
N GLN B 566 8.32 36.76 3.43
CA GLN B 566 6.99 36.20 3.58
C GLN B 566 6.05 37.08 4.40
N GLY B 567 6.53 38.21 4.88
CA GLY B 567 5.69 39.13 5.63
C GLY B 567 5.43 38.74 7.07
N VAL B 568 6.13 37.72 7.57
CA VAL B 568 6.01 37.30 8.96
C VAL B 568 7.40 37.17 9.54
N ILE B 569 7.62 37.77 10.71
CA ILE B 569 8.89 37.70 11.42
C ILE B 569 8.65 36.91 12.69
N MET B 570 9.41 35.83 12.87
CA MET B 570 9.31 35.01 14.07
C MET B 570 10.50 35.29 14.96
N SER B 571 10.23 35.55 16.23
CA SER B 571 11.26 35.86 17.22
C SER B 571 11.27 34.78 18.28
N ILE B 572 12.44 34.24 18.57
CA ILE B 572 12.61 33.20 19.58
C ILE B 572 13.31 33.83 20.75
N ILE B 573 12.62 33.92 21.88
CA ILE B 573 13.13 34.53 23.10
C ILE B 573 13.49 33.41 24.06
N ASN B 574 14.77 33.36 24.44
CA ASN B 574 15.28 32.31 25.32
C ASN B 574 15.82 32.97 26.58
N LEU B 575 15.02 32.99 27.63
CA LEU B 575 15.45 33.48 28.92
C LEU B 575 16.46 32.49 29.52
N PRO B 576 17.32 32.95 30.43
CA PRO B 576 18.25 32.02 31.08
C PRO B 576 17.56 30.77 31.58
N SER B 577 18.35 29.71 31.73
CA SER B 577 17.77 28.39 32.01
C SER B 577 16.98 28.39 33.32
N GLY B 578 17.53 29.01 34.36
CA GLY B 578 16.88 28.96 35.66
C GLY B 578 15.53 29.64 35.69
N SER B 579 15.41 30.77 35.00
CA SER B 579 14.24 31.63 35.18
C SER B 579 12.95 30.89 34.85
N SER B 580 11.90 31.19 35.62
CA SER B 580 10.62 30.51 35.53
C SER B 580 9.71 31.24 34.54
N ILE B 581 8.44 30.85 34.50
CA ILE B 581 7.57 31.29 33.42
C ILE B 581 7.23 32.77 33.56
N HIS B 582 6.97 33.25 34.78
CA HIS B 582 6.50 34.62 34.92
C HIS B 582 7.51 35.62 34.38
N ARG B 583 8.80 35.34 34.54
CA ARG B 583 9.82 36.18 33.95
C ARG B 583 9.68 36.21 32.43
N THR B 584 9.43 35.05 31.83
CA THR B 584 9.25 35.02 30.38
C THR B 584 8.01 35.79 29.96
N ILE B 585 6.94 35.72 30.76
CA ILE B 585 5.75 36.49 30.43
C ILE B 585 6.09 37.97 30.43
N GLU B 586 6.82 38.43 31.45
CA GLU B 586 7.20 39.83 31.51
C GLU B 586 8.04 40.23 30.31
N GLU B 587 9.07 39.43 29.99
CA GLU B 587 9.96 39.78 28.88
C GLU B 587 9.24 39.76 27.55
N VAL B 588 8.36 38.77 27.33
CA VAL B 588 7.63 38.69 26.08
C VAL B 588 6.65 39.86 25.96
N ASP B 589 6.02 40.23 27.06
CA ASP B 589 5.13 41.40 27.02
C ASP B 589 5.91 42.65 26.67
N THR B 590 7.11 42.82 27.25
CA THR B 590 7.91 43.99 26.92
C THR B 590 8.35 43.96 25.46
N ILE B 591 8.70 42.79 24.95
CA ILE B 591 9.12 42.69 23.55
C ILE B 591 7.96 43.06 22.64
N ASN B 592 6.76 42.56 22.92
CA ASN B 592 5.60 42.94 22.12
C ASN B 592 5.35 44.43 22.19
N LYS B 593 5.43 45.01 23.40
CA LYS B 593 5.14 46.42 23.56
C LYS B 593 6.12 47.28 22.77
N ASN B 594 7.41 46.89 22.76
CA ASN B 594 8.39 47.66 22.00
C ASN B 594 8.21 47.45 20.51
N ALA B 595 7.89 46.22 20.09
CA ALA B 595 7.80 45.92 18.66
C ALA B 595 6.53 46.51 18.05
N THR B 596 5.40 46.40 18.76
CA THR B 596 4.15 46.91 18.22
C THR B 596 4.19 48.42 17.99
N GLN B 597 5.13 49.12 18.64
CA GLN B 597 5.29 50.54 18.37
C GLN B 597 5.70 50.78 16.92
N MET B 598 6.56 49.91 16.37
CA MET B 598 6.95 50.04 14.98
C MET B 598 5.74 49.88 14.08
N LYS B 599 5.57 50.81 13.14
CA LYS B 599 4.34 50.85 12.35
C LYS B 599 4.24 49.64 11.41
N GLU B 600 5.36 49.23 10.83
CA GLU B 600 5.33 48.14 9.85
C GLU B 600 4.76 46.88 10.46
N ILE B 601 5.14 46.56 11.69
CA ILE B 601 4.61 45.40 12.39
C ILE B 601 3.17 45.69 12.77
N SER B 602 2.25 44.81 12.35
CA SER B 602 0.83 45.03 12.59
C SER B 602 0.36 44.39 13.90
N SER B 603 0.50 43.07 13.99
CA SER B 603 0.04 42.33 15.15
C SER B 603 1.09 41.28 15.51
N SER B 604 1.11 40.88 16.78
CA SER B 604 2.04 39.88 17.27
C SER B 604 1.27 38.80 18.01
N VAL B 605 1.57 37.54 17.68
CA VAL B 605 0.99 36.39 18.36
C VAL B 605 2.13 35.65 19.03
N SER B 606 2.01 35.44 20.34
CA SER B 606 3.08 34.89 21.16
C SER B 606 2.72 33.48 21.63
N LEU B 607 3.75 32.67 21.88
CA LEU B 607 3.60 31.33 22.44
C LEU B 607 4.54 31.25 23.64
N ILE B 608 4.06 31.70 24.79
CA ILE B 608 4.92 31.78 25.97
C ILE B 608 5.01 30.41 26.61
N GLY B 609 6.20 30.06 27.09
CA GLY B 609 6.43 28.78 27.71
C GLY B 609 6.53 27.62 26.74
N PHE B 610 6.58 27.89 25.44
CA PHE B 610 6.54 26.87 24.42
C PHE B 610 7.80 26.96 23.56
N ASP B 611 8.53 25.85 23.44
CA ASP B 611 9.71 25.78 22.60
C ASP B 611 9.26 25.50 21.17
N LEU B 612 9.50 26.44 20.27
CA LEU B 612 8.90 26.36 18.94
C LEU B 612 9.49 25.23 18.12
N PHE B 613 10.82 25.13 18.08
CA PHE B 613 11.45 24.24 17.10
C PHE B 613 11.31 22.77 17.49
N THR B 614 11.48 22.44 18.76
CA THR B 614 11.28 21.07 19.22
C THR B 614 9.87 20.81 19.75
N SER B 615 9.00 21.81 19.75
CA SER B 615 7.64 21.71 20.27
C SER B 615 7.61 21.38 21.76
N SER B 616 8.75 21.41 22.44
CA SER B 616 8.79 21.11 23.86
C SER B 616 8.17 22.25 24.66
N LEU B 617 7.72 21.92 25.87
CA LEU B 617 7.12 22.89 26.77
C LEU B 617 8.16 23.23 27.83
N LYS B 618 8.88 24.33 27.62
CA LYS B 618 9.89 24.80 28.54
C LYS B 618 9.43 26.10 29.19
N GLU B 619 9.66 26.23 30.49
CA GLU B 619 9.24 27.43 31.20
C GLU B 619 9.96 28.66 30.67
N ASN B 620 11.26 28.54 30.38
CA ASN B 620 12.03 29.70 29.96
C ASN B 620 11.77 30.07 28.51
N ALA B 621 11.62 29.09 27.63
CA ALA B 621 11.52 29.38 26.21
C ALA B 621 10.23 30.12 25.88
N ALA B 622 10.29 30.96 24.86
CA ALA B 622 9.12 31.66 24.36
C ALA B 622 9.31 31.91 22.87
N ALA B 623 8.21 31.88 22.13
CA ALA B 623 8.21 32.11 20.69
C ALA B 623 7.19 33.20 20.36
N VAL B 624 7.62 34.18 19.58
CA VAL B 624 6.79 35.34 19.23
C VAL B 624 6.82 35.51 17.71
N PHE B 625 5.65 35.53 17.09
CA PHE B 625 5.51 35.85 15.68
C PHE B 625 5.02 37.29 15.55
N PHE B 626 5.66 38.05 14.68
CA PHE B 626 5.22 39.39 14.33
C PHE B 626 4.68 39.36 12.91
N ILE B 627 3.45 39.84 12.74
CA ILE B 627 2.81 39.88 11.44
C ILE B 627 2.98 41.28 10.87
N LEU B 628 3.60 41.38 9.70
CA LEU B 628 3.85 42.67 9.08
C LEU B 628 2.62 43.14 8.32
N LYS B 629 2.67 44.40 7.87
CA LYS B 629 1.65 44.89 6.97
C LYS B 629 1.73 44.17 5.63
N ASP B 630 0.73 44.39 4.79
CA ASP B 630 0.76 43.82 3.46
C ASP B 630 1.94 44.41 2.69
N TRP B 631 2.46 43.61 1.74
CA TRP B 631 3.66 44.03 1.03
C TRP B 631 3.47 45.37 0.34
N SER B 632 2.28 45.60 -0.22
CA SER B 632 2.02 46.88 -0.87
C SER B 632 2.06 48.04 0.13
N GLN B 633 1.50 47.83 1.32
CA GLN B 633 1.37 48.93 2.27
C GLN B 633 2.72 49.40 2.78
N ARG B 634 3.57 48.47 3.21
CA ARG B 634 4.82 48.83 3.86
C ARG B 634 5.93 49.04 2.84
N GLU B 635 6.87 49.90 3.21
CA GLU B 635 8.01 50.25 2.37
C GLU B 635 9.30 49.56 2.79
N ALA B 636 9.41 49.18 4.06
CA ALA B 636 10.62 48.55 4.57
C ALA B 636 10.48 47.03 4.50
N SER B 637 11.46 46.38 3.89
CA SER B 637 11.43 44.94 3.76
C SER B 637 11.62 44.28 5.12
N SER B 638 11.37 42.96 5.18
CA SER B 638 11.44 42.26 6.45
C SER B 638 12.83 42.34 7.08
N ASP B 639 13.88 42.21 6.27
CA ASP B 639 15.23 42.19 6.81
C ASP B 639 15.56 43.50 7.52
N GLN B 640 15.14 44.63 6.95
CA GLN B 640 15.39 45.91 7.61
C GLN B 640 14.67 46.00 8.94
N ILE B 641 13.44 45.48 9.02
CA ILE B 641 12.73 45.47 10.30
C ILE B 641 13.45 44.59 11.30
N ILE B 642 13.97 43.45 10.84
CA ILE B 642 14.74 42.58 11.75
C ILE B 642 15.94 43.32 12.29
N ALA B 643 16.66 44.04 11.42
CA ALA B 643 17.82 44.79 11.88
C ALA B 643 17.43 45.86 12.87
N GLN B 644 16.33 46.57 12.62
CA GLN B 644 15.87 47.59 13.55
C GLN B 644 15.53 46.99 14.89
N LEU B 645 14.85 45.84 14.90
CA LEU B 645 14.50 45.19 16.16
C LEU B 645 15.75 44.76 16.93
N PHE B 646 16.74 44.22 16.21
CA PHE B 646 18.00 43.86 16.87
C PHE B 646 18.64 45.09 17.50
N GLY B 647 18.68 46.19 16.77
CA GLY B 647 19.23 47.42 17.33
C GLY B 647 18.47 47.87 18.56
N GLN B 648 17.14 47.72 18.54
CA GLN B 648 16.33 48.15 19.66
C GLN B 648 16.62 47.32 20.91
N TYR B 649 16.72 46.00 20.75
CA TYR B 649 16.81 45.09 21.89
C TYR B 649 18.24 44.64 22.18
N ALA B 650 19.23 45.25 21.55
CA ALA B 650 20.62 44.99 21.94
C ALA B 650 20.85 45.28 23.42
N ALA B 651 20.11 46.26 23.96
CA ALA B 651 20.32 46.67 25.35
C ALA B 651 19.88 45.61 26.35
N ASP B 652 18.89 44.79 26.01
CA ASP B 652 18.32 43.81 26.95
C ASP B 652 19.33 42.71 27.19
N ARG B 653 20.02 42.79 28.33
CA ARG B 653 21.02 41.77 28.67
C ARG B 653 20.35 40.49 29.16
N ASN B 654 19.25 40.62 29.92
CA ASN B 654 18.68 39.46 30.59
C ASN B 654 18.19 38.41 29.58
N ALA B 655 17.40 38.83 28.61
CA ALA B 655 16.74 37.93 27.68
C ALA B 655 17.47 37.93 26.34
N LEU B 656 17.72 36.74 25.81
CA LEU B 656 18.31 36.57 24.49
C LEU B 656 17.19 36.38 23.48
N SER B 657 17.15 37.24 22.47
CA SER B 657 16.11 37.20 21.45
C SER B 657 16.76 37.16 20.07
N TYR B 658 16.29 36.24 19.23
CA TYR B 658 16.74 36.14 17.85
C TYR B 658 15.57 36.32 16.92
N PHE B 659 15.65 37.30 16.03
CA PHE B 659 14.59 37.61 15.08
C PHE B 659 14.96 37.00 13.74
N LEU B 660 14.11 36.09 13.26
CA LEU B 660 14.40 35.32 12.06
C LEU B 660 13.22 35.38 11.11
N ASN B 661 13.52 35.49 9.83
CA ASN B 661 12.50 35.39 8.81
C ASN B 661 12.09 33.93 8.62
N LEU B 662 10.85 33.72 8.19
CA LEU B 662 10.39 32.37 7.94
C LEU B 662 11.14 31.78 6.75
N PRO B 663 11.45 30.48 6.76
CA PRO B 663 12.19 29.88 5.65
C PRO B 663 11.43 30.04 4.34
N PRO B 664 12.13 30.29 3.23
CA PRO B 664 11.42 30.43 1.95
C PRO B 664 10.65 29.18 1.56
N ILE B 665 11.15 28.01 1.94
CA ILE B 665 10.46 26.74 1.69
C ILE B 665 9.96 26.22 3.04
N PRO B 666 8.66 26.30 3.33
CA PRO B 666 8.19 25.93 4.68
C PRO B 666 8.49 24.48 5.04
N GLY B 667 8.44 23.57 4.06
CA GLY B 667 8.50 22.16 4.38
C GLY B 667 9.82 21.73 4.97
N LEU B 668 10.93 22.21 4.40
CA LEU B 668 12.24 21.69 4.78
C LEU B 668 12.52 21.88 6.26
N SER B 669 12.23 23.06 6.79
CA SER B 669 12.53 23.35 8.19
C SER B 669 11.67 24.50 8.65
N LEU B 670 11.66 24.70 9.97
CA LEU B 670 10.94 25.80 10.59
C LEU B 670 11.85 27.02 10.76
N THR B 671 13.08 26.79 11.20
CA THR B 671 14.06 27.87 11.30
C THR B 671 14.55 28.27 9.92
N GLY B 672 14.55 29.57 9.65
CA GLY B 672 15.04 30.05 8.37
C GLY B 672 16.51 29.74 8.16
N GLY B 673 17.30 29.86 9.22
CA GLY B 673 18.72 29.58 9.14
C GLY B 673 19.01 28.10 9.01
N PHE B 674 20.24 27.76 8.61
CA PHE B 674 20.63 26.38 8.45
C PHE B 674 20.60 25.65 9.78
N GLU B 675 20.59 24.31 9.71
CA GLU B 675 20.64 23.45 10.88
C GLU B 675 21.84 22.53 10.76
N MET B 676 22.75 22.60 11.72
CA MET B 676 23.94 21.77 11.77
C MET B 676 24.02 21.06 13.11
N TYR B 677 24.43 19.80 13.09
CA TYR B 677 24.50 18.96 14.28
C TYR B 677 25.93 18.52 14.51
N ALA B 678 26.42 18.71 15.73
CA ALA B 678 27.76 18.30 16.11
C ALA B 678 27.66 16.95 16.82
N GLN B 679 27.73 15.87 16.06
CA GLN B 679 27.64 14.53 16.61
C GLN B 679 28.96 14.19 17.28
N ASN B 680 28.90 13.68 18.52
CA ASN B 680 30.07 13.19 19.21
C ASN B 680 30.06 11.66 19.17
N LYS B 681 30.99 11.09 18.43
CA LYS B 681 31.08 9.63 18.33
C LYS B 681 31.76 9.02 19.54
N SER B 682 32.74 9.72 20.11
CA SER B 682 33.52 9.21 21.24
C SER B 682 33.24 9.96 22.53
N GLY B 683 32.11 10.68 22.60
CA GLY B 683 31.80 11.44 23.79
C GLY B 683 31.38 10.57 24.95
N LYS B 684 31.46 11.13 26.15
CA LYS B 684 31.06 10.45 27.38
C LYS B 684 29.95 11.17 28.12
N ASP B 685 30.07 12.48 28.30
CA ASP B 685 29.09 13.26 29.05
C ASP B 685 28.74 14.53 28.28
N TYR B 686 27.61 15.13 28.64
CA TYR B 686 27.11 16.28 27.90
C TYR B 686 27.79 17.58 28.31
N ASP B 687 28.50 17.61 29.44
CA ASP B 687 29.25 18.82 29.80
C ASP B 687 30.41 19.04 28.83
N ALA B 688 31.10 17.95 28.47
CA ALA B 688 32.12 18.03 27.44
C ALA B 688 31.53 18.60 26.15
N ILE B 689 30.37 18.09 25.76
CA ILE B 689 29.68 18.63 24.58
C ILE B 689 29.43 20.12 24.76
N GLN B 690 29.05 20.53 25.97
CA GLN B 690 28.71 21.92 26.21
C GLN B 690 29.91 22.83 25.98
N GLN B 691 31.05 22.52 26.59
CA GLN B 691 32.20 23.41 26.38
C GLN B 691 32.73 23.33 24.96
N ASP B 692 32.69 22.15 24.34
CA ASP B 692 33.16 22.06 22.95
C ASP B 692 32.30 22.90 22.02
N VAL B 693 30.97 22.81 22.17
CA VAL B 693 30.10 23.62 21.32
C VAL B 693 30.23 25.09 21.68
N ASN B 694 30.57 25.42 22.92
CA ASN B 694 30.82 26.82 23.25
C ASN B 694 32.02 27.36 22.46
N LYS B 695 33.10 26.59 22.41
CA LYS B 695 34.24 27.00 21.59
C LYS B 695 33.83 27.12 20.12
N MET B 696 33.07 26.14 19.63
CA MET B 696 32.65 26.16 18.22
C MET B 696 31.79 27.37 17.92
N LEU B 697 30.84 27.70 18.79
CA LEU B 697 29.99 28.87 18.62
C LEU B 697 30.78 30.17 18.67
N GLU B 698 31.76 30.28 19.57
CA GLU B 698 32.62 31.46 19.56
C GLU B 698 33.32 31.61 18.21
N LEU B 699 33.96 30.54 17.74
CA LEU B 699 34.67 30.63 16.48
C LEU B 699 33.71 30.90 15.32
N ALA B 700 32.48 30.43 15.43
CA ALA B 700 31.48 30.71 14.40
C ALA B 700 31.15 32.19 14.34
N ARG B 701 30.95 32.82 15.49
CA ARG B 701 30.70 34.25 15.55
C ARG B 701 31.95 35.07 15.21
N THR B 702 33.12 34.47 15.23
CA THR B 702 34.31 35.15 14.72
C THR B 702 34.25 35.37 13.21
N ARG B 703 33.62 34.48 12.47
CA ARG B 703 33.49 34.61 11.02
C ARG B 703 32.41 35.61 10.67
N LYS B 704 32.55 36.22 9.49
CA LYS B 704 31.54 37.17 9.00
C LYS B 704 30.43 36.47 8.25
N GLU B 705 30.70 35.30 7.65
CA GLU B 705 29.70 34.64 6.85
C GLU B 705 28.56 34.06 7.68
N LEU B 706 28.71 34.04 9.01
CA LEU B 706 27.71 33.50 9.91
C LEU B 706 27.20 34.60 10.84
N ALA B 707 25.90 34.58 11.10
CA ALA B 707 25.28 35.52 12.02
C ALA B 707 24.21 34.80 12.83
N ASN B 708 23.98 35.29 14.04
CA ASN B 708 22.96 34.73 14.92
C ASN B 708 23.16 33.24 15.13
N VAL B 709 24.40 32.83 15.35
CA VAL B 709 24.71 31.42 15.57
C VAL B 709 24.43 31.09 17.03
N ARG B 710 23.68 30.01 17.25
CA ARG B 710 23.26 29.62 18.59
C ARG B 710 23.12 28.10 18.64
N THR B 711 23.20 27.56 19.86
CA THR B 711 23.10 26.12 20.08
C THR B 711 21.92 25.83 21.01
N THR B 712 21.21 24.74 20.71
CA THR B 712 20.08 24.35 21.56
C THR B 712 20.56 23.76 22.87
N LEU B 713 21.64 22.98 22.84
CA LEU B 713 22.11 22.30 24.04
C LEU B 713 22.48 23.29 25.12
N ASP B 714 22.09 22.98 26.36
CA ASP B 714 22.35 23.86 27.50
C ASP B 714 22.40 23.00 28.75
N THR B 715 23.57 22.94 29.40
CA THR B 715 23.77 22.18 30.61
C THR B 715 23.79 23.05 31.86
N SER B 716 23.36 24.31 31.75
CA SER B 716 23.36 25.22 32.90
C SER B 716 22.08 25.16 33.70
N PHE B 717 21.15 24.27 33.35
CA PHE B 717 19.91 24.18 34.10
C PHE B 717 20.21 23.79 35.55
N PRO B 718 19.49 24.35 36.53
CA PRO B 718 19.69 23.90 37.91
C PRO B 718 18.82 22.70 38.24
N GLN B 719 19.42 21.71 38.91
CA GLN B 719 18.72 20.49 39.26
C GLN B 719 19.02 20.13 40.70
N TYR B 720 18.10 19.39 41.30
CA TYR B 720 18.26 18.87 42.66
C TYR B 720 18.33 17.36 42.59
N LYS B 721 19.35 16.79 43.21
CA LYS B 721 19.56 15.35 43.24
C LYS B 721 19.30 14.85 44.65
N LEU B 722 18.38 13.91 44.78
CA LEU B 722 18.01 13.36 46.08
C LEU B 722 18.78 12.06 46.32
N ILE B 723 19.42 11.96 47.48
CA ILE B 723 20.23 10.81 47.84
C ILE B 723 19.49 10.04 48.93
N ILE B 724 19.20 8.76 48.66
CA ILE B 724 18.43 7.92 49.55
C ILE B 724 19.41 7.15 50.43
N ASP B 725 19.26 7.27 51.74
CA ASP B 725 20.06 6.51 52.69
C ASP B 725 19.34 5.18 52.92
N ARG B 726 19.65 4.20 52.06
CA ARG B 726 18.93 2.94 52.09
C ARG B 726 19.01 2.28 53.45
N ASP B 727 20.20 2.31 54.08
CA ASP B 727 20.36 1.70 55.39
C ASP B 727 19.39 2.29 56.40
N LYS B 728 19.36 3.62 56.51
CA LYS B 728 18.48 4.27 57.48
C LYS B 728 17.02 4.02 57.12
N MET B 729 16.68 4.08 55.84
CA MET B 729 15.29 3.89 55.44
C MET B 729 14.79 2.50 55.87
N LYS B 730 15.57 1.46 55.58
CA LYS B 730 15.17 0.13 56.00
C LYS B 730 15.20 0.00 57.51
N TYR B 731 16.11 0.72 58.18
CA TYR B 731 16.09 0.77 59.63
C TYR B 731 14.79 1.35 60.15
N TYR B 732 14.12 2.20 59.36
CA TYR B 732 12.81 2.72 59.72
C TYR B 732 11.67 1.85 59.23
N ASN B 733 11.95 0.70 58.62
CA ASN B 733 10.92 -0.25 58.20
C ASN B 733 9.99 0.38 57.16
N LEU B 734 10.56 1.17 56.25
CA LEU B 734 9.79 1.85 55.22
C LEU B 734 10.05 1.20 53.87
N ASN B 735 8.98 0.90 53.15
CA ASN B 735 9.09 0.40 51.80
C ASN B 735 9.57 1.51 50.88
N MET B 736 10.56 1.18 50.04
CA MET B 736 11.08 2.16 49.09
C MET B 736 9.97 2.78 48.26
N GLN B 737 9.08 1.95 47.72
CA GLN B 737 8.09 2.45 46.79
C GLN B 737 7.12 3.41 47.46
N ASP B 738 6.80 3.17 48.73
CA ASP B 738 5.93 4.10 49.44
C ASP B 738 6.58 5.47 49.57
N VAL B 739 7.88 5.50 49.90
CA VAL B 739 8.60 6.76 50.01
C VAL B 739 8.57 7.48 48.67
N PHE B 740 8.83 6.76 47.58
CA PHE B 740 8.89 7.41 46.28
C PHE B 740 7.51 7.86 45.82
N ASN B 741 6.46 7.13 46.21
CA ASN B 741 5.10 7.58 45.92
C ASN B 741 4.78 8.87 46.66
N THR B 742 5.17 8.96 47.93
CA THR B 742 4.95 10.21 48.66
C THR B 742 5.72 11.35 48.01
N ILE B 743 6.96 11.11 47.61
CA ILE B 743 7.75 12.16 46.95
C ILE B 743 7.06 12.61 45.67
N SER B 744 6.62 11.66 44.86
CA SER B 744 5.97 12.00 43.60
C SER B 744 4.68 12.77 43.82
N ALA B 745 3.87 12.34 44.79
CA ALA B 745 2.57 12.96 45.01
C ALA B 745 2.73 14.37 45.58
N THR B 746 3.57 14.53 46.60
CA THR B 746 3.70 15.83 47.25
C THR B 746 4.42 16.83 46.34
N ILE B 747 5.52 16.42 45.74
CA ILE B 747 6.30 17.36 44.93
C ILE B 747 5.75 17.44 43.51
N GLY B 748 5.48 16.29 42.88
CA GLY B 748 4.97 16.25 41.53
C GLY B 748 3.49 15.94 41.50
N THR B 749 2.95 15.91 40.29
CA THR B 749 1.53 15.60 40.10
C THR B 749 1.35 14.10 39.96
N TYR B 750 0.47 13.53 40.78
CA TYR B 750 0.16 12.11 40.74
C TYR B 750 -1.20 11.93 40.10
N TYR B 751 -1.22 11.28 38.95
CA TYR B 751 -2.44 11.02 38.20
C TYR B 751 -3.06 9.72 38.71
N VAL B 752 -4.21 9.83 39.38
CA VAL B 752 -4.80 8.69 40.06
C VAL B 752 -5.82 7.99 39.17
N ASN B 753 -6.73 8.77 38.60
CA ASN B 753 -7.75 8.22 37.71
C ASN B 753 -8.58 9.39 37.18
N ASP B 754 -9.48 9.06 36.26
CA ASP B 754 -10.28 10.08 35.59
C ASP B 754 -11.63 10.26 36.28
N PHE B 755 -12.24 11.40 36.05
CA PHE B 755 -13.59 11.71 36.51
C PHE B 755 -14.38 12.36 35.39
N PRO B 756 -15.70 12.17 35.36
CA PRO B 756 -16.47 12.64 34.21
C PRO B 756 -16.96 14.08 34.38
N MET B 757 -16.75 14.91 33.36
CA MET B 757 -17.22 16.28 33.38
C MET B 757 -17.44 16.73 31.95
N LEU B 758 -18.63 17.28 31.68
CA LEU B 758 -18.98 17.73 30.33
C LEU B 758 -18.81 16.59 29.33
N GLY B 759 -19.13 15.38 29.75
CA GLY B 759 -19.04 14.23 28.88
C GLY B 759 -17.68 13.56 28.90
N LYS B 760 -16.63 14.29 28.55
CA LYS B 760 -15.31 13.70 28.43
C LYS B 760 -14.72 13.42 29.80
N ASN B 761 -13.83 12.43 29.86
CA ASN B 761 -13.16 12.09 31.11
C ASN B 761 -11.93 12.96 31.29
N PHE B 762 -11.79 13.54 32.47
CA PHE B 762 -10.66 14.40 32.81
C PHE B 762 -9.90 13.82 33.99
N GLN B 763 -8.60 14.11 34.03
CA GLN B 763 -7.70 13.52 35.00
C GLN B 763 -7.98 14.07 36.40
N VAL B 764 -7.58 13.29 37.40
CA VAL B 764 -7.56 13.72 38.80
C VAL B 764 -6.10 13.72 39.24
N ASN B 765 -5.63 14.88 39.69
CA ASN B 765 -4.23 15.07 40.04
C ASN B 765 -4.10 15.46 41.50
N ILE B 766 -3.03 15.00 42.13
CA ILE B 766 -2.77 15.23 43.54
C ILE B 766 -1.41 15.89 43.67
N ARG B 767 -1.34 16.97 44.43
CA ARG B 767 -0.07 17.67 44.61
C ARG B 767 -0.10 18.47 45.90
N ALA B 768 1.08 18.83 46.38
CA ALA B 768 1.19 19.72 47.52
C ALA B 768 0.78 21.13 47.12
N LEU B 769 0.59 21.97 48.13
CA LEU B 769 -0.01 23.29 47.94
C LEU B 769 1.08 24.36 47.92
N GLY B 770 1.48 24.77 46.72
CA GLY B 770 2.27 25.97 46.56
C GLY B 770 3.55 26.04 47.38
N ASP B 771 3.56 26.90 48.39
CA ASP B 771 4.79 27.25 49.09
C ASP B 771 5.51 26.02 49.64
N PHE B 772 4.76 24.97 49.97
CA PHE B 772 5.39 23.81 50.61
C PHE B 772 6.37 23.13 49.67
N ARG B 773 6.10 23.14 48.36
CA ARG B 773 7.07 22.62 47.41
C ARG B 773 8.32 23.52 47.35
N ASN B 774 8.12 24.83 47.43
CA ASN B 774 9.21 25.76 47.22
C ASN B 774 10.12 25.82 48.45
N THR B 775 11.31 26.41 48.25
CA THR B 775 12.29 26.75 49.28
C THR B 775 13.14 25.58 49.75
N GLN B 776 13.08 24.42 49.08
CA GLN B 776 13.95 23.28 49.37
C GLN B 776 13.72 22.69 50.74
N ASP B 777 12.72 23.16 51.49
CA ASP B 777 12.41 22.66 52.82
C ASP B 777 11.21 21.73 52.80
N ALA B 778 10.81 21.24 51.63
CA ALA B 778 9.62 20.41 51.54
C ALA B 778 9.75 19.14 52.35
N LEU B 779 10.92 18.49 52.27
CA LEU B 779 11.09 17.18 52.88
C LEU B 779 10.81 17.16 54.38
N LYS B 780 11.08 18.25 55.09
CA LYS B 780 10.83 18.26 56.52
C LYS B 780 9.34 18.17 56.82
N ASN B 781 8.50 18.82 56.00
CA ASN B 781 7.07 18.85 56.27
C ASN B 781 6.40 17.51 55.96
N ILE B 782 6.91 16.79 54.96
CA ILE B 782 6.27 15.55 54.54
C ILE B 782 6.59 14.44 55.53
N TYR B 783 5.63 13.54 55.73
CA TYR B 783 5.80 12.40 56.62
C TYR B 783 5.32 11.14 55.92
N ILE B 784 5.98 10.02 56.21
CA ILE B 784 5.61 8.71 55.67
C ILE B 784 5.52 7.74 56.84
N ARG B 785 4.47 6.91 56.84
CA ARG B 785 4.23 5.99 57.95
C ARG B 785 4.96 4.67 57.70
N SER B 786 5.67 4.20 58.71
CA SER B 786 6.37 2.93 58.64
C SER B 786 5.39 1.78 58.84
N SER B 787 5.89 0.55 58.71
CA SER B 787 5.05 -0.62 58.94
C SER B 787 4.59 -0.72 60.39
N ASP B 788 5.25 0.00 61.30
CA ASP B 788 4.84 0.05 62.69
C ASP B 788 3.84 1.17 62.96
N ASN B 789 3.35 1.85 61.91
CA ASN B 789 2.40 2.94 62.05
C ASN B 789 3.00 4.09 62.88
N LYS B 790 4.23 4.46 62.55
CA LYS B 790 4.89 5.62 63.16
C LYS B 790 5.27 6.60 62.06
N MET B 791 4.92 7.87 62.26
CA MET B 791 5.24 8.89 61.28
C MET B 791 6.75 9.11 61.22
N ILE B 792 7.29 9.10 60.00
CA ILE B 792 8.73 9.29 59.79
C ILE B 792 8.93 10.48 58.86
N PRO B 793 9.53 11.58 59.31
CA PRO B 793 9.78 12.69 58.39
C PRO B 793 10.73 12.27 57.28
N LEU B 794 10.48 12.77 56.07
CA LEU B 794 11.30 12.38 54.93
C LEU B 794 12.72 12.93 55.04
N ASN B 795 12.94 13.97 55.84
CA ASN B 795 14.28 14.52 55.96
C ASN B 795 15.24 13.57 56.65
N SER B 796 14.74 12.56 57.36
CA SER B 796 15.62 11.69 58.13
C SER B 796 16.53 10.87 57.22
N PHE B 797 15.95 10.22 56.21
CA PHE B 797 16.69 9.30 55.36
C PHE B 797 16.81 9.79 53.93
N LEU B 798 16.40 11.02 53.64
CA LEU B 798 16.57 11.62 52.32
C LEU B 798 17.31 12.93 52.46
N THR B 799 18.32 13.12 51.63
CA THR B 799 19.09 14.36 51.59
C THR B 799 19.02 14.92 50.17
N LEU B 800 18.83 16.24 50.09
CA LEU B 800 18.67 16.93 48.82
C LEU B 800 19.90 17.78 48.55
N VAL B 801 20.63 17.45 47.49
CA VAL B 801 21.90 18.07 47.15
C VAL B 801 21.76 18.75 45.80
N ARG B 802 22.20 20.01 45.74
CA ARG B 802 22.07 20.79 44.51
C ARG B 802 23.04 20.30 43.45
N SER B 803 22.69 20.53 42.20
CA SER B 803 23.52 20.12 41.07
C SER B 803 23.02 20.84 39.82
N ALA B 804 23.76 20.68 38.73
CA ALA B 804 23.40 21.26 37.45
C ALA B 804 23.51 20.19 36.37
N GLY B 805 22.48 20.07 35.54
CA GLY B 805 22.47 19.10 34.46
C GLY B 805 21.52 19.51 33.36
N PRO B 806 21.76 19.03 32.15
CA PRO B 806 20.94 19.47 31.01
C PRO B 806 19.48 19.10 31.20
N ASP B 807 18.60 19.98 30.71
CA ASP B 807 17.17 19.70 30.75
C ASP B 807 16.78 18.83 29.56
N ASP B 808 17.19 19.21 28.36
CA ASP B 808 16.85 18.50 27.13
C ASP B 808 18.08 17.77 26.62
N VAL B 809 17.89 16.52 26.19
CA VAL B 809 18.96 15.67 25.69
C VAL B 809 18.56 15.20 24.31
N LYS B 810 19.44 15.42 23.33
CA LYS B 810 19.15 15.12 21.94
C LYS B 810 20.13 14.07 21.42
N ARG B 811 19.62 13.17 20.59
CA ARG B 811 20.43 12.14 19.93
C ARG B 811 20.09 12.13 18.46
N PHE B 812 21.12 12.07 17.61
CA PHE B 812 20.94 12.08 16.17
C PHE B 812 21.74 10.94 15.56
N ASN B 813 21.06 10.11 14.76
CA ASN B 813 21.70 8.97 14.10
C ASN B 813 22.51 8.16 15.11
N LEU B 814 21.92 7.91 16.27
CA LEU B 814 22.54 7.13 17.33
C LEU B 814 23.81 7.77 17.88
N PHE B 815 23.86 9.10 17.93
CA PHE B 815 25.01 9.81 18.49
C PHE B 815 24.51 11.00 19.30
N PRO B 816 24.93 11.15 20.56
CA PRO B 816 24.64 12.40 21.27
C PRO B 816 25.17 13.60 20.50
N ALA B 817 24.35 14.63 20.38
CA ALA B 817 24.71 15.77 19.55
C ALA B 817 23.93 16.99 20.00
N ALA B 818 24.44 18.15 19.61
CA ALA B 818 23.76 19.43 19.81
C ALA B 818 23.25 19.94 18.47
N LEU B 819 22.37 20.94 18.53
CA LEU B 819 21.81 21.56 17.33
C LEU B 819 22.36 22.97 17.23
N ILE B 820 23.21 23.21 16.23
CA ILE B 820 23.76 24.52 15.94
C ILE B 820 22.99 25.11 14.77
N GLN B 821 22.26 26.18 15.04
CA GLN B 821 21.46 26.86 14.02
C GLN B 821 21.97 28.28 13.86
N GLY B 822 22.33 28.64 12.63
CA GLY B 822 22.83 29.96 12.35
C GLY B 822 22.12 30.56 11.15
N ASP B 823 21.95 31.87 11.21
CA ASP B 823 21.35 32.64 10.13
C ASP B 823 22.43 33.24 9.27
N PRO B 824 22.46 33.00 7.95
CA PRO B 824 23.51 33.60 7.13
C PRO B 824 23.51 35.11 7.26
N ALA B 825 24.70 35.68 7.39
CA ALA B 825 24.81 37.12 7.59
C ALA B 825 24.31 37.86 6.35
N PRO B 826 23.79 39.07 6.51
CA PRO B 826 23.36 39.84 5.34
C PRO B 826 24.50 40.04 4.36
N GLY B 827 24.19 39.92 3.08
CA GLY B 827 25.19 40.04 2.03
C GLY B 827 25.83 38.73 1.62
N TYR B 828 25.66 37.67 2.39
CA TYR B 828 26.22 36.36 2.08
C TYR B 828 25.09 35.34 2.00
N THR B 829 25.26 34.34 1.14
CA THR B 829 24.19 33.43 0.81
C THR B 829 24.18 32.23 1.77
N SER B 830 23.17 31.39 1.62
CA SER B 830 23.06 30.20 2.47
C SER B 830 24.21 29.24 2.21
N GLY B 831 24.60 29.06 0.96
CA GLY B 831 25.71 28.15 0.66
C GLY B 831 27.00 28.60 1.29
N GLN B 832 27.30 29.89 1.21
CA GLN B 832 28.53 30.40 1.84
C GLN B 832 28.50 30.17 3.34
N ALA B 833 27.36 30.44 3.98
CA ALA B 833 27.26 30.25 5.42
C ALA B 833 27.44 28.78 5.78
N ILE B 834 26.85 27.87 5.00
CA ILE B 834 26.98 26.45 5.29
C ILE B 834 28.43 26.01 5.14
N ASP B 835 29.10 26.44 4.08
CA ASP B 835 30.51 26.09 3.91
C ASP B 835 31.33 26.64 5.07
N ALA B 836 31.05 27.89 5.48
CA ALA B 836 31.81 28.49 6.56
C ALA B 836 31.61 27.73 7.87
N ILE B 837 30.36 27.41 8.21
CA ILE B 837 30.11 26.72 9.48
C ILE B 837 30.70 25.32 9.43
N ALA B 838 30.67 24.67 8.27
CA ALA B 838 31.33 23.37 8.16
C ALA B 838 32.83 23.49 8.44
N GLU B 839 33.47 24.52 7.87
CA GLU B 839 34.90 24.70 8.11
C GLU B 839 35.18 24.98 9.58
N VAL B 840 34.36 25.83 10.20
CA VAL B 840 34.57 26.15 11.61
C VAL B 840 34.39 24.91 12.47
N ALA B 841 33.39 24.10 12.15
CA ALA B 841 33.18 22.86 12.91
C ALA B 841 34.36 21.92 12.75
N LYS B 842 34.89 21.80 11.54
CA LYS B 842 36.04 20.94 11.33
C LYS B 842 37.25 21.44 12.10
N GLN B 843 37.40 22.76 12.21
CA GLN B 843 38.59 23.31 12.86
C GLN B 843 38.46 23.29 14.38
N SER B 844 37.49 24.04 14.93
CA SER B 844 37.41 24.20 16.38
C SER B 844 37.12 22.87 17.07
N LEU B 845 36.08 22.18 16.63
CA LEU B 845 35.71 20.92 17.26
C LEU B 845 36.75 19.83 16.95
N GLY B 846 36.88 18.90 17.87
CA GLY B 846 37.85 17.84 17.71
C GLY B 846 37.47 16.88 16.59
N ASP B 847 38.41 15.98 16.29
CA ASP B 847 38.17 14.98 15.25
C ASP B 847 37.07 14.00 15.66
N GLU B 848 36.76 13.91 16.95
CA GLU B 848 35.65 13.08 17.38
C GLU B 848 34.34 13.58 16.81
N TYR B 849 34.17 14.90 16.76
CA TYR B 849 32.93 15.48 16.27
C TYR B 849 32.81 15.33 14.77
N SER B 850 31.65 14.83 14.33
CA SER B 850 31.34 14.66 12.92
C SER B 850 30.07 15.46 12.61
N ILE B 851 30.11 16.25 11.54
CA ILE B 851 29.02 17.16 11.23
C ILE B 851 28.00 16.45 10.34
N ALA B 852 26.73 16.59 10.71
CA ALA B 852 25.62 16.08 9.92
C ALA B 852 24.63 17.21 9.68
N TRP B 853 23.94 17.15 8.54
CA TRP B 853 23.08 18.22 8.09
C TRP B 853 21.62 17.82 8.24
N SER B 854 20.74 18.81 8.17
CA SER B 854 19.31 18.58 8.29
C SER B 854 18.57 19.70 7.56
N GLY B 855 17.35 19.39 7.14
CA GLY B 855 16.53 20.37 6.46
C GLY B 855 17.19 20.90 5.22
N SER B 856 17.14 22.23 5.06
CA SER B 856 17.62 22.85 3.84
C SER B 856 19.10 22.57 3.62
N ALA B 857 19.90 22.59 4.68
CA ALA B 857 21.32 22.33 4.54
C ALA B 857 21.57 20.92 4.01
N TYR B 858 20.85 19.93 4.54
CA TYR B 858 20.99 18.57 4.02
C TYR B 858 20.55 18.49 2.57
N GLN B 859 19.44 19.15 2.23
CA GLN B 859 19.01 19.14 0.84
C GLN B 859 20.10 19.67 -0.08
N GLU B 860 20.69 20.82 0.27
CA GLU B 860 21.73 21.40 -0.56
C GLU B 860 22.95 20.49 -0.66
N VAL B 861 23.42 19.99 0.49
CA VAL B 861 24.65 19.20 0.50
C VAL B 861 24.46 17.90 -0.27
N SER B 862 23.27 17.32 -0.20
CA SER B 862 23.02 16.08 -0.92
C SER B 862 22.81 16.32 -2.41
N SER B 863 22.19 17.45 -2.77
CA SER B 863 21.82 17.69 -4.16
C SER B 863 22.89 18.45 -4.94
N LYS B 864 23.99 18.85 -4.30
CA LYS B 864 25.06 19.50 -5.04
C LYS B 864 25.54 18.60 -6.17
N GLY B 865 25.76 19.20 -7.35
CA GLY B 865 26.26 18.49 -8.51
C GLY B 865 25.21 17.81 -9.36
N ALA B 866 24.01 17.58 -8.82
CA ALA B 866 22.96 16.96 -9.62
C ALA B 866 22.57 17.85 -10.79
N GLY B 867 22.55 19.17 -10.57
CA GLY B 867 22.25 20.07 -11.68
C GLY B 867 23.26 19.97 -12.80
N ALA B 868 24.55 19.92 -12.44
CA ALA B 868 25.59 19.77 -13.46
C ALA B 868 25.44 18.45 -14.20
N TYR B 869 25.17 17.37 -13.47
CA TYR B 869 24.99 16.06 -14.11
C TYR B 869 23.82 16.10 -15.08
N ALA B 870 22.71 16.68 -14.66
CA ALA B 870 21.55 16.79 -15.53
C ALA B 870 21.88 17.63 -16.76
N PHE B 871 22.64 18.70 -16.58
CA PHE B 871 23.01 19.56 -17.70
C PHE B 871 23.83 18.78 -18.73
N VAL B 872 24.82 18.02 -18.28
CA VAL B 872 25.65 17.30 -19.25
C VAL B 872 24.85 16.20 -19.92
N LEU B 873 24.00 15.51 -19.16
CA LEU B 873 23.18 14.45 -19.76
C LEU B 873 22.24 15.02 -20.81
N GLY B 874 21.62 16.17 -20.52
CA GLY B 874 20.79 16.82 -21.50
C GLY B 874 21.57 17.23 -22.73
N MET B 875 22.78 17.72 -22.54
CA MET B 875 23.60 18.11 -23.69
C MET B 875 23.90 16.90 -24.57
N ILE B 876 24.26 15.77 -23.98
CA ILE B 876 24.60 14.61 -24.79
C ILE B 876 23.37 14.09 -25.53
N PHE B 877 22.22 14.07 -24.86
CA PHE B 877 21.02 13.63 -25.57
C PHE B 877 20.62 14.60 -26.67
N VAL B 878 20.85 15.90 -26.46
CA VAL B 878 20.61 16.86 -27.53
C VAL B 878 21.54 16.56 -28.70
N PHE B 879 22.81 16.26 -28.42
CA PHE B 879 23.72 15.86 -29.48
C PHE B 879 23.17 14.68 -30.25
N LEU B 880 22.71 13.65 -29.54
CA LEU B 880 22.26 12.43 -30.22
C LEU B 880 21.05 12.71 -31.09
N ILE B 881 20.08 13.47 -30.57
CA ILE B 881 18.86 13.73 -31.35
C ILE B 881 19.17 14.63 -32.54
N LEU B 882 20.04 15.63 -32.35
CA LEU B 882 20.43 16.45 -33.49
C LEU B 882 21.11 15.61 -34.55
N ALA B 883 21.99 14.70 -34.14
CA ALA B 883 22.66 13.84 -35.12
C ALA B 883 21.66 12.98 -35.86
N ALA B 884 20.67 12.44 -35.13
CA ALA B 884 19.66 11.60 -35.77
C ALA B 884 18.85 12.39 -36.79
N GLN B 885 18.35 13.56 -36.42
CA GLN B 885 17.53 14.34 -37.34
C GLN B 885 18.34 14.84 -38.52
N TYR B 886 19.56 15.31 -38.27
CA TYR B 886 20.34 15.98 -39.31
C TYR B 886 20.97 14.98 -40.25
N GLU B 887 21.20 13.75 -39.78
CA GLU B 887 21.85 12.66 -40.49
C GLU B 887 23.32 12.98 -40.76
N ARG B 888 23.91 13.95 -40.04
CA ARG B 888 25.33 14.22 -40.11
C ARG B 888 25.88 14.33 -38.69
N TRP B 889 26.97 13.62 -38.42
CA TRP B 889 27.52 13.59 -37.07
C TRP B 889 28.03 14.95 -36.64
N LEU B 890 28.70 15.68 -37.54
CA LEU B 890 29.48 16.83 -37.14
C LEU B 890 28.60 18.00 -36.70
N MET B 891 27.55 18.28 -37.46
CA MET B 891 26.81 19.53 -37.27
C MET B 891 26.24 19.68 -35.87
N PRO B 892 25.72 18.64 -35.21
CA PRO B 892 25.34 18.78 -33.80
C PRO B 892 26.39 19.46 -32.95
N LEU B 893 27.68 19.30 -33.28
CA LEU B 893 28.71 20.03 -32.55
C LEU B 893 28.55 21.53 -32.72
N ALA B 894 28.32 21.99 -33.95
CA ALA B 894 28.09 23.40 -34.17
C ALA B 894 26.83 23.86 -33.45
N VAL B 895 25.79 23.03 -33.46
CA VAL B 895 24.56 23.39 -32.77
C VAL B 895 24.82 23.57 -31.28
N ILE B 896 25.59 22.66 -30.69
CA ILE B 896 25.88 22.74 -29.26
C ILE B 896 26.72 23.97 -28.95
N THR B 897 27.68 24.30 -29.83
CA THR B 897 28.61 25.39 -29.54
C THR B 897 27.91 26.72 -29.31
N ALA B 898 26.61 26.85 -29.60
CA ALA B 898 25.88 28.06 -29.25
C ALA B 898 25.54 28.12 -27.77
N VAL B 899 25.45 26.99 -27.09
CA VAL B 899 25.06 26.98 -25.68
C VAL B 899 26.02 27.81 -24.82
N PRO B 900 27.34 27.66 -24.95
CA PRO B 900 28.23 28.46 -24.10
C PRO B 900 27.94 29.94 -24.12
N PHE B 901 27.42 30.46 -25.23
CA PHE B 901 27.10 31.89 -25.28
C PHE B 901 25.95 32.22 -24.32
N ALA B 902 24.89 31.41 -24.34
CA ALA B 902 23.78 31.65 -23.42
C ALA B 902 24.24 31.47 -21.98
N VAL B 903 25.05 30.45 -21.71
CA VAL B 903 25.54 30.25 -20.35
C VAL B 903 26.37 31.45 -19.90
N PHE B 904 27.24 31.95 -20.79
CA PHE B 904 28.07 33.10 -20.46
C PHE B 904 27.20 34.32 -20.17
N GLY B 905 26.19 34.56 -21.01
CA GLY B 905 25.31 35.69 -20.76
C GLY B 905 24.62 35.59 -19.42
N SER B 906 24.04 34.43 -19.13
CA SER B 906 23.32 34.27 -17.87
C SER B 906 24.25 34.48 -16.67
N ILE B 907 25.40 33.79 -16.66
CA ILE B 907 26.28 33.88 -15.51
C ILE B 907 26.83 35.29 -15.37
N LEU B 908 27.18 35.94 -16.49
CA LEU B 908 27.71 37.30 -16.42
C LEU B 908 26.68 38.26 -15.87
N LEU B 909 25.45 38.22 -16.38
CA LEU B 909 24.44 39.16 -15.89
C LEU B 909 24.12 38.90 -14.42
N VAL B 910 24.04 37.63 -14.03
CA VAL B 910 23.75 37.33 -12.62
C VAL B 910 24.89 37.82 -11.74
N ALA B 911 26.14 37.61 -12.15
CA ALA B 911 27.26 38.09 -11.36
C ALA B 911 27.25 39.61 -11.25
N LEU B 912 26.93 40.29 -12.35
CA LEU B 912 26.87 41.76 -12.30
C LEU B 912 25.77 42.23 -11.36
N ARG B 913 24.59 41.61 -11.42
CA ARG B 913 23.50 42.02 -10.56
C ARG B 913 23.72 41.64 -9.10
N GLY B 914 24.73 40.81 -8.82
CA GLY B 914 24.98 40.36 -7.46
C GLY B 914 24.18 39.17 -7.03
N PHE B 915 23.26 38.68 -7.88
CA PHE B 915 22.48 37.50 -7.51
C PHE B 915 23.38 36.29 -7.37
N ASP B 916 22.92 35.31 -6.62
CA ASP B 916 23.71 34.12 -6.34
C ASP B 916 23.18 32.92 -7.11
N ASN B 917 24.08 31.99 -7.38
CA ASN B 917 23.70 30.74 -8.03
C ASN B 917 22.71 29.98 -7.15
N ASP B 918 21.74 29.33 -7.79
CA ASP B 918 20.68 28.64 -7.07
C ASP B 918 19.93 27.74 -8.05
N ILE B 919 18.94 27.03 -7.52
CA ILE B 919 18.21 26.07 -8.34
C ILE B 919 17.49 26.78 -9.48
N TYR B 920 16.91 27.95 -9.20
CA TYR B 920 16.24 28.71 -10.24
C TYR B 920 17.23 29.12 -11.31
N PHE B 921 18.46 29.47 -10.92
CA PHE B 921 19.50 29.80 -11.89
C PHE B 921 19.79 28.60 -12.79
N GLN B 922 19.87 27.39 -12.22
CA GLN B 922 20.17 26.22 -13.02
C GLN B 922 19.02 25.90 -13.98
N THR B 923 17.78 26.04 -13.52
CA THR B 923 16.65 25.85 -14.43
C THR B 923 16.69 26.87 -15.57
N GLY B 924 16.98 28.13 -15.25
CA GLY B 924 17.11 29.13 -16.29
C GLY B 924 18.21 28.78 -17.27
N LEU B 925 19.34 28.28 -16.77
CA LEU B 925 20.41 27.84 -17.65
C LEU B 925 19.94 26.72 -18.57
N LEU B 926 19.19 25.78 -18.04
CA LEU B 926 18.71 24.67 -18.86
C LEU B 926 17.79 25.17 -19.98
N LEU B 927 16.86 26.05 -19.62
CA LEU B 927 15.94 26.57 -20.64
C LEU B 927 16.70 27.41 -21.67
N LEU B 928 17.76 28.09 -21.24
CA LEU B 928 18.46 28.94 -22.18
C LEU B 928 19.31 28.02 -23.01
N ILE B 929 19.74 26.90 -22.48
CA ILE B 929 20.46 25.93 -23.30
C ILE B 929 19.52 25.58 -24.44
N GLY B 930 18.25 25.35 -24.14
CA GLY B 930 17.29 25.02 -25.18
C GLY B 930 17.06 26.14 -26.17
N LEU B 931 16.92 27.36 -25.68
CA LEU B 931 16.70 28.50 -26.55
C LEU B 931 17.89 28.82 -27.46
N SER B 932 19.09 28.73 -26.92
CA SER B 932 20.27 28.94 -27.75
C SER B 932 20.33 27.87 -28.81
N ALA B 933 19.98 26.64 -28.43
CA ALA B 933 19.97 25.56 -29.39
C ALA B 933 18.96 25.87 -30.48
N LYS B 934 17.82 26.40 -30.09
CA LYS B 934 16.77 26.72 -31.06
C LYS B 934 17.28 27.75 -32.06
N ASN B 935 17.99 28.77 -31.59
CA ASN B 935 18.53 29.78 -32.48
C ASN B 935 19.51 29.09 -33.42
N ALA B 936 20.32 28.18 -32.88
CA ALA B 936 21.30 27.48 -33.69
C ALA B 936 20.66 26.63 -34.77
N ILE B 937 19.54 25.97 -34.45
CA ILE B 937 18.84 25.14 -35.43
C ILE B 937 18.33 26.01 -36.57
N LEU B 938 17.84 27.20 -36.27
CA LEU B 938 17.28 28.06 -37.31
C LEU B 938 18.34 28.36 -38.32
N ILE B 939 19.57 28.58 -37.86
CA ILE B 939 20.63 28.95 -38.78
C ILE B 939 21.26 27.76 -39.46
N ILE B 940 21.42 26.64 -38.76
CA ILE B 940 22.20 25.56 -39.34
C ILE B 940 21.37 24.76 -40.34
N GLU B 941 20.09 24.56 -40.06
CA GLU B 941 19.23 23.81 -40.99
C GLU B 941 19.30 24.43 -42.38
N PHE B 942 19.04 25.74 -42.47
CA PHE B 942 19.07 26.38 -43.77
C PHE B 942 20.48 26.44 -44.33
N ALA B 943 21.48 26.64 -43.47
CA ALA B 943 22.86 26.65 -43.95
C ALA B 943 23.19 25.35 -44.68
N MET B 944 22.94 24.22 -44.03
CA MET B 944 23.23 22.94 -44.67
C MET B 944 22.33 22.69 -45.86
N GLU B 945 21.06 23.11 -45.79
CA GLU B 945 20.17 22.90 -46.92
C GLU B 945 20.73 23.60 -48.16
N GLU B 946 21.11 24.86 -48.02
CA GLU B 946 21.76 25.56 -49.13
C GLU B 946 23.00 24.79 -49.59
N ARG B 947 23.98 24.63 -48.70
CA ARG B 947 25.25 24.05 -49.11
C ARG B 947 25.08 22.71 -49.81
N LEU B 948 24.10 21.91 -49.39
CA LEU B 948 23.93 20.58 -49.95
C LEU B 948 23.13 20.64 -51.25
N LYS B 949 21.89 21.12 -51.20
CA LYS B 949 21.04 21.09 -52.38
C LYS B 949 21.62 21.95 -53.50
N LYS B 950 21.94 23.21 -53.21
CA LYS B 950 22.37 24.14 -54.24
C LYS B 950 23.89 24.14 -54.33
N GLY B 951 24.40 24.81 -55.36
CA GLY B 951 25.82 24.80 -55.66
C GLY B 951 26.65 25.84 -54.94
N LYS B 952 26.05 26.60 -54.04
CA LYS B 952 26.80 27.64 -53.33
C LYS B 952 27.87 27.02 -52.44
N SER B 953 28.99 27.71 -52.33
CA SER B 953 30.09 27.25 -51.50
C SER B 953 29.73 27.42 -50.02
N ILE B 954 30.62 26.92 -49.15
CA ILE B 954 30.36 26.99 -47.72
C ILE B 954 30.24 28.44 -47.27
N PHE B 955 31.16 29.28 -47.74
CA PHE B 955 31.08 30.71 -47.44
C PHE B 955 29.75 31.29 -47.90
N GLU B 956 29.38 31.05 -49.16
CA GLU B 956 28.12 31.57 -49.67
C GLU B 956 26.93 30.99 -48.91
N ALA B 957 26.96 29.69 -48.63
CA ALA B 957 25.86 29.07 -47.91
C ALA B 957 25.67 29.73 -46.55
N ALA B 958 26.77 29.88 -45.80
CA ALA B 958 26.67 30.44 -44.46
C ALA B 958 26.19 31.89 -44.50
N ILE B 959 26.77 32.71 -45.38
CA ILE B 959 26.39 34.11 -45.42
C ILE B 959 24.92 34.26 -45.82
N ASN B 960 24.50 33.53 -46.85
CA ASN B 960 23.12 33.63 -47.30
C ASN B 960 22.16 33.16 -46.22
N ALA B 961 22.46 32.03 -45.58
CA ALA B 961 21.56 31.52 -44.55
C ALA B 961 21.48 32.48 -43.38
N ALA B 962 22.61 33.05 -42.97
CA ALA B 962 22.60 34.00 -41.87
C ALA B 962 21.76 35.22 -42.23
N LYS B 963 21.97 35.78 -43.42
CA LYS B 963 21.21 36.96 -43.81
C LYS B 963 19.72 36.67 -43.89
N LEU B 964 19.34 35.51 -44.43
CA LEU B 964 17.93 35.20 -44.62
C LEU B 964 17.22 34.82 -43.34
N ARG B 965 17.92 34.20 -42.39
CA ARG B 965 17.32 33.73 -41.15
C ARG B 965 17.64 34.61 -39.95
N PHE B 966 18.33 35.74 -40.14
CA PHE B 966 18.55 36.65 -39.03
C PHE B 966 17.24 37.17 -38.47
N ARG B 967 16.28 37.49 -39.34
CA ARG B 967 15.02 38.07 -38.89
C ARG B 967 14.23 37.13 -37.97
N PRO B 968 14.03 35.86 -38.39
CA PRO B 968 13.39 34.94 -37.44
C PRO B 968 14.04 34.92 -36.08
N ILE B 969 15.36 34.86 -36.00
CA ILE B 969 16.01 34.72 -34.69
C ILE B 969 15.71 35.94 -33.82
N ILE B 970 15.80 37.13 -34.40
CA ILE B 970 15.53 38.33 -33.63
C ILE B 970 14.08 38.40 -33.20
N MET B 971 13.17 38.01 -34.07
CA MET B 971 11.77 38.02 -33.70
C MET B 971 11.54 37.09 -32.53
N THR B 972 12.10 35.89 -32.60
CA THR B 972 11.92 34.91 -31.54
C THR B 972 12.59 35.28 -30.23
N SER B 973 13.79 35.83 -30.29
CA SER B 973 14.54 36.17 -29.08
C SER B 973 13.94 37.40 -28.41
N LEU B 974 13.64 38.45 -29.17
CA LEU B 974 12.98 39.62 -28.60
C LEU B 974 11.66 39.24 -27.93
N ALA B 975 10.88 38.36 -28.58
CA ALA B 975 9.63 37.93 -27.97
C ALA B 975 9.88 37.29 -26.61
N PHE B 976 10.83 36.37 -26.53
CA PHE B 976 11.09 35.68 -25.27
C PHE B 976 11.63 36.64 -24.22
N THR B 977 12.54 37.54 -24.62
CA THR B 977 13.13 38.46 -23.66
C THR B 977 12.06 39.36 -23.06
N PHE B 978 11.17 39.91 -23.89
CA PHE B 978 10.11 40.74 -23.34
C PHE B 978 9.09 39.91 -22.59
N GLY B 979 8.98 38.62 -22.90
CA GLY B 979 8.13 37.75 -22.12
C GLY B 979 8.65 37.56 -20.70
N VAL B 980 9.96 37.45 -20.55
CA VAL B 980 10.55 37.28 -19.22
C VAL B 980 10.79 38.60 -18.51
N LEU B 981 10.80 39.72 -19.23
CA LEU B 981 11.09 41.01 -18.61
C LEU B 981 10.21 41.34 -17.41
N PRO B 982 8.90 41.09 -17.41
CA PRO B 982 8.13 41.41 -16.20
C PRO B 982 8.61 40.65 -14.99
N MET B 983 9.20 39.47 -15.17
CA MET B 983 9.66 38.69 -14.03
C MET B 983 10.74 39.43 -13.25
N ILE B 984 11.72 40.01 -13.93
CA ILE B 984 12.86 40.59 -13.23
C ILE B 984 12.45 41.85 -12.46
N PHE B 985 11.56 42.66 -13.04
CA PHE B 985 11.19 43.93 -12.44
C PHE B 985 9.97 43.85 -11.55
N ALA B 986 9.36 42.68 -11.42
CA ALA B 986 8.13 42.56 -10.64
C ALA B 986 8.40 42.83 -9.16
N THR B 987 7.38 43.35 -8.48
CA THR B 987 7.45 43.66 -7.06
C THR B 987 6.24 43.09 -6.35
N GLY B 988 6.45 42.63 -5.12
CA GLY B 988 5.39 42.02 -4.34
C GLY B 988 5.80 40.72 -3.69
N ALA B 989 4.83 39.82 -3.50
CA ALA B 989 5.10 38.57 -2.80
C ALA B 989 5.99 37.67 -3.64
N GLY B 990 6.95 37.02 -2.97
CA GLY B 990 7.88 36.14 -3.66
C GLY B 990 8.81 36.87 -4.62
N SER B 991 9.37 38.00 -4.20
CA SER B 991 10.18 38.80 -5.11
C SER B 991 11.46 38.06 -5.52
N ALA B 992 12.15 37.45 -4.55
CA ALA B 992 13.51 36.99 -4.79
C ALA B 992 13.56 35.93 -5.88
N SER B 993 12.65 34.96 -5.82
CA SER B 993 12.70 33.85 -6.76
C SER B 993 12.56 34.33 -8.20
N ARG B 994 11.50 35.09 -8.48
CA ARG B 994 11.28 35.56 -9.84
C ARG B 994 12.36 36.55 -10.25
N HIS B 995 12.85 37.36 -9.31
CA HIS B 995 13.94 38.27 -9.63
C HIS B 995 15.15 37.51 -10.16
N SER B 996 15.58 36.49 -9.40
CA SER B 996 16.77 35.74 -9.81
C SER B 996 16.53 35.02 -11.14
N LEU B 997 15.37 34.37 -11.27
CA LEU B 997 15.10 33.63 -12.50
C LEU B 997 15.08 34.55 -13.70
N GLY B 998 14.43 35.70 -13.57
CA GLY B 998 14.38 36.64 -14.67
C GLY B 998 15.74 37.20 -15.02
N THR B 999 16.55 37.53 -14.01
CA THR B 999 17.89 38.02 -14.29
C THR B 999 18.69 37.02 -15.09
N GLY B 1000 18.74 35.77 -14.61
CA GLY B 1000 19.49 34.75 -15.34
C GLY B 1000 18.97 34.55 -16.75
N LEU B 1001 17.65 34.45 -16.91
CA LEU B 1001 17.07 34.17 -18.21
C LEU B 1001 17.35 35.31 -19.18
N ILE B 1002 17.18 36.55 -18.72
CA ILE B 1002 17.42 37.70 -19.59
C ILE B 1002 18.87 37.74 -20.04
N GLY B 1003 19.79 37.54 -19.10
CA GLY B 1003 21.20 37.55 -19.49
C GLY B 1003 21.51 36.49 -20.54
N GLY B 1004 21.05 35.27 -20.28
CA GLY B 1004 21.30 34.20 -21.25
C GLY B 1004 20.69 34.49 -22.60
N MET B 1005 19.46 35.01 -22.62
CA MET B 1005 18.78 35.25 -23.88
C MET B 1005 19.46 36.36 -24.67
N ILE B 1006 19.86 37.44 -24.01
CA ILE B 1006 20.55 38.49 -24.73
C ILE B 1006 21.86 37.97 -25.30
N ALA B 1007 22.61 37.17 -24.54
CA ALA B 1007 23.83 36.62 -25.10
C ALA B 1007 23.54 35.72 -26.29
N ALA B 1008 22.52 34.86 -26.19
CA ALA B 1008 22.21 33.96 -27.29
C ALA B 1008 21.69 34.70 -28.51
N SER B 1009 21.08 35.86 -28.31
CA SER B 1009 20.57 36.63 -29.44
C SER B 1009 21.61 37.57 -30.05
N THR B 1010 22.71 37.85 -29.35
CA THR B 1010 23.73 38.74 -29.88
C THR B 1010 24.99 37.99 -30.29
N LEU B 1011 25.61 37.22 -29.40
CA LEU B 1011 26.88 36.58 -29.74
C LEU B 1011 26.67 35.31 -30.56
N ALA B 1012 25.72 34.47 -30.16
CA ALA B 1012 25.57 33.16 -30.78
C ALA B 1012 25.20 33.28 -32.25
N ILE B 1013 24.34 34.23 -32.59
CA ILE B 1013 23.93 34.38 -33.98
C ILE B 1013 25.14 34.71 -34.85
N PHE B 1014 26.06 35.52 -34.31
CA PHE B 1014 27.25 35.86 -35.08
C PHE B 1014 28.23 34.69 -35.14
N PHE B 1015 28.29 33.89 -34.08
CA PHE B 1015 29.35 32.90 -33.96
C PHE B 1015 28.99 31.55 -34.60
N VAL B 1016 27.73 31.17 -34.63
CA VAL B 1016 27.31 29.88 -35.17
C VAL B 1016 27.73 29.73 -36.62
N PRO B 1017 27.57 30.76 -37.47
CA PRO B 1017 28.03 30.61 -38.86
C PRO B 1017 29.50 30.26 -38.98
N LEU B 1018 30.35 30.80 -38.10
CA LEU B 1018 31.76 30.44 -38.15
C LEU B 1018 31.96 28.95 -37.88
N PHE B 1019 31.25 28.42 -36.88
CA PHE B 1019 31.36 27.00 -36.59
C PHE B 1019 30.83 26.16 -37.75
N PHE B 1020 29.75 26.61 -38.38
CA PHE B 1020 29.27 25.92 -39.58
C PHE B 1020 30.34 25.88 -40.65
N TYR B 1021 30.98 27.02 -40.91
CA TYR B 1021 32.01 27.09 -41.93
C TYR B 1021 33.14 26.12 -41.61
N LEU B 1022 33.61 26.15 -40.36
CA LEU B 1022 34.71 25.27 -39.98
C LEU B 1022 34.32 23.80 -40.11
N LEU B 1023 33.11 23.44 -39.66
CA LEU B 1023 32.71 22.04 -39.67
C LEU B 1023 32.48 21.54 -41.09
N GLU B 1024 31.93 22.38 -41.96
CA GLU B 1024 31.77 21.95 -43.35
C GLU B 1024 33.12 21.82 -44.05
N ASN B 1025 34.06 22.72 -43.76
CA ASN B 1025 35.41 22.55 -44.29
C ASN B 1025 36.04 21.26 -43.79
N PHE B 1026 35.80 20.93 -42.51
CA PHE B 1026 36.29 19.66 -41.98
C PHE B 1026 35.67 18.48 -42.72
N ASN B 1027 34.35 18.52 -42.93
CA ASN B 1027 33.66 17.41 -43.57
C ASN B 1027 34.16 17.20 -45.01
N GLU B 1028 34.30 18.28 -45.77
CA GLU B 1028 34.82 18.14 -47.13
C GLU B 1028 36.29 17.73 -47.11
N TRP B 1029 37.02 18.15 -46.08
CA TRP B 1029 38.42 17.75 -45.96
C TRP B 1029 38.55 16.25 -45.78
N LEU B 1030 37.69 15.65 -44.97
CA LEU B 1030 37.74 14.21 -44.77
C LEU B 1030 37.46 13.47 -46.07
N ASP B 1031 36.50 13.96 -46.85
CA ASP B 1031 36.18 13.30 -48.12
C ASP B 1031 37.38 13.31 -49.06
N LYS B 1032 38.10 14.43 -49.11
CA LYS B 1032 39.27 14.53 -49.97
C LYS B 1032 40.38 13.61 -49.47
N MET C 1 9.50 0.80 -46.58
CA MET C 1 9.33 -0.25 -45.54
C MET C 1 10.02 0.17 -44.25
N PHE C 2 9.66 -0.50 -43.15
CA PHE C 2 10.22 -0.14 -41.85
C PHE C 2 11.73 -0.25 -41.85
N SER C 3 12.27 -1.40 -42.27
CA SER C 3 13.71 -1.58 -42.27
C SER C 3 14.38 -0.70 -43.31
N LYS C 4 13.75 -0.51 -44.46
CA LYS C 4 14.32 0.33 -45.50
C LYS C 4 14.57 1.75 -44.99
N PHE C 5 13.69 2.25 -44.12
CA PHE C 5 13.87 3.60 -43.59
C PHE C 5 15.18 3.71 -42.82
N PHE C 6 15.47 2.71 -41.98
CA PHE C 6 16.71 2.74 -41.22
C PHE C 6 17.92 2.46 -42.10
N ILE C 7 17.74 1.69 -43.17
CA ILE C 7 18.81 1.49 -44.13
C ILE C 7 19.18 2.83 -44.78
N GLU C 8 18.16 3.61 -45.15
CA GLU C 8 18.42 4.87 -45.82
C GLU C 8 19.04 5.90 -44.88
N ARG C 9 18.89 5.69 -43.58
CA ARG C 9 19.37 6.63 -42.58
C ARG C 9 20.28 5.93 -41.57
N PRO C 10 21.52 5.62 -41.94
CA PRO C 10 22.39 4.90 -40.98
C PRO C 10 22.58 5.65 -39.69
N ILE C 11 22.62 6.98 -39.73
CA ILE C 11 22.83 7.74 -38.51
C ILE C 11 21.67 7.54 -37.54
N PHE C 12 20.45 7.41 -38.07
CA PHE C 12 19.31 7.15 -37.21
C PHE C 12 19.44 5.80 -36.51
N ALA C 13 19.87 4.78 -37.24
CA ALA C 13 20.07 3.48 -36.62
C ALA C 13 21.17 3.54 -35.56
N SER C 14 22.27 4.24 -35.86
CA SER C 14 23.34 4.37 -34.88
C SER C 14 22.84 5.09 -33.63
N VAL C 15 22.02 6.12 -33.80
CA VAL C 15 21.54 6.89 -32.66
C VAL C 15 20.59 6.05 -31.81
N VAL C 16 19.69 5.31 -32.44
CA VAL C 16 18.76 4.48 -31.65
C VAL C 16 19.52 3.37 -30.94
N ALA C 17 20.55 2.82 -31.61
CA ALA C 17 21.40 1.84 -30.94
C ALA C 17 22.11 2.45 -29.74
N ILE C 18 22.61 3.68 -29.88
CA ILE C 18 23.29 4.34 -28.78
C ILE C 18 22.32 4.57 -27.63
N ILE C 19 21.09 5.00 -27.94
CA ILE C 19 20.11 5.24 -26.89
C ILE C 19 19.83 3.94 -26.15
N ILE C 20 19.65 2.84 -26.89
CA ILE C 20 19.37 1.56 -26.26
C ILE C 20 20.54 1.14 -25.39
N SER C 21 21.77 1.31 -25.89
CA SER C 21 22.95 0.91 -25.13
C SER C 21 23.07 1.73 -23.84
N ILE C 22 22.81 3.04 -23.92
CA ILE C 22 22.91 3.88 -22.72
C ILE C 22 21.84 3.48 -21.72
N ALA C 23 20.62 3.25 -22.17
CA ALA C 23 19.57 2.81 -21.26
C ALA C 23 19.96 1.50 -20.60
N GLY C 24 20.55 0.58 -21.37
CA GLY C 24 20.98 -0.68 -20.80
C GLY C 24 22.08 -0.52 -19.78
N ILE C 25 23.02 0.40 -20.03
CA ILE C 25 24.08 0.65 -19.06
C ILE C 25 23.48 1.17 -17.76
N ILE C 26 22.53 2.10 -17.86
CA ILE C 26 21.89 2.63 -16.66
C ILE C 26 21.16 1.53 -15.92
N GLY C 27 20.44 0.68 -16.66
CA GLY C 27 19.71 -0.41 -16.03
C GLY C 27 20.63 -1.38 -15.33
N LEU C 28 21.73 -1.75 -15.97
CA LEU C 28 22.70 -2.63 -15.34
C LEU C 28 23.27 -2.02 -14.08
N ALA C 29 23.59 -0.72 -14.12
CA ALA C 29 24.10 -0.05 -12.93
C ALA C 29 23.06 -0.06 -11.81
N ASN C 30 21.79 0.13 -12.14
CA ASN C 30 20.72 0.22 -11.14
C ASN C 30 20.05 -1.12 -10.86
N LEU C 31 20.47 -2.21 -11.49
CA LEU C 31 19.81 -3.49 -11.30
C LEU C 31 20.20 -4.08 -9.95
N PRO C 32 19.25 -4.45 -9.09
CA PRO C 32 19.61 -5.13 -7.84
C PRO C 32 20.24 -6.48 -8.10
N VAL C 33 21.15 -6.88 -7.22
CA VAL C 33 21.86 -8.14 -7.31
C VAL C 33 21.57 -8.96 -6.07
N GLU C 34 21.17 -10.22 -6.27
CA GLU C 34 20.84 -11.12 -5.18
C GLU C 34 21.25 -12.53 -5.56
N GLN C 35 21.30 -13.41 -4.56
CA GLN C 35 21.60 -14.82 -4.83
C GLN C 35 20.43 -15.47 -5.58
N TYR C 36 19.25 -15.47 -4.97
CA TYR C 36 18.05 -16.02 -5.58
C TYR C 36 16.89 -15.06 -5.37
N PRO C 37 15.87 -15.14 -6.24
CA PRO C 37 14.67 -14.30 -6.03
C PRO C 37 13.80 -14.82 -4.90
N SER C 38 12.68 -14.15 -4.64
CA SER C 38 11.79 -14.53 -3.55
C SER C 38 10.97 -15.75 -3.97
N LEU C 39 11.62 -16.92 -3.92
CA LEU C 39 10.96 -18.15 -4.32
C LEU C 39 9.88 -18.56 -3.32
N THR C 40 10.21 -18.55 -2.04
CA THR C 40 9.29 -19.05 -1.02
C THR C 40 8.14 -18.07 -0.80
N PRO C 41 7.01 -18.55 -0.30
CA PRO C 41 5.92 -17.65 0.03
C PRO C 41 6.31 -16.73 1.18
N PRO C 42 5.76 -15.51 1.23
CA PRO C 42 6.06 -14.64 2.36
C PRO C 42 5.62 -15.27 3.68
N THR C 43 6.40 -15.02 4.73
CA THR C 43 6.13 -15.60 6.03
C THR C 43 6.33 -14.55 7.10
N VAL C 44 5.63 -14.72 8.22
CA VAL C 44 5.77 -13.86 9.39
C VAL C 44 5.99 -14.75 10.60
N GLN C 45 7.05 -14.47 11.36
CA GLN C 45 7.41 -15.28 12.51
C GLN C 45 7.16 -14.50 13.78
N VAL C 46 6.44 -15.13 14.71
CA VAL C 46 6.08 -14.53 15.99
C VAL C 46 6.75 -15.35 17.09
N SER C 47 7.46 -14.66 17.98
CA SER C 47 8.19 -15.31 19.06
C SER C 47 7.82 -14.70 20.39
N ALA C 48 7.66 -15.55 21.41
CA ALA C 48 7.38 -15.11 22.77
C ALA C 48 8.15 -15.99 23.73
N THR C 49 8.74 -15.37 24.74
CA THR C 49 9.60 -16.05 25.70
C THR C 49 8.88 -16.14 27.04
N TYR C 50 8.68 -17.36 27.53
CA TYR C 50 8.06 -17.63 28.82
C TYR C 50 9.05 -18.49 29.59
N THR C 51 10.00 -17.84 30.26
CA THR C 51 11.14 -18.55 30.82
C THR C 51 10.71 -19.49 31.93
N GLY C 52 11.41 -20.62 32.03
CA GLY C 52 11.14 -21.57 33.09
C GLY C 52 9.78 -22.23 33.01
N ALA C 53 9.37 -22.66 31.83
CA ALA C 53 8.08 -23.31 31.64
C ALA C 53 8.21 -24.51 30.71
N ASP C 54 7.62 -25.62 31.12
CA ASP C 54 7.55 -26.80 30.28
C ASP C 54 6.91 -26.45 28.94
N ALA C 55 7.13 -27.33 27.95
CA ALA C 55 6.62 -27.06 26.61
C ALA C 55 5.10 -27.00 26.58
N GLN C 56 4.44 -27.94 27.28
CA GLN C 56 2.98 -28.00 27.22
C GLN C 56 2.34 -26.74 27.79
N THR C 57 2.90 -26.23 28.89
CA THR C 57 2.35 -25.01 29.48
C THR C 57 2.47 -23.85 28.50
N ILE C 58 3.64 -23.68 27.88
CA ILE C 58 3.78 -22.61 26.91
C ILE C 58 2.78 -22.78 25.79
N ALA C 59 2.66 -24.00 25.24
CA ALA C 59 1.68 -24.22 24.19
C ALA C 59 0.30 -23.75 24.63
N SER C 60 -0.26 -24.40 25.65
CA SER C 60 -1.65 -24.15 26.02
C SER C 60 -1.87 -22.69 26.40
N THR C 61 -0.96 -22.11 27.18
CA THR C 61 -1.22 -20.76 27.71
C THR C 61 -0.94 -19.69 26.67
N VAL C 62 0.20 -19.75 26.00
CA VAL C 62 0.67 -18.67 25.13
C VAL C 62 0.25 -18.91 23.69
N ALA C 63 0.56 -20.08 23.13
CA ALA C 63 0.34 -20.27 21.71
C ALA C 63 -1.15 -20.21 21.36
N THR C 64 -2.00 -20.84 22.17
CA THR C 64 -3.41 -20.92 21.82
C THR C 64 -4.06 -19.54 21.72
N PRO C 65 -3.88 -18.62 22.66
CA PRO C 65 -4.40 -17.26 22.43
C PRO C 65 -3.82 -16.60 21.19
N ILE C 66 -2.50 -16.64 21.03
CA ILE C 66 -1.87 -15.98 19.90
C ILE C 66 -2.32 -16.60 18.58
N GLU C 67 -2.34 -17.94 18.53
CA GLU C 67 -2.77 -18.61 17.32
C GLU C 67 -4.23 -18.29 17.00
N ASP C 68 -5.09 -18.32 18.02
CA ASP C 68 -6.50 -18.02 17.81
C ASP C 68 -6.68 -16.61 17.27
N ALA C 69 -5.97 -15.65 17.85
CA ALA C 69 -6.09 -14.27 17.39
C ALA C 69 -5.59 -14.11 15.97
N ILE C 70 -4.41 -14.67 15.66
CA ILE C 70 -3.86 -14.49 14.33
C ILE C 70 -4.71 -15.19 13.28
N ASN C 71 -5.41 -16.25 13.65
CA ASN C 71 -6.24 -16.96 12.69
C ASN C 71 -7.25 -16.00 12.07
N GLY C 72 -7.32 -16.02 10.73
CA GLY C 72 -8.26 -15.20 10.01
C GLY C 72 -7.66 -13.97 9.33
N VAL C 73 -6.37 -13.72 9.48
CA VAL C 73 -5.76 -12.60 8.77
C VAL C 73 -5.83 -12.85 7.27
N ASP C 74 -5.58 -11.79 6.51
CA ASP C 74 -5.74 -11.86 5.07
C ASP C 74 -4.63 -12.69 4.44
N ASN C 75 -5.01 -13.51 3.45
CA ASN C 75 -4.06 -14.27 2.65
C ASN C 75 -3.17 -15.16 3.51
N MET C 76 -3.74 -15.79 4.54
CA MET C 76 -3.01 -16.74 5.37
C MET C 76 -3.40 -18.15 4.93
N ILE C 77 -2.41 -18.93 4.50
CA ILE C 77 -2.70 -20.29 4.02
C ILE C 77 -2.67 -21.27 5.19
N TYR C 78 -1.69 -21.15 6.09
CA TYR C 78 -1.65 -22.02 7.25
C TYR C 78 -0.68 -21.46 8.26
N MET C 79 -0.80 -21.95 9.49
CA MET C 79 0.03 -21.53 10.62
C MET C 79 0.81 -22.72 11.14
N ASP C 80 1.98 -22.45 11.71
CA ASP C 80 2.85 -23.49 12.25
C ASP C 80 3.46 -22.97 13.54
N SER C 81 3.07 -23.55 14.67
CA SER C 81 3.55 -23.14 15.98
C SER C 81 4.39 -24.26 16.58
N THR C 82 5.59 -23.90 17.04
CA THR C 82 6.52 -24.85 17.64
C THR C 82 6.83 -24.38 19.06
N SER C 83 6.39 -25.12 20.06
CA SER C 83 6.55 -24.67 21.44
C SER C 83 7.61 -25.43 22.24
N SER C 84 8.87 -25.08 22.05
CA SER C 84 9.93 -25.71 22.82
C SER C 84 9.90 -25.20 24.24
N PRO C 85 10.61 -25.87 25.15
CA PRO C 85 10.53 -25.46 26.55
C PRO C 85 11.15 -24.09 26.74
N GLY C 86 10.36 -23.11 27.14
CA GLY C 86 10.88 -21.77 27.37
C GLY C 86 10.49 -20.74 26.35
N GLN C 87 10.14 -21.17 25.14
CA GLN C 87 9.81 -20.22 24.08
C GLN C 87 8.76 -20.76 23.13
N MET C 88 8.01 -19.87 22.48
CA MET C 88 6.96 -20.29 21.57
C MET C 88 7.10 -19.57 20.25
N LYS C 89 7.66 -20.25 19.25
CA LYS C 89 7.84 -19.64 17.94
C LYS C 89 6.67 -20.03 17.06
N LEU C 90 6.03 -19.04 16.44
CA LEU C 90 4.87 -19.25 15.59
C LEU C 90 5.19 -18.70 14.22
N THR C 91 4.99 -19.50 13.18
CA THR C 91 5.24 -19.11 11.81
C THR C 91 3.92 -19.06 11.06
N VAL C 92 3.64 -17.92 10.43
CA VAL C 92 2.43 -17.70 9.65
C VAL C 92 2.84 -17.60 8.19
N TYR C 93 2.37 -18.55 7.38
CA TYR C 93 2.69 -18.59 5.97
C TYR C 93 1.57 -17.92 5.18
N PHE C 94 1.94 -17.00 4.31
CA PHE C 94 0.99 -16.22 3.54
C PHE C 94 1.01 -16.64 2.08
N ASN C 95 -0.11 -16.39 1.39
CA ASN C 95 -0.22 -16.75 -0.01
C ASN C 95 0.82 -16.00 -0.83
N ILE C 96 1.39 -16.68 -1.83
CA ILE C 96 2.41 -16.06 -2.66
C ILE C 96 1.86 -14.81 -3.31
N GLY C 97 2.72 -13.81 -3.47
CA GLY C 97 2.32 -12.53 -4.01
C GLY C 97 1.86 -11.52 -2.99
N THR C 98 1.76 -11.90 -1.72
CA THR C 98 1.36 -10.96 -0.68
C THR C 98 2.53 -10.06 -0.30
N ASP C 99 2.22 -8.81 0.03
CA ASP C 99 3.24 -7.86 0.44
C ASP C 99 3.73 -8.22 1.85
N PRO C 100 5.03 -8.47 2.05
CA PRO C 100 5.47 -8.87 3.40
C PRO C 100 5.14 -7.84 4.47
N ASP C 101 5.25 -6.55 4.15
CA ASP C 101 4.96 -5.52 5.15
C ASP C 101 3.51 -5.59 5.60
N GLN C 102 2.60 -5.81 4.65
CA GLN C 102 1.19 -5.92 5.01
C GLN C 102 0.95 -7.10 5.93
N ALA C 103 1.52 -8.27 5.59
CA ALA C 103 1.34 -9.43 6.45
C ALA C 103 1.86 -9.13 7.85
N ALA C 104 3.05 -8.52 7.93
CA ALA C 104 3.62 -8.22 9.23
C ALA C 104 2.73 -7.28 10.03
N ILE C 105 2.16 -6.26 9.37
CA ILE C 105 1.41 -5.26 10.14
C ILE C 105 0.08 -5.84 10.63
N ASP C 106 -0.61 -6.63 9.81
CA ASP C 106 -1.82 -7.28 10.33
C ASP C 106 -1.49 -8.27 11.45
N VAL C 107 -0.41 -9.05 11.32
CA VAL C 107 -0.07 -9.96 12.41
C VAL C 107 0.22 -9.18 13.68
N ASN C 108 0.92 -8.05 13.56
CA ASN C 108 1.20 -7.20 14.71
C ASN C 108 -0.08 -6.68 15.34
N ASN C 109 -1.02 -6.23 14.50
CA ASN C 109 -2.26 -5.69 15.03
C ASN C 109 -3.05 -6.74 15.78
N ARG C 110 -3.09 -7.97 15.26
CA ARG C 110 -3.81 -9.03 15.95
C ARG C 110 -3.15 -9.38 17.27
N ILE C 111 -1.83 -9.56 17.28
CA ILE C 111 -1.19 -9.92 18.54
C ILE C 111 -1.27 -8.76 19.52
N SER C 112 -1.42 -7.52 19.05
CA SER C 112 -1.60 -6.40 19.96
C SER C 112 -2.86 -6.59 20.80
N ALA C 113 -3.95 -7.00 20.16
CA ALA C 113 -5.18 -7.27 20.90
C ALA C 113 -5.04 -8.53 21.74
N ALA C 114 -4.30 -9.53 21.24
CA ALA C 114 -4.19 -10.79 21.97
C ALA C 114 -3.23 -10.71 23.15
N THR C 115 -2.43 -9.64 23.25
CA THR C 115 -1.38 -9.58 24.26
C THR C 115 -1.95 -9.65 25.68
N ALA C 116 -3.11 -9.02 25.90
CA ALA C 116 -3.63 -8.92 27.26
C ALA C 116 -3.92 -10.30 27.85
N LYS C 117 -4.36 -11.25 27.02
CA LYS C 117 -4.78 -12.54 27.54
C LYS C 117 -3.58 -13.35 28.06
N LEU C 118 -2.37 -13.03 27.59
CA LEU C 118 -1.22 -13.87 27.89
C LEU C 118 -0.81 -13.75 29.35
N PRO C 119 -0.04 -14.70 29.87
CA PRO C 119 0.41 -14.59 31.27
C PRO C 119 1.24 -13.34 31.49
N GLU C 120 1.57 -13.10 32.76
CA GLU C 120 2.29 -11.88 33.12
C GLU C 120 3.69 -11.88 32.52
N ALA C 121 4.41 -13.00 32.60
CA ALA C 121 5.80 -13.02 32.18
C ALA C 121 5.94 -12.76 30.69
N VAL C 122 5.07 -13.36 29.88
CA VAL C 122 5.14 -13.14 28.44
C VAL C 122 4.90 -11.67 28.12
N LYS C 123 3.91 -11.06 28.75
CA LYS C 123 3.65 -9.64 28.51
C LYS C 123 4.85 -8.80 28.92
N LYS C 124 5.46 -9.11 30.07
CA LYS C 124 6.62 -8.36 30.52
C LYS C 124 7.75 -8.44 29.50
N LEU C 125 8.05 -9.65 29.02
CA LEU C 125 9.09 -9.81 28.01
C LEU C 125 8.64 -9.23 26.67
N GLY C 126 7.37 -9.39 26.34
CA GLY C 126 6.83 -8.88 25.11
C GLY C 126 6.82 -9.92 23.99
N VAL C 127 5.94 -9.68 23.01
CA VAL C 127 5.79 -10.54 21.85
C VAL C 127 6.34 -9.81 20.64
N THR C 128 7.22 -10.47 19.89
CA THR C 128 7.91 -9.86 18.76
C THR C 128 7.38 -10.44 17.46
N VAL C 129 7.13 -9.57 16.49
CA VAL C 129 6.68 -9.96 15.16
C VAL C 129 7.72 -9.52 14.15
N ARG C 130 8.16 -10.44 13.30
CA ARG C 130 9.19 -10.15 12.31
C ARG C 130 8.93 -11.00 11.07
N LYS C 131 9.66 -10.71 10.01
CA LYS C 131 9.54 -11.42 8.73
C LYS C 131 10.82 -12.19 8.49
N SER C 132 10.69 -13.50 8.26
CA SER C 132 11.84 -14.37 8.04
C SER C 132 12.02 -14.73 6.58
N SER C 133 11.37 -14.01 5.67
CA SER C 133 11.47 -14.35 4.25
C SER C 133 12.90 -14.20 3.74
N SER C 134 13.58 -13.12 4.13
CA SER C 134 14.93 -12.87 3.62
C SER C 134 15.88 -13.96 4.08
N THR C 135 16.87 -14.27 3.24
CA THR C 135 17.83 -15.31 3.59
C THR C 135 19.18 -14.74 3.99
N ILE C 136 20.05 -15.58 4.54
CA ILE C 136 21.35 -15.11 4.99
C ILE C 136 22.23 -14.61 3.86
N LEU C 137 23.04 -13.59 4.13
CA LEU C 137 23.96 -13.10 3.13
C LEU C 137 25.36 -13.50 3.55
N GLU C 138 25.59 -13.57 4.86
CA GLU C 138 26.89 -13.99 5.37
C GLU C 138 26.84 -14.22 6.87
N VAL C 139 27.84 -14.87 7.41
CA VAL C 139 27.86 -15.15 8.84
C VAL C 139 29.20 -14.78 9.46
N VAL C 140 29.38 -13.50 9.78
CA VAL C 140 30.62 -13.04 10.37
C VAL C 140 30.84 -13.59 11.76
N SER C 141 31.68 -14.60 11.90
CA SER C 141 31.98 -15.18 13.19
C SER C 141 33.14 -14.43 13.83
N VAL C 142 32.95 -13.98 15.07
CA VAL C 142 33.97 -13.27 15.82
C VAL C 142 34.51 -14.21 16.89
N TYR C 143 35.80 -14.54 16.81
CA TYR C 143 36.40 -15.50 17.72
C TYR C 143 37.52 -14.85 18.51
N SER C 144 37.79 -15.39 19.69
CA SER C 144 38.93 -14.96 20.51
C SER C 144 40.03 -16.00 20.34
N GLU C 145 41.06 -15.66 19.57
CA GLU C 145 42.09 -16.64 19.26
C GLU C 145 42.84 -17.08 20.51
N ASP C 146 43.19 -16.14 21.38
CA ASP C 146 43.94 -16.46 22.60
C ASP C 146 43.06 -16.92 23.75
N SER C 147 41.74 -16.95 23.56
CA SER C 147 40.79 -17.37 24.59
C SER C 147 40.82 -16.48 25.82
N SER C 148 41.41 -15.28 25.71
CA SER C 148 41.44 -14.37 26.86
C SER C 148 40.04 -13.98 27.29
N MET C 149 39.16 -13.71 26.33
CA MET C 149 37.80 -13.28 26.62
C MET C 149 36.85 -14.44 26.39
N ASN C 150 36.07 -14.79 27.41
CA ASN C 150 35.14 -15.90 27.32
C ASN C 150 34.00 -15.56 26.36
N ASP C 151 33.14 -16.55 26.13
CA ASP C 151 32.04 -16.37 25.18
C ASP C 151 31.16 -15.20 25.56
N ILE C 152 30.96 -14.97 26.86
CA ILE C 152 30.06 -13.91 27.30
C ILE C 152 30.61 -12.55 26.88
N ASP C 153 31.90 -12.31 27.11
CA ASP C 153 32.48 -11.03 26.75
C ASP C 153 32.42 -10.82 25.25
N ILE C 154 32.72 -11.86 24.47
CA ILE C 154 32.69 -11.73 23.03
C ILE C 154 31.28 -11.40 22.56
N TYR C 155 30.28 -12.05 23.15
CA TYR C 155 28.90 -11.84 22.73
C TYR C 155 28.42 -10.43 23.04
N ASN C 156 28.76 -9.94 24.21
CA ASN C 156 28.31 -8.61 24.62
C ASN C 156 29.08 -7.53 23.87
N TYR C 157 30.38 -7.73 23.66
CA TYR C 157 31.10 -6.75 22.85
C TYR C 157 30.53 -6.67 21.45
N VAL C 158 30.20 -7.82 20.85
CA VAL C 158 29.65 -7.81 19.50
C VAL C 158 28.30 -7.10 19.49
N SER C 159 27.46 -7.37 20.49
CA SER C 159 26.15 -6.73 20.53
C SER C 159 26.27 -5.23 20.74
N LEU C 160 27.15 -4.80 21.63
CA LEU C 160 27.24 -3.37 21.94
C LEU C 160 27.90 -2.59 20.83
N ASN C 161 29.02 -3.08 20.30
CA ASN C 161 29.89 -2.30 19.42
C ASN C 161 29.84 -2.75 17.97
N ILE C 162 29.78 -4.06 17.72
CA ILE C 162 29.87 -4.54 16.34
C ILE C 162 28.51 -4.45 15.65
N LEU C 163 27.48 -5.02 16.27
CA LEU C 163 26.22 -5.24 15.58
C LEU C 163 25.63 -3.92 15.07
N ASP C 164 25.64 -2.89 15.92
CA ASP C 164 25.07 -1.61 15.53
C ASP C 164 25.81 -1.01 14.34
N GLU C 165 27.14 -1.15 14.31
CA GLU C 165 27.91 -0.64 13.18
C GLU C 165 27.50 -1.33 11.88
N LEU C 166 27.35 -2.66 11.91
CA LEU C 166 26.95 -3.38 10.71
C LEU C 166 25.55 -2.98 10.28
N LYS C 167 24.65 -2.74 11.24
CA LYS C 167 23.32 -2.26 10.88
C LYS C 167 23.41 -0.96 10.08
N ARG C 168 24.45 -0.15 10.32
CA ARG C 168 24.56 1.12 9.62
C ARG C 168 24.90 0.94 8.15
N ILE C 169 25.53 -0.17 7.79
CA ILE C 169 25.99 -0.34 6.41
C ILE C 169 24.80 -0.34 5.47
N PRO C 170 24.82 0.42 4.36
CA PRO C 170 23.66 0.41 3.46
C PRO C 170 23.41 -0.97 2.88
N GLY C 171 22.13 -1.29 2.71
CA GLY C 171 21.73 -2.57 2.14
C GLY C 171 21.68 -3.71 3.12
N VAL C 172 22.06 -3.50 4.39
CA VAL C 172 22.04 -4.55 5.40
C VAL C 172 20.65 -4.53 6.02
N GLY C 173 19.81 -5.48 5.60
CA GLY C 173 18.45 -5.51 6.11
C GLY C 173 18.40 -5.82 7.60
N ASP C 174 19.24 -6.73 8.07
CA ASP C 174 19.21 -7.14 9.46
C ASP C 174 20.59 -7.63 9.86
N ALA C 175 20.85 -7.60 11.17
CA ALA C 175 22.07 -8.15 11.73
C ALA C 175 21.74 -8.68 13.12
N SER C 176 22.14 -9.91 13.42
CA SER C 176 21.82 -10.50 14.71
C SER C 176 22.80 -11.60 15.10
N ALA C 177 23.26 -11.59 16.34
CA ALA C 177 24.13 -12.65 16.80
C ALA C 177 23.29 -13.84 17.20
N ILE C 178 23.92 -14.99 17.44
CA ILE C 178 23.16 -16.19 17.75
C ILE C 178 23.33 -16.63 19.21
N GLY C 179 24.30 -16.06 19.90
CA GLY C 179 24.57 -16.48 21.27
C GLY C 179 23.42 -16.33 22.25
N ASN C 180 22.70 -15.23 22.18
CA ASN C 180 21.59 -14.99 23.12
C ASN C 180 22.12 -14.98 24.54
N LYS C 181 23.28 -14.37 24.76
CA LYS C 181 23.87 -14.35 26.09
C LYS C 181 24.31 -12.95 26.49
N ASN C 182 23.35 -12.05 26.65
CA ASN C 182 23.68 -10.69 27.06
C ASN C 182 23.99 -10.64 28.54
N TYR C 183 24.52 -9.52 29.01
CA TYR C 183 24.88 -9.38 30.40
C TYR C 183 23.63 -9.45 31.28
N SER C 184 23.86 -9.78 32.55
CA SER C 184 22.78 -9.85 33.53
C SER C 184 23.36 -9.98 34.92
N MET C 185 22.79 -9.26 35.89
CA MET C 185 23.29 -9.29 37.27
C MET C 185 22.74 -10.53 37.94
N ARG C 186 23.29 -11.69 37.56
CA ARG C 186 22.84 -12.95 38.10
C ARG C 186 23.08 -12.98 39.61
N ILE C 187 22.06 -13.34 40.37
CA ILE C 187 22.16 -13.51 41.81
C ILE C 187 22.00 -14.99 42.10
N TRP C 188 23.04 -15.61 42.66
CA TRP C 188 23.04 -17.03 42.92
C TRP C 188 22.69 -17.28 44.38
N LEU C 189 21.49 -17.80 44.62
CA LEU C 189 21.05 -18.08 45.98
C LEU C 189 21.70 -19.37 46.48
N GLU C 190 21.98 -19.39 47.78
CA GLU C 190 22.48 -20.60 48.44
C GLU C 190 21.42 -21.12 49.38
N PRO C 191 20.74 -22.23 49.07
CA PRO C 191 19.64 -22.67 49.94
C PRO C 191 20.06 -22.93 51.38
N ASP C 192 21.27 -23.45 51.60
CA ASP C 192 21.70 -23.71 52.98
C ASP C 192 21.78 -22.41 53.78
N LEU C 193 22.39 -21.37 53.20
CA LEU C 193 22.47 -20.09 53.90
C LEU C 193 21.09 -19.49 54.10
N LEU C 194 20.22 -19.58 53.08
CA LEU C 194 18.87 -19.07 53.23
C LEU C 194 18.14 -19.74 54.37
N ASN C 195 18.28 -21.07 54.49
CA ASN C 195 17.69 -21.78 55.62
C ASN C 195 18.30 -21.31 56.92
N LYS C 196 19.61 -21.10 56.96
CA LYS C 196 20.28 -20.71 58.19
C LYS C 196 19.78 -19.37 58.69
N PHE C 197 19.63 -18.40 57.79
CA PHE C 197 19.24 -17.05 58.17
C PHE C 197 17.73 -16.82 58.18
N GLY C 198 16.95 -17.86 57.92
CA GLY C 198 15.50 -17.71 57.97
C GLY C 198 14.96 -16.73 56.96
N VAL C 199 15.44 -16.81 55.72
CA VAL C 199 14.96 -15.98 54.62
C VAL C 199 14.75 -16.88 53.41
N THR C 200 13.59 -16.74 52.77
CA THR C 200 13.25 -17.52 51.60
C THR C 200 13.50 -16.73 50.33
N ALA C 201 13.39 -17.42 49.19
CA ALA C 201 13.63 -16.77 47.90
C ALA C 201 12.61 -15.67 47.63
N ASN C 202 11.39 -15.82 48.13
CA ASN C 202 10.38 -14.79 47.90
C ASN C 202 10.79 -13.47 48.52
N ASP C 203 11.37 -13.50 49.72
CA ASP C 203 11.85 -12.28 50.35
C ASP C 203 12.94 -11.62 49.52
N VAL C 204 13.85 -12.42 48.96
CA VAL C 204 14.90 -11.86 48.12
C VAL C 204 14.30 -11.22 46.88
N ILE C 205 13.33 -11.87 46.26
CA ILE C 205 12.69 -11.30 45.08
C ILE C 205 12.04 -9.97 45.42
N ASN C 206 11.30 -9.93 46.53
CA ASN C 206 10.65 -8.69 46.93
C ASN C 206 11.66 -7.59 47.20
N ALA C 207 12.74 -7.90 47.91
CA ALA C 207 13.73 -6.89 48.22
C ALA C 207 14.37 -6.35 46.96
N VAL C 208 14.77 -7.23 46.04
CA VAL C 208 15.42 -6.79 44.81
C VAL C 208 14.46 -5.95 43.99
N ASN C 209 13.22 -6.39 43.86
CA ASN C 209 12.25 -5.63 43.08
C ASN C 209 12.02 -4.26 43.68
N ASP C 210 11.90 -4.19 45.00
CA ASP C 210 11.52 -2.94 45.65
C ASP C 210 12.67 -1.94 45.65
N GLN C 211 13.88 -2.38 46.00
CA GLN C 211 14.98 -1.45 46.19
C GLN C 211 15.56 -1.00 44.85
N ASN C 212 15.78 -1.93 43.94
CA ASN C 212 16.34 -1.62 42.62
C ASN C 212 15.21 -1.24 41.67
N ALA C 213 14.80 0.03 41.74
CA ALA C 213 13.73 0.53 40.91
C ALA C 213 13.78 2.05 40.89
N GLN C 214 13.69 2.63 39.68
CA GLN C 214 13.67 4.07 39.51
C GLN C 214 12.23 4.54 39.31
N TYR C 215 11.79 5.46 40.15
CA TYR C 215 10.47 6.04 40.05
C TYR C 215 10.59 7.55 39.81
N ALA C 216 9.45 8.19 39.60
CA ALA C 216 9.43 9.57 39.14
C ALA C 216 9.60 10.55 40.30
N THR C 217 9.74 11.82 39.94
CA THR C 217 9.77 12.92 40.90
C THR C 217 9.25 14.18 40.22
N GLY C 218 8.85 15.14 41.05
CA GLY C 218 8.31 16.40 40.58
C GLY C 218 9.37 17.46 40.39
N LYS C 219 8.92 18.72 40.35
CA LYS C 219 9.80 19.86 40.20
C LYS C 219 9.42 20.92 41.23
N ILE C 220 10.43 21.52 41.85
CA ILE C 220 10.18 22.51 42.90
C ILE C 220 9.89 23.87 42.28
N GLY C 221 8.93 24.57 42.87
CA GLY C 221 8.65 25.94 42.47
C GLY C 221 7.80 26.09 41.24
N GLU C 222 7.01 25.08 40.88
CA GLU C 222 6.19 25.17 39.68
C GLU C 222 5.17 26.30 39.83
N GLU C 223 4.51 26.61 38.71
CA GLU C 223 3.73 27.83 38.56
C GLU C 223 2.63 28.02 39.61
N PRO C 224 1.86 26.99 39.97
CA PRO C 224 0.81 27.22 40.98
C PRO C 224 1.41 27.48 42.36
N VAL C 225 2.07 28.62 42.51
CA VAL C 225 2.72 29.01 43.76
C VAL C 225 2.40 30.47 44.04
N VAL C 226 2.15 30.79 45.31
CA VAL C 226 1.96 32.18 45.70
C VAL C 226 3.28 32.94 45.63
N ASN C 227 4.38 32.29 46.02
CA ASN C 227 5.66 32.98 46.12
C ASN C 227 6.14 33.46 44.75
N LYS C 228 5.94 32.66 43.70
CA LYS C 228 6.52 32.93 42.39
C LYS C 228 8.05 32.99 42.49
N SER C 229 8.62 31.83 42.84
CA SER C 229 10.05 31.75 43.06
C SER C 229 10.79 32.09 41.77
N PRO C 230 12.00 32.66 41.87
CA PRO C 230 12.69 33.09 40.64
C PRO C 230 12.93 31.98 39.64
N GLN C 231 13.25 30.77 40.10
CA GLN C 231 13.65 29.68 39.22
C GLN C 231 13.00 28.38 39.65
N VAL C 232 12.79 27.48 38.69
CA VAL C 232 12.21 26.17 38.95
C VAL C 232 13.32 25.13 38.88
N ILE C 233 13.40 24.30 39.91
CA ILE C 233 14.45 23.29 40.04
C ILE C 233 13.79 21.92 40.03
N SER C 234 14.24 21.05 39.14
CA SER C 234 13.63 19.73 38.96
C SER C 234 14.30 18.72 39.88
N ILE C 235 13.50 18.04 40.69
CA ILE C 235 14.01 17.01 41.59
C ILE C 235 14.38 15.78 40.79
N THR C 236 15.56 15.24 41.05
CA THR C 236 16.04 14.02 40.43
C THR C 236 16.36 13.03 41.53
N MET C 237 15.82 11.82 41.42
CA MET C 237 16.00 10.78 42.43
C MET C 237 16.08 9.45 41.68
N GLN C 238 17.30 8.92 41.58
CA GLN C 238 17.51 7.74 40.73
C GLN C 238 16.99 6.48 41.41
N GLY C 239 17.57 6.13 42.55
CA GLY C 239 17.14 4.92 43.26
C GLY C 239 17.35 3.66 42.46
N ARG C 240 18.49 3.53 41.79
CA ARG C 240 18.81 2.35 41.01
C ARG C 240 20.22 1.90 41.34
N LEU C 241 20.43 0.59 41.29
CA LEU C 241 21.73 -0.01 41.57
C LEU C 241 22.33 -0.50 40.26
N GLN C 242 23.62 -0.25 40.07
CA GLN C 242 24.28 -0.55 38.81
C GLN C 242 25.60 -1.29 38.96
N THR C 243 26.04 -1.61 40.17
CA THR C 243 27.28 -2.34 40.37
C THR C 243 27.02 -3.58 41.23
N PRO C 244 27.81 -4.64 41.05
CA PRO C 244 27.63 -5.81 41.92
C PRO C 244 27.77 -5.49 43.39
N GLN C 245 28.68 -4.58 43.76
CA GLN C 245 28.81 -4.21 45.16
C GLN C 245 27.53 -3.54 45.66
N GLU C 246 26.91 -2.70 44.83
CA GLU C 246 25.65 -2.07 45.22
C GLU C 246 24.56 -3.12 45.40
N PHE C 247 24.48 -4.09 44.50
CA PHE C 247 23.46 -5.13 44.63
C PHE C 247 23.68 -5.96 45.88
N GLU C 248 24.93 -6.28 46.19
CA GLU C 248 25.22 -7.07 47.38
C GLU C 248 24.78 -6.39 48.66
N ASN C 249 24.59 -5.08 48.63
CA ASN C 249 24.23 -4.32 49.83
C ASN C 249 22.72 -4.22 50.03
N ILE C 250 21.91 -4.80 49.15
CA ILE C 250 20.47 -4.77 49.34
C ILE C 250 20.12 -5.41 50.67
N ILE C 251 19.20 -4.79 51.40
CA ILE C 251 18.88 -5.17 52.77
C ILE C 251 17.58 -5.97 52.75
N LEU C 252 17.68 -7.27 52.99
CA LEU C 252 16.49 -8.10 53.04
C LEU C 252 15.69 -7.86 54.31
N ARG C 253 16.37 -7.83 55.46
CA ARG C 253 15.69 -7.83 56.74
C ARG C 253 16.61 -7.21 57.78
N VAL C 254 16.01 -6.51 58.74
CA VAL C 254 16.74 -5.86 59.82
C VAL C 254 16.51 -6.65 61.10
N ASN C 255 17.58 -7.17 61.68
CA ASN C 255 17.47 -7.98 62.87
C ASN C 255 17.07 -7.12 64.07
N GLU C 256 16.63 -7.80 65.14
CA GLU C 256 16.27 -7.08 66.36
C GLU C 256 17.45 -6.28 66.88
N ASP C 257 18.64 -6.88 66.90
CA ASP C 257 19.85 -6.10 67.05
C ASP C 257 20.06 -5.29 65.78
N LYS C 258 20.56 -4.06 65.94
CA LYS C 258 20.63 -3.16 64.80
C LYS C 258 21.78 -3.53 63.89
N SER C 259 21.71 -4.71 63.28
CA SER C 259 22.62 -5.14 62.25
C SER C 259 21.80 -5.68 61.08
N PHE C 260 22.07 -5.15 59.89
CA PHE C 260 21.25 -5.42 58.72
C PHE C 260 21.67 -6.72 58.07
N LEU C 261 20.69 -7.53 57.67
CA LEU C 261 20.94 -8.69 56.84
C LEU C 261 20.85 -8.27 55.37
N ARG C 262 21.83 -8.67 54.58
CA ARG C 262 21.94 -8.24 53.21
C ARG C 262 22.09 -9.46 52.29
N ILE C 263 21.88 -9.23 51.00
CA ILE C 263 21.95 -10.33 50.04
C ILE C 263 23.33 -10.98 50.06
N LYS C 264 24.37 -10.21 50.36
CA LYS C 264 25.72 -10.78 50.37
C LYS C 264 25.84 -11.94 51.34
N ASP C 265 25.01 -11.95 52.39
CA ASP C 265 25.11 -13.02 53.37
C ASP C 265 24.48 -14.32 52.86
N VAL C 266 23.43 -14.20 52.03
CA VAL C 266 22.64 -15.35 51.63
C VAL C 266 22.71 -15.60 50.12
N ALA C 267 23.69 -15.01 49.43
CA ALA C 267 23.78 -15.22 48.00
C ALA C 267 25.12 -14.68 47.50
N LYS C 268 25.42 -14.98 46.25
CA LYS C 268 26.62 -14.51 45.57
C LYS C 268 26.21 -13.79 44.30
N VAL C 269 26.54 -12.51 44.20
CA VAL C 269 26.11 -11.65 43.11
C VAL C 269 27.27 -11.48 42.14
N GLU C 270 26.98 -11.62 40.85
CA GLU C 270 27.99 -11.45 39.82
C GLU C 270 27.30 -11.13 38.51
N ILE C 271 28.07 -10.62 37.56
CA ILE C 271 27.57 -10.32 36.23
C ILE C 271 27.83 -11.52 35.35
N GLY C 272 26.79 -12.02 34.70
CA GLY C 272 26.92 -13.18 33.84
C GLY C 272 25.90 -13.13 32.73
N ALA C 273 25.97 -14.13 31.86
CA ALA C 273 25.03 -14.20 30.75
C ALA C 273 23.63 -14.49 31.26
N GLU C 274 22.63 -14.06 30.48
CA GLU C 274 21.26 -14.31 30.86
C GLU C 274 20.95 -15.78 30.73
N GLN C 275 21.56 -16.44 29.76
CA GLN C 275 21.36 -17.87 29.58
C GLN C 275 22.66 -18.54 29.19
N TYR C 276 22.88 -19.75 29.70
CA TYR C 276 24.11 -20.48 29.37
C TYR C 276 23.78 -21.74 28.60
N ASN C 277 22.63 -21.76 27.94
CA ASN C 277 22.20 -22.95 27.21
C ASN C 277 22.95 -23.17 25.91
N SER C 278 23.49 -22.12 25.32
CA SER C 278 24.13 -22.26 24.01
C SER C 278 25.57 -21.79 24.00
N THR C 279 26.35 -22.29 23.06
CA THR C 279 27.74 -21.89 22.95
C THR C 279 28.15 -21.94 21.50
N GLY C 280 28.95 -20.99 21.07
CA GLY C 280 29.42 -20.96 19.70
C GLY C 280 30.93 -21.09 19.62
N ARG C 281 31.43 -22.03 18.83
CA ARG C 281 32.86 -22.29 18.72
C ARG C 281 33.25 -22.37 17.26
N LEU C 282 34.25 -21.58 16.88
CA LEU C 282 34.91 -21.70 15.58
C LEU C 282 36.25 -22.38 15.82
N ASN C 283 36.42 -23.57 15.25
CA ASN C 283 37.60 -24.39 15.55
C ASN C 283 37.63 -24.58 17.06
N THR C 284 38.79 -24.49 17.72
CA THR C 284 38.82 -24.60 19.17
C THR C 284 38.34 -23.31 19.83
N SER C 285 38.68 -22.15 19.26
CA SER C 285 38.37 -20.89 19.88
C SER C 285 36.86 -20.65 19.94
N ALA C 286 36.41 -20.08 21.06
CA ALA C 286 35.01 -19.70 21.18
C ALA C 286 34.71 -18.53 20.26
N ALA C 287 33.43 -18.37 19.92
CA ALA C 287 33.04 -17.34 18.98
C ALA C 287 31.54 -17.06 19.12
N VAL C 288 31.08 -16.06 18.36
CA VAL C 288 29.66 -15.72 18.32
C VAL C 288 29.35 -15.53 16.83
N PRO C 289 28.29 -16.16 16.33
CA PRO C 289 28.07 -16.02 14.88
C PRO C 289 27.11 -14.87 14.54
N ILE C 290 27.55 -13.90 13.77
CA ILE C 290 26.70 -12.79 13.38
C ILE C 290 26.11 -13.03 12.01
N ILE C 291 24.79 -13.17 11.93
CA ILE C 291 24.15 -13.48 10.66
C ILE C 291 23.55 -12.24 10.01
N ILE C 292 23.90 -11.98 8.76
CA ILE C 292 23.41 -10.79 8.07
C ILE C 292 22.45 -11.09 6.95
N ASN C 293 21.25 -10.54 7.03
CA ASN C 293 20.24 -10.75 5.99
C ASN C 293 20.22 -9.53 5.07
N LEU C 294 20.32 -9.79 3.76
CA LEU C 294 20.38 -8.70 2.80
C LEU C 294 19.08 -7.92 2.80
N GLN C 295 19.19 -6.60 2.69
CA GLN C 295 18.02 -5.75 2.53
C GLN C 295 17.35 -6.07 1.19
N SER C 296 16.02 -6.17 1.20
CA SER C 296 15.29 -6.46 -0.01
C SER C 296 15.56 -5.40 -1.07
N GLY C 297 15.89 -5.84 -2.28
CA GLY C 297 16.17 -4.92 -3.37
C GLY C 297 17.43 -4.12 -3.16
N ALA C 298 18.58 -4.80 -3.18
CA ALA C 298 19.86 -4.13 -3.02
C ALA C 298 20.95 -4.96 -3.69
N ASN C 299 22.08 -4.30 -3.95
CA ASN C 299 23.23 -4.94 -4.59
C ASN C 299 23.95 -5.78 -3.56
N ALA C 300 23.82 -7.10 -3.66
CA ALA C 300 24.46 -7.99 -2.69
C ALA C 300 25.97 -7.85 -2.74
N VAL C 301 26.53 -7.67 -3.93
CA VAL C 301 27.99 -7.58 -4.05
C VAL C 301 28.51 -6.34 -3.33
N ASN C 302 27.91 -5.19 -3.60
CA ASN C 302 28.34 -3.96 -2.95
C ASN C 302 28.12 -4.04 -1.45
N THR C 303 27.00 -4.61 -1.01
CA THR C 303 26.75 -4.75 0.42
C THR C 303 27.79 -5.64 1.08
N ALA C 304 28.16 -6.75 0.42
CA ALA C 304 29.18 -7.63 0.98
C ALA C 304 30.52 -6.92 1.07
N LYS C 305 30.89 -6.18 0.04
CA LYS C 305 32.15 -5.43 0.08
C LYS C 305 32.13 -4.39 1.20
N LEU C 306 31.01 -3.68 1.35
CA LEU C 306 30.88 -2.71 2.42
C LEU C 306 31.02 -3.36 3.79
N ILE C 307 30.37 -4.52 3.98
CA ILE C 307 30.46 -5.21 5.26
C ILE C 307 31.89 -5.62 5.52
N ASN C 308 32.57 -6.17 4.51
CA ASN C 308 33.95 -6.62 4.71
C ASN C 308 34.85 -5.45 5.09
N GLU C 309 34.75 -4.33 4.37
CA GLU C 309 35.65 -3.22 4.67
C GLU C 309 35.30 -2.58 6.01
N LYS C 310 34.01 -2.54 6.36
CA LYS C 310 33.63 -2.02 7.67
C LYS C 310 34.18 -2.89 8.79
N MET C 311 34.11 -4.21 8.62
CA MET C 311 34.67 -5.10 9.63
C MET C 311 36.19 -4.95 9.69
N GLN C 312 36.83 -4.72 8.55
CA GLN C 312 38.26 -4.45 8.57
C GLN C 312 38.56 -3.18 9.35
N GLU C 313 37.75 -2.14 9.17
CA GLU C 313 37.93 -0.91 9.94
C GLU C 313 37.76 -1.19 11.43
N LEU C 314 36.72 -1.94 11.79
CA LEU C 314 36.51 -2.27 13.20
C LEU C 314 37.66 -3.11 13.74
N SER C 315 38.37 -3.83 12.86
CA SER C 315 39.43 -4.73 13.32
C SER C 315 40.51 -3.98 14.09
N LYS C 316 40.66 -2.67 13.84
CA LYS C 316 41.66 -1.91 14.57
C LYS C 316 41.21 -1.63 16.01
N ASN C 317 39.89 -1.58 16.22
CA ASN C 317 39.34 -1.33 17.55
C ASN C 317 39.18 -2.59 18.38
N PHE C 318 39.43 -3.77 17.79
CA PHE C 318 39.22 -5.01 18.52
C PHE C 318 40.16 -5.09 19.72
N PRO C 319 39.68 -5.58 20.86
CA PRO C 319 40.60 -5.89 21.96
C PRO C 319 41.60 -6.97 21.54
N GLN C 320 42.63 -7.13 22.37
CA GLN C 320 43.67 -8.09 22.05
C GLN C 320 43.12 -9.50 21.97
N GLY C 321 43.44 -10.18 20.88
CA GLY C 321 43.09 -11.58 20.72
C GLY C 321 41.76 -11.87 20.05
N LEU C 322 41.05 -10.85 19.60
CA LEU C 322 39.80 -11.04 18.88
C LEU C 322 40.03 -10.86 17.39
N LYS C 323 39.47 -11.76 16.59
CA LYS C 323 39.61 -11.72 15.14
C LYS C 323 38.30 -12.18 14.53
N TYR C 324 38.06 -11.77 13.28
CA TYR C 324 36.82 -12.07 12.59
C TYR C 324 37.07 -12.89 11.33
N GLN C 325 36.03 -13.56 10.87
CA GLN C 325 36.05 -14.32 9.63
C GLN C 325 34.67 -14.30 9.00
N ILE C 326 34.60 -14.60 7.72
CA ILE C 326 33.31 -14.64 7.05
C ILE C 326 33.15 -16.02 6.47
N PRO C 327 32.79 -16.99 7.32
CA PRO C 327 32.72 -18.37 6.84
C PRO C 327 31.82 -18.54 5.64
N TYR C 328 30.62 -17.99 5.68
CA TYR C 328 29.67 -18.20 4.59
C TYR C 328 29.32 -16.89 3.92
N ASP C 329 29.40 -16.85 2.59
CA ASP C 329 29.08 -15.64 1.86
C ASP C 329 28.37 -15.95 0.56
N THR C 330 27.05 -15.83 0.56
CA THR C 330 26.28 -16.09 -0.65
C THR C 330 26.75 -15.21 -1.80
N THR C 331 27.43 -14.10 -1.52
CA THR C 331 27.91 -13.22 -2.57
C THR C 331 28.93 -13.90 -3.47
N ILE C 332 29.76 -14.79 -2.92
CA ILE C 332 30.79 -15.43 -3.74
C ILE C 332 30.16 -16.22 -4.87
N PHE C 333 29.02 -16.88 -4.62
CA PHE C 333 28.35 -17.62 -5.68
C PHE C 333 27.89 -16.68 -6.79
N VAL C 334 27.33 -15.53 -6.43
CA VAL C 334 26.88 -14.58 -7.45
C VAL C 334 28.07 -14.05 -8.24
N LYS C 335 29.17 -13.71 -7.57
CA LYS C 335 30.33 -13.20 -8.28
C LYS C 335 30.90 -14.26 -9.22
N ALA C 336 30.96 -15.52 -8.78
CA ALA C 336 31.43 -16.58 -9.65
C ALA C 336 30.51 -16.74 -10.84
N SER C 337 29.20 -16.69 -10.62
CA SER C 337 28.26 -16.83 -11.73
C SER C 337 28.42 -15.69 -12.73
N ILE C 338 28.61 -14.47 -12.22
CA ILE C 338 28.82 -13.33 -13.11
C ILE C 338 30.10 -13.50 -13.92
N LYS C 339 31.17 -13.96 -13.27
CA LYS C 339 32.42 -14.19 -14.00
C LYS C 339 32.24 -15.22 -15.09
N GLU C 340 31.55 -16.33 -14.78
CA GLU C 340 31.34 -17.36 -15.80
C GLU C 340 30.45 -16.86 -16.92
N VAL C 341 29.44 -16.04 -16.60
CA VAL C 341 28.59 -15.49 -17.64
C VAL C 341 29.39 -14.58 -18.56
N ILE C 342 30.26 -13.74 -17.99
CA ILE C 342 31.09 -12.88 -18.83
C ILE C 342 32.02 -13.72 -19.70
N LYS C 343 32.61 -14.77 -19.13
CA LYS C 343 33.49 -15.63 -19.92
C LYS C 343 32.73 -16.29 -21.06
N THR C 344 31.52 -16.79 -20.78
CA THR C 344 30.72 -17.41 -21.83
C THR C 344 30.35 -16.40 -22.91
N PHE C 345 30.00 -15.18 -22.50
CA PHE C 345 29.66 -14.15 -23.48
C PHE C 345 30.87 -13.86 -24.37
N VAL C 346 32.05 -13.71 -23.78
CA VAL C 346 33.24 -13.39 -24.57
C VAL C 346 33.55 -14.52 -25.53
N GLU C 347 33.51 -15.77 -25.04
CA GLU C 347 33.80 -16.90 -25.90
C GLU C 347 32.79 -17.02 -27.04
N ALA C 348 31.50 -16.84 -26.73
CA ALA C 348 30.49 -16.91 -27.77
C ALA C 348 30.69 -15.83 -28.81
N LEU C 349 31.01 -14.61 -28.37
CA LEU C 349 31.25 -13.53 -29.33
C LEU C 349 32.45 -13.84 -30.21
N ALA C 350 33.54 -14.32 -29.61
CA ALA C 350 34.73 -14.62 -30.38
C ALA C 350 34.44 -15.70 -31.41
N LEU C 351 33.73 -16.76 -31.01
CA LEU C 351 33.44 -17.85 -31.94
C LEU C 351 32.46 -17.42 -33.01
N VAL C 352 31.50 -16.55 -32.68
CA VAL C 352 30.61 -16.00 -33.69
C VAL C 352 31.40 -15.20 -34.72
N LEU C 353 32.33 -14.37 -34.25
CA LEU C 353 33.15 -13.62 -35.19
C LEU C 353 33.96 -14.56 -36.07
N VAL C 354 34.54 -15.60 -35.48
CA VAL C 354 35.37 -16.52 -36.25
C VAL C 354 34.54 -17.20 -37.33
N VAL C 355 33.38 -17.76 -36.96
CA VAL C 355 32.58 -18.48 -37.94
C VAL C 355 32.06 -17.53 -39.01
N MET C 356 31.66 -16.32 -38.62
CA MET C 356 31.17 -15.37 -39.60
C MET C 356 32.25 -15.01 -40.61
N TYR C 357 33.47 -14.78 -40.12
CA TYR C 357 34.56 -14.46 -41.05
C TYR C 357 34.86 -15.65 -41.96
N LEU C 358 34.85 -16.87 -41.40
CA LEU C 358 35.14 -18.04 -42.21
C LEU C 358 34.12 -18.22 -43.32
N PHE C 359 32.85 -18.00 -43.02
CA PHE C 359 31.81 -18.26 -44.02
C PHE C 359 31.68 -17.12 -45.02
N LEU C 360 31.61 -15.88 -44.53
CA LEU C 360 31.39 -14.76 -45.44
C LEU C 360 32.64 -14.40 -46.24
N LYS C 361 33.83 -14.75 -45.72
CA LYS C 361 35.12 -14.58 -46.38
C LYS C 361 35.67 -13.15 -46.28
N ASN C 362 34.93 -12.20 -45.72
CA ASN C 362 35.38 -10.81 -45.65
C ASN C 362 35.35 -10.36 -44.20
N PHE C 363 36.31 -9.51 -43.83
CA PHE C 363 36.52 -9.20 -42.41
C PHE C 363 35.68 -8.00 -41.98
N LYS C 364 35.22 -7.19 -42.93
CA LYS C 364 34.37 -6.06 -42.57
C LYS C 364 33.04 -6.53 -42.01
N SER C 365 32.56 -7.69 -42.45
CA SER C 365 31.26 -8.17 -42.03
C SER C 365 31.23 -8.58 -40.58
N THR C 366 32.30 -9.22 -40.09
CA THR C 366 32.27 -9.78 -38.75
C THR C 366 32.13 -8.71 -37.68
N ILE C 367 32.35 -7.44 -38.04
CA ILE C 367 32.12 -6.37 -37.08
C ILE C 367 30.65 -6.18 -36.75
N ILE C 368 29.74 -6.60 -37.65
CA ILE C 368 28.32 -6.37 -37.42
C ILE C 368 27.83 -7.06 -36.16
N PRO C 369 28.08 -8.36 -35.94
CA PRO C 369 27.68 -8.95 -34.64
C PRO C 369 28.33 -8.25 -33.46
N MET C 370 29.58 -7.81 -33.60
CA MET C 370 30.27 -7.19 -32.47
C MET C 370 29.50 -5.99 -31.96
N ILE C 371 28.80 -5.27 -32.85
CA ILE C 371 27.99 -4.15 -32.41
C ILE C 371 26.59 -4.62 -32.03
N ALA C 372 26.02 -5.52 -32.81
CA ALA C 372 24.62 -5.88 -32.62
C ALA C 372 24.39 -6.60 -31.30
N VAL C 373 25.22 -7.60 -30.99
CA VAL C 373 24.97 -8.44 -29.81
C VAL C 373 25.02 -7.61 -28.52
N PRO C 374 26.06 -6.82 -28.26
CA PRO C 374 26.02 -6.00 -27.04
C PRO C 374 24.82 -5.08 -26.97
N VAL C 375 24.39 -4.51 -28.09
CA VAL C 375 23.23 -3.64 -28.08
C VAL C 375 21.99 -4.41 -27.62
N SER C 376 21.82 -5.63 -28.14
CA SER C 376 20.67 -6.44 -27.73
C SER C 376 20.75 -6.77 -26.24
N LEU C 377 21.93 -7.13 -25.75
CA LEU C 377 22.07 -7.45 -24.33
C LEU C 377 21.73 -6.23 -23.46
N LEU C 378 22.22 -5.06 -23.85
CA LEU C 378 21.95 -3.86 -23.06
C LEU C 378 20.47 -3.48 -23.11
N GLY C 379 19.82 -3.65 -24.25
CA GLY C 379 18.38 -3.44 -24.31
C GLY C 379 17.64 -4.39 -23.40
N THR C 380 18.05 -5.66 -23.39
CA THR C 380 17.49 -6.63 -22.44
C THR C 380 17.65 -6.13 -21.01
N PHE C 381 18.84 -5.61 -20.68
CA PHE C 381 19.09 -5.15 -19.32
C PHE C 381 18.19 -3.98 -18.97
N ALA C 382 18.04 -3.03 -19.89
CA ALA C 382 17.18 -1.88 -19.63
C ALA C 382 15.74 -2.32 -19.40
N VAL C 383 15.24 -3.25 -20.23
CA VAL C 383 13.88 -3.72 -20.04
C VAL C 383 13.74 -4.41 -18.70
N LEU C 384 14.71 -5.27 -18.35
CA LEU C 384 14.66 -5.96 -17.06
C LEU C 384 14.60 -4.95 -15.92
N TYR C 385 15.35 -3.86 -16.02
CA TYR C 385 15.23 -2.81 -15.02
C TYR C 385 13.81 -2.26 -14.99
N VAL C 386 13.25 -1.97 -16.16
CA VAL C 386 11.93 -1.35 -16.21
C VAL C 386 10.89 -2.24 -15.55
N LEU C 387 10.93 -3.54 -15.82
CA LEU C 387 9.98 -4.46 -15.21
C LEU C 387 10.37 -4.85 -13.79
N GLY C 388 11.51 -4.40 -13.28
CA GLY C 388 11.86 -4.59 -11.89
C GLY C 388 12.56 -5.88 -11.57
N PHE C 389 12.88 -6.72 -12.55
CA PHE C 389 13.60 -7.95 -12.28
C PHE C 389 14.98 -7.65 -11.70
N SER C 390 15.43 -8.53 -10.82
CA SER C 390 16.71 -8.40 -10.14
C SER C 390 17.66 -9.49 -10.61
N ILE C 391 18.94 -9.14 -10.67
CA ILE C 391 19.95 -10.09 -11.12
C ILE C 391 20.12 -11.18 -10.08
N ASN C 392 20.08 -12.43 -10.53
CA ASN C 392 20.30 -13.59 -9.67
C ASN C 392 20.84 -14.72 -10.53
N LEU C 393 21.14 -15.84 -9.89
CA LEU C 393 21.71 -16.97 -10.63
C LEU C 393 20.77 -17.41 -11.75
N LEU C 394 19.46 -17.45 -11.48
CA LEU C 394 18.51 -17.84 -12.51
C LEU C 394 18.54 -16.86 -13.68
N THR C 395 18.55 -15.56 -13.40
CA THR C 395 18.60 -14.58 -14.48
C THR C 395 19.90 -14.67 -15.25
N LEU C 396 21.01 -14.94 -14.54
CA LEU C 396 22.29 -15.09 -15.23
C LEU C 396 22.26 -16.29 -16.18
N PHE C 397 21.69 -17.41 -15.74
CA PHE C 397 21.56 -18.54 -16.64
C PHE C 397 20.65 -18.20 -17.82
N ALA C 398 19.58 -17.45 -17.56
CA ALA C 398 18.71 -17.02 -18.65
C ALA C 398 19.46 -16.15 -19.65
N LEU C 399 20.37 -15.30 -19.15
CA LEU C 399 21.18 -14.48 -20.04
C LEU C 399 22.10 -15.34 -20.89
N VAL C 400 22.76 -16.32 -20.27
CA VAL C 400 23.61 -17.22 -21.03
C VAL C 400 22.79 -17.93 -22.11
N LEU C 401 21.57 -18.30 -21.77
CA LEU C 401 20.67 -18.90 -22.76
C LEU C 401 20.36 -17.92 -23.89
N ALA C 402 20.02 -16.68 -23.53
CA ALA C 402 19.62 -15.68 -24.51
C ALA C 402 20.75 -15.26 -25.43
N ILE C 403 22.00 -15.54 -25.04
CA ILE C 403 23.12 -15.25 -25.94
C ILE C 403 22.92 -15.98 -27.26
N GLY C 404 22.39 -17.20 -27.17
CA GLY C 404 22.13 -17.96 -28.38
C GLY C 404 21.03 -17.33 -29.20
N ILE C 405 19.97 -16.85 -28.54
CA ILE C 405 18.88 -16.24 -29.26
C ILE C 405 19.37 -14.99 -29.98
N VAL C 406 20.16 -14.19 -29.29
CA VAL C 406 20.66 -12.96 -29.90
C VAL C 406 21.58 -13.23 -31.10
N VAL C 407 22.50 -14.18 -30.95
CA VAL C 407 23.40 -14.50 -32.05
C VAL C 407 22.66 -15.08 -33.24
N ASP C 408 21.66 -15.93 -33.00
CA ASP C 408 20.89 -16.48 -34.08
C ASP C 408 20.17 -15.35 -34.80
N ASP C 409 19.65 -14.41 -34.04
CA ASP C 409 18.93 -13.29 -34.63
C ASP C 409 19.81 -12.46 -35.55
N ALA C 410 21.06 -12.27 -35.18
CA ALA C 410 21.91 -11.43 -36.01
C ALA C 410 22.46 -12.23 -37.18
N ILE C 411 22.86 -13.46 -36.94
CA ILE C 411 23.37 -14.30 -38.01
C ILE C 411 22.39 -14.41 -39.16
N ILE C 412 21.12 -14.61 -38.87
CA ILE C 412 20.17 -14.81 -39.96
C ILE C 412 20.06 -13.59 -40.86
N VAL C 413 20.00 -12.40 -40.28
CA VAL C 413 19.95 -11.19 -41.11
C VAL C 413 21.22 -11.01 -41.91
N VAL C 414 22.37 -11.17 -41.28
CA VAL C 414 23.64 -10.98 -41.96
C VAL C 414 23.89 -11.97 -43.08
N GLU C 415 23.75 -13.26 -42.79
CA GLU C 415 23.90 -14.26 -43.84
C GLU C 415 22.96 -13.99 -45.00
N ASN C 416 21.72 -13.58 -44.70
CA ASN C 416 20.79 -13.30 -45.79
C ASN C 416 21.31 -12.18 -46.68
N ILE C 417 21.82 -11.12 -46.05
CA ILE C 417 22.38 -10.02 -46.84
C ILE C 417 23.54 -10.53 -47.69
N ASP C 418 24.42 -11.33 -47.09
CA ASP C 418 25.59 -11.80 -47.83
C ASP C 418 25.19 -12.66 -49.03
N ARG C 419 24.24 -13.59 -48.83
CA ARG C 419 23.86 -14.45 -49.93
C ARG C 419 23.14 -13.67 -51.03
N ILE C 420 22.34 -12.66 -50.65
CA ILE C 420 21.71 -11.83 -51.66
C ILE C 420 22.77 -11.08 -52.46
N LEU C 421 23.80 -10.57 -51.78
CA LEU C 421 24.87 -9.88 -52.49
C LEU C 421 25.58 -10.82 -53.44
N HIS C 422 25.86 -12.05 -53.01
CA HIS C 422 26.57 -12.99 -53.87
C HIS C 422 25.70 -13.47 -55.02
N GLU C 423 24.38 -13.47 -54.85
CA GLU C 423 23.50 -13.95 -55.90
C GLU C 423 23.61 -13.09 -57.15
N ASP C 424 23.65 -11.77 -56.98
CA ASP C 424 23.67 -10.82 -58.08
C ASP C 424 24.89 -9.91 -57.96
N SER C 425 25.62 -9.72 -59.06
CA SER C 425 26.77 -8.84 -59.04
C SER C 425 26.37 -7.38 -59.21
N ASN C 426 25.34 -7.10 -60.00
CA ASN C 426 24.95 -5.72 -60.27
C ASN C 426 24.33 -5.06 -59.05
N ILE C 427 23.64 -5.84 -58.21
CA ILE C 427 22.91 -5.27 -57.09
C ILE C 427 23.85 -4.50 -56.18
N SER C 428 23.41 -3.33 -55.75
CA SER C 428 24.16 -2.52 -54.79
C SER C 428 23.93 -3.02 -53.38
N VAL C 429 24.86 -2.66 -52.48
CA VAL C 429 24.79 -3.15 -51.11
C VAL C 429 23.50 -2.71 -50.44
N LYS C 430 23.14 -1.43 -50.61
CA LYS C 430 21.91 -0.94 -49.99
C LYS C 430 20.68 -1.56 -50.63
N ASP C 431 20.67 -1.69 -51.95
CA ASP C 431 19.54 -2.33 -52.62
C ASP C 431 19.44 -3.80 -52.23
N ALA C 432 20.59 -4.48 -52.15
CA ALA C 432 20.57 -5.88 -51.72
C ALA C 432 20.02 -6.01 -50.31
N ALA C 433 20.44 -5.14 -49.40
CA ALA C 433 19.94 -5.20 -48.04
C ALA C 433 18.45 -4.91 -47.98
N ILE C 434 17.99 -3.94 -48.78
CA ILE C 434 16.57 -3.63 -48.83
C ILE C 434 15.79 -4.85 -49.30
N LYS C 435 16.28 -5.52 -50.35
CA LYS C 435 15.60 -6.72 -50.84
C LYS C 435 15.56 -7.80 -49.77
N ALA C 436 16.70 -8.06 -49.12
CA ALA C 436 16.75 -9.12 -48.12
C ALA C 436 15.80 -8.85 -46.98
N MET C 437 15.76 -7.61 -46.50
CA MET C 437 14.85 -7.30 -45.40
C MET C 437 13.40 -7.26 -45.85
N ASN C 438 13.14 -6.95 -47.13
CA ASN C 438 11.78 -7.12 -47.63
C ASN C 438 11.37 -8.58 -47.61
N GLU C 439 12.33 -9.49 -47.84
CA GLU C 439 12.01 -10.91 -47.74
C GLU C 439 11.74 -11.32 -46.29
N VAL C 440 12.60 -10.90 -45.36
CA VAL C 440 12.56 -11.42 -43.99
C VAL C 440 12.05 -10.40 -42.98
N SER C 441 11.19 -9.47 -43.40
CA SER C 441 10.53 -8.59 -42.42
C SER C 441 9.45 -9.35 -41.66
N SER C 442 8.44 -9.83 -42.36
CA SER C 442 7.33 -10.52 -41.70
C SER C 442 7.79 -11.75 -40.92
N PRO C 443 8.67 -12.60 -41.44
CA PRO C 443 9.10 -13.77 -40.65
C PRO C 443 9.71 -13.40 -39.31
N VAL C 444 10.47 -12.31 -39.22
CA VAL C 444 11.11 -11.98 -37.95
C VAL C 444 10.08 -11.54 -36.92
N ILE C 445 9.08 -10.76 -37.35
CA ILE C 445 8.04 -10.34 -36.40
C ILE C 445 7.19 -11.54 -35.99
N SER C 446 7.03 -12.51 -36.89
CA SER C 446 6.32 -13.73 -36.50
C SER C 446 7.16 -14.45 -35.47
N ILE C 447 8.48 -14.39 -35.62
CA ILE C 447 9.38 -15.01 -34.66
C ILE C 447 9.23 -14.36 -33.31
N VAL C 448 9.08 -13.05 -33.29
CA VAL C 448 9.07 -12.37 -32.00
C VAL C 448 7.71 -12.57 -31.38
N LEU C 449 6.71 -12.92 -32.17
CA LEU C 449 5.41 -13.20 -31.58
C LEU C 449 5.28 -14.65 -31.13
N VAL C 450 5.78 -15.60 -31.92
CA VAL C 450 5.65 -17.02 -31.58
C VAL C 450 6.48 -17.35 -30.35
N LEU C 451 7.73 -16.88 -30.31
CA LEU C 451 8.57 -17.11 -29.15
C LEU C 451 7.97 -16.49 -27.89
N CYS C 452 7.38 -15.31 -28.00
CA CYS C 452 6.67 -14.75 -26.85
C CYS C 452 5.48 -15.62 -26.46
N ALA C 453 4.71 -16.08 -27.43
CA ALA C 453 3.57 -16.95 -27.13
C ALA C 453 4.02 -18.23 -26.45
N VAL C 454 5.26 -18.65 -26.69
CA VAL C 454 5.79 -19.85 -26.02
C VAL C 454 6.30 -19.52 -24.62
N PHE C 455 6.99 -18.40 -24.45
CA PHE C 455 7.64 -18.11 -23.18
C PHE C 455 6.64 -17.60 -22.15
N ILE C 456 5.78 -16.66 -22.53
CA ILE C 456 4.88 -16.03 -21.55
C ILE C 456 4.03 -17.06 -20.81
N PRO C 457 3.46 -18.07 -21.46
CA PRO C 457 2.66 -19.05 -20.71
C PRO C 457 3.39 -19.67 -19.54
N VAL C 458 4.72 -19.80 -19.64
CA VAL C 458 5.50 -20.37 -18.54
C VAL C 458 5.31 -19.56 -17.27
N SER C 459 5.13 -18.24 -17.41
CA SER C 459 4.99 -17.39 -16.23
C SER C 459 3.74 -17.78 -15.43
N PHE C 460 2.64 -18.08 -16.12
CA PHE C 460 1.39 -18.36 -15.42
C PHE C 460 1.44 -19.68 -14.67
N ILE C 461 2.47 -20.50 -14.91
CA ILE C 461 2.61 -21.74 -14.16
C ILE C 461 2.79 -21.42 -12.69
N SER C 462 2.09 -22.17 -11.83
CA SER C 462 2.12 -21.91 -10.40
C SER C 462 3.14 -22.80 -9.70
N GLY C 463 3.50 -22.40 -8.47
CA GLY C 463 4.43 -23.16 -7.66
C GLY C 463 5.83 -22.58 -7.69
N PHE C 464 6.71 -23.21 -6.91
CA PHE C 464 8.12 -22.82 -6.91
C PHE C 464 8.75 -23.08 -8.27
N VAL C 465 8.43 -24.23 -8.86
CA VAL C 465 8.79 -24.49 -10.24
C VAL C 465 8.26 -23.39 -11.13
N GLY C 466 7.01 -22.97 -10.88
CA GLY C 466 6.44 -21.88 -11.66
C GLY C 466 7.27 -20.63 -11.57
N GLU C 467 7.73 -20.28 -10.37
CA GLU C 467 8.50 -19.05 -10.20
C GLU C 467 9.83 -19.14 -10.93
N ILE C 468 10.55 -20.25 -10.75
CA ILE C 468 11.88 -20.37 -11.36
C ILE C 468 11.75 -20.34 -12.89
N GLN C 469 10.87 -21.18 -13.42
CA GLN C 469 10.66 -21.21 -14.85
C GLN C 469 10.12 -19.88 -15.37
N ARG C 470 9.38 -19.14 -14.54
CA ARG C 470 8.92 -17.81 -14.93
C ARG C 470 10.07 -16.85 -15.09
N GLN C 471 10.98 -16.81 -14.12
CA GLN C 471 12.17 -15.98 -14.27
C GLN C 471 12.89 -16.30 -15.58
N PHE C 472 13.17 -17.58 -15.79
CA PHE C 472 13.88 -17.98 -17.00
C PHE C 472 13.13 -17.55 -18.26
N ALA C 473 11.84 -17.91 -18.33
CA ALA C 473 11.09 -17.72 -19.56
C ALA C 473 10.86 -16.25 -19.87
N LEU C 474 10.60 -15.43 -18.85
CA LEU C 474 10.35 -14.02 -19.15
C LEU C 474 11.64 -13.29 -19.49
N THR C 475 12.76 -13.68 -18.87
CA THR C 475 14.03 -13.14 -19.36
C THR C 475 14.26 -13.52 -20.82
N LEU C 476 13.95 -14.77 -21.18
CA LEU C 476 14.11 -15.19 -22.58
C LEU C 476 13.21 -14.38 -23.50
N ALA C 477 11.96 -14.13 -23.09
CA ALA C 477 11.03 -13.37 -23.92
C ALA C 477 11.53 -11.95 -24.11
N ILE C 478 12.03 -11.33 -23.03
CA ILE C 478 12.58 -9.98 -23.15
C ILE C 478 13.71 -9.97 -24.15
N SER C 479 14.61 -10.95 -24.04
CA SER C 479 15.71 -11.06 -24.99
C SER C 479 15.24 -11.13 -26.43
N VAL C 480 14.31 -12.03 -26.74
CA VAL C 480 13.92 -12.19 -28.14
C VAL C 480 13.31 -10.90 -28.70
N ALA C 481 12.49 -10.23 -27.91
CA ALA C 481 11.88 -9.00 -28.38
C ALA C 481 12.91 -7.90 -28.66
N ILE C 482 13.84 -7.70 -27.75
CA ILE C 482 14.87 -6.69 -27.95
C ILE C 482 15.77 -7.06 -29.12
N SER C 483 16.15 -8.34 -29.18
CA SER C 483 17.03 -8.78 -30.25
C SER C 483 16.31 -8.63 -31.57
N GLY C 484 15.01 -8.89 -31.58
CA GLY C 484 14.24 -8.76 -32.79
C GLY C 484 14.22 -7.34 -33.30
N PHE C 485 14.06 -6.38 -32.41
CA PHE C 485 14.08 -4.99 -32.82
C PHE C 485 15.44 -4.61 -33.36
N VAL C 486 16.51 -5.04 -32.71
CA VAL C 486 17.85 -4.74 -33.18
C VAL C 486 18.07 -5.38 -34.53
N ALA C 487 17.58 -6.61 -34.68
CA ALA C 487 17.71 -7.30 -35.96
C ALA C 487 16.96 -6.57 -37.04
N LEU C 488 15.82 -5.99 -36.69
CA LEU C 488 14.99 -5.38 -37.72
C LEU C 488 15.40 -3.96 -38.13
N THR C 489 15.95 -3.20 -37.18
CA THR C 489 16.41 -1.86 -37.49
C THR C 489 17.93 -1.74 -37.60
N LEU C 490 18.65 -2.06 -36.52
CA LEU C 490 20.07 -1.70 -36.46
C LEU C 490 20.90 -2.56 -37.41
N THR C 491 20.65 -3.86 -37.45
CA THR C 491 21.50 -4.76 -38.23
C THR C 491 21.56 -4.42 -39.72
N PRO C 492 20.43 -4.21 -40.41
CA PRO C 492 20.54 -3.95 -41.85
C PRO C 492 21.36 -2.71 -42.19
N SER C 493 21.28 -1.67 -41.36
CA SER C 493 22.08 -0.48 -41.61
C SER C 493 23.56 -0.81 -41.55
N LEU C 494 23.99 -1.51 -40.50
CA LEU C 494 25.39 -1.88 -40.37
C LEU C 494 25.82 -2.79 -41.52
N SER C 495 24.95 -3.69 -41.95
CA SER C 495 25.28 -4.53 -43.10
C SER C 495 25.51 -3.68 -44.34
N ALA C 496 24.65 -2.67 -44.53
CA ALA C 496 24.84 -1.77 -45.67
C ALA C 496 26.17 -1.04 -45.57
N LEU C 497 26.54 -0.58 -44.38
CA LEU C 497 27.78 0.19 -44.24
C LEU C 497 29.01 -0.68 -44.44
N PHE C 498 29.19 -1.69 -43.59
CA PHE C 498 30.44 -2.43 -43.54
C PHE C 498 30.47 -3.68 -44.41
N LEU C 499 29.40 -4.45 -44.46
CA LEU C 499 29.36 -5.66 -45.27
C LEU C 499 29.24 -5.27 -46.74
N THR C 500 30.25 -5.62 -47.52
CA THR C 500 30.30 -5.29 -48.94
C THR C 500 30.76 -6.50 -49.73
N ARG C 501 30.53 -6.46 -51.03
CA ARG C 501 30.91 -7.57 -51.91
C ARG C 501 32.40 -7.82 -51.80
N ASN C 502 32.76 -9.09 -51.67
CA ASN C 502 34.15 -9.47 -51.47
C ASN C 502 35.00 -9.12 -52.69
N GLU C 503 36.20 -8.62 -52.43
CA GLU C 503 37.17 -8.31 -53.48
C GLU C 503 38.09 -9.51 -53.75
N SER C 504 37.47 -10.68 -53.93
CA SER C 504 38.18 -11.94 -54.14
C SER C 504 39.22 -12.09 -53.03
N LYS C 505 40.47 -12.44 -53.33
CA LYS C 505 41.52 -12.60 -52.33
C LYS C 505 41.07 -13.51 -51.18
N PRO C 506 40.76 -14.78 -51.46
CA PRO C 506 40.43 -15.70 -50.38
C PRO C 506 41.66 -16.47 -49.89
N PHE C 507 41.77 -16.57 -48.57
CA PHE C 507 42.84 -17.36 -47.99
C PHE C 507 42.65 -18.84 -48.32
N TYR C 508 43.78 -19.57 -48.39
CA TYR C 508 43.70 -20.98 -48.75
C TYR C 508 42.87 -21.76 -47.73
N PHE C 509 43.01 -21.43 -46.44
CA PHE C 509 42.21 -22.12 -45.43
C PHE C 509 40.73 -21.86 -45.68
N ILE C 510 40.32 -20.60 -45.78
CA ILE C 510 38.89 -20.30 -45.90
C ILE C 510 38.36 -20.80 -47.24
N GLN C 511 39.18 -20.74 -48.28
CA GLN C 511 38.73 -21.23 -49.58
C GLN C 511 38.46 -22.73 -49.53
N LYS C 512 39.35 -23.49 -48.90
CA LYS C 512 39.14 -24.93 -48.77
C LYS C 512 37.94 -25.22 -47.88
N PHE C 513 37.77 -24.44 -46.80
CA PHE C 513 36.61 -24.63 -45.95
C PHE C 513 35.33 -24.36 -46.71
N ASN C 514 35.32 -23.32 -47.55
CA ASN C 514 34.12 -23.02 -48.33
C ASN C 514 33.82 -24.12 -49.34
N ASP C 515 34.87 -24.70 -49.95
CA ASP C 515 34.65 -25.82 -50.85
C ASP C 515 34.07 -27.02 -50.09
N PHE C 516 34.61 -27.31 -48.91
CA PHE C 516 34.08 -28.39 -48.09
C PHE C 516 32.62 -28.12 -47.75
N PHE C 517 32.29 -26.88 -47.42
CA PHE C 517 30.91 -26.55 -47.07
C PHE C 517 29.99 -26.67 -48.29
N ASP C 518 30.49 -26.29 -49.46
CA ASP C 518 29.70 -26.46 -50.68
C ASP C 518 29.42 -27.94 -50.94
N TRP C 519 30.42 -28.79 -50.74
CA TRP C 519 30.20 -30.22 -50.87
C TRP C 519 29.19 -30.71 -49.85
N SER C 520 29.27 -30.19 -48.62
CA SER C 520 28.30 -30.57 -47.59
C SER C 520 26.90 -30.17 -48.00
N THR C 521 26.76 -28.98 -48.59
CA THR C 521 25.44 -28.53 -49.05
C THR C 521 24.92 -29.41 -50.17
N SER C 522 25.80 -29.82 -51.08
CA SER C 522 25.37 -30.73 -52.15
C SER C 522 24.89 -32.06 -51.58
N VAL C 523 25.63 -32.61 -50.60
CA VAL C 523 25.22 -33.86 -49.98
C VAL C 523 23.89 -33.68 -49.27
N PHE C 524 23.71 -32.56 -48.58
CA PHE C 524 22.46 -32.30 -47.89
C PHE C 524 21.30 -32.20 -48.87
N SER C 525 21.53 -31.57 -50.02
CA SER C 525 20.49 -31.51 -51.04
C SER C 525 20.13 -32.91 -51.53
N SER C 526 21.13 -33.75 -51.77
CA SER C 526 20.85 -35.12 -52.18
C SER C 526 20.05 -35.86 -51.11
N GLY C 527 20.41 -35.67 -49.84
CA GLY C 527 19.69 -36.33 -48.77
C GLY C 527 18.24 -35.87 -48.69
N VAL C 528 18.01 -34.56 -48.83
CA VAL C 528 16.64 -34.06 -48.81
C VAL C 528 15.87 -34.60 -50.01
N ALA C 529 16.54 -34.76 -51.15
CA ALA C 529 15.86 -35.36 -52.30
C ALA C 529 15.44 -36.79 -52.01
N TYR C 530 16.33 -37.57 -51.40
CA TYR C 530 15.98 -38.94 -51.04
C TYR C 530 14.83 -38.95 -50.04
N ILE C 531 14.79 -37.97 -49.15
CA ILE C 531 13.70 -37.87 -48.19
C ILE C 531 12.39 -37.57 -48.92
N LEU C 532 12.41 -36.61 -49.84
CA LEU C 532 11.20 -36.28 -50.58
C LEU C 532 10.77 -37.44 -51.46
N LYS C 533 11.66 -38.38 -51.73
CA LYS C 533 11.24 -39.62 -52.38
C LYS C 533 10.58 -40.57 -51.40
N ARG C 534 11.30 -40.97 -50.35
CA ARG C 534 10.76 -41.92 -49.38
C ARG C 534 10.09 -41.22 -48.19
N THR C 535 9.25 -40.24 -48.55
CA THR C 535 8.33 -39.61 -47.61
C THR C 535 7.65 -40.60 -46.67
N ILE C 536 7.08 -41.67 -47.21
CA ILE C 536 6.28 -42.57 -46.39
C ILE C 536 7.15 -43.26 -45.35
N ARG C 537 8.28 -43.82 -45.78
CA ARG C 537 9.17 -44.49 -44.85
C ARG C 537 9.65 -43.52 -43.78
N PHE C 538 9.97 -42.29 -44.16
CA PHE C 538 10.56 -41.39 -43.18
C PHE C 538 9.53 -40.76 -42.26
N VAL C 539 8.27 -40.60 -42.69
CA VAL C 539 7.24 -40.21 -41.74
C VAL C 539 6.96 -41.34 -40.76
N LEU C 540 7.04 -42.60 -41.23
CA LEU C 540 6.97 -43.72 -40.30
C LEU C 540 8.12 -43.63 -39.29
N VAL C 541 9.32 -43.29 -39.77
CA VAL C 541 10.46 -43.11 -38.86
C VAL C 541 10.17 -42.02 -37.85
N PHE C 542 9.53 -40.94 -38.28
CA PHE C 542 9.17 -39.86 -37.35
C PHE C 542 8.20 -40.35 -36.29
N CYS C 543 7.22 -41.17 -36.69
CA CYS C 543 6.30 -41.75 -35.71
C CYS C 543 7.05 -42.62 -34.70
N ILE C 544 7.96 -43.46 -35.19
CA ILE C 544 8.76 -44.28 -34.29
C ILE C 544 9.55 -43.40 -33.33
N MET C 545 10.07 -42.28 -33.82
CA MET C 545 10.89 -41.43 -32.96
C MET C 545 10.05 -40.74 -31.90
N ILE C 546 8.82 -40.34 -32.22
CA ILE C 546 7.98 -39.75 -31.17
C ILE C 546 7.62 -40.81 -30.13
N GLY C 547 7.41 -42.05 -30.57
CA GLY C 547 7.26 -43.13 -29.60
C GLY C 547 8.48 -43.27 -28.70
N PHE C 548 9.67 -43.20 -29.29
CA PHE C 548 10.90 -43.25 -28.50
C PHE C 548 10.99 -42.05 -27.57
N ILE C 549 10.48 -40.89 -27.98
CA ILE C 549 10.46 -39.72 -27.12
C ILE C 549 9.63 -40.00 -25.88
N ALA C 550 8.45 -40.56 -26.08
CA ALA C 550 7.59 -40.90 -24.95
C ALA C 550 8.29 -41.90 -24.03
N TYR C 551 8.93 -42.91 -24.61
CA TYR C 551 9.65 -43.89 -23.79
C TYR C 551 10.76 -43.23 -22.99
N LEU C 552 11.54 -42.34 -23.62
CA LEU C 552 12.63 -41.69 -22.92
C LEU C 552 12.13 -40.80 -21.80
N PHE C 553 11.03 -40.07 -22.04
CA PHE C 553 10.43 -39.28 -20.97
C PHE C 553 10.00 -40.19 -19.83
N LYS C 554 9.49 -41.38 -20.15
CA LYS C 554 9.12 -42.33 -19.11
C LYS C 554 10.33 -42.76 -18.30
N ILE C 555 11.45 -43.04 -18.98
CA ILE C 555 12.58 -43.68 -18.29
C ILE C 555 13.45 -42.66 -17.56
N VAL C 556 13.58 -41.45 -18.08
CA VAL C 556 14.48 -40.48 -17.44
C VAL C 556 13.93 -40.12 -16.07
N PRO C 557 14.71 -40.23 -14.99
CA PRO C 557 14.18 -39.89 -13.67
C PRO C 557 13.88 -38.40 -13.55
N SER C 558 12.97 -38.07 -12.64
CA SER C 558 12.50 -36.71 -12.43
C SER C 558 13.00 -36.20 -11.09
N SER C 559 13.44 -34.94 -11.07
CA SER C 559 13.95 -34.30 -9.87
C SER C 559 13.66 -32.81 -9.93
N LEU C 560 13.74 -32.15 -8.78
CA LEU C 560 13.55 -30.71 -8.75
C LEU C 560 14.83 -29.97 -9.11
N VAL C 561 15.89 -30.16 -8.32
CA VAL C 561 17.20 -29.56 -8.62
C VAL C 561 18.29 -30.54 -8.26
N PRO C 562 19.45 -30.43 -8.92
CA PRO C 562 20.56 -31.31 -8.61
C PRO C 562 21.39 -30.81 -7.44
N SER C 563 21.94 -31.75 -6.69
CA SER C 563 22.80 -31.39 -5.56
C SER C 563 24.03 -30.65 -6.06
N GLU C 564 24.32 -29.50 -5.46
CA GLU C 564 25.42 -28.65 -5.86
C GLU C 564 26.32 -28.40 -4.66
N ASP C 565 27.63 -28.33 -4.92
CA ASP C 565 28.60 -28.11 -3.85
C ASP C 565 28.61 -26.63 -3.47
N GLN C 566 28.18 -26.33 -2.26
CA GLN C 566 28.25 -24.98 -1.71
C GLN C 566 29.57 -24.70 -1.03
N GLY C 567 30.42 -25.70 -0.89
CA GLY C 567 31.69 -25.51 -0.23
C GLY C 567 31.66 -25.75 1.27
N VAL C 568 30.47 -25.91 1.85
CA VAL C 568 30.35 -26.12 3.28
C VAL C 568 29.50 -27.33 3.61
N ILE C 569 30.07 -28.28 4.35
CA ILE C 569 29.35 -29.50 4.68
C ILE C 569 28.67 -29.39 6.02
N MET C 570 27.37 -29.15 6.00
CA MET C 570 26.62 -29.03 7.24
C MET C 570 26.69 -30.31 8.03
N SER C 571 26.50 -30.25 9.34
CA SER C 571 26.52 -31.47 10.13
C SER C 571 25.62 -31.35 11.34
N ILE C 572 24.63 -32.23 11.43
CA ILE C 572 23.74 -32.21 12.57
C ILE C 572 24.12 -33.29 13.56
N ILE C 573 24.36 -32.91 14.81
CA ILE C 573 24.75 -33.88 15.83
C ILE C 573 23.71 -33.93 16.92
N ASN C 574 23.19 -35.12 17.19
CA ASN C 574 22.17 -35.27 18.22
C ASN C 574 22.59 -36.40 19.16
N LEU C 575 22.73 -36.07 20.43
CA LEU C 575 23.02 -37.05 21.46
C LEU C 575 21.69 -37.63 21.95
N PRO C 576 21.69 -38.64 22.81
CA PRO C 576 20.43 -39.14 23.35
C PRO C 576 19.66 -38.03 24.03
N SER C 577 18.33 -38.11 23.94
CA SER C 577 17.47 -37.01 24.36
C SER C 577 17.75 -36.64 25.81
N GLY C 578 17.84 -35.34 26.06
CA GLY C 578 18.06 -34.82 27.39
C GLY C 578 19.50 -34.76 27.83
N SER C 579 20.46 -35.03 26.95
CA SER C 579 21.86 -35.02 27.35
C SER C 579 22.32 -33.62 27.69
N SER C 580 23.18 -33.52 28.70
CA SER C 580 23.67 -32.23 29.16
C SER C 580 24.52 -31.57 28.08
N ILE C 581 24.58 -30.24 28.15
CA ILE C 581 25.34 -29.50 27.14
C ILE C 581 26.82 -29.82 27.23
N HIS C 582 27.30 -30.25 28.40
CA HIS C 582 28.73 -30.54 28.51
C HIS C 582 29.11 -31.79 27.71
N ARG C 583 28.23 -32.79 27.69
CA ARG C 583 28.46 -33.94 26.82
C ARG C 583 28.50 -33.52 25.37
N THR C 584 27.57 -32.65 24.96
CA THR C 584 27.55 -32.20 23.57
C THR C 584 28.81 -31.41 23.24
N ILE C 585 29.28 -30.60 24.17
CA ILE C 585 30.50 -29.82 23.93
C ILE C 585 31.69 -30.75 23.75
N GLU C 586 31.81 -31.76 24.61
CA GLU C 586 32.91 -32.71 24.46
C GLU C 586 32.81 -33.43 23.11
N GLU C 587 31.60 -33.85 22.74
CA GLU C 587 31.45 -34.56 21.47
C GLU C 587 31.80 -33.68 20.29
N VAL C 588 31.38 -32.42 20.31
CA VAL C 588 31.68 -31.51 19.22
C VAL C 588 33.16 -31.21 19.16
N ASP C 589 33.82 -31.09 20.32
CA ASP C 589 35.26 -30.87 20.32
C ASP C 589 35.98 -32.06 19.70
N THR C 590 35.58 -33.29 20.05
CA THR C 590 36.19 -34.45 19.44
C THR C 590 35.95 -34.49 17.94
N ILE C 591 34.73 -34.16 17.51
CA ILE C 591 34.41 -34.19 16.08
C ILE C 591 35.26 -33.15 15.34
N ASN C 592 35.40 -31.96 15.91
CA ASN C 592 36.22 -30.93 15.27
C ASN C 592 37.68 -31.35 15.21
N LYS C 593 38.20 -31.95 16.28
CA LYS C 593 39.58 -32.40 16.27
C LYS C 593 39.81 -33.47 15.21
N ASN C 594 38.83 -34.36 15.02
CA ASN C 594 38.97 -35.36 13.98
C ASN C 594 38.83 -34.76 12.59
N ALA C 595 37.99 -33.73 12.45
CA ALA C 595 37.76 -33.15 11.13
C ALA C 595 38.96 -32.34 10.67
N THR C 596 39.56 -31.55 11.56
CA THR C 596 40.69 -30.73 11.15
C THR C 596 41.87 -31.57 10.67
N GLN C 597 41.91 -32.85 11.03
CA GLN C 597 42.97 -33.72 10.53
C GLN C 597 42.90 -33.85 9.01
N MET C 598 41.69 -33.94 8.47
CA MET C 598 41.53 -34.01 7.03
C MET C 598 41.94 -32.70 6.37
N LYS C 599 42.54 -32.81 5.19
CA LYS C 599 43.09 -31.63 4.52
C LYS C 599 41.98 -30.74 3.96
N GLU C 600 40.98 -31.33 3.32
CA GLU C 600 39.98 -30.52 2.62
C GLU C 600 39.16 -29.66 3.57
N ILE C 601 39.10 -30.03 4.84
CA ILE C 601 38.33 -29.26 5.82
C ILE C 601 39.21 -28.10 6.27
N SER C 602 39.03 -26.93 5.64
CA SER C 602 39.86 -25.78 5.99
C SER C 602 39.55 -25.27 7.39
N SER C 603 38.27 -25.15 7.73
CA SER C 603 37.88 -24.58 9.02
C SER C 603 36.51 -25.14 9.38
N SER C 604 36.12 -24.99 10.65
CA SER C 604 34.86 -25.58 11.09
C SER C 604 34.08 -24.74 12.08
N VAL C 605 33.11 -23.99 11.60
CA VAL C 605 32.26 -23.23 12.50
C VAL C 605 31.30 -24.18 13.19
N SER C 606 30.88 -23.83 14.41
CA SER C 606 29.95 -24.69 15.15
C SER C 606 28.97 -23.86 15.95
N LEU C 607 27.80 -24.41 16.22
CA LEU C 607 26.79 -23.71 17.01
C LEU C 607 26.27 -24.64 18.08
N ILE C 608 27.14 -25.07 18.98
CA ILE C 608 26.73 -26.03 20.00
C ILE C 608 25.49 -25.59 20.74
N GLY C 609 24.58 -26.53 21.00
CA GLY C 609 23.38 -26.20 21.76
C GLY C 609 22.19 -25.76 20.95
N PHE C 610 22.28 -25.80 19.63
CA PHE C 610 21.19 -25.35 18.78
C PHE C 610 20.78 -26.35 17.73
N ASP C 611 19.53 -26.79 17.76
CA ASP C 611 19.04 -27.69 16.73
C ASP C 611 18.97 -26.92 15.44
N LEU C 612 19.62 -27.41 14.41
CA LEU C 612 19.65 -26.67 13.16
C LEU C 612 18.26 -26.61 12.54
N PHE C 613 17.57 -27.75 12.52
CA PHE C 613 16.26 -27.80 11.91
C PHE C 613 15.25 -26.95 12.67
N THR C 614 15.15 -27.17 13.97
CA THR C 614 14.23 -26.41 14.80
C THR C 614 15.02 -25.41 15.61
N SER C 615 14.63 -24.14 15.54
CA SER C 615 15.38 -23.10 16.24
C SER C 615 15.56 -23.44 17.71
N SER C 616 14.73 -24.34 18.22
CA SER C 616 14.82 -24.72 19.62
C SER C 616 16.26 -24.95 20.02
N LEU C 617 16.66 -24.35 21.13
CA LEU C 617 18.02 -24.50 21.59
C LEU C 617 18.16 -25.75 22.45
N LYS C 618 17.78 -26.90 21.89
CA LYS C 618 17.91 -28.14 22.63
C LYS C 618 19.37 -28.37 22.96
N GLU C 619 19.63 -28.88 24.15
CA GLU C 619 21.01 -29.14 24.57
C GLU C 619 21.64 -30.29 23.81
N ASN C 620 20.87 -31.34 23.55
CA ASN C 620 21.41 -32.51 22.88
C ASN C 620 21.86 -32.24 21.46
N ALA C 621 21.42 -31.13 20.87
CA ALA C 621 21.74 -30.87 19.47
C ALA C 621 22.95 -29.98 19.27
N ALA C 622 23.53 -30.03 18.07
CA ALA C 622 24.69 -29.20 17.77
C ALA C 622 24.93 -29.25 16.28
N ALA C 623 25.22 -28.12 15.67
CA ALA C 623 25.52 -28.09 14.25
C ALA C 623 26.94 -27.59 14.01
N VAL C 624 27.69 -28.28 13.18
CA VAL C 624 29.07 -27.90 12.94
C VAL C 624 29.35 -27.78 11.45
N PHE C 625 29.11 -26.61 10.88
CA PHE C 625 29.40 -26.43 9.47
C PHE C 625 30.90 -26.46 9.23
N PHE C 626 31.35 -27.31 8.31
CA PHE C 626 32.76 -27.37 7.99
C PHE C 626 33.02 -26.62 6.70
N ILE C 627 33.79 -25.55 6.77
CA ILE C 627 34.07 -24.76 5.58
C ILE C 627 35.21 -25.38 4.80
N LEU C 628 34.89 -25.99 3.67
CA LEU C 628 35.92 -26.68 2.89
C LEU C 628 36.79 -25.69 2.15
N LYS C 629 37.88 -26.18 1.56
CA LYS C 629 38.78 -25.32 0.81
C LYS C 629 38.05 -24.79 -0.43
N ASP C 630 38.65 -23.77 -1.04
CA ASP C 630 38.11 -23.26 -2.29
C ASP C 630 38.19 -24.35 -3.36
N TRP C 631 37.25 -24.30 -4.32
CA TRP C 631 37.07 -25.42 -5.23
C TRP C 631 38.37 -25.76 -5.97
N SER C 632 39.06 -24.74 -6.48
CA SER C 632 40.28 -25.00 -7.23
C SER C 632 41.34 -25.66 -6.36
N GLN C 633 41.37 -25.31 -5.08
CA GLN C 633 42.43 -25.82 -4.21
C GLN C 633 42.31 -27.33 -3.99
N ARG C 634 41.10 -27.83 -3.82
CA ARG C 634 40.86 -29.22 -3.46
C ARG C 634 40.34 -29.97 -4.68
N GLU C 635 40.95 -31.13 -4.97
CA GLU C 635 40.49 -31.95 -6.08
C GLU C 635 39.24 -32.72 -5.71
N ALA C 636 39.13 -33.16 -4.46
CA ALA C 636 38.01 -34.00 -4.06
C ALA C 636 36.74 -33.16 -3.90
N SER C 637 35.64 -33.67 -4.45
CA SER C 637 34.37 -32.98 -4.37
C SER C 637 33.76 -33.14 -2.97
N SER C 638 32.66 -32.44 -2.75
CA SER C 638 32.02 -32.48 -1.43
C SER C 638 31.51 -33.87 -1.09
N ASP C 639 30.96 -34.57 -2.08
CA ASP C 639 30.37 -35.89 -1.80
C ASP C 639 31.43 -36.87 -1.30
N GLN C 640 32.63 -36.82 -1.87
CA GLN C 640 33.70 -37.68 -1.37
C GLN C 640 34.07 -37.33 0.07
N ILE C 641 34.07 -36.05 0.42
CA ILE C 641 34.36 -35.66 1.79
C ILE C 641 33.29 -36.17 2.74
N ILE C 642 32.02 -36.07 2.32
CA ILE C 642 30.94 -36.60 3.15
C ILE C 642 31.09 -38.10 3.32
N ALA C 643 31.47 -38.81 2.25
CA ALA C 643 31.68 -40.24 2.36
C ALA C 643 32.81 -40.56 3.35
N GLN C 644 33.90 -39.80 3.28
CA GLN C 644 35.00 -40.03 4.22
C GLN C 644 34.56 -39.76 5.66
N LEU C 645 33.80 -38.69 5.88
CA LEU C 645 33.33 -38.39 7.23
C LEU C 645 32.42 -39.50 7.74
N PHE C 646 31.51 -39.99 6.88
CA PHE C 646 30.65 -41.09 7.28
C PHE C 646 31.47 -42.32 7.64
N GLY C 647 32.50 -42.61 6.84
CA GLY C 647 33.38 -43.73 7.17
C GLY C 647 34.05 -43.55 8.52
N GLN C 648 34.46 -42.31 8.83
CA GLN C 648 35.12 -42.06 10.10
C GLN C 648 34.19 -42.35 11.28
N TYR C 649 32.93 -41.95 11.17
CA TYR C 649 31.97 -42.03 12.27
C TYR C 649 30.93 -43.12 12.03
N ALA C 650 31.36 -44.24 11.47
CA ALA C 650 30.45 -45.38 11.33
C ALA C 650 29.98 -45.86 12.70
N ALA C 651 30.90 -45.95 13.67
CA ALA C 651 30.53 -46.33 15.01
C ALA C 651 29.70 -45.23 15.65
N ASP C 652 28.53 -45.60 16.18
CA ASP C 652 27.63 -44.60 16.75
C ASP C 652 28.25 -43.92 17.97
N ARG C 653 28.89 -44.70 18.84
CA ARG C 653 29.41 -44.21 20.12
C ARG C 653 28.22 -43.64 20.88
N ASN C 654 28.18 -42.36 21.21
CA ASN C 654 27.07 -41.74 21.93
C ASN C 654 26.43 -40.60 21.13
N ALA C 655 26.71 -40.50 19.84
CA ALA C 655 26.22 -39.40 19.02
C ALA C 655 25.63 -39.93 17.73
N LEU C 656 24.58 -39.26 17.25
CA LEU C 656 23.97 -39.55 15.96
C LEU C 656 24.30 -38.40 15.02
N SER C 657 25.19 -38.66 14.06
CA SER C 657 25.69 -37.63 13.17
C SER C 657 25.16 -37.84 11.76
N TYR C 658 24.63 -36.77 11.17
CA TYR C 658 24.17 -36.78 9.79
C TYR C 658 24.88 -35.64 9.06
N PHE C 659 25.57 -35.97 7.97
CA PHE C 659 26.34 -35.00 7.21
C PHE C 659 25.61 -34.69 5.91
N LEU C 660 25.35 -33.41 5.67
CA LEU C 660 24.55 -32.98 4.54
C LEU C 660 25.22 -31.81 3.85
N ASN C 661 25.13 -31.75 2.52
CA ASN C 661 25.66 -30.60 1.82
C ASN C 661 24.54 -29.57 1.82
N LEU C 662 24.88 -28.29 1.95
CA LEU C 662 23.85 -27.26 2.06
C LEU C 662 22.92 -27.25 0.86
N PRO C 663 21.64 -26.92 1.09
CA PRO C 663 20.65 -26.86 0.00
C PRO C 663 21.15 -25.99 -1.15
N PRO C 664 20.91 -26.41 -2.40
CA PRO C 664 21.32 -25.54 -3.50
C PRO C 664 20.48 -24.27 -3.52
N ILE C 665 19.22 -24.35 -3.11
CA ILE C 665 18.32 -23.20 -3.08
C ILE C 665 17.77 -23.09 -1.66
N PRO C 666 18.04 -22.01 -0.93
CA PRO C 666 17.48 -21.89 0.42
C PRO C 666 15.96 -21.93 0.39
N GLY C 667 15.39 -22.60 1.39
CA GLY C 667 13.95 -22.74 1.49
C GLY C 667 13.32 -23.74 0.56
N LEU C 668 14.12 -24.53 -0.16
CA LEU C 668 13.62 -25.50 -1.11
C LEU C 668 14.20 -26.87 -0.79
N SER C 669 13.46 -27.91 -1.18
CA SER C 669 13.88 -29.29 -0.99
C SER C 669 13.99 -29.96 -2.35
N LEU C 670 15.17 -30.48 -2.67
CA LEU C 670 15.38 -31.14 -3.96
C LEU C 670 14.63 -32.46 -4.02
N THR C 671 14.54 -33.18 -2.90
CA THR C 671 13.86 -34.47 -2.89
C THR C 671 12.36 -34.29 -3.11
N GLY C 672 11.80 -33.17 -2.66
CA GLY C 672 10.37 -32.96 -2.73
C GLY C 672 9.58 -33.65 -1.64
N GLY C 673 10.23 -34.04 -0.55
CA GLY C 673 9.55 -34.72 0.53
C GLY C 673 8.37 -33.94 1.08
N PHE C 674 7.19 -34.55 1.06
CA PHE C 674 5.99 -33.88 1.52
C PHE C 674 6.05 -33.60 3.02
N GLU C 675 5.38 -32.53 3.43
CA GLU C 675 5.22 -32.18 4.84
C GLU C 675 3.76 -32.40 5.21
N MET C 676 3.52 -33.39 6.06
CA MET C 676 2.18 -33.85 6.39
C MET C 676 1.93 -33.63 7.88
N TYR C 677 0.76 -33.08 8.21
CA TYR C 677 0.38 -32.81 9.58
C TYR C 677 -0.93 -33.51 9.90
N ALA C 678 -0.92 -34.32 10.95
CA ALA C 678 -2.11 -35.00 11.44
C ALA C 678 -2.59 -34.33 12.72
N GLN C 679 -3.72 -33.63 12.64
CA GLN C 679 -4.19 -32.79 13.72
C GLN C 679 -5.18 -33.57 14.59
N ASN C 680 -4.87 -33.69 15.88
CA ASN C 680 -5.78 -34.33 16.82
C ASN C 680 -6.79 -33.30 17.34
N LYS C 681 -8.05 -33.72 17.42
CA LYS C 681 -9.14 -32.82 17.79
C LYS C 681 -9.74 -33.14 19.15
N SER C 682 -9.71 -34.40 19.57
CA SER C 682 -10.27 -34.76 20.88
C SER C 682 -9.46 -34.15 22.01
N GLY C 683 -8.14 -34.17 21.91
CA GLY C 683 -7.28 -33.67 22.96
C GLY C 683 -6.48 -34.78 23.61
N LYS C 684 -6.17 -35.82 22.85
CA LYS C 684 -5.42 -36.95 23.38
C LYS C 684 -4.01 -36.53 23.76
N ASP C 685 -3.46 -37.20 24.77
CA ASP C 685 -2.12 -36.90 25.24
C ASP C 685 -1.10 -37.20 24.15
N TYR C 686 0.01 -36.45 24.17
CA TYR C 686 0.97 -36.53 23.07
C TYR C 686 1.58 -37.92 22.97
N ASP C 687 1.59 -38.67 24.07
CA ASP C 687 2.07 -40.06 23.98
C ASP C 687 1.16 -40.90 23.09
N ALA C 688 -0.15 -40.75 23.26
CA ALA C 688 -1.08 -41.49 22.41
C ALA C 688 -0.96 -41.05 20.96
N ILE C 689 -0.78 -39.74 20.74
CA ILE C 689 -0.60 -39.24 19.38
C ILE C 689 0.65 -39.84 18.77
N GLN C 690 1.73 -39.94 19.53
CA GLN C 690 2.96 -40.54 19.02
C GLN C 690 2.76 -42.02 18.72
N GLN C 691 2.01 -42.72 19.57
CA GLN C 691 1.73 -44.13 19.31
C GLN C 691 0.99 -44.29 17.99
N ASP C 692 -0.05 -43.48 17.78
CA ASP C 692 -0.81 -43.55 16.54
C ASP C 692 0.06 -43.19 15.35
N VAL C 693 0.92 -42.19 15.50
CA VAL C 693 1.79 -41.77 14.40
C VAL C 693 2.79 -42.85 14.07
N ASN C 694 3.29 -43.56 15.08
CA ASN C 694 4.20 -44.66 14.83
C ASN C 694 3.49 -45.80 14.11
N LYS C 695 2.24 -46.08 14.50
CA LYS C 695 1.47 -47.07 13.78
C LYS C 695 1.29 -46.69 12.32
N MET C 696 0.97 -45.42 12.06
CA MET C 696 0.91 -44.93 10.68
C MET C 696 2.24 -45.07 9.96
N LEU C 697 3.34 -44.74 10.64
CA LEU C 697 4.64 -44.80 9.99
C LEU C 697 4.94 -46.23 9.55
N GLU C 698 4.69 -47.20 10.42
CA GLU C 698 4.92 -48.58 10.06
C GLU C 698 4.00 -49.02 8.93
N LEU C 699 2.73 -48.61 8.97
CA LEU C 699 1.81 -48.97 7.88
C LEU C 699 2.26 -48.38 6.56
N ALA C 700 2.67 -47.11 6.56
CA ALA C 700 3.07 -46.42 5.35
C ALA C 700 4.35 -47.03 4.78
N ARG C 701 5.26 -47.45 5.65
CA ARG C 701 6.49 -48.06 5.17
C ARG C 701 6.23 -49.27 4.29
N THR C 702 5.10 -49.94 4.50
CA THR C 702 4.77 -51.10 3.67
C THR C 702 4.58 -50.68 2.21
N ARG C 703 3.87 -49.58 1.99
CA ARG C 703 3.58 -49.14 0.63
C ARG C 703 4.87 -48.76 -0.09
N LYS C 704 4.94 -49.11 -1.37
CA LYS C 704 6.17 -48.90 -2.14
C LYS C 704 6.40 -47.43 -2.44
N GLU C 705 5.35 -46.71 -2.85
CA GLU C 705 5.53 -45.34 -3.33
C GLU C 705 6.13 -44.41 -2.28
N LEU C 706 5.95 -44.69 -1.00
CA LEU C 706 6.53 -43.89 0.07
C LEU C 706 7.87 -44.47 0.48
N ALA C 707 8.79 -43.57 0.84
CA ALA C 707 10.16 -43.96 1.19
C ALA C 707 10.69 -43.10 2.31
N ASN C 708 11.26 -43.74 3.33
CA ASN C 708 11.91 -43.04 4.43
C ASN C 708 10.96 -42.08 5.14
N VAL C 709 9.74 -42.56 5.40
CA VAL C 709 8.80 -41.78 6.20
C VAL C 709 9.31 -41.69 7.63
N ARG C 710 9.14 -40.53 8.24
CA ARG C 710 9.59 -40.30 9.61
C ARG C 710 8.69 -39.27 10.26
N THR C 711 8.72 -39.23 11.58
CA THR C 711 7.92 -38.31 12.37
C THR C 711 8.84 -37.49 13.27
N THR C 712 8.58 -36.19 13.36
CA THR C 712 9.35 -35.33 14.25
C THR C 712 8.95 -35.53 15.70
N LEU C 713 7.69 -35.89 15.94
CA LEU C 713 7.20 -36.04 17.31
C LEU C 713 8.01 -37.08 18.06
N ASP C 714 8.64 -36.67 19.15
CA ASP C 714 9.45 -37.55 19.99
C ASP C 714 9.14 -37.27 21.44
N THR C 715 8.59 -38.26 22.14
CA THR C 715 8.23 -38.13 23.54
C THR C 715 9.25 -38.76 24.47
N SER C 716 10.47 -39.02 23.98
CA SER C 716 11.45 -39.73 24.80
C SER C 716 12.22 -38.78 25.71
N PHE C 717 12.07 -37.47 25.52
CA PHE C 717 12.80 -36.51 26.34
C PHE C 717 12.45 -36.71 27.81
N PRO C 718 13.43 -36.80 28.71
CA PRO C 718 13.09 -37.01 30.12
C PRO C 718 12.41 -35.78 30.70
N GLN C 719 11.54 -36.01 31.69
CA GLN C 719 10.85 -34.93 32.37
C GLN C 719 10.52 -35.35 33.79
N TYR C 720 10.31 -34.37 34.64
CA TYR C 720 9.89 -34.57 36.02
C TYR C 720 8.48 -34.03 36.19
N LYS C 721 7.57 -34.90 36.61
CA LYS C 721 6.19 -34.50 36.86
C LYS C 721 6.08 -34.00 38.29
N LEU C 722 5.61 -32.76 38.45
CA LEU C 722 5.39 -32.20 39.76
C LEU C 722 4.04 -32.66 40.30
N ILE C 723 4.05 -33.34 41.43
CA ILE C 723 2.84 -33.83 42.07
C ILE C 723 2.52 -32.89 43.21
N ILE C 724 1.45 -32.12 43.06
CA ILE C 724 1.05 -31.13 44.05
C ILE C 724 0.03 -31.77 44.97
N ASP C 725 0.38 -31.90 46.25
CA ASP C 725 -0.54 -32.40 47.26
C ASP C 725 -1.32 -31.22 47.81
N ARG C 726 -2.37 -30.81 47.09
CA ARG C 726 -3.10 -29.60 47.45
C ARG C 726 -3.65 -29.65 48.87
N ASP C 727 -4.07 -30.82 49.34
CA ASP C 727 -4.56 -30.91 50.71
C ASP C 727 -3.48 -30.48 51.70
N LYS C 728 -2.29 -31.07 51.59
CA LYS C 728 -1.20 -30.70 52.49
C LYS C 728 -0.77 -29.26 52.26
N MET C 729 -0.74 -28.83 51.00
CA MET C 729 -0.30 -27.47 50.70
C MET C 729 -1.19 -26.44 51.40
N LYS C 730 -2.51 -26.62 51.34
CA LYS C 730 -3.40 -25.68 52.00
C LYS C 730 -3.42 -25.91 53.51
N TYR C 731 -3.14 -27.14 53.96
CA TYR C 731 -3.07 -27.39 55.39
C TYR C 731 -1.97 -26.54 56.03
N TYR C 732 -0.96 -26.15 55.25
CA TYR C 732 0.11 -25.30 55.73
C TYR C 732 -0.15 -23.82 55.48
N ASN C 733 -1.31 -23.45 54.94
CA ASN C 733 -1.65 -22.05 54.67
C ASN C 733 -0.71 -21.44 53.64
N LEU C 734 -0.44 -22.17 52.56
CA LEU C 734 0.47 -21.75 51.52
C LEU C 734 -0.30 -21.59 50.21
N ASN C 735 -0.04 -20.49 49.51
CA ASN C 735 -0.64 -20.28 48.21
C ASN C 735 0.17 -21.00 47.13
N MET C 736 -0.49 -21.29 46.01
CA MET C 736 0.23 -21.86 44.88
C MET C 736 1.19 -20.85 44.27
N GLN C 737 0.79 -19.58 44.21
CA GLN C 737 1.63 -18.57 43.58
C GLN C 737 2.94 -18.41 44.35
N ASP C 738 2.88 -18.41 45.68
CA ASP C 738 4.10 -18.25 46.46
C ASP C 738 5.06 -19.41 46.27
N VAL C 739 4.54 -20.64 46.35
CA VAL C 739 5.42 -21.80 46.21
C VAL C 739 6.01 -21.85 44.80
N PHE C 740 5.23 -21.49 43.78
CA PHE C 740 5.75 -21.57 42.43
C PHE C 740 6.70 -20.41 42.13
N ASN C 741 6.52 -19.26 42.80
CA ASN C 741 7.56 -18.24 42.74
C ASN C 741 8.84 -18.73 43.38
N THR C 742 8.75 -19.42 44.50
CA THR C 742 9.96 -19.98 45.12
C THR C 742 10.64 -20.97 44.19
N ILE C 743 9.86 -21.84 43.54
CA ILE C 743 10.44 -22.80 42.61
C ILE C 743 11.10 -22.07 41.45
N SER C 744 10.40 -21.14 40.82
CA SER C 744 10.97 -20.42 39.69
C SER C 744 12.19 -19.61 40.10
N ALA C 745 12.28 -19.22 41.37
CA ALA C 745 13.41 -18.42 41.82
C ALA C 745 14.62 -19.29 42.12
N THR C 746 14.41 -20.49 42.68
CA THR C 746 15.53 -21.34 43.06
C THR C 746 15.94 -22.25 41.90
N ILE C 747 15.03 -23.11 41.46
CA ILE C 747 15.36 -24.04 40.38
C ILE C 747 15.48 -23.30 39.05
N GLY C 748 14.52 -22.40 38.76
CA GLY C 748 14.51 -21.66 37.54
C GLY C 748 15.18 -20.30 37.66
N THR C 749 14.89 -19.43 36.70
CA THR C 749 15.39 -18.06 36.70
C THR C 749 14.20 -17.12 36.80
N TYR C 750 14.26 -16.19 37.76
CA TYR C 750 13.22 -15.20 37.97
C TYR C 750 13.76 -13.84 37.54
N TYR C 751 13.11 -13.24 36.54
CA TYR C 751 13.54 -11.96 35.99
C TYR C 751 12.88 -10.85 36.81
N VAL C 752 13.62 -10.32 37.79
CA VAL C 752 13.03 -9.39 38.74
C VAL C 752 12.81 -8.03 38.08
N ASN C 753 13.88 -7.41 37.61
CA ASN C 753 13.79 -6.07 37.03
C ASN C 753 15.10 -5.78 36.31
N ASP C 754 15.16 -4.59 35.69
CA ASP C 754 16.33 -4.21 34.92
C ASP C 754 17.29 -3.38 35.75
N PHE C 755 18.55 -3.40 35.36
CA PHE C 755 19.59 -2.56 35.94
C PHE C 755 20.42 -1.95 34.82
N PRO C 756 20.97 -0.75 35.02
CA PRO C 756 21.66 -0.08 33.92
C PRO C 756 23.13 -0.43 33.83
N MET C 757 23.63 -0.65 32.62
CA MET C 757 25.04 -0.95 32.41
C MET C 757 25.41 -0.60 30.98
N LEU C 758 26.48 0.18 30.82
CA LEU C 758 26.94 0.62 29.51
C LEU C 758 25.82 1.32 28.74
N GLY C 759 25.01 2.08 29.47
CA GLY C 759 23.92 2.83 28.88
C GLY C 759 22.68 2.03 28.54
N LYS C 760 22.79 0.72 28.35
CA LYS C 760 21.66 -0.13 28.01
C LYS C 760 21.17 -0.85 29.24
N ASN C 761 19.87 -1.18 29.23
CA ASN C 761 19.29 -1.90 30.36
C ASN C 761 19.50 -3.39 30.23
N PHE C 762 19.92 -4.02 31.31
CA PHE C 762 20.19 -5.45 31.34
C PHE C 762 19.38 -6.09 32.46
N GLN C 763 19.03 -7.36 32.25
CA GLN C 763 18.16 -8.05 33.18
C GLN C 763 18.86 -8.34 34.50
N VAL C 764 18.05 -8.57 35.53
CA VAL C 764 18.51 -9.09 36.82
C VAL C 764 17.75 -10.38 37.05
N ASN C 765 18.48 -11.48 37.22
CA ASN C 765 17.88 -12.80 37.34
C ASN C 765 18.38 -13.48 38.60
N ILE C 766 17.45 -14.17 39.29
CA ILE C 766 17.75 -14.88 40.52
C ILE C 766 17.60 -16.37 40.25
N ARG C 767 18.63 -17.13 40.59
CA ARG C 767 18.61 -18.58 40.47
C ARG C 767 19.40 -19.19 41.61
N ALA C 768 19.03 -20.39 42.00
CA ALA C 768 19.78 -21.08 43.04
C ALA C 768 21.13 -21.53 42.50
N LEU C 769 22.10 -21.66 43.41
CA LEU C 769 23.42 -22.09 42.99
C LEU C 769 23.33 -23.44 42.30
N GLY C 770 24.05 -23.57 41.19
CA GLY C 770 23.84 -24.71 40.31
C GLY C 770 24.02 -26.05 40.99
N ASP C 771 24.86 -26.11 42.03
CA ASP C 771 25.13 -27.39 42.67
C ASP C 771 23.90 -27.95 43.35
N PHE C 772 23.05 -27.07 43.91
CA PHE C 772 21.92 -27.53 44.70
C PHE C 772 20.78 -28.03 43.82
N ARG C 773 20.53 -27.37 42.69
CA ARG C 773 19.34 -27.65 41.90
C ARG C 773 19.52 -28.75 40.87
N ASN C 774 20.72 -29.34 40.76
CA ASN C 774 20.94 -30.34 39.71
C ASN C 774 20.31 -31.68 40.07
N THR C 775 20.24 -32.03 41.35
CA THR C 775 19.71 -33.32 41.75
C THR C 775 18.20 -33.34 41.69
N GLN C 776 17.64 -34.55 41.66
CA GLN C 776 16.19 -34.72 41.74
C GLN C 776 15.65 -34.39 43.11
N ASP C 777 16.50 -34.47 44.15
CA ASP C 777 16.10 -34.17 45.52
C ASP C 777 16.32 -32.71 45.89
N ALA C 778 16.29 -31.81 44.90
CA ALA C 778 16.57 -30.41 45.18
C ALA C 778 15.52 -29.79 46.09
N LEU C 779 14.28 -30.31 46.05
CA LEU C 779 13.19 -29.65 46.77
C LEU C 779 13.42 -29.66 48.27
N LYS C 780 14.17 -30.63 48.79
CA LYS C 780 14.35 -30.72 50.24
C LYS C 780 15.05 -29.48 50.78
N ASN C 781 16.09 -29.01 50.09
CA ASN C 781 16.86 -27.88 50.59
C ASN C 781 16.11 -26.56 50.49
N ILE C 782 15.04 -26.50 49.70
CA ILE C 782 14.28 -25.27 49.54
C ILE C 782 13.23 -25.20 50.65
N TYR C 783 13.00 -23.99 51.15
CA TYR C 783 12.04 -23.74 52.20
C TYR C 783 11.18 -22.55 51.83
N ILE C 784 9.96 -22.50 52.39
CA ILE C 784 9.03 -21.40 52.14
C ILE C 784 8.35 -21.03 53.44
N ARG C 785 7.96 -19.77 53.55
CA ARG C 785 7.26 -19.28 54.73
C ARG C 785 5.77 -19.57 54.61
N SER C 786 5.21 -20.15 55.67
CA SER C 786 3.85 -20.67 55.66
C SER C 786 2.80 -19.60 55.95
N SER C 787 3.14 -18.32 55.84
CA SER C 787 2.27 -17.21 56.19
C SER C 787 1.95 -17.18 57.68
N ASP C 788 2.55 -18.07 58.48
CA ASP C 788 2.44 -18.05 59.92
C ASP C 788 3.82 -17.95 60.57
N ASN C 789 4.78 -17.38 59.86
CA ASN C 789 6.14 -17.24 60.36
C ASN C 789 6.75 -18.60 60.69
N LYS C 790 6.52 -19.58 59.82
CA LYS C 790 7.11 -20.91 59.95
C LYS C 790 7.63 -21.36 58.60
N MET C 791 8.82 -21.99 58.60
CA MET C 791 9.40 -22.49 57.37
C MET C 791 8.90 -23.89 57.10
N ILE C 792 8.49 -24.14 55.86
CA ILE C 792 7.98 -25.44 55.44
C ILE C 792 8.86 -25.98 54.31
N PRO C 793 9.47 -27.16 54.45
CA PRO C 793 10.19 -27.74 53.31
C PRO C 793 9.22 -28.02 52.17
N LEU C 794 9.67 -27.82 50.93
CA LEU C 794 8.81 -28.07 49.78
C LEU C 794 8.61 -29.54 49.51
N ASN C 795 9.35 -30.44 50.18
CA ASN C 795 9.13 -31.86 49.96
C ASN C 795 7.82 -32.32 50.59
N SER C 796 7.27 -31.53 51.52
CA SER C 796 6.05 -31.94 52.21
C SER C 796 4.88 -32.08 51.24
N PHE C 797 4.74 -31.14 50.31
CA PHE C 797 3.58 -31.10 49.43
C PHE C 797 3.94 -31.12 47.95
N LEU C 798 5.22 -31.11 47.60
CA LEU C 798 5.66 -31.20 46.22
C LEU C 798 6.61 -32.38 46.09
N THR C 799 6.35 -33.25 45.12
CA THR C 799 7.22 -34.38 44.83
C THR C 799 7.42 -34.46 43.31
N LEU C 800 8.62 -34.85 42.92
CA LEU C 800 8.99 -34.98 41.52
C LEU C 800 9.01 -36.46 41.14
N VAL C 801 8.25 -36.80 40.11
CA VAL C 801 8.14 -38.18 39.63
C VAL C 801 8.72 -38.24 38.23
N ARG C 802 9.69 -39.12 38.04
CA ARG C 802 10.32 -39.25 36.74
C ARG C 802 9.30 -39.63 35.68
N SER C 803 9.41 -39.00 34.51
CA SER C 803 8.46 -39.24 33.43
C SER C 803 9.11 -38.87 32.11
N ALA C 804 8.49 -39.33 31.03
CA ALA C 804 8.95 -39.05 29.68
C ALA C 804 7.86 -38.27 28.94
N GLY C 805 8.25 -37.15 28.33
CA GLY C 805 7.32 -36.33 27.61
C GLY C 805 8.00 -35.58 26.49
N PRO C 806 7.24 -35.09 25.52
CA PRO C 806 7.85 -34.40 24.37
C PRO C 806 8.45 -33.07 24.80
N ASP C 807 9.68 -32.82 24.36
CA ASP C 807 10.33 -31.55 24.67
C ASP C 807 9.74 -30.44 23.83
N ASP C 808 9.40 -30.75 22.58
CA ASP C 808 8.86 -29.74 21.68
C ASP C 808 7.43 -30.05 21.27
N VAL C 809 6.51 -29.13 21.56
CA VAL C 809 5.11 -29.34 21.22
C VAL C 809 4.74 -28.52 20.00
N LYS C 810 4.34 -29.18 18.92
CA LYS C 810 4.00 -28.49 17.68
C LYS C 810 2.49 -28.44 17.51
N ARG C 811 1.99 -27.27 17.13
CA ARG C 811 0.58 -27.06 16.82
C ARG C 811 0.45 -26.56 15.39
N PHE C 812 -0.53 -27.10 14.67
CA PHE C 812 -0.78 -26.73 13.29
C PHE C 812 -2.24 -26.35 13.13
N ASN C 813 -2.50 -25.17 12.58
CA ASN C 813 -3.86 -24.73 12.29
C ASN C 813 -4.77 -24.91 13.50
N LEU C 814 -4.33 -24.40 14.64
CA LEU C 814 -5.11 -24.35 15.88
C LEU C 814 -5.36 -25.71 16.49
N PHE C 815 -4.66 -26.76 16.05
CA PHE C 815 -4.86 -28.09 16.59
C PHE C 815 -3.51 -28.76 16.82
N PRO C 816 -3.33 -29.52 17.91
CA PRO C 816 -2.08 -30.26 18.09
C PRO C 816 -1.86 -31.23 16.94
N ALA C 817 -0.61 -31.36 16.51
CA ALA C 817 -0.30 -32.19 15.36
C ALA C 817 1.16 -32.61 15.39
N ALA C 818 1.46 -33.67 14.66
CA ALA C 818 2.81 -34.16 14.45
C ALA C 818 3.17 -34.03 12.97
N LEU C 819 4.46 -33.90 12.70
CA LEU C 819 4.97 -33.67 11.36
C LEU C 819 5.50 -34.99 10.80
N ILE C 820 4.89 -35.45 9.71
CA ILE C 820 5.31 -36.66 9.01
C ILE C 820 5.94 -36.24 7.70
N GLN C 821 7.21 -36.62 7.51
CA GLN C 821 7.95 -36.29 6.30
C GLN C 821 8.33 -37.57 5.57
N GLY C 822 7.96 -37.65 4.29
CA GLY C 822 8.30 -38.80 3.48
C GLY C 822 8.69 -38.37 2.08
N ASP C 823 9.55 -39.19 1.47
CA ASP C 823 10.03 -38.95 0.13
C ASP C 823 9.38 -39.92 -0.83
N PRO C 824 8.69 -39.47 -1.88
CA PRO C 824 8.18 -40.42 -2.89
C PRO C 824 9.27 -41.33 -3.40
N ALA C 825 8.92 -42.62 -3.51
CA ALA C 825 9.87 -43.60 -4.02
C ALA C 825 10.14 -43.36 -5.49
N PRO C 826 11.30 -43.78 -6.00
CA PRO C 826 11.61 -43.54 -7.41
C PRO C 826 10.56 -44.18 -8.31
N GLY C 827 10.24 -43.50 -9.40
CA GLY C 827 9.28 -43.96 -10.38
C GLY C 827 7.87 -43.44 -10.17
N TYR C 828 7.59 -42.85 -9.01
CA TYR C 828 6.28 -42.26 -8.74
C TYR C 828 6.41 -40.75 -8.57
N THR C 829 5.46 -40.02 -9.16
CA THR C 829 5.43 -38.57 -9.00
C THR C 829 5.11 -38.21 -7.55
N SER C 830 5.30 -36.92 -7.24
CA SER C 830 5.00 -36.44 -5.89
C SER C 830 3.53 -36.59 -5.57
N GLY C 831 2.65 -36.24 -6.51
CA GLY C 831 1.23 -36.26 -6.23
C GLY C 831 0.73 -37.63 -5.82
N GLN C 832 1.24 -38.68 -6.46
CA GLN C 832 0.86 -40.03 -6.08
C GLN C 832 1.27 -40.33 -4.64
N ALA C 833 2.46 -39.88 -4.25
CA ALA C 833 2.88 -40.06 -2.86
C ALA C 833 1.95 -39.31 -1.91
N ILE C 834 1.57 -38.09 -2.28
CA ILE C 834 0.63 -37.33 -1.46
C ILE C 834 -0.66 -38.12 -1.27
N ASP C 835 -1.23 -38.61 -2.37
CA ASP C 835 -2.47 -39.35 -2.28
C ASP C 835 -2.31 -40.61 -1.44
N ALA C 836 -1.21 -41.33 -1.63
CA ALA C 836 -1.00 -42.59 -0.92
C ALA C 836 -0.88 -42.35 0.58
N ILE C 837 -0.07 -41.36 0.99
CA ILE C 837 0.06 -41.09 2.41
C ILE C 837 -1.25 -40.58 2.97
N ALA C 838 -2.04 -39.88 2.15
CA ALA C 838 -3.37 -39.46 2.59
C ALA C 838 -4.24 -40.66 2.91
N GLU C 839 -4.26 -41.66 2.02
CA GLU C 839 -5.04 -42.87 2.30
C GLU C 839 -4.51 -43.57 3.54
N VAL C 840 -3.19 -43.67 3.68
CA VAL C 840 -2.62 -44.38 4.82
C VAL C 840 -3.01 -43.68 6.11
N ALA C 841 -2.92 -42.35 6.14
CA ALA C 841 -3.28 -41.61 7.33
C ALA C 841 -4.77 -41.76 7.65
N LYS C 842 -5.61 -41.72 6.62
CA LYS C 842 -7.04 -41.89 6.84
C LYS C 842 -7.33 -43.26 7.44
N GLN C 843 -6.65 -44.30 6.94
CA GLN C 843 -6.87 -45.65 7.45
C GLN C 843 -6.39 -45.77 8.89
N SER C 844 -5.15 -45.35 9.15
CA SER C 844 -4.56 -45.53 10.48
C SER C 844 -5.25 -44.66 11.51
N LEU C 845 -5.55 -43.41 11.15
CA LEU C 845 -6.07 -42.46 12.11
C LEU C 845 -7.55 -42.73 12.40
N GLY C 846 -7.98 -42.27 13.57
CA GLY C 846 -9.38 -42.29 13.94
C GLY C 846 -10.12 -41.08 13.40
N ASP C 847 -11.37 -40.95 13.84
CA ASP C 847 -12.20 -39.83 13.37
C ASP C 847 -11.66 -38.50 13.88
N GLU C 848 -11.18 -38.46 15.13
CA GLU C 848 -10.76 -37.21 15.72
C GLU C 848 -9.59 -36.58 14.96
N TYR C 849 -8.62 -37.40 14.56
CA TYR C 849 -7.47 -36.89 13.83
C TYR C 849 -7.90 -36.39 12.46
N SER C 850 -7.48 -35.18 12.11
CA SER C 850 -7.75 -34.58 10.81
C SER C 850 -6.43 -34.17 10.17
N ILE C 851 -6.27 -34.49 8.89
CA ILE C 851 -5.02 -34.28 8.20
C ILE C 851 -4.91 -32.82 7.75
N ALA C 852 -3.68 -32.38 7.51
CA ALA C 852 -3.40 -31.07 6.96
C ALA C 852 -2.08 -31.14 6.22
N TRP C 853 -1.85 -30.16 5.34
CA TRP C 853 -0.69 -30.16 4.47
C TRP C 853 0.04 -28.82 4.57
N SER C 854 1.31 -28.83 4.15
CA SER C 854 2.13 -27.64 4.21
C SER C 854 3.16 -27.67 3.09
N GLY C 855 3.65 -26.47 2.75
CA GLY C 855 4.74 -26.36 1.80
C GLY C 855 4.39 -26.86 0.41
N SER C 856 5.38 -27.51 -0.21
CA SER C 856 5.20 -27.99 -1.58
C SER C 856 4.01 -28.92 -1.70
N ALA C 857 3.81 -29.79 -0.72
CA ALA C 857 2.67 -30.70 -0.78
C ALA C 857 1.36 -29.93 -0.75
N TYR C 858 1.26 -28.92 0.10
CA TYR C 858 0.05 -28.11 0.14
C TYR C 858 -0.18 -27.43 -1.20
N GLN C 859 0.87 -26.85 -1.78
CA GLN C 859 0.71 -26.14 -3.04
C GLN C 859 0.27 -27.10 -4.14
N GLU C 860 0.85 -28.29 -4.18
CA GLU C 860 0.45 -29.28 -5.18
C GLU C 860 -1.02 -29.70 -4.99
N VAL C 861 -1.42 -29.93 -3.74
CA VAL C 861 -2.79 -30.36 -3.49
C VAL C 861 -3.79 -29.27 -3.88
N SER C 862 -3.47 -28.02 -3.56
CA SER C 862 -4.38 -26.91 -3.82
C SER C 862 -4.20 -26.29 -5.20
N SER C 863 -3.31 -26.84 -6.03
CA SER C 863 -3.11 -26.30 -7.36
C SER C 863 -4.41 -26.33 -8.15
N LYS C 864 -4.73 -25.20 -8.80
CA LYS C 864 -5.94 -25.10 -9.59
C LYS C 864 -5.80 -25.67 -10.99
N GLY C 865 -4.58 -25.96 -11.44
CA GLY C 865 -4.36 -26.54 -12.75
C GLY C 865 -4.49 -25.58 -13.90
N ALA C 866 -4.61 -24.28 -13.64
CA ALA C 866 -4.73 -23.31 -14.73
C ALA C 866 -3.48 -23.24 -15.59
N GLY C 867 -2.34 -23.72 -15.09
CA GLY C 867 -1.12 -23.64 -15.86
C GLY C 867 -1.19 -24.44 -17.15
N ALA C 868 -1.76 -25.63 -17.10
CA ALA C 868 -1.87 -26.45 -18.30
C ALA C 868 -2.76 -25.78 -19.33
N TYR C 869 -3.88 -25.20 -18.88
CA TYR C 869 -4.76 -24.50 -19.81
C TYR C 869 -4.05 -23.29 -20.42
N ALA C 870 -3.29 -22.56 -19.62
CA ALA C 870 -2.53 -21.44 -20.15
C ALA C 870 -1.52 -21.92 -21.19
N PHE C 871 -0.86 -23.04 -20.94
CA PHE C 871 0.14 -23.56 -21.88
C PHE C 871 -0.51 -23.99 -23.18
N VAL C 872 -1.64 -24.69 -23.11
CA VAL C 872 -2.29 -25.12 -24.35
C VAL C 872 -2.81 -23.91 -25.12
N LEU C 873 -3.29 -22.89 -24.42
CA LEU C 873 -3.70 -21.67 -25.11
C LEU C 873 -2.53 -20.94 -25.73
N GLY C 874 -1.36 -20.97 -25.09
CA GLY C 874 -0.17 -20.46 -25.75
C GLY C 874 0.18 -21.21 -27.00
N MET C 875 0.04 -22.54 -26.98
CA MET C 875 0.24 -23.33 -28.20
C MET C 875 -0.75 -22.91 -29.28
N ILE C 876 -2.01 -22.68 -28.88
CA ILE C 876 -3.02 -22.25 -29.84
C ILE C 876 -2.64 -20.89 -30.43
N PHE C 877 -2.15 -19.98 -29.59
CA PHE C 877 -1.70 -18.69 -30.09
C PHE C 877 -0.56 -18.85 -31.08
N VAL C 878 0.38 -19.76 -30.79
CA VAL C 878 1.47 -20.00 -31.72
C VAL C 878 0.91 -20.47 -33.06
N PHE C 879 -0.04 -21.42 -33.01
CA PHE C 879 -0.63 -21.92 -34.24
C PHE C 879 -1.29 -20.80 -35.03
N LEU C 880 -2.06 -19.95 -34.34
CA LEU C 880 -2.76 -18.86 -35.04
C LEU C 880 -1.78 -17.86 -35.63
N ILE C 881 -0.72 -17.52 -34.89
CA ILE C 881 0.25 -16.56 -35.41
C ILE C 881 0.92 -17.11 -36.66
N LEU C 882 1.32 -18.38 -36.63
CA LEU C 882 1.92 -18.99 -37.81
C LEU C 882 0.94 -18.98 -38.99
N ALA C 883 -0.31 -19.34 -38.73
CA ALA C 883 -1.31 -19.37 -39.80
C ALA C 883 -1.49 -17.99 -40.41
N ALA C 884 -1.47 -16.95 -39.58
CA ALA C 884 -1.67 -15.60 -40.08
C ALA C 884 -0.58 -15.21 -41.08
N GLN C 885 0.68 -15.37 -40.72
CA GLN C 885 1.76 -15.00 -41.63
C GLN C 885 1.75 -15.88 -42.87
N TYR C 886 1.55 -17.19 -42.68
CA TYR C 886 1.66 -18.11 -43.81
C TYR C 886 0.41 -18.11 -44.68
N GLU C 887 -0.65 -17.42 -44.27
CA GLU C 887 -1.88 -17.35 -45.04
C GLU C 887 -2.40 -18.75 -45.37
N ARG C 888 -2.25 -19.67 -44.43
CA ARG C 888 -2.74 -21.02 -44.60
C ARG C 888 -3.19 -21.55 -43.25
N TRP C 889 -4.08 -22.53 -43.29
CA TRP C 889 -4.60 -23.18 -42.10
C TRP C 889 -3.99 -24.55 -41.88
N LEU C 890 -2.98 -24.91 -42.67
CA LEU C 890 -2.33 -26.21 -42.58
C LEU C 890 -0.81 -26.12 -42.45
N MET C 891 -0.20 -25.04 -42.94
CA MET C 891 1.25 -24.91 -42.85
C MET C 891 1.78 -25.02 -41.42
N PRO C 892 1.16 -24.40 -40.41
CA PRO C 892 1.78 -24.40 -39.07
C PRO C 892 2.01 -25.79 -38.50
N LEU C 893 1.36 -26.82 -39.03
CA LEU C 893 1.58 -28.16 -38.50
C LEU C 893 3.03 -28.60 -38.72
N ALA C 894 3.64 -28.21 -39.84
CA ALA C 894 5.04 -28.53 -40.06
C ALA C 894 5.94 -27.85 -39.03
N VAL C 895 5.69 -26.57 -38.75
CA VAL C 895 6.46 -25.87 -37.74
C VAL C 895 6.32 -26.56 -36.40
N ILE C 896 5.10 -26.97 -36.05
CA ILE C 896 4.87 -27.63 -34.77
C ILE C 896 5.59 -28.97 -34.73
N THR C 897 5.56 -29.72 -35.82
CA THR C 897 6.19 -31.04 -35.85
C THR C 897 7.72 -30.94 -35.93
N ALA C 898 8.26 -29.75 -36.19
CA ALA C 898 9.71 -29.59 -36.10
C ALA C 898 10.24 -29.68 -34.67
N VAL C 899 9.36 -29.67 -33.66
CA VAL C 899 9.81 -29.57 -32.27
C VAL C 899 10.25 -30.90 -31.70
N PRO C 900 9.53 -32.03 -31.94
CA PRO C 900 9.96 -33.33 -31.41
C PRO C 900 11.43 -33.66 -31.66
N PHE C 901 12.06 -32.97 -32.60
CA PHE C 901 13.45 -33.18 -32.97
C PHE C 901 14.39 -32.59 -31.92
N ALA C 902 14.21 -31.30 -31.63
CA ALA C 902 15.00 -30.68 -30.58
C ALA C 902 14.74 -31.33 -29.24
N VAL C 903 13.47 -31.58 -28.91
CA VAL C 903 13.18 -32.21 -27.63
C VAL C 903 13.81 -33.60 -27.58
N PHE C 904 13.74 -34.33 -28.69
CA PHE C 904 14.29 -35.69 -28.73
C PHE C 904 15.80 -35.66 -28.51
N GLY C 905 16.51 -34.79 -29.22
CA GLY C 905 17.95 -34.72 -29.04
C GLY C 905 18.32 -34.37 -27.61
N SER C 906 17.67 -33.36 -27.05
CA SER C 906 17.99 -32.94 -25.69
C SER C 906 17.77 -34.09 -24.71
N ILE C 907 16.60 -34.71 -24.76
CA ILE C 907 16.29 -35.75 -23.79
C ILE C 907 17.19 -36.96 -23.99
N LEU C 908 17.51 -37.29 -25.24
CA LEU C 908 18.38 -38.44 -25.49
C LEU C 908 19.76 -38.20 -24.92
N LEU C 909 20.33 -37.03 -25.14
CA LEU C 909 21.65 -36.78 -24.59
C LEU C 909 21.61 -36.76 -23.07
N VAL C 910 20.56 -36.18 -22.49
CA VAL C 910 20.48 -36.13 -21.04
C VAL C 910 20.32 -37.53 -20.46
N ALA C 911 19.60 -38.41 -21.15
CA ALA C 911 19.46 -39.78 -20.67
C ALA C 911 20.78 -40.54 -20.79
N LEU C 912 21.48 -40.39 -21.91
CA LEU C 912 22.76 -41.08 -22.07
C LEU C 912 23.76 -40.61 -21.02
N ARG C 913 23.81 -39.29 -20.77
CA ARG C 913 24.68 -38.78 -19.72
C ARG C 913 24.34 -39.36 -18.36
N GLY C 914 23.07 -39.72 -18.16
CA GLY C 914 22.58 -40.11 -16.86
C GLY C 914 22.00 -38.98 -16.04
N PHE C 915 22.14 -37.74 -16.50
CA PHE C 915 21.60 -36.61 -15.76
C PHE C 915 20.09 -36.71 -15.66
N ASP C 916 19.55 -36.25 -14.54
CA ASP C 916 18.13 -36.35 -14.29
C ASP C 916 17.38 -35.15 -14.86
N ASN C 917 16.09 -35.34 -15.10
CA ASN C 917 15.25 -34.22 -15.47
C ASN C 917 15.13 -33.24 -14.31
N ASP C 918 15.26 -31.95 -14.61
CA ASP C 918 15.21 -30.93 -13.58
C ASP C 918 14.75 -29.62 -14.20
N ILE C 919 14.71 -28.58 -13.37
CA ILE C 919 14.18 -27.30 -13.81
C ILE C 919 15.08 -26.68 -14.86
N TYR C 920 16.40 -26.71 -14.62
CA TYR C 920 17.33 -26.10 -15.56
C TYR C 920 17.27 -26.78 -16.92
N PHE C 921 17.15 -28.12 -16.92
CA PHE C 921 16.93 -28.84 -18.16
C PHE C 921 15.64 -28.38 -18.84
N GLN C 922 14.59 -28.12 -18.06
CA GLN C 922 13.33 -27.71 -18.66
C GLN C 922 13.44 -26.34 -19.31
N THR C 923 14.19 -25.42 -18.69
CA THR C 923 14.38 -24.10 -19.31
C THR C 923 15.25 -24.22 -20.56
N GLY C 924 16.27 -25.07 -20.52
CA GLY C 924 17.01 -25.36 -21.74
C GLY C 924 16.10 -25.91 -22.81
N LEU C 925 15.13 -26.73 -22.42
CA LEU C 925 14.17 -27.27 -23.39
C LEU C 925 13.31 -26.15 -23.96
N LEU C 926 12.92 -25.18 -23.13
CA LEU C 926 12.21 -24.02 -23.64
C LEU C 926 13.01 -23.32 -24.73
N LEU C 927 14.30 -23.06 -24.45
CA LEU C 927 15.13 -22.41 -25.46
C LEU C 927 15.21 -23.25 -26.74
N LEU C 928 15.45 -24.56 -26.60
CA LEU C 928 15.58 -25.40 -27.78
C LEU C 928 14.29 -25.42 -28.57
N ILE C 929 13.16 -25.54 -27.89
CA ILE C 929 11.87 -25.54 -28.57
C ILE C 929 11.78 -24.25 -29.33
N GLY C 930 12.09 -23.15 -28.67
CA GLY C 930 12.01 -21.87 -29.32
C GLY C 930 12.93 -21.73 -30.51
N LEU C 931 14.16 -22.19 -30.39
CA LEU C 931 15.07 -22.13 -31.52
C LEU C 931 14.60 -23.00 -32.67
N SER C 932 14.10 -24.20 -32.38
CA SER C 932 13.67 -25.09 -33.44
C SER C 932 12.54 -24.47 -34.20
N ALA C 933 11.62 -23.82 -33.49
CA ALA C 933 10.52 -23.15 -34.16
C ALA C 933 11.04 -22.04 -35.05
N LYS C 934 12.04 -21.30 -34.58
CA LYS C 934 12.59 -20.21 -35.37
C LYS C 934 13.19 -20.71 -36.66
N ASN C 935 13.91 -21.82 -36.58
CA ASN C 935 14.52 -22.38 -37.77
C ASN C 935 13.45 -22.78 -38.74
N ALA C 936 12.42 -23.43 -38.23
CA ALA C 936 11.35 -23.90 -39.10
C ALA C 936 10.60 -22.78 -39.78
N ILE C 937 10.34 -21.71 -39.06
CA ILE C 937 9.55 -20.63 -39.64
C ILE C 937 10.29 -20.05 -40.83
N LEU C 938 11.59 -19.84 -40.69
CA LEU C 938 12.31 -19.36 -41.85
C LEU C 938 12.35 -20.38 -43.00
N ILE C 939 12.55 -21.66 -42.68
CA ILE C 939 12.67 -22.66 -43.74
C ILE C 939 11.38 -22.72 -44.54
N ILE C 940 10.26 -22.88 -43.86
CA ILE C 940 8.99 -23.02 -44.57
C ILE C 940 8.62 -21.72 -45.26
N GLU C 941 8.97 -20.57 -44.69
CA GLU C 941 8.70 -19.31 -45.36
C GLU C 941 9.46 -19.24 -46.69
N PHE C 942 10.75 -19.61 -46.66
CA PHE C 942 11.51 -19.60 -47.90
C PHE C 942 10.91 -20.57 -48.91
N ALA C 943 10.50 -21.74 -48.45
CA ALA C 943 9.89 -22.71 -49.36
C ALA C 943 8.63 -22.14 -49.99
N MET C 944 7.78 -21.49 -49.19
CA MET C 944 6.55 -20.93 -49.74
C MET C 944 6.85 -19.82 -50.74
N GLU C 945 7.82 -18.96 -50.43
CA GLU C 945 8.16 -17.89 -51.37
C GLU C 945 8.67 -18.46 -52.69
N GLU C 946 9.54 -19.48 -52.62
CA GLU C 946 10.02 -20.08 -53.85
C GLU C 946 8.89 -20.74 -54.63
N ARG C 947 7.96 -21.37 -53.91
CA ARG C 947 6.81 -21.98 -54.58
C ARG C 947 5.97 -20.94 -55.29
N LEU C 948 5.73 -19.81 -54.64
CA LEU C 948 4.74 -18.84 -55.14
C LEU C 948 5.34 -17.86 -56.13
N LYS C 949 6.34 -17.09 -55.70
CA LYS C 949 6.86 -16.02 -56.55
C LYS C 949 7.61 -16.57 -57.76
N LYS C 950 8.45 -17.58 -57.54
CA LYS C 950 9.25 -18.15 -58.63
C LYS C 950 8.52 -19.25 -59.39
N GLY C 951 7.35 -19.68 -58.92
CA GLY C 951 6.64 -20.74 -59.61
C GLY C 951 7.38 -22.06 -59.64
N LYS C 952 7.98 -22.45 -58.52
CA LYS C 952 8.71 -23.70 -58.44
C LYS C 952 7.75 -24.88 -58.23
N SER C 953 8.23 -26.07 -58.56
CA SER C 953 7.52 -27.28 -58.21
C SER C 953 7.66 -27.54 -56.71
N ILE C 954 6.80 -28.43 -56.20
CA ILE C 954 6.80 -28.68 -54.76
C ILE C 954 8.15 -29.25 -54.33
N PHE C 955 8.59 -30.31 -55.03
CA PHE C 955 9.87 -30.94 -54.70
C PHE C 955 11.02 -29.97 -54.90
N GLU C 956 11.03 -29.27 -56.03
CA GLU C 956 12.08 -28.29 -56.29
C GLU C 956 12.04 -27.17 -55.27
N ALA C 957 10.84 -26.71 -54.91
CA ALA C 957 10.74 -25.63 -53.94
C ALA C 957 11.31 -26.05 -52.60
N ALA C 958 10.94 -27.24 -52.12
CA ALA C 958 11.47 -27.70 -50.84
C ALA C 958 12.98 -27.84 -50.89
N ILE C 959 13.51 -28.43 -51.97
CA ILE C 959 14.95 -28.62 -52.07
C ILE C 959 15.66 -27.27 -52.05
N ASN C 960 15.16 -26.31 -52.83
CA ASN C 960 15.83 -25.02 -52.90
C ASN C 960 15.76 -24.27 -51.57
N ALA C 961 14.61 -24.33 -50.89
CA ALA C 961 14.52 -23.66 -49.60
C ALA C 961 15.50 -24.26 -48.60
N ALA C 962 15.55 -25.59 -48.55
CA ALA C 962 16.49 -26.23 -47.64
C ALA C 962 17.93 -25.87 -47.99
N LYS C 963 18.25 -25.85 -49.28
CA LYS C 963 19.60 -25.51 -49.71
C LYS C 963 19.96 -24.09 -49.30
N LEU C 964 19.05 -23.14 -49.51
CA LEU C 964 19.35 -21.75 -49.15
C LEU C 964 19.51 -21.60 -47.64
N ARG C 965 18.65 -22.25 -46.86
CA ARG C 965 18.65 -22.05 -45.42
C ARG C 965 19.60 -23.00 -44.69
N PHE C 966 20.31 -23.87 -45.40
CA PHE C 966 21.31 -24.71 -44.74
C PHE C 966 22.39 -23.86 -44.07
N ARG C 967 22.92 -22.87 -44.79
CA ARG C 967 24.08 -22.14 -44.28
C ARG C 967 23.81 -21.39 -42.99
N PRO C 968 22.77 -20.55 -42.88
CA PRO C 968 22.58 -19.83 -41.61
C PRO C 968 22.37 -20.76 -40.44
N ILE C 969 21.69 -21.88 -40.68
CA ILE C 969 21.40 -22.82 -39.60
C ILE C 969 22.70 -23.43 -39.10
N ILE C 970 23.56 -23.86 -40.02
CA ILE C 970 24.84 -24.45 -39.62
C ILE C 970 25.70 -23.41 -38.90
N MET C 971 25.73 -22.18 -39.41
CA MET C 971 26.52 -21.15 -38.75
C MET C 971 26.06 -20.94 -37.31
N THR C 972 24.76 -20.70 -37.12
CA THR C 972 24.26 -20.44 -35.77
C THR C 972 24.46 -21.66 -34.89
N SER C 973 24.28 -22.86 -35.44
CA SER C 973 24.43 -24.07 -34.64
C SER C 973 25.86 -24.22 -34.14
N LEU C 974 26.83 -24.06 -35.04
CA LEU C 974 28.22 -24.16 -34.63
C LEU C 974 28.55 -23.10 -33.59
N ALA C 975 28.13 -21.86 -33.84
CA ALA C 975 28.42 -20.80 -32.89
C ALA C 975 27.86 -21.12 -31.50
N PHE C 976 26.57 -21.45 -31.44
CA PHE C 976 25.91 -21.64 -30.15
C PHE C 976 26.45 -22.88 -29.44
N THR C 977 26.60 -23.99 -30.17
CA THR C 977 27.06 -25.22 -29.52
C THR C 977 28.49 -25.08 -29.03
N PHE C 978 29.36 -24.40 -29.79
CA PHE C 978 30.72 -24.22 -29.31
C PHE C 978 30.80 -23.18 -28.21
N GLY C 979 29.83 -22.27 -28.14
CA GLY C 979 29.79 -21.35 -27.02
C GLY C 979 29.28 -22.00 -25.74
N VAL C 980 28.40 -22.99 -25.88
CA VAL C 980 27.88 -23.70 -24.73
C VAL C 980 28.77 -24.87 -24.30
N LEU C 981 29.62 -25.36 -25.18
CA LEU C 981 30.47 -26.51 -24.83
C LEU C 981 31.28 -26.31 -23.56
N PRO C 982 31.86 -25.14 -23.28
CA PRO C 982 32.65 -25.01 -22.05
C PRO C 982 31.83 -25.26 -20.79
N MET C 983 30.52 -25.05 -20.83
CA MET C 983 29.73 -25.18 -19.61
C MET C 983 29.76 -26.60 -19.08
N ILE C 984 29.62 -27.61 -19.96
CA ILE C 984 29.58 -28.98 -19.48
C ILE C 984 30.91 -29.38 -18.86
N PHE C 985 32.01 -28.86 -19.40
CA PHE C 985 33.33 -29.11 -18.81
C PHE C 985 33.63 -28.20 -17.64
N ALA C 986 32.82 -27.16 -17.42
CA ALA C 986 33.13 -26.17 -16.39
C ALA C 986 33.05 -26.79 -15.00
N THR C 987 33.86 -26.25 -14.09
CA THR C 987 33.93 -26.73 -12.72
C THR C 987 33.87 -25.53 -11.77
N GLY C 988 33.36 -25.78 -10.57
CA GLY C 988 33.24 -24.75 -9.56
C GLY C 988 31.85 -24.66 -8.99
N ALA C 989 31.48 -23.48 -8.48
CA ALA C 989 30.15 -23.29 -7.94
C ALA C 989 29.11 -23.43 -9.04
N GLY C 990 27.98 -24.06 -8.71
CA GLY C 990 26.95 -24.30 -9.71
C GLY C 990 27.34 -25.33 -10.75
N SER C 991 28.25 -26.24 -10.42
CA SER C 991 28.74 -27.18 -11.43
C SER C 991 27.62 -28.06 -11.97
N ALA C 992 26.76 -28.58 -11.09
CA ALA C 992 25.70 -29.45 -11.56
C ALA C 992 24.71 -28.71 -12.46
N SER C 993 24.36 -27.49 -12.08
CA SER C 993 23.44 -26.69 -12.89
C SER C 993 23.98 -26.50 -14.30
N ARG C 994 25.23 -26.00 -14.39
CA ARG C 994 25.83 -25.75 -15.69
C ARG C 994 25.98 -27.05 -16.48
N HIS C 995 26.36 -28.13 -15.81
CA HIS C 995 26.52 -29.41 -16.48
C HIS C 995 25.21 -29.84 -17.14
N SER C 996 24.12 -29.87 -16.36
CA SER C 996 22.85 -30.34 -16.89
C SER C 996 22.37 -29.43 -18.02
N LEU C 997 22.45 -28.11 -17.80
CA LEU C 997 21.99 -27.17 -18.81
C LEU C 997 22.78 -27.34 -20.10
N GLY C 998 24.10 -27.50 -19.98
CA GLY C 998 24.93 -27.64 -21.16
C GLY C 998 24.64 -28.90 -21.93
N THR C 999 24.50 -30.03 -21.24
CA THR C 999 24.19 -31.27 -21.96
C THR C 999 22.86 -31.16 -22.67
N GLY C 1000 21.85 -30.62 -21.98
CA GLY C 1000 20.55 -30.46 -22.62
C GLY C 1000 20.63 -29.60 -23.86
N LEU C 1001 21.30 -28.44 -23.75
CA LEU C 1001 21.40 -27.54 -24.89
C LEU C 1001 22.17 -28.18 -26.03
N ILE C 1002 23.27 -28.87 -25.73
CA ILE C 1002 24.07 -29.47 -26.78
C ILE C 1002 23.26 -30.51 -27.55
N GLY C 1003 22.60 -31.41 -26.82
CA GLY C 1003 21.83 -32.44 -27.50
C GLY C 1003 20.72 -31.85 -28.34
N GLY C 1004 19.94 -30.94 -27.74
CA GLY C 1004 18.87 -30.31 -28.49
C GLY C 1004 19.36 -29.58 -29.71
N MET C 1005 20.51 -28.91 -29.60
CA MET C 1005 20.97 -28.10 -30.71
C MET C 1005 21.49 -28.96 -31.84
N ILE C 1006 22.19 -30.05 -31.52
CA ILE C 1006 22.62 -30.97 -32.58
C ILE C 1006 21.39 -31.52 -33.31
N ALA C 1007 20.38 -31.91 -32.55
CA ALA C 1007 19.17 -32.44 -33.19
C ALA C 1007 18.55 -31.39 -34.11
N ALA C 1008 18.34 -30.18 -33.58
CA ALA C 1008 17.70 -29.15 -34.39
C ALA C 1008 18.57 -28.74 -35.57
N SER C 1009 19.88 -29.00 -35.49
CA SER C 1009 20.78 -28.59 -36.56
C SER C 1009 20.85 -29.61 -37.68
N THR C 1010 20.61 -30.88 -37.38
CA THR C 1010 20.67 -31.92 -38.41
C THR C 1010 19.31 -32.50 -38.76
N LEU C 1011 18.62 -33.08 -37.78
CA LEU C 1011 17.39 -33.81 -38.10
C LEU C 1011 16.29 -32.85 -38.54
N ALA C 1012 16.18 -31.70 -37.89
CA ALA C 1012 15.15 -30.74 -38.26
C ALA C 1012 15.35 -30.24 -39.69
N ILE C 1013 16.59 -29.89 -40.03
CA ILE C 1013 16.84 -29.41 -41.38
C ILE C 1013 16.57 -30.50 -42.40
N PHE C 1014 16.84 -31.76 -42.04
CA PHE C 1014 16.60 -32.84 -42.99
C PHE C 1014 15.11 -33.11 -43.19
N PHE C 1015 14.30 -33.00 -42.14
CA PHE C 1015 12.93 -33.47 -42.19
C PHE C 1015 11.89 -32.39 -42.43
N VAL C 1016 12.09 -31.17 -41.94
CA VAL C 1016 11.08 -30.12 -42.08
C VAL C 1016 10.69 -29.95 -43.55
N PRO C 1017 11.64 -30.01 -44.48
CA PRO C 1017 11.23 -30.03 -45.90
C PRO C 1017 10.26 -31.15 -46.24
N LEU C 1018 10.39 -32.32 -45.61
CA LEU C 1018 9.42 -33.39 -45.86
C LEU C 1018 8.03 -32.97 -45.41
N PHE C 1019 7.92 -32.37 -44.23
CA PHE C 1019 6.62 -31.92 -43.76
C PHE C 1019 6.04 -30.87 -44.69
N PHE C 1020 6.87 -29.91 -45.14
CA PHE C 1020 6.36 -28.92 -46.08
C PHE C 1020 5.89 -29.57 -47.37
N TYR C 1021 6.67 -30.51 -47.91
CA TYR C 1021 6.31 -31.17 -49.16
C TYR C 1021 4.98 -31.91 -49.02
N LEU C 1022 4.84 -32.69 -47.96
CA LEU C 1022 3.59 -33.44 -47.76
C LEU C 1022 2.41 -32.50 -47.58
N LEU C 1023 2.58 -31.45 -46.77
CA LEU C 1023 1.47 -30.56 -46.52
C LEU C 1023 1.06 -29.80 -47.77
N GLU C 1024 2.05 -29.39 -48.58
CA GLU C 1024 1.72 -28.72 -49.83
C GLU C 1024 1.04 -29.66 -50.80
N ASN C 1025 1.47 -30.93 -50.83
CA ASN C 1025 0.77 -31.89 -51.69
C ASN C 1025 -0.67 -32.07 -51.25
N PHE C 1026 -0.91 -32.16 -49.96
CA PHE C 1026 -2.29 -32.27 -49.48
C PHE C 1026 -3.09 -31.02 -49.82
N ASN C 1027 -2.46 -29.85 -49.69
CA ASN C 1027 -3.14 -28.60 -50.07
C ASN C 1027 -3.52 -28.60 -51.54
N GLU C 1028 -2.60 -29.05 -52.40
CA GLU C 1028 -2.91 -29.12 -53.83
C GLU C 1028 -4.04 -30.12 -54.08
N TRP C 1029 -4.03 -31.25 -53.36
CA TRP C 1029 -5.09 -32.24 -53.53
C TRP C 1029 -6.45 -31.65 -53.16
N LEU C 1030 -6.51 -30.87 -52.08
CA LEU C 1030 -7.78 -30.28 -51.66
C LEU C 1030 -8.31 -29.33 -52.72
N ASP C 1031 -7.43 -28.52 -53.32
CA ASP C 1031 -7.90 -27.52 -54.28
C ASP C 1031 -8.57 -28.18 -55.48
N LYS C 1032 -8.00 -29.25 -56.00
CA LYS C 1032 -8.58 -29.95 -57.13
C LYS C 1032 -9.70 -30.87 -56.67
#